data_5L4K
#
_entry.id   5L4K
#
_cell.length_a   1
_cell.length_b   1
_cell.length_c   1
_cell.angle_alpha   90.00
_cell.angle_beta   90.00
_cell.angle_gamma   90.00
#
_symmetry.space_group_name_H-M   'P 1'
#
loop_
_entity.id
_entity.type
_entity.pdbx_description
1 polymer '26S proteasome non-ATPase regulatory subunit 4'
2 polymer '26S proteasome non-ATPase regulatory subunit 14'
3 polymer '26S proteasome non-ATPase regulatory subunit 8'
4 polymer '26S proteasome complex subunit DSS1'
5 polymer '26S proteasome non-ATPase regulatory subunit 2'
6 polymer '26S proteasome non-ATPase regulatory subunit 1'
7 polymer '26S proteasome non-ATPase regulatory subunit 3'
8 polymer '26S proteasome non-ATPase regulatory subunit 12'
9 polymer '26S proteasome non-ATPase regulatory subunit 11'
10 polymer '26S proteasome non-ATPase regulatory subunit 6'
11 polymer '26S proteasome non-ATPase regulatory subunit 7'
12 polymer '26S proteasome non-ATPase regulatory subunit 13'
#
loop_
_entity_poly.entity_id
_entity_poly.type
_entity_poly.pdbx_seq_one_letter_code
_entity_poly.pdbx_strand_id
1 'polypeptide(L)'
;MVLESTMVCVDNSEYMRNGDFLPTRLQAQQDAVNIVCHSKTRSNPENNVGLITLANDCEVLTTLTPDTGRILSKLHTVQP
KGKITFCTGIRVAHLALKHRQGKNHKMRIIAFVGSPVEDNEKDLVKLAKRLKKEKVNVDIINFGEEEVNTEKLTAFVNTL
NGKDGTGSHLVTVPPGPSLADALISSPILAGEGGAMLGLGASDFEFGVDPSADPELALALRVSMEEQRQRQEEEARRAAA
ASAAEAGIATTGTEDSDDALLKMTISQQEFGRTGLPDLSSMTEEEQIAYAMQMSLQGAEFGQAESADIDASSAMDTSEPA
KEEDDYDVMQDPEFLQSVLENLPGVDPNNEAIRNAMGSLASQATKDGKKDKKEEDKK
;
W
2 'polypeptide(L)'
;MDRLLRLGGGMPGLGQGPPTDAPAVDTAEQVYISSLALLKMLKHGRAGVPMEVMGLMLGEFVDDYTVRVIDVFAMPQSGT
GVSVEAVDPVFQAKMLDMLKQTGRPEMVVGWYHSHPGFGCWLSGVDINTQQSFEALSERAVAVVVDPIQSVKGKVVIDAF
RLINANMMVLGHEPRQTTSNLGHLNKPSIQALIHGLNRHYYSITINYRKNELEQKMLLNLHKKSWMEGLTLQDYSEHCKH
NESVVKEMLELAKNYNKAVEEEDKMTPEQLAIKNVGKQDPKRHLEEHVDVLMTSNIVQCLAAMLDTVVFK
;
V
3 'polypeptide(L)'
;MFIKGRAPRAPPRERRRATRGGLRQVVAPPRALGSTSRPHFRRASVCRRRCRKSGGLLAASRKMAAAAVNGAAGFSSSGP
AATSGAVLQAATGMYEQLKGEWNRKSPNLSKCGEELGRLKLVLLELNFLPTTGTKLTKQQLILARDILEIGAQWSILRKD
IPSFERYMAQLKCYYFDYKEQLPESAYMHQLLGLNLLFLLSQNRVAEFHTELERLPAKDIQTNVYIKHPVSLEQYLMEGS
YNKVFLAKGNIPAESYTFFIDILLDTIRDEIAGCIEKAYEKILFTEATRILFFNTPKKMTDYAKKRGWVLGPNNYYSFAS
QQQKPEDTTIPSTELAKQVIEYARQLEMIV
;
T
4 'polypeptide(L)' MSEKKQPVDLGLLEEDDEFEEFPAEDWAGLDEDEDAHVWEDNWDDDNVEDDFSNQLRAELEKHGYKMETS Y
5 'polypeptide(L)'
;MEEGGRDKAPVQPQQSPAAAPGGTDEKPSGKERRDAGDKDKEQELSEEDKQLQDELEMLVERLGEKDTSLYRPALEELRR
QIRSSTTSMTSVPKPLKFLRPHYGKLKEIYENMAPGENKRFAADIISVLAMTMSGERECLKYRLVGSQEELASWGHEYVR
HLAGEVAKEWQELDDAEKVQREPLLTLVKEIVPYNMAHNAEHEACDLLMEIEQVDMLEKDIDENAYAKVCLYLTSCVNYV
PEPENSALLRCALGVFRKFSRFPEALRLALMLNDMELVEDIFTSCKDVVVQKQMAFMLGRHGVFLELSEDVEEYEDLTEI
MSNVQLNSNFLALARELDIMEPKVPDDIYKTHLENNRFGGSGSQVDSARMNLASSFVNGFVNAAFGQDKLLTDDGNKWLY
KNKDHGMLSAAASLGMILLWDVDGGLTQIDKYLYSSEDYIKSGALLACGIVNSGVRNECDPALALLSDYVLHNSNTMRLG
SIFGLGLAYAGSNREDVLTLLLPVMGDSKSSMEVAGVTALACGMIAVGSCNGDVTSTILQTIMEKSETELKDTYARWLPL
GLGLNHLGKGEAIEAILAALEVVSEPFRSFANTLVDVCAYAGSGNVLKVQQLLHICSEHFDSKEKEEDKDKKEKKDKDKK
EAPADMGAHQGVAVLGIALIAMGEEIGAEMALRTFGHLLRYGEPTLRRAVPLALALISVSNPRLNILDTLSKFSHDADPE
VSYNSIFAMGMVGSGTNNARLAAMLRQLAQYHAKDPNNLFMVRLAQGLTHLGKGTLTLCPYHSDRQLMSQVAVAGLLTVL
VSFLDVRNIILGKSHYVLYGLVAAMQPRMLVTFDEELRPLPVSVRVGQAVDVVGQAGKPKTITGFQTHTTPVLLAHGERA
ELATEEFLPVTPILEGFVILRKNPNYDL
;
Z
6 'polypeptide(L)'
;MITSAAGIISLLDEDEPQLKEFALHKLNAVVNDFWAEISESVDKIEVLYEDEGFRSRQFAALVASKVFYHLGAFEESLNY
ALGAGDLFNVNDNSEYVETIIAKCIDHYTKQCVENADLPEGEKKPIDQRLEGIVNKMFQRCLDDHKYKQAIGIALETRRL
DVFEKTILESNDVPGMLAYSLKLCMSLMQNKQFRNKVLRVLVKIYMNLEKPDFINVCQCLIFLDDPQAVSDILEKLVKED
NLLMAYQICFDLYESASQQFLSSVIQNLRTVGTPIASVPGSTNTGTVPGSEKDSDSMETEEKTSSAFVGKTPEASPEPKD
QTLKMIKILSGEMAIELHLQFLIRNNNTDLMILKNTKDAVRNSVCHTATVIANSFMHCGTTSDQFLRDNLEWLARATNWA
KFTATASLGVIHKGHEKEALQLMATYLPKDTSPGSAYQEGGGLYALGLIHANHGGDIIDYLLNQLKNASNDIVRHGGSLG
LGLAAMGTARQDVYDLLKTNLYQDDAVTGEAAGLALGLVMLGSKNAQAIEDMVGYAQETQHEKILRGLAVGIALVMYGRM
EEADALIESLCRDKDPILRRSGMYTVAMAYCGSGNNKAIRRLLHVAVSDVNDDVRRAAVESLGFILFRTPEQCPSVVSLL
SESYNPHVRYGAAMALGICCAGTGNKEAINLLEPMTNDPVNYVRQGALIASALIMIQQTEITCPKVNQFRQLYSKVINDK
HDDVMAKFGAILAQGILDAGGHNVTISLQSRTGHTHMPSVVGVLVFTQFWFWFPLSHFLSLAYTPTCVIGLNKDLKMPKV
QYKSNCKPSTFAYPAPLEVPKEKEKEKVSTAVLSITAKAKKKEKEKEKKEEEKMEVDEAEKKEEKEKKKEPEPNFQLLDN
PARVMPAQLKVLTMPETCRYQPFKPLSIGGIIILKDTSEDIEELVEPVAAHGPKIEEEEQEPEPPEPFEYIDD
;
N
7 'polypeptide(L)'
;MKQEGSARRRGADKAKPPPGGGEQEPPPPPAPQDVEMKEEAATGGGSTGEADGKTAAAAAEHSQRELDTVTLEDIKEHVK
QLEKAVSGKEPRFVLRALRMLPSTSRRLNHYVLYKAVQGFFTSNNATRDFLLPFLEEPMDTEADLQFRPRTGKAASTPLL
PEVEAYLQLLVVIFMMNSKRYKEAQKISDDLMQKISTQNRRALDLVAAKCYYYHARVYEFLDKLDVVRSFLHARLRTATL
RHDADGQATLLNLLLRNYLHYSLYDQAEKLVSKSVFPEQANNNEWARYLYYTGRIKAIQLEYSEARRTMTNALRKAPQHT
AVGFKQTVHKLLIVVELLLGEIPDRLQFRQPSLKRSLMPYFLLTQAVRTGNLAKFNQVLDQFGEKFQADGTYTLIIRLRH
NVIKTGVRMISLSYSRISLADIAQKLQLDSPEDAEFIVAKAIRDGVIEASINHEKGYVQSKEMIDIYSTREPQLAFHQRI
SFCLDIHNMSVKAMRFPPKSYNKDLESAEERREREQQDLEFAKEMAEDDDDSFP
;
S
8 'polypeptide(L)'
;MADGGSERADGRIVKMEVDYSATVDQRLPECAKLAKEGRLQEVIETLLSLEKQTRTASDMVSTSRILVAVVKMCYEAKEW
DLLNENIMLLSKRRSQLKQAVAKMVQQCCTYVEEITDLPIKLRLIDTLRMVTEGKIYVEIERARLTKTLATIKEQNGDVK
EAASILQELQVETYGSMEKKERVEFILEQMRLCLAVKDYIRTQIISKKINTKFFQEENTEKLKLKYYNLMIQLDQHEGSY
LSICKHYRAIYDTPCIQAESEKWQQALKSVVLYVILAPFDNEQSDLVHRISGDKKLEEIPKYKDLLKLFTTMELMRWSTL
VEDYGMELRKGSLESPATDVFGSTEEGEKRWKDLKNRVVEHNIRIMAKYYTRITMKRMAQLLDLSVDESEAFLSNLVVNK
TIFAKVDRLAGIINFQRPKDPNNLLNDWSQKLNSLMSLVNKTTHLIAKEEMIHNLQ
;
P
9 'polypeptide(L)'
;MAAAAVVEFQRAQSLLSTDREASIDILHSIVKRDIQENDEEAVQVKEQSILELGSLLAKTGQAAELGGLLKYVRPFLNSI
SKAKAARLVRSLLDLFLDMEAATGQEVELCLECIEWAKSEKRTFLRQALEARLVSLYFDTKRYQEALHLGSQLLRELKKM
DDKALLVEVQLLESKTYHALSNLPKARAALTSARTTANAIYCPPKLQATLDMQSGIIHAAEEKDWKTAYSYFYEAFEGYD
SIDSPKAITSLKYMLLCKIMLNTPEDVQALVSGKLALRYAGRQTEALKCVAQASKNRSLADFEKALTDYRAELRDDPIIS
THLAKLYDNLLEQNLIRVIEPFSRVQIEHISSLIKLSKADVERKLSQMILDKKFHGILDQGEGVLIIFDEPPVDKTYEAA
LETIQNMSKVVDSLYNKAKKLT
;
Q
10 'polypeptide(L)'
;MPLENLEEEGLPKNPDLRIAQLRFLLSLPEHRGDAAVRDELMAAVRDNNMAPYYEALCKSLDWQIDVDLLNKMKKANEDE
LKRLDEELEDAEKNLGESEIRDAMMAKAEYLCRIGDKEGALTAFRKTYDKTVALGHRLDIVFYLLRIGLFYMDNDLITRN
TEKAKSLIEEGGDWDRRNRLKVYQGLYCVAIRDFKQAAELFLDTVSTFTSYELMDYKTFVTYTVYVSMIALERPDLREKV
IKGAEILEVLHSLPAVRQYLFSLYECRYSVFFQSLAVVEQEMKKDWLFAPHYRYYVREMRIHAYSQLLESYRSLTLGYMA
EAFGVGVEFIDQELSRFIAAGRLHCKIDKVNEIVETNRPDSKNWQYQETIKKGDLLLNRVQKLSRVINM
;
R
11 'polypeptide(L)'
;MPELAVQKVVVHPLVLLSVVDHFNRIGKVGNQKRVVGVLLGSWQKKVLDVSNSFAVPFDEDDKDDSVWFLDHDYLENMYG
MFKKVNARERIVGWYHTGPKLHKNDIAINELMKRYCPNSVLVIIDVKPKDLGLPTEAYISVEEVHDDGTPTSKTFEHVTS
EIGAEEAEEVGVEHLLRDIKDTTVGTLSQRITNQVHGLKGLNSKLLDIRSYLEKVATGKLPINHQIIYQLQDVFNLLPDV
SLQEFVKAFYLKTNDQMVVVYLASLIRSVVALHNLINNKIANRDAEKKEGQEKEESKKDRKEDKEKDKDKEKSDVKKEEK
KEKK
;
U
12 'polypeptide(L)'
;MKDVPGFLQQSQNSGPGQPAVWHRLEELYTKKLWHQLTLQVLDFVQDPCFAQGDGLIKLYENFISEFEHRVNPLSLVEII
LHVVRQMTDPNVALTFLEKTREKVKSSDEAVILCKTAIGALKLNIGDLQVTKETIEDVEEMLNNLPGVTSVHSRFYDLSS
KYYQTIGNHASYYKDALRFLGCVDIKDLPVSEQQERAFTLGLAGLLGEGVFNFGELLMHPVLESLRNTDRQWLIDTLYAF
NSGNVERFQTLKTAWGQQPDLAANEAQLLRKIQLLCLMEMTFTRPANHRQLTFEEIAKSAKITVNEVELLVMKALSVGLV
KGSIDEVDKRVHMTWVQPRVLDLQQIKGMKDRLEFWCTDVKSMEMLVEHQAHDILT
;
O
#
# COMPACT_ATOMS: atom_id res chain seq x y z
N MET A 1 -24.49 -54.66 50.46
CA MET A 1 -24.81 -54.79 49.01
C MET A 1 -23.70 -54.17 48.15
N VAL A 2 -23.96 -54.12 46.84
CA VAL A 2 -23.10 -53.43 45.90
C VAL A 2 -23.74 -52.10 45.56
N LEU A 3 -22.93 -51.15 45.10
CA LEU A 3 -23.46 -49.89 44.62
C LEU A 3 -24.45 -50.16 43.50
N GLU A 4 -25.59 -49.48 43.53
CA GLU A 4 -26.64 -49.72 42.56
C GLU A 4 -27.28 -48.40 42.14
N SER A 5 -27.98 -48.46 41.00
CA SER A 5 -28.77 -47.34 40.49
C SER A 5 -30.25 -47.65 40.77
N THR A 6 -30.85 -46.85 41.64
CA THR A 6 -32.25 -47.03 42.02
C THR A 6 -33.10 -46.00 41.31
N MET A 7 -34.24 -46.44 40.79
CA MET A 7 -35.17 -45.56 40.11
C MET A 7 -36.53 -45.69 40.78
N VAL A 8 -36.94 -44.64 41.48
CA VAL A 8 -38.25 -44.60 42.13
C VAL A 8 -39.28 -44.16 41.09
N CYS A 9 -40.16 -45.08 40.70
CA CYS A 9 -41.30 -44.74 39.84
C CYS A 9 -42.51 -44.51 40.75
N VAL A 10 -42.96 -43.26 40.82
CA VAL A 10 -44.17 -42.91 41.55
C VAL A 10 -45.25 -42.62 40.52
N ASP A 11 -46.50 -42.82 40.93
CA ASP A 11 -47.64 -42.71 40.02
C ASP A 11 -48.45 -41.45 40.32
N ASN A 12 -48.93 -40.82 39.27
CA ASN A 12 -49.96 -39.79 39.37
C ASN A 12 -51.23 -40.33 38.75
N SER A 13 -52.35 -40.15 39.46
CA SER A 13 -53.63 -40.68 39.00
C SER A 13 -54.72 -40.15 39.92
N GLU A 14 -55.94 -40.11 39.40
CA GLU A 14 -57.08 -39.82 40.26
C GLU A 14 -57.19 -40.84 41.38
N TYR A 15 -56.72 -42.07 41.12
CA TYR A 15 -56.70 -43.10 42.15
C TYR A 15 -55.81 -42.72 43.32
N MET A 16 -54.82 -41.85 43.12
CA MET A 16 -53.99 -41.35 44.22
C MET A 16 -54.69 -40.24 44.99
N ARG A 17 -55.99 -40.39 45.22
CA ARG A 17 -56.73 -39.55 46.12
C ARG A 17 -57.81 -40.41 46.76
N ASN A 18 -57.40 -41.56 47.29
CA ASN A 18 -58.29 -42.48 47.98
C ASN A 18 -57.94 -42.48 49.47
N GLY A 19 -58.97 -42.40 50.32
CA GLY A 19 -58.77 -42.52 51.76
C GLY A 19 -58.64 -43.94 52.25
N ASP A 20 -58.54 -44.92 51.35
CA ASP A 20 -58.51 -46.32 51.75
C ASP A 20 -57.21 -46.71 52.42
N PHE A 21 -56.15 -45.92 52.25
CA PHE A 21 -54.95 -46.01 53.06
C PHE A 21 -54.81 -44.73 53.86
N LEU A 22 -53.79 -44.71 54.72
CA LEU A 22 -53.35 -43.59 55.53
C LEU A 22 -53.82 -42.24 54.96
N PRO A 23 -54.22 -41.29 55.82
CA PRO A 23 -55.24 -40.28 55.44
C PRO A 23 -55.65 -40.28 53.97
N THR A 24 -54.83 -39.71 53.11
CA THR A 24 -55.08 -39.68 51.67
C THR A 24 -53.94 -40.41 50.97
N ARG A 25 -54.27 -41.20 49.95
CA ARG A 25 -53.26 -42.03 49.32
C ARG A 25 -52.10 -41.21 48.74
N LEU A 26 -52.35 -39.95 48.41
CA LEU A 26 -51.32 -39.00 47.99
C LEU A 26 -50.22 -38.88 49.06
N GLN A 27 -50.59 -38.28 50.19
CA GLN A 27 -49.69 -38.12 51.33
C GLN A 27 -48.96 -39.45 51.62
N ALA A 28 -49.74 -40.53 51.74
CA ALA A 28 -49.17 -41.83 52.09
C ALA A 28 -48.11 -42.25 51.09
N GLN A 29 -48.39 -42.07 49.79
CA GLN A 29 -47.38 -42.35 48.79
C GLN A 29 -46.08 -41.62 49.10
N GLN A 30 -46.17 -40.33 49.45
CA GLN A 30 -44.98 -39.57 49.77
C GLN A 30 -44.18 -40.24 50.88
N ASP A 31 -44.84 -40.57 51.99
CA ASP A 31 -44.11 -41.17 53.10
C ASP A 31 -43.41 -42.45 52.67
N ALA A 32 -44.11 -43.33 51.93
CA ALA A 32 -43.50 -44.59 51.50
C ALA A 32 -42.21 -44.35 50.73
N VAL A 33 -42.25 -43.47 49.72
CA VAL A 33 -41.02 -43.18 48.98
C VAL A 33 -39.94 -42.71 49.94
N ASN A 34 -40.28 -41.75 50.81
CA ASN A 34 -39.28 -41.20 51.71
C ASN A 34 -38.57 -42.28 52.51
N ILE A 35 -39.24 -43.40 52.77
CA ILE A 35 -38.56 -44.48 53.50
C ILE A 35 -37.76 -45.38 52.57
N VAL A 36 -38.25 -45.67 51.36
CA VAL A 36 -37.52 -46.63 50.52
C VAL A 36 -36.25 -46.01 49.95
N CYS A 37 -36.18 -44.68 49.79
CA CYS A 37 -34.94 -44.05 49.37
C CYS A 37 -33.91 -44.05 50.50
N HIS A 38 -34.31 -43.48 51.64
CA HIS A 38 -33.45 -43.44 52.81
C HIS A 38 -32.90 -44.83 53.14
N SER A 39 -33.73 -45.88 52.98
CA SER A 39 -33.32 -47.23 53.34
C SER A 39 -32.36 -47.86 52.34
N LYS A 40 -32.18 -47.26 51.17
CA LYS A 40 -31.18 -47.73 50.21
C LYS A 40 -30.01 -46.77 50.09
N THR A 41 -29.98 -45.69 50.89
CA THR A 41 -28.73 -44.95 51.09
C THR A 41 -27.98 -45.35 52.36
N ARG A 42 -28.49 -46.29 53.16
CA ARG A 42 -27.76 -46.85 54.28
C ARG A 42 -27.31 -48.29 54.05
N SER A 43 -27.89 -48.99 53.06
CA SER A 43 -27.39 -50.30 52.67
C SER A 43 -25.97 -50.18 52.13
N ASN A 44 -25.77 -49.32 51.14
CA ASN A 44 -24.46 -48.88 50.70
C ASN A 44 -24.21 -47.45 51.18
N PRO A 45 -22.95 -47.06 51.39
CA PRO A 45 -22.69 -45.64 51.65
C PRO A 45 -22.93 -44.77 50.42
N GLU A 46 -22.76 -45.33 49.23
CA GLU A 46 -23.04 -44.63 47.97
C GLU A 46 -24.09 -45.39 47.20
N ASN A 47 -25.09 -44.67 46.70
CA ASN A 47 -26.20 -45.27 45.96
C ASN A 47 -27.01 -44.15 45.33
N ASN A 48 -27.28 -44.25 44.03
CA ASN A 48 -27.93 -43.18 43.29
C ASN A 48 -29.43 -43.45 43.22
N VAL A 49 -30.22 -42.46 43.60
CA VAL A 49 -31.67 -42.58 43.67
C VAL A 49 -32.29 -41.66 42.62
N GLY A 50 -33.21 -42.20 41.83
CA GLY A 50 -33.91 -41.42 40.83
C GLY A 50 -35.32 -41.08 41.25
N LEU A 51 -36.08 -40.53 40.30
CA LEU A 51 -37.47 -40.16 40.55
C LEU A 51 -38.17 -39.71 39.27
N ILE A 52 -38.91 -40.62 38.65
CA ILE A 52 -39.73 -40.29 37.49
C ILE A 52 -41.19 -40.42 37.88
N THR A 53 -42.06 -39.94 37.01
CA THR A 53 -43.50 -40.10 37.15
C THR A 53 -43.99 -41.14 36.15
N LEU A 54 -45.21 -41.64 36.38
CA LEU A 54 -45.80 -42.65 35.52
C LEU A 54 -47.15 -42.20 34.98
N ALA A 55 -47.24 -40.98 34.45
CA ALA A 55 -48.52 -40.45 33.99
C ALA A 55 -48.31 -39.57 32.77
N ASN A 56 -49.35 -39.49 31.93
CA ASN A 56 -49.37 -38.63 30.75
C ASN A 56 -48.25 -39.11 29.82
N ASP A 57 -47.27 -38.27 29.48
CA ASP A 57 -46.02 -38.71 28.90
C ASP A 57 -45.02 -38.82 30.03
N CYS A 58 -44.60 -40.06 30.33
CA CYS A 58 -43.78 -40.31 31.52
C CYS A 58 -42.56 -39.39 31.51
N GLU A 59 -42.32 -38.76 32.65
CA GLU A 59 -41.42 -37.63 32.76
C GLU A 59 -40.40 -37.89 33.86
N VAL A 60 -39.30 -37.15 33.80
CA VAL A 60 -38.25 -37.19 34.81
C VAL A 60 -38.32 -35.90 35.61
N LEU A 61 -38.39 -36.03 36.94
CA LEU A 61 -38.36 -34.89 37.84
C LEU A 61 -37.02 -34.72 38.52
N THR A 62 -36.22 -35.78 38.58
CA THR A 62 -34.83 -35.73 39.00
C THR A 62 -34.13 -36.95 38.40
N THR A 63 -32.92 -36.75 37.91
CA THR A 63 -32.16 -37.85 37.36
C THR A 63 -31.42 -38.55 38.50
N LEU A 64 -30.47 -39.41 38.17
CA LEU A 64 -29.74 -40.16 39.19
C LEU A 64 -28.90 -39.21 40.01
N THR A 65 -29.11 -39.19 41.33
CA THR A 65 -28.35 -38.35 42.25
C THR A 65 -28.32 -39.06 43.60
N PRO A 66 -27.24 -38.91 44.38
CA PRO A 66 -27.18 -39.61 45.68
C PRO A 66 -27.95 -38.95 46.82
N ASP A 67 -28.51 -37.75 46.60
CA ASP A 67 -29.14 -36.99 47.68
C ASP A 67 -30.61 -37.39 47.79
N THR A 68 -30.95 -38.14 48.85
CA THR A 68 -32.36 -38.39 49.15
C THR A 68 -33.12 -37.08 49.38
N GLY A 69 -32.41 -36.00 49.68
CA GLY A 69 -33.06 -34.73 49.98
C GLY A 69 -33.66 -34.05 48.78
N ARG A 70 -33.16 -34.34 47.57
CA ARG A 70 -33.84 -33.86 46.37
C ARG A 70 -35.06 -34.72 46.06
N ILE A 71 -34.93 -36.04 46.26
CA ILE A 71 -36.01 -36.98 45.97
C ILE A 71 -37.22 -36.64 46.82
N LEU A 72 -37.01 -36.20 48.06
CA LEU A 72 -38.14 -35.84 48.90
C LEU A 72 -38.69 -34.46 48.57
N SER A 73 -37.86 -33.55 48.05
CA SER A 73 -38.28 -32.16 47.88
C SER A 73 -39.00 -31.92 46.56
N LYS A 74 -38.67 -32.65 45.49
CA LYS A 74 -39.52 -32.57 44.30
C LYS A 74 -40.86 -33.25 44.55
N LEU A 75 -40.84 -34.37 45.27
CA LEU A 75 -42.02 -35.22 45.45
C LEU A 75 -43.18 -34.50 46.14
N HIS A 76 -42.90 -33.44 46.90
CA HIS A 76 -43.98 -32.72 47.57
C HIS A 76 -45.00 -32.20 46.57
N THR A 77 -44.55 -31.64 45.45
CA THR A 77 -45.44 -31.06 44.46
C THR A 77 -45.66 -32.06 43.33
N VAL A 78 -46.52 -33.03 43.59
CA VAL A 78 -47.18 -33.79 42.53
C VAL A 78 -48.66 -33.44 42.62
N GLN A 79 -49.47 -34.02 41.74
CA GLN A 79 -50.90 -33.84 41.85
C GLN A 79 -51.56 -35.10 41.33
N PRO A 80 -52.68 -35.52 41.93
CA PRO A 80 -53.42 -36.68 41.41
C PRO A 80 -54.19 -36.31 40.15
N LYS A 81 -53.74 -36.81 39.01
CA LYS A 81 -54.38 -36.52 37.74
C LYS A 81 -53.85 -37.49 36.69
N GLY A 82 -54.53 -37.53 35.55
CA GLY A 82 -54.08 -38.30 34.41
C GLY A 82 -54.31 -39.79 34.57
N LYS A 83 -54.08 -40.51 33.48
CA LYS A 83 -54.17 -41.96 33.44
C LYS A 83 -52.78 -42.54 33.21
N ILE A 84 -52.32 -43.36 34.14
CA ILE A 84 -50.96 -43.87 34.10
C ILE A 84 -50.73 -44.69 32.85
N THR A 85 -49.45 -44.97 32.57
CA THR A 85 -49.06 -45.96 31.57
C THR A 85 -47.84 -46.68 32.12
N PHE A 86 -47.77 -47.98 31.86
CA PHE A 86 -46.62 -48.77 32.28
C PHE A 86 -45.52 -48.81 31.21
N CYS A 87 -45.91 -48.85 29.94
CA CYS A 87 -44.95 -48.94 28.84
C CYS A 87 -43.99 -47.76 28.82
N THR A 88 -44.55 -46.57 28.55
CA THR A 88 -43.76 -45.36 28.43
C THR A 88 -42.81 -45.22 29.62
N GLY A 89 -43.33 -45.38 30.84
CA GLY A 89 -42.53 -45.22 32.04
C GLY A 89 -41.32 -46.12 32.10
N ILE A 90 -41.54 -47.43 32.04
CA ILE A 90 -40.43 -48.39 32.01
C ILE A 90 -39.37 -47.93 31.01
N ARG A 91 -39.80 -47.70 29.76
CA ARG A 91 -38.82 -47.46 28.71
C ARG A 91 -38.02 -46.20 28.97
N VAL A 92 -38.62 -45.15 29.53
CA VAL A 92 -37.81 -43.99 29.90
C VAL A 92 -36.91 -44.32 31.09
N ALA A 93 -37.30 -45.31 31.89
CA ALA A 93 -36.47 -45.68 33.03
C ALA A 93 -35.13 -46.23 32.57
N HIS A 94 -35.12 -47.08 31.54
CA HIS A 94 -33.82 -47.54 31.03
C HIS A 94 -32.94 -46.36 30.66
N LEU A 95 -33.44 -45.51 29.75
CA LEU A 95 -32.68 -44.35 29.30
C LEU A 95 -32.14 -43.55 30.47
N ALA A 96 -32.86 -43.54 31.59
CA ALA A 96 -32.32 -42.88 32.78
C ALA A 96 -31.26 -43.71 33.49
N LEU A 97 -31.29 -45.04 33.37
CA LEU A 97 -30.31 -45.88 34.06
C LEU A 97 -29.00 -46.00 33.29
N LYS A 98 -29.04 -45.95 31.97
CA LYS A 98 -27.79 -45.94 31.20
C LYS A 98 -26.89 -44.81 31.65
N HIS A 99 -27.42 -43.59 31.69
CA HIS A 99 -26.63 -42.41 32.01
C HIS A 99 -26.48 -42.28 33.53
N ARG A 100 -25.25 -42.43 33.99
CA ARG A 100 -24.89 -42.49 35.40
C ARG A 100 -23.38 -42.38 35.45
N GLN A 101 -22.86 -41.93 36.60
CA GLN A 101 -21.43 -41.99 36.80
C GLN A 101 -21.06 -43.40 37.26
N GLY A 102 -20.15 -44.04 36.54
CA GLY A 102 -19.75 -45.39 36.88
C GLY A 102 -20.65 -46.43 36.28
N LYS A 103 -20.06 -47.48 35.69
CA LYS A 103 -20.81 -48.56 35.06
C LYS A 103 -20.72 -49.86 35.84
N ASN A 104 -20.41 -49.77 37.13
CA ASN A 104 -20.40 -50.93 38.01
C ASN A 104 -21.68 -51.03 38.84
N HIS A 105 -22.55 -50.03 38.78
CA HIS A 105 -23.81 -50.09 39.50
C HIS A 105 -24.76 -51.06 38.82
N LYS A 106 -25.67 -51.62 39.61
CA LYS A 106 -26.71 -52.51 39.07
C LYS A 106 -27.98 -51.71 38.78
N MET A 107 -28.77 -52.22 37.85
CA MET A 107 -29.96 -51.53 37.34
C MET A 107 -31.18 -52.03 38.10
N ARG A 108 -31.69 -51.22 39.02
CA ARG A 108 -32.84 -51.56 39.84
C ARG A 108 -33.88 -50.45 39.74
N ILE A 109 -35.11 -50.84 39.41
CA ILE A 109 -36.25 -49.92 39.35
C ILE A 109 -37.18 -50.26 40.51
N ILE A 110 -37.46 -49.28 41.36
CA ILE A 110 -38.43 -49.42 42.45
C ILE A 110 -39.70 -48.71 41.99
N ALA A 111 -40.70 -49.49 41.59
CA ALA A 111 -41.87 -48.97 40.90
C ALA A 111 -43.11 -49.06 41.78
N PHE A 112 -43.74 -47.91 42.03
CA PHE A 112 -45.03 -47.84 42.68
C PHE A 112 -46.10 -47.60 41.63
N VAL A 113 -47.15 -48.42 41.66
CA VAL A 113 -48.20 -48.39 40.64
C VAL A 113 -49.54 -48.28 41.34
N GLY A 114 -50.46 -47.49 40.77
CA GLY A 114 -51.71 -47.25 41.44
C GLY A 114 -52.86 -46.75 40.57
N SER A 115 -53.19 -47.51 39.51
CA SER A 115 -54.43 -47.34 38.77
C SER A 115 -54.51 -48.40 37.67
N PRO A 116 -55.70 -48.83 37.27
CA PRO A 116 -55.81 -49.95 36.32
C PRO A 116 -54.94 -49.76 35.09
N VAL A 117 -54.12 -50.78 34.81
CA VAL A 117 -53.21 -50.77 33.66
C VAL A 117 -53.98 -51.15 32.41
N GLU A 118 -53.78 -50.39 31.34
CA GLU A 118 -54.55 -50.53 30.11
C GLU A 118 -53.74 -51.10 28.95
N ASP A 119 -52.54 -51.61 29.21
CA ASP A 119 -51.75 -52.27 28.19
C ASP A 119 -51.99 -53.78 28.25
N ASN A 120 -52.01 -54.41 27.08
CA ASN A 120 -52.19 -55.85 27.03
C ASN A 120 -50.92 -56.55 27.52
N GLU A 121 -51.07 -57.82 27.91
CA GLU A 121 -49.95 -58.59 28.44
C GLU A 121 -48.94 -58.98 27.37
N LYS A 122 -49.38 -59.05 26.10
CA LYS A 122 -48.49 -59.47 25.01
C LYS A 122 -47.36 -58.46 24.79
N ASP A 123 -47.64 -57.16 24.91
CA ASP A 123 -46.61 -56.15 24.74
C ASP A 123 -45.73 -56.05 25.98
N LEU A 124 -46.32 -56.14 27.17
CA LEU A 124 -45.55 -56.07 28.41
C LEU A 124 -44.53 -57.18 28.47
N VAL A 125 -44.87 -58.38 27.97
CA VAL A 125 -43.90 -59.48 27.97
C VAL A 125 -42.97 -59.46 26.76
N LYS A 126 -43.08 -58.45 25.88
CA LYS A 126 -42.00 -58.12 24.97
C LYS A 126 -41.00 -57.18 25.63
N LEU A 127 -41.52 -56.17 26.33
CA LEU A 127 -40.65 -55.28 27.09
C LEU A 127 -39.84 -56.05 28.12
N ALA A 128 -40.45 -57.08 28.75
CA ALA A 128 -39.71 -57.87 29.72
C ALA A 128 -38.62 -58.73 29.09
N LYS A 129 -38.73 -59.04 27.79
CA LYS A 129 -37.62 -59.68 27.10
C LYS A 129 -36.51 -58.66 26.81
N ARG A 130 -36.89 -57.42 26.49
CA ARG A 130 -35.86 -56.40 26.28
C ARG A 130 -35.16 -56.03 27.59
N LEU A 131 -35.89 -56.07 28.72
CA LEU A 131 -35.28 -55.88 30.03
C LEU A 131 -34.44 -57.10 30.41
N LYS A 132 -34.86 -58.30 30.01
CA LYS A 132 -34.03 -59.48 30.21
C LYS A 132 -32.69 -59.33 29.50
N LYS A 133 -32.70 -58.76 28.28
CA LYS A 133 -31.45 -58.44 27.60
C LYS A 133 -30.65 -57.40 28.38
N GLU A 134 -31.31 -56.30 28.76
CA GLU A 134 -30.62 -55.18 29.39
C GLU A 134 -30.28 -55.41 30.86
N LYS A 135 -30.59 -56.58 31.42
CA LYS A 135 -30.27 -56.90 32.81
C LYS A 135 -30.79 -55.82 33.76
N VAL A 136 -32.10 -55.58 33.65
CA VAL A 136 -32.79 -54.60 34.48
C VAL A 136 -33.65 -55.36 35.49
N ASN A 137 -33.43 -55.06 36.77
CA ASN A 137 -34.33 -55.54 37.81
C ASN A 137 -35.45 -54.53 38.02
N VAL A 138 -36.64 -55.02 38.34
CA VAL A 138 -37.79 -54.16 38.52
C VAL A 138 -38.71 -54.74 39.60
N ASP A 139 -38.96 -53.95 40.64
CA ASP A 139 -39.91 -54.30 41.69
C ASP A 139 -41.15 -53.44 41.53
N ILE A 140 -42.32 -54.07 41.60
CA ILE A 140 -43.59 -53.42 41.39
C ILE A 140 -44.38 -53.49 42.69
N ILE A 141 -44.76 -52.32 43.22
CA ILE A 141 -45.40 -52.19 44.52
C ILE A 141 -46.87 -51.87 44.28
N ASN A 142 -47.75 -52.85 44.51
CA ASN A 142 -49.18 -52.66 44.24
C ASN A 142 -49.84 -51.92 45.41
N PHE A 143 -49.52 -50.62 45.50
CA PHE A 143 -50.19 -49.75 46.45
C PHE A 143 -51.58 -49.44 45.86
N GLY A 144 -52.51 -50.35 46.13
CA GLY A 144 -53.73 -50.43 45.36
C GLY A 144 -53.49 -51.21 44.07
N GLU A 145 -54.50 -51.23 43.22
CA GLU A 145 -54.39 -51.83 41.89
C GLU A 145 -54.05 -53.32 41.99
N GLU A 146 -54.94 -54.05 42.65
CA GLU A 146 -54.81 -55.50 42.78
C GLU A 146 -56.18 -56.15 42.82
N GLU A 147 -57.16 -55.42 43.34
CA GLU A 147 -58.56 -55.82 43.29
C GLU A 147 -59.31 -55.14 42.13
N VAL A 148 -58.83 -53.99 41.67
CA VAL A 148 -59.36 -53.33 40.49
C VAL A 148 -58.53 -53.74 39.28
N ASN A 149 -57.73 -54.79 39.42
CA ASN A 149 -56.82 -55.19 38.36
C ASN A 149 -56.53 -56.67 38.48
N THR A 150 -56.67 -57.41 37.38
CA THR A 150 -56.10 -58.75 37.27
C THR A 150 -54.64 -58.60 36.85
N GLU A 151 -53.75 -59.17 37.64
CA GLU A 151 -52.32 -58.91 37.51
C GLU A 151 -51.72 -59.48 36.21
N LYS A 152 -51.70 -58.67 35.15
CA LYS A 152 -50.80 -58.94 34.03
C LYS A 152 -49.35 -58.90 34.49
N LEU A 153 -49.09 -58.17 35.57
CA LEU A 153 -47.74 -57.96 36.07
C LEU A 153 -47.16 -59.25 36.64
N THR A 154 -47.99 -60.26 36.91
CA THR A 154 -47.47 -61.56 37.29
C THR A 154 -46.70 -62.20 36.14
N ALA A 155 -47.31 -62.24 34.96
CA ALA A 155 -46.60 -62.69 33.77
C ALA A 155 -45.54 -61.69 33.32
N PHE A 156 -45.54 -60.47 33.88
CA PHE A 156 -44.41 -59.57 33.63
C PHE A 156 -43.19 -59.93 34.48
N VAL A 157 -43.38 -60.21 35.78
CA VAL A 157 -42.25 -60.49 36.67
C VAL A 157 -41.77 -61.93 36.58
N ASN A 158 -42.54 -62.82 35.98
CA ASN A 158 -42.09 -64.17 35.70
C ASN A 158 -41.40 -64.29 34.35
N THR A 159 -41.58 -63.30 33.47
CA THR A 159 -40.80 -63.23 32.23
C THR A 159 -39.35 -62.81 32.50
N LEU A 160 -39.09 -62.19 33.65
CA LEU A 160 -37.75 -61.80 34.06
C LEU A 160 -37.06 -62.83 34.95
N ASN A 161 -37.78 -63.83 35.41
CA ASN A 161 -37.25 -64.87 36.29
C ASN A 161 -37.19 -66.18 35.52
N GLY A 162 -36.04 -66.45 34.89
CA GLY A 162 -35.81 -67.77 34.31
C GLY A 162 -35.52 -68.80 35.37
N LYS A 163 -34.93 -68.38 36.49
CA LYS A 163 -34.63 -69.26 37.61
C LYS A 163 -34.47 -68.47 38.90
N ASP A 164 -34.13 -67.18 38.80
CA ASP A 164 -33.89 -66.35 39.95
C ASP A 164 -35.20 -65.77 40.49
N GLY A 165 -35.45 -65.97 41.79
CA GLY A 165 -36.60 -65.37 42.45
C GLY A 165 -36.42 -63.93 42.90
N THR A 166 -35.18 -63.42 42.87
CA THR A 166 -34.89 -62.02 43.09
C THR A 166 -34.77 -61.24 41.80
N GLY A 167 -34.62 -61.92 40.65
CA GLY A 167 -34.50 -61.24 39.38
C GLY A 167 -35.65 -60.30 39.12
N SER A 168 -36.86 -60.63 39.60
CA SER A 168 -38.01 -59.76 39.48
C SER A 168 -39.19 -60.33 40.28
N HIS A 169 -39.74 -59.53 41.19
CA HIS A 169 -40.83 -59.98 42.05
C HIS A 169 -41.89 -58.89 42.18
N LEU A 170 -43.16 -59.32 42.17
CA LEU A 170 -44.31 -58.42 42.21
C LEU A 170 -44.84 -58.38 43.64
N VAL A 171 -44.58 -57.27 44.35
CA VAL A 171 -44.95 -57.14 45.76
C VAL A 171 -46.34 -56.52 45.87
N THR A 172 -47.15 -57.11 46.75
CA THR A 172 -48.53 -56.67 46.97
C THR A 172 -48.62 -55.97 48.32
N VAL A 173 -49.62 -55.09 48.44
CA VAL A 173 -49.91 -54.38 49.67
C VAL A 173 -51.40 -54.50 49.95
N PRO A 174 -51.81 -55.32 50.93
CA PRO A 174 -53.25 -55.52 51.20
C PRO A 174 -54.02 -54.21 51.17
N PRO A 175 -55.23 -54.22 50.60
CA PRO A 175 -55.92 -52.95 50.31
C PRO A 175 -56.72 -52.37 51.47
N GLY A 176 -56.70 -52.98 52.66
CA GLY A 176 -57.34 -52.38 53.80
C GLY A 176 -56.64 -51.11 54.23
N PRO A 177 -57.09 -50.54 55.34
CA PRO A 177 -56.35 -49.39 55.92
C PRO A 177 -54.86 -49.66 56.01
N SER A 178 -54.48 -50.90 56.35
CA SER A 178 -53.13 -51.43 56.23
C SER A 178 -52.05 -50.36 56.38
N LEU A 179 -51.92 -49.79 57.58
CA LEU A 179 -50.76 -48.95 57.88
C LEU A 179 -49.48 -49.77 57.87
N ALA A 180 -49.54 -51.00 58.38
CA ALA A 180 -48.36 -51.82 58.64
C ALA A 180 -47.95 -52.70 57.46
N ASP A 181 -48.60 -52.58 56.31
CA ASP A 181 -48.22 -53.35 55.13
C ASP A 181 -47.37 -52.56 54.12
N ALA A 182 -47.43 -51.23 54.14
CA ALA A 182 -46.57 -50.41 53.28
C ALA A 182 -45.17 -50.24 53.84
N LEU A 183 -44.90 -50.74 55.05
CA LEU A 183 -43.59 -50.63 55.68
C LEU A 183 -42.80 -51.93 55.71
N ILE A 184 -43.47 -53.08 55.67
CA ILE A 184 -42.82 -54.39 55.75
C ILE A 184 -42.69 -54.98 54.35
N SER A 185 -43.65 -54.67 53.47
CA SER A 185 -43.59 -55.10 52.08
C SER A 185 -42.53 -54.36 51.27
N SER A 186 -41.82 -53.39 51.88
CA SER A 186 -40.78 -52.64 51.20
C SER A 186 -39.91 -53.57 50.38
N PRO A 187 -39.31 -53.09 49.27
CA PRO A 187 -38.51 -53.98 48.43
C PRO A 187 -37.14 -54.33 48.99
N ILE A 188 -36.64 -53.56 49.97
CA ILE A 188 -35.39 -53.90 50.64
C ILE A 188 -35.56 -54.97 51.70
N LEU A 189 -36.78 -55.52 51.87
CA LEU A 189 -36.97 -56.72 52.69
C LEU A 189 -38.16 -57.56 52.23
N ALA A 190 -38.62 -57.40 50.98
CA ALA A 190 -39.70 -58.22 50.41
C ALA A 190 -39.25 -58.62 49.02
N GLY A 191 -38.77 -59.86 48.88
CA GLY A 191 -38.23 -60.35 47.64
C GLY A 191 -36.73 -60.37 47.55
N GLU A 192 -36.03 -60.30 48.69
CA GLU A 192 -34.58 -60.42 48.74
C GLU A 192 -34.19 -60.76 50.18
N GLY A 193 -32.91 -61.11 50.35
CA GLY A 193 -32.42 -61.51 51.66
C GLY A 193 -31.96 -60.34 52.50
N GLY A 194 -31.37 -59.34 51.86
CA GLY A 194 -30.91 -58.17 52.58
C GLY A 194 -32.05 -57.40 53.20
N ALA A 195 -31.72 -56.69 54.30
CA ALA A 195 -32.69 -55.82 54.97
C ALA A 195 -32.00 -54.63 55.63
N MET A 196 -30.82 -54.25 55.14
CA MET A 196 -30.06 -53.15 55.71
C MET A 196 -30.48 -51.82 55.10
N PRO B 18 26.84 -49.11 34.42
CA PRO B 18 25.47 -49.54 34.75
C PRO B 18 25.21 -51.02 34.44
N PRO B 19 24.58 -51.76 35.36
CA PRO B 19 24.02 -53.07 35.01
C PRO B 19 22.55 -53.02 34.60
N THR B 20 22.00 -51.81 34.44
CA THR B 20 20.63 -51.59 33.99
C THR B 20 20.56 -50.18 33.45
N ASP B 21 19.58 -49.93 32.58
CA ASP B 21 19.47 -48.64 31.91
C ASP B 21 19.42 -47.50 32.93
N ALA B 22 19.95 -46.34 32.52
CA ALA B 22 19.96 -45.12 33.32
C ALA B 22 18.78 -44.22 32.92
N PRO B 23 18.39 -43.28 33.79
CA PRO B 23 17.23 -42.43 33.48
C PRO B 23 17.37 -41.72 32.14
N ALA B 24 16.25 -41.61 31.43
CA ALA B 24 16.22 -41.08 30.08
C ALA B 24 15.15 -40.00 29.97
N VAL B 25 15.30 -39.14 28.96
CA VAL B 25 14.43 -37.98 28.78
C VAL B 25 14.32 -37.57 27.31
N ASP B 26 15.35 -37.87 26.51
CA ASP B 26 15.45 -37.34 25.14
C ASP B 26 14.15 -37.54 24.38
N THR B 27 13.69 -36.49 23.71
CA THR B 27 12.37 -36.53 23.10
C THR B 27 12.15 -35.23 22.34
N ALA B 28 11.61 -35.34 21.11
CA ALA B 28 11.20 -34.18 20.30
C ALA B 28 9.73 -33.89 20.59
N GLU B 29 9.49 -33.35 21.79
CA GLU B 29 8.13 -33.20 22.28
C GLU B 29 7.34 -32.26 21.38
N GLN B 30 6.15 -32.71 20.99
CA GLN B 30 5.22 -31.92 20.19
C GLN B 30 3.83 -31.97 20.81
N VAL B 31 3.06 -30.94 20.50
CA VAL B 31 1.68 -30.84 20.93
C VAL B 31 0.82 -30.77 19.67
N TYR B 32 -0.10 -31.72 19.53
CA TYR B 32 -1.22 -31.56 18.61
C TYR B 32 -2.35 -30.86 19.34
N ILE B 33 -2.84 -29.78 18.76
CA ILE B 33 -4.01 -29.08 19.25
C ILE B 33 -5.05 -29.20 18.16
N SER B 34 -6.15 -29.90 18.45
CA SER B 34 -7.16 -30.14 17.45
C SER B 34 -7.91 -28.85 17.10
N SER B 35 -8.32 -28.76 15.84
CA SER B 35 -8.96 -27.54 15.33
C SER B 35 -10.04 -27.03 16.27
N LEU B 36 -10.66 -27.92 17.05
CA LEU B 36 -11.65 -27.48 18.03
C LEU B 36 -11.00 -26.68 19.15
N ALA B 37 -10.02 -27.28 19.82
CA ALA B 37 -9.40 -26.65 20.98
C ALA B 37 -8.95 -25.23 20.68
N LEU B 38 -8.07 -25.08 19.68
CA LEU B 38 -7.43 -23.81 19.40
C LEU B 38 -8.42 -22.65 19.43
N LEU B 39 -9.57 -22.83 18.78
CA LEU B 39 -10.55 -21.74 18.72
C LEU B 39 -11.06 -21.37 20.10
N LYS B 40 -11.22 -22.37 20.98
CA LYS B 40 -11.64 -22.06 22.35
C LYS B 40 -10.52 -21.33 23.11
N MET B 41 -9.27 -21.75 22.95
CA MET B 41 -8.19 -21.07 23.68
C MET B 41 -8.07 -19.63 23.25
N LEU B 42 -8.03 -19.38 21.95
CA LEU B 42 -8.04 -18.01 21.47
C LEU B 42 -9.20 -17.24 22.07
N LYS B 43 -10.44 -17.67 21.78
CA LYS B 43 -11.59 -16.88 22.21
C LYS B 43 -11.58 -16.61 23.71
N HIS B 44 -11.71 -17.67 24.50
CA HIS B 44 -11.77 -17.51 25.95
C HIS B 44 -10.59 -16.69 26.46
N GLY B 45 -9.42 -16.87 25.86
CA GLY B 45 -8.24 -16.17 26.34
C GLY B 45 -8.29 -14.68 26.07
N ARG B 46 -8.82 -14.29 24.91
CA ARG B 46 -9.01 -12.88 24.59
C ARG B 46 -10.09 -12.25 25.44
N ALA B 47 -11.01 -13.04 26.01
CA ALA B 47 -11.98 -12.46 26.92
C ALA B 47 -11.33 -11.62 28.01
N GLY B 48 -10.12 -11.97 28.45
CA GLY B 48 -9.50 -11.31 29.59
C GLY B 48 -8.19 -10.57 29.29
N VAL B 49 -8.22 -9.69 28.30
CA VAL B 49 -7.04 -8.92 27.89
C VAL B 49 -6.32 -8.37 29.11
N PRO B 50 -6.97 -7.55 29.92
CA PRO B 50 -6.31 -7.08 31.14
C PRO B 50 -5.83 -8.26 31.99
N MET B 51 -6.76 -8.87 32.73
CA MET B 51 -6.44 -9.97 33.65
C MET B 51 -6.52 -11.27 32.87
N GLU B 52 -5.36 -11.80 32.50
CA GLU B 52 -5.27 -13.04 31.74
C GLU B 52 -6.01 -14.19 32.41
N VAL B 53 -6.66 -15.01 31.59
CA VAL B 53 -7.37 -16.18 32.09
C VAL B 53 -6.40 -17.35 32.08
N MET B 54 -6.90 -18.50 32.52
CA MET B 54 -6.19 -19.75 32.37
C MET B 54 -7.23 -20.85 32.19
N GLY B 55 -6.77 -22.01 31.75
CA GLY B 55 -7.68 -23.12 31.57
C GLY B 55 -6.95 -24.45 31.60
N LEU B 56 -7.71 -25.48 31.94
CA LEU B 56 -7.21 -26.85 31.90
C LEU B 56 -7.28 -27.39 30.49
N MET B 57 -6.43 -28.37 30.22
CA MET B 57 -6.32 -29.00 28.92
C MET B 57 -6.62 -30.47 29.04
N LEU B 58 -7.66 -30.92 28.33
CA LEU B 58 -8.11 -32.29 28.38
C LEU B 58 -7.86 -32.98 27.04
N GLY B 59 -7.47 -34.23 27.13
CA GLY B 59 -7.08 -34.98 25.96
C GLY B 59 -6.26 -36.19 26.38
N GLU B 60 -5.62 -36.78 25.39
CA GLU B 60 -4.89 -38.00 25.61
C GLU B 60 -3.42 -37.73 25.39
N PHE B 61 -2.64 -38.76 25.64
CA PHE B 61 -1.19 -38.65 25.72
C PHE B 61 -0.61 -39.91 25.06
N VAL B 62 -0.14 -39.78 23.79
CA VAL B 62 0.19 -40.98 23.04
C VAL B 62 1.68 -41.27 23.15
N ASP B 63 2.01 -42.56 23.16
CA ASP B 63 3.38 -43.01 23.28
C ASP B 63 4.08 -42.18 24.36
N ASP B 64 5.13 -41.44 23.99
CA ASP B 64 5.68 -40.44 24.92
C ASP B 64 6.31 -39.29 24.17
N TYR B 65 6.12 -39.18 22.85
CA TYR B 65 6.64 -38.08 22.07
C TYR B 65 5.59 -37.03 21.76
N THR B 66 4.31 -37.33 21.97
CA THR B 66 3.25 -36.47 21.50
C THR B 66 2.15 -36.32 22.55
N VAL B 67 1.92 -35.06 22.93
CA VAL B 67 0.73 -34.67 23.67
C VAL B 67 -0.39 -34.45 22.69
N ARG B 68 -1.57 -34.99 22.99
CA ARG B 68 -2.74 -34.75 22.15
C ARG B 68 -3.78 -34.01 22.97
N VAL B 69 -3.81 -32.68 22.84
CA VAL B 69 -4.83 -31.88 23.49
C VAL B 69 -6.09 -31.95 22.63
N ILE B 70 -7.15 -32.59 23.14
CA ILE B 70 -8.35 -32.76 22.32
C ILE B 70 -9.32 -31.65 22.66
N ASP B 71 -9.33 -31.22 23.91
CA ASP B 71 -10.24 -30.15 24.28
C ASP B 71 -9.73 -29.47 25.53
N VAL B 72 -10.24 -28.25 25.75
CA VAL B 72 -9.91 -27.45 26.90
C VAL B 72 -11.20 -26.86 27.45
N PHE B 73 -11.12 -26.34 28.66
CA PHE B 73 -12.21 -25.59 29.25
C PHE B 73 -11.59 -24.64 30.27
N ALA B 74 -12.17 -23.46 30.39
CA ALA B 74 -11.59 -22.43 31.25
C ALA B 74 -11.58 -22.87 32.72
N MET B 75 -11.14 -21.99 33.59
CA MET B 75 -11.43 -22.07 35.01
C MET B 75 -11.87 -20.69 35.45
N PRO B 76 -12.55 -20.59 36.56
CA PRO B 76 -12.90 -19.26 37.06
C PRO B 76 -11.65 -18.61 37.61
N GLN B 77 -11.78 -17.42 38.17
CA GLN B 77 -10.65 -16.71 38.73
C GLN B 77 -11.11 -15.80 39.86
N SER B 78 -10.17 -15.07 40.43
CA SER B 78 -10.50 -13.95 41.31
C SER B 78 -10.55 -12.68 40.44
N GLY B 79 -10.36 -11.51 41.04
CA GLY B 79 -10.52 -10.26 40.33
C GLY B 79 -9.26 -9.39 40.27
N THR B 80 -8.11 -10.00 40.58
CA THR B 80 -6.81 -9.34 40.47
C THR B 80 -5.94 -9.89 39.35
N GLY B 81 -5.94 -11.22 39.16
CA GLY B 81 -5.08 -11.86 38.17
C GLY B 81 -5.17 -13.37 38.19
N VAL B 82 -4.04 -14.07 38.08
CA VAL B 82 -4.05 -15.56 38.04
C VAL B 82 -3.92 -16.03 39.48
N SER B 83 -5.05 -15.95 40.20
CA SER B 83 -5.13 -16.57 41.51
C SER B 83 -5.27 -18.08 41.35
N VAL B 84 -4.89 -18.82 42.39
CA VAL B 84 -5.13 -20.25 42.47
C VAL B 84 -5.94 -20.54 43.74
N GLU B 85 -6.69 -19.52 44.21
CA GLU B 85 -7.74 -19.67 45.22
C GLU B 85 -9.14 -19.65 44.62
N ALA B 86 -9.26 -19.31 43.33
CA ALA B 86 -10.42 -19.65 42.53
C ALA B 86 -10.10 -20.74 41.49
N VAL B 87 -8.87 -21.27 41.51
CA VAL B 87 -8.47 -22.50 40.81
C VAL B 87 -8.76 -23.66 41.74
N ASP B 88 -10.02 -23.77 42.16
CA ASP B 88 -10.36 -24.72 43.20
C ASP B 88 -10.17 -26.14 42.71
N PRO B 89 -9.64 -27.02 43.54
CA PRO B 89 -9.67 -28.45 43.19
C PRO B 89 -11.10 -28.96 43.01
N VAL B 90 -12.08 -28.32 43.66
CA VAL B 90 -13.46 -28.79 43.56
C VAL B 90 -14.07 -28.40 42.21
N PHE B 91 -13.61 -27.30 41.61
CA PHE B 91 -14.09 -26.94 40.27
C PHE B 91 -13.69 -28.01 39.26
N GLN B 92 -12.39 -28.30 39.15
CA GLN B 92 -11.92 -29.26 38.16
C GLN B 92 -12.38 -30.69 38.47
N ALA B 93 -12.54 -31.02 39.75
CA ALA B 93 -13.17 -32.30 40.10
C ALA B 93 -14.59 -32.39 39.53
N LYS B 94 -15.46 -31.48 39.98
CA LYS B 94 -16.85 -31.47 39.52
C LYS B 94 -16.94 -31.54 37.99
N MET B 95 -16.16 -30.71 37.31
CA MET B 95 -16.24 -30.71 35.84
C MET B 95 -15.79 -32.04 35.26
N LEU B 96 -14.68 -32.60 35.74
CA LEU B 96 -14.22 -33.87 35.19
C LEU B 96 -15.31 -34.93 35.27
N ASP B 97 -16.05 -34.99 36.38
CA ASP B 97 -17.13 -35.95 36.42
C ASP B 97 -18.25 -35.59 35.45
N MET B 98 -18.56 -34.30 35.30
CA MET B 98 -19.64 -33.92 34.40
C MET B 98 -19.31 -34.24 32.94
N LEU B 99 -18.03 -34.25 32.57
CA LEU B 99 -17.62 -34.59 31.20
C LEU B 99 -17.38 -36.09 31.02
N LYS B 100 -17.24 -36.86 32.10
CA LYS B 100 -17.30 -38.31 31.96
C LYS B 100 -18.70 -38.76 31.54
N GLN B 101 -19.74 -38.12 32.06
CA GLN B 101 -21.12 -38.48 31.75
C GLN B 101 -21.57 -37.96 30.39
N THR B 102 -20.71 -37.26 29.66
CA THR B 102 -20.99 -36.87 28.28
C THR B 102 -20.45 -37.89 27.29
N GLY B 103 -19.23 -38.37 27.53
CA GLY B 103 -18.60 -39.32 26.63
C GLY B 103 -17.18 -38.92 26.33
N ARG B 104 -16.49 -38.37 27.33
CA ARG B 104 -15.11 -37.89 27.19
C ARG B 104 -14.24 -38.50 28.27
N PRO B 105 -13.74 -39.68 28.05
CA PRO B 105 -12.80 -40.28 29.03
C PRO B 105 -11.43 -39.63 28.94
N GLU B 106 -11.34 -38.41 29.42
CA GLU B 106 -10.15 -37.60 29.24
C GLU B 106 -9.52 -37.32 30.59
N MET B 107 -8.25 -36.95 30.55
CA MET B 107 -7.50 -36.61 31.75
C MET B 107 -6.76 -35.29 31.51
N VAL B 108 -6.32 -34.67 32.60
CA VAL B 108 -5.59 -33.41 32.50
C VAL B 108 -4.19 -33.68 31.98
N VAL B 109 -3.81 -32.94 30.94
CA VAL B 109 -2.46 -33.05 30.38
C VAL B 109 -1.66 -31.76 30.57
N GLY B 110 -2.31 -30.63 30.79
CA GLY B 110 -1.59 -29.38 30.95
C GLY B 110 -2.54 -28.23 31.17
N TRP B 111 -1.96 -27.04 31.22
CA TRP B 111 -2.68 -25.84 31.61
C TRP B 111 -2.17 -24.69 30.77
N TYR B 112 -3.07 -23.89 30.21
CA TYR B 112 -2.67 -22.83 29.30
C TYR B 112 -3.23 -21.51 29.79
N HIS B 113 -2.55 -20.42 29.48
CA HIS B 113 -3.07 -19.09 29.76
C HIS B 113 -2.54 -18.12 28.72
N SER B 114 -3.00 -16.87 28.83
CA SER B 114 -2.57 -15.80 27.96
C SER B 114 -1.63 -14.87 28.68
N HIS B 115 -0.67 -14.32 27.93
CA HIS B 115 0.15 -13.18 28.36
C HIS B 115 -0.04 -12.09 27.32
N PRO B 116 -1.25 -11.55 27.21
CA PRO B 116 -1.60 -10.73 26.03
C PRO B 116 -0.66 -9.54 25.86
N GLY B 117 -0.58 -9.05 24.62
CA GLY B 117 0.10 -7.82 24.33
C GLY B 117 1.60 -7.89 24.23
N PHE B 118 2.24 -8.90 24.81
CA PHE B 118 3.71 -9.02 24.70
C PHE B 118 4.15 -10.45 24.44
N GLY B 119 5.34 -10.84 24.89
CA GLY B 119 5.94 -12.09 24.45
C GLY B 119 5.47 -13.30 25.23
N CYS B 120 5.49 -14.44 24.52
CA CYS B 120 5.07 -15.73 25.07
C CYS B 120 6.18 -16.29 25.94
N TRP B 121 6.22 -15.85 27.19
CA TRP B 121 7.21 -16.35 28.13
C TRP B 121 6.54 -16.71 29.45
N LEU B 122 7.31 -17.32 30.33
CA LEU B 122 6.86 -17.66 31.68
C LEU B 122 7.49 -16.71 32.70
N SER B 123 6.64 -16.17 33.59
CA SER B 123 7.08 -15.33 34.68
C SER B 123 7.39 -16.15 35.93
N GLY B 124 7.93 -15.48 36.95
CA GLY B 124 8.29 -16.17 38.17
C GLY B 124 7.12 -16.93 38.78
N VAL B 125 5.99 -16.24 38.95
CA VAL B 125 4.79 -16.91 39.43
C VAL B 125 4.35 -17.97 38.42
N ASP B 126 4.50 -17.67 37.13
CA ASP B 126 4.14 -18.61 36.08
C ASP B 126 4.88 -19.94 36.27
N ILE B 127 6.20 -19.89 36.14
CA ILE B 127 7.10 -20.99 36.46
C ILE B 127 6.58 -21.71 37.70
N ASN B 128 6.62 -20.99 38.83
CA ASN B 128 6.28 -21.60 40.10
C ASN B 128 4.98 -22.38 40.00
N THR B 129 3.93 -21.74 39.46
CA THR B 129 2.65 -22.39 39.28
C THR B 129 2.82 -23.73 38.58
N GLN B 130 3.42 -23.72 37.39
CA GLN B 130 3.58 -24.98 36.68
C GLN B 130 4.27 -26.03 37.54
N GLN B 131 5.15 -25.59 38.46
CA GLN B 131 5.78 -26.55 39.37
C GLN B 131 4.75 -27.43 40.07
N SER B 132 3.56 -26.88 40.37
CA SER B 132 2.52 -27.65 41.04
C SER B 132 1.96 -28.73 40.11
N PHE B 133 1.69 -28.37 38.85
CA PHE B 133 1.33 -29.37 37.86
C PHE B 133 2.47 -30.34 37.58
N GLU B 134 3.67 -30.06 38.07
CA GLU B 134 4.77 -31.02 37.95
C GLU B 134 4.81 -32.01 39.10
N ALA B 135 4.45 -31.58 40.31
CA ALA B 135 4.30 -32.55 41.40
C ALA B 135 3.05 -33.41 41.19
N LEU B 136 1.89 -32.78 41.07
CA LEU B 136 0.63 -33.52 40.90
C LEU B 136 0.76 -34.54 39.78
N SER B 137 1.30 -34.12 38.63
CA SER B 137 1.56 -34.99 37.51
C SER B 137 2.93 -34.64 36.92
N GLU B 138 3.53 -35.60 36.24
CA GLU B 138 4.86 -35.43 35.68
C GLU B 138 4.83 -34.93 34.24
N ARG B 139 3.77 -35.25 33.49
CA ARG B 139 3.59 -34.81 32.11
C ARG B 139 2.70 -33.58 32.14
N ALA B 140 3.31 -32.41 31.98
CA ALA B 140 2.56 -31.17 31.88
C ALA B 140 3.23 -30.28 30.87
N VAL B 141 2.46 -29.83 29.89
CA VAL B 141 2.85 -28.77 28.99
C VAL B 141 2.08 -27.54 29.40
N ALA B 142 2.76 -26.39 29.47
CA ALA B 142 2.13 -25.11 29.70
C ALA B 142 2.09 -24.36 28.38
N VAL B 143 0.89 -24.17 27.84
CA VAL B 143 0.72 -23.62 26.50
C VAL B 143 0.29 -22.17 26.62
N VAL B 144 0.77 -21.37 25.68
CA VAL B 144 0.69 -19.91 25.78
C VAL B 144 0.14 -19.34 24.48
N VAL B 145 -0.88 -18.51 24.60
CA VAL B 145 -1.62 -17.89 23.52
C VAL B 145 -1.62 -16.39 23.73
N ASP B 146 -1.39 -15.63 22.67
CA ASP B 146 -1.40 -14.17 22.74
C ASP B 146 -2.53 -13.63 21.87
N PRO B 147 -3.75 -13.52 22.40
CA PRO B 147 -4.88 -13.14 21.57
C PRO B 147 -4.74 -11.77 20.94
N ILE B 148 -3.79 -10.96 21.38
CA ILE B 148 -3.61 -9.66 20.77
C ILE B 148 -2.69 -9.77 19.58
N GLN B 149 -1.43 -10.13 19.84
CA GLN B 149 -0.46 -10.22 18.76
C GLN B 149 -0.82 -11.31 17.76
N SER B 150 -1.44 -12.40 18.24
CA SER B 150 -1.76 -13.53 17.37
C SER B 150 -2.66 -13.14 16.21
N VAL B 151 -3.27 -11.94 16.27
CA VAL B 151 -4.29 -11.55 15.29
C VAL B 151 -3.75 -11.70 13.88
N LYS B 152 -4.50 -12.42 13.04
CA LYS B 152 -4.26 -12.51 11.62
C LYS B 152 -2.90 -13.13 11.35
N GLY B 153 -2.90 -14.34 10.81
CA GLY B 153 -1.65 -14.94 10.37
C GLY B 153 -1.35 -16.21 11.11
N LYS B 154 -0.18 -16.26 11.75
CA LYS B 154 0.29 -17.52 12.31
C LYS B 154 -0.47 -17.91 13.56
N VAL B 155 -0.86 -16.93 14.37
CA VAL B 155 -1.40 -17.19 15.69
C VAL B 155 -0.26 -17.53 16.61
N VAL B 156 0.35 -16.51 17.22
CA VAL B 156 1.41 -16.75 18.17
C VAL B 156 0.89 -17.71 19.23
N ILE B 157 1.53 -18.87 19.35
CA ILE B 157 1.17 -19.84 20.36
C ILE B 157 2.36 -20.77 20.54
N ASP B 158 2.97 -20.76 21.72
CA ASP B 158 4.11 -21.64 21.92
C ASP B 158 3.71 -22.73 22.90
N ALA B 159 4.69 -23.41 23.47
CA ALA B 159 4.45 -24.28 24.60
C ALA B 159 5.76 -24.39 25.37
N PHE B 160 5.65 -24.62 26.66
CA PHE B 160 6.81 -24.62 27.53
C PHE B 160 6.67 -25.72 28.57
N ARG B 161 7.81 -26.23 29.02
CA ARG B 161 7.88 -27.17 30.11
C ARG B 161 9.09 -26.78 30.94
N LEU B 162 8.88 -26.67 32.25
CA LEU B 162 9.96 -26.34 33.16
C LEU B 162 11.05 -27.40 33.08
N ILE B 163 12.27 -27.02 33.46
CA ILE B 163 13.38 -27.95 33.52
C ILE B 163 14.00 -27.88 34.91
N ASN B 164 14.41 -29.04 35.42
CA ASN B 164 14.99 -29.18 36.74
C ASN B 164 16.24 -28.30 36.88
N ALA B 165 16.09 -27.10 37.44
CA ALA B 165 17.22 -26.18 37.58
C ALA B 165 18.31 -26.76 38.49
N ASN B 166 17.90 -27.50 39.52
CA ASN B 166 18.86 -28.11 40.42
C ASN B 166 19.82 -29.02 39.67
N MET B 167 19.28 -29.99 38.93
CA MET B 167 20.14 -30.89 38.16
C MET B 167 21.05 -30.13 37.22
N MET B 168 20.60 -28.98 36.70
CA MET B 168 21.46 -28.15 35.86
C MET B 168 22.68 -27.66 36.62
N VAL B 169 22.46 -27.15 37.84
CA VAL B 169 23.59 -26.69 38.63
C VAL B 169 24.59 -27.83 38.86
N LEU B 170 24.10 -29.07 39.00
CA LEU B 170 24.94 -30.21 39.39
C LEU B 170 25.72 -30.84 38.22
N GLY B 171 25.75 -30.22 37.04
CA GLY B 171 26.50 -30.74 35.90
C GLY B 171 25.65 -31.24 34.76
N HIS B 172 24.35 -31.47 34.99
CA HIS B 172 23.40 -31.81 33.93
C HIS B 172 22.88 -30.59 33.22
N GLU B 173 23.56 -29.46 33.35
CA GLU B 173 23.22 -28.27 32.56
C GLU B 173 23.33 -28.52 31.05
N PRO B 174 24.35 -29.25 30.55
CA PRO B 174 24.34 -29.67 29.15
C PRO B 174 23.57 -30.96 28.93
N ARG B 175 22.77 -31.35 29.92
CA ARG B 175 22.02 -32.61 29.91
C ARG B 175 20.52 -32.38 30.06
N GLN B 176 20.05 -31.14 29.83
CA GLN B 176 18.62 -30.85 29.73
C GLN B 176 18.16 -30.79 28.28
N THR B 177 19.10 -30.94 27.36
CA THR B 177 18.82 -31.12 25.94
C THR B 177 18.09 -32.42 25.64
N THR B 178 16.76 -32.40 25.65
CA THR B 178 16.05 -33.44 24.94
C THR B 178 16.12 -33.15 23.44
N SER B 179 15.93 -34.18 22.62
CA SER B 179 16.09 -34.04 21.17
C SER B 179 14.80 -33.45 20.58
N ASN B 180 14.70 -32.11 20.64
CA ASN B 180 13.73 -31.34 19.87
C ASN B 180 14.38 -30.84 18.57
N LEU B 181 13.54 -30.42 17.61
CA LEU B 181 14.03 -29.95 16.31
C LEU B 181 14.63 -28.54 16.41
N GLY B 182 13.84 -27.51 16.12
CA GLY B 182 14.28 -26.15 16.36
C GLY B 182 13.79 -25.16 15.29
N HIS B 183 13.85 -23.87 15.66
CA HIS B 183 13.45 -22.78 14.77
C HIS B 183 13.73 -21.37 15.34
N LEU B 184 14.31 -21.28 16.54
CA LEU B 184 14.86 -20.05 17.10
C LEU B 184 13.82 -19.00 17.49
N ASN B 185 13.98 -18.44 18.70
CA ASN B 185 13.19 -17.29 19.16
C ASN B 185 14.14 -16.24 19.74
N LYS B 186 13.57 -15.06 20.06
CA LYS B 186 14.36 -13.91 20.50
C LYS B 186 13.65 -12.97 21.48
N PRO B 187 12.51 -12.38 21.12
CA PRO B 187 11.98 -11.28 21.96
C PRO B 187 11.73 -11.70 23.38
N SER B 188 11.51 -12.98 23.64
CA SER B 188 11.38 -13.52 24.98
C SER B 188 12.72 -13.94 25.56
N ILE B 189 13.83 -13.63 24.90
CA ILE B 189 15.14 -13.92 25.47
C ILE B 189 15.32 -13.24 26.83
N GLN B 190 14.44 -12.29 27.15
CA GLN B 190 14.27 -11.76 28.50
C GLN B 190 14.40 -12.86 29.56
N ALA B 191 13.38 -13.71 29.68
CA ALA B 191 13.37 -14.82 30.60
C ALA B 191 13.54 -16.17 29.91
N LEU B 192 13.89 -16.17 28.61
CA LEU B 192 14.18 -17.40 27.86
C LEU B 192 15.67 -17.73 27.81
N ILE B 193 16.54 -16.79 28.19
CA ILE B 193 17.98 -17.05 28.31
C ILE B 193 18.27 -17.84 29.59
N HIS B 194 17.47 -17.64 30.64
CA HIS B 194 17.37 -18.60 31.74
C HIS B 194 16.05 -19.33 31.71
N GLY B 195 15.22 -19.09 30.70
CA GLY B 195 14.08 -19.93 30.42
C GLY B 195 14.50 -21.10 29.56
N LEU B 196 14.63 -20.85 28.25
CA LEU B 196 15.11 -21.92 27.36
C LEU B 196 16.36 -22.57 27.93
N ASN B 197 17.19 -21.80 28.63
CA ASN B 197 18.48 -22.29 29.10
C ASN B 197 18.61 -22.20 30.61
N ARG B 198 17.50 -22.38 31.34
CA ARG B 198 17.62 -22.68 32.76
C ARG B 198 16.31 -23.15 33.39
N HIS B 199 15.18 -22.54 33.03
CA HIS B 199 13.93 -22.82 33.73
C HIS B 199 12.94 -23.69 32.97
N TYR B 200 12.87 -23.58 31.66
CA TYR B 200 11.94 -24.37 30.83
C TYR B 200 12.60 -24.60 29.47
N TYR B 201 11.81 -24.95 28.46
CA TYR B 201 12.31 -24.96 27.10
C TYR B 201 11.14 -24.79 26.13
N SER B 202 11.43 -24.93 24.84
CA SER B 202 10.43 -24.74 23.80
C SER B 202 9.99 -26.10 23.25
N ILE B 203 8.71 -26.40 23.42
CA ILE B 203 8.06 -27.45 22.68
C ILE B 203 7.60 -26.85 21.36
N THR B 204 7.35 -27.69 20.38
CA THR B 204 6.88 -27.23 19.08
C THR B 204 5.42 -27.59 18.87
N ILE B 205 4.71 -26.73 18.15
CA ILE B 205 3.27 -26.84 17.99
C ILE B 205 2.93 -27.37 16.60
N ASN B 206 1.86 -28.16 16.53
CA ASN B 206 1.34 -28.66 15.27
C ASN B 206 -0.14 -28.42 15.20
N TYR B 207 -0.80 -29.04 14.24
CA TYR B 207 -2.25 -29.03 14.15
C TYR B 207 -2.68 -30.33 13.50
N ARG B 208 -3.98 -30.60 13.53
CA ARG B 208 -4.56 -31.73 12.82
C ARG B 208 -5.79 -31.22 12.09
N LYS B 209 -5.64 -31.02 10.78
CA LYS B 209 -6.69 -30.46 9.96
C LYS B 209 -7.51 -31.61 9.41
N ASN B 210 -8.53 -32.03 10.17
CA ASN B 210 -9.51 -33.00 9.71
C ASN B 210 -10.12 -32.53 8.40
N GLU B 211 -10.76 -33.42 7.63
CA GLU B 211 -11.45 -33.01 6.41
C GLU B 211 -12.90 -32.63 6.66
N LEU B 212 -13.49 -33.14 7.74
CA LEU B 212 -14.86 -32.81 8.13
C LEU B 212 -14.95 -31.42 8.76
N GLU B 213 -14.03 -31.12 9.67
CA GLU B 213 -13.92 -29.76 10.18
C GLU B 213 -13.62 -28.77 9.05
N GLN B 214 -12.74 -29.16 8.13
CA GLN B 214 -12.37 -28.26 7.03
C GLN B 214 -13.55 -27.99 6.11
N LYS B 215 -14.32 -29.03 5.78
CA LYS B 215 -15.54 -28.80 5.00
C LYS B 215 -16.61 -28.08 5.78
N MET B 216 -16.51 -28.05 7.12
CA MET B 216 -17.45 -27.28 7.93
C MET B 216 -17.09 -25.79 7.94
N LEU B 217 -15.91 -25.43 8.45
CA LEU B 217 -15.51 -24.02 8.53
C LEU B 217 -15.57 -23.36 7.16
N LEU B 218 -15.16 -24.09 6.12
CA LEU B 218 -15.14 -23.58 4.75
C LEU B 218 -16.43 -22.82 4.42
N ASN B 219 -17.52 -23.13 5.12
CA ASN B 219 -18.79 -22.45 4.91
C ASN B 219 -18.74 -21.04 5.49
N LEU B 220 -19.07 -20.05 4.65
CA LEU B 220 -19.30 -18.69 5.14
C LEU B 220 -20.37 -17.93 4.35
N HIS B 221 -21.04 -18.52 3.34
CA HIS B 221 -22.08 -17.79 2.63
C HIS B 221 -23.19 -18.72 2.16
N LYS B 222 -24.43 -18.32 2.45
CA LYS B 222 -25.64 -18.99 1.97
C LYS B 222 -26.22 -18.08 0.92
N LYS B 223 -25.99 -18.43 -0.34
CA LYS B 223 -26.19 -17.50 -1.44
C LYS B 223 -27.47 -17.73 -2.21
N SER B 224 -28.23 -18.78 -1.90
CA SER B 224 -29.46 -19.11 -2.62
C SER B 224 -30.50 -18.01 -2.47
N TRP B 225 -30.16 -16.97 -1.73
CA TRP B 225 -30.92 -15.74 -1.75
C TRP B 225 -30.03 -14.52 -1.93
N MET B 226 -28.72 -14.72 -2.09
CA MET B 226 -27.79 -13.61 -2.25
C MET B 226 -27.71 -13.22 -3.73
N GLU B 227 -26.59 -12.63 -4.15
CA GLU B 227 -26.40 -12.17 -5.52
C GLU B 227 -26.96 -13.17 -6.53
N GLY B 228 -27.18 -12.71 -7.76
CA GLY B 228 -27.58 -13.59 -8.84
C GLY B 228 -29.02 -14.02 -8.74
N LEU B 229 -29.55 -13.95 -7.53
CA LEU B 229 -30.97 -13.95 -7.32
C LEU B 229 -31.42 -12.58 -6.84
N THR B 230 -30.56 -11.58 -7.01
CA THR B 230 -30.88 -10.20 -6.63
C THR B 230 -30.00 -9.27 -7.47
N LEU B 231 -29.93 -8.02 -7.05
CA LEU B 231 -29.22 -6.96 -7.76
C LEU B 231 -29.63 -5.63 -7.15
N GLN B 232 -28.69 -4.69 -6.98
CA GLN B 232 -29.00 -3.46 -6.28
C GLN B 232 -30.03 -2.63 -7.05
N ASP B 233 -30.53 -1.57 -6.40
CA ASP B 233 -31.61 -0.78 -6.97
C ASP B 233 -31.11 0.09 -8.11
N TYR B 234 -31.82 0.07 -9.23
CA TYR B 234 -31.32 0.74 -10.43
C TYR B 234 -31.39 2.25 -10.35
N SER B 235 -31.98 2.82 -9.30
CA SER B 235 -31.77 4.23 -9.03
C SER B 235 -30.71 4.47 -7.96
N GLU B 236 -30.46 3.47 -7.11
CA GLU B 236 -29.27 3.50 -6.27
C GLU B 236 -28.00 3.32 -7.08
N HIS B 237 -28.11 2.66 -8.24
CA HIS B 237 -26.96 2.30 -9.05
C HIS B 237 -26.57 3.37 -10.07
N CYS B 238 -27.48 4.26 -10.44
CA CYS B 238 -27.10 5.38 -11.28
C CYS B 238 -26.49 6.50 -10.46
N LYS B 239 -26.97 6.67 -9.21
CA LYS B 239 -26.39 7.67 -8.33
C LYS B 239 -24.95 7.32 -7.94
N HIS B 240 -24.56 6.06 -8.07
CA HIS B 240 -23.20 5.60 -7.82
C HIS B 240 -22.28 5.97 -9.00
N ASN B 241 -22.69 5.56 -10.20
CA ASN B 241 -21.94 5.91 -11.39
C ASN B 241 -21.75 7.43 -11.49
N GLU B 242 -22.84 8.19 -11.34
CA GLU B 242 -22.70 9.65 -11.37
C GLU B 242 -21.47 10.11 -10.60
N SER B 243 -21.47 9.81 -9.30
CA SER B 243 -20.41 10.30 -8.42
C SER B 243 -19.03 9.87 -8.95
N VAL B 244 -18.82 8.57 -9.16
CA VAL B 244 -17.49 8.14 -9.57
C VAL B 244 -17.06 8.86 -10.85
N VAL B 245 -17.82 8.68 -11.93
CA VAL B 245 -17.41 9.24 -13.20
C VAL B 245 -17.26 10.77 -13.17
N LYS B 246 -17.73 11.46 -12.12
CA LYS B 246 -17.33 12.86 -11.96
C LYS B 246 -15.95 12.97 -11.29
N GLU B 247 -15.73 12.15 -10.26
CA GLU B 247 -14.39 12.12 -9.66
C GLU B 247 -13.33 11.81 -10.71
N MET B 248 -13.67 11.00 -11.72
CA MET B 248 -12.76 10.76 -12.84
C MET B 248 -12.28 12.08 -13.42
N LEU B 249 -13.21 13.00 -13.67
CA LEU B 249 -12.84 14.29 -14.24
C LEU B 249 -11.86 15.02 -13.33
N GLU B 250 -12.23 15.18 -12.06
CA GLU B 250 -11.32 15.89 -11.15
C GLU B 250 -9.92 15.31 -11.21
N LEU B 251 -9.81 13.99 -11.09
CA LEU B 251 -8.48 13.37 -11.09
C LEU B 251 -7.78 13.55 -12.45
N ALA B 252 -8.52 13.40 -13.54
CA ALA B 252 -7.98 13.57 -14.88
C ALA B 252 -7.11 14.83 -14.98
N LYS B 253 -7.70 15.98 -14.65
CA LYS B 253 -6.96 17.23 -14.82
C LYS B 253 -5.59 17.15 -14.16
N ASN B 254 -5.58 16.87 -12.86
CA ASN B 254 -4.33 16.68 -12.14
C ASN B 254 -3.42 15.68 -12.84
N TYR B 255 -3.99 14.71 -13.57
CA TYR B 255 -3.16 13.73 -14.25
C TYR B 255 -2.37 14.36 -15.38
N ASN B 256 -3.00 15.23 -16.17
CA ASN B 256 -2.25 15.97 -17.16
C ASN B 256 -1.14 16.78 -16.50
N LYS B 257 -1.47 17.48 -15.40
CA LYS B 257 -0.47 18.29 -14.72
C LYS B 257 0.67 17.45 -14.14
N ALA B 258 0.44 16.16 -13.91
CA ALA B 258 1.53 15.29 -13.46
C ALA B 258 2.37 14.79 -14.63
N VAL B 259 1.75 14.56 -15.78
CA VAL B 259 2.51 14.10 -16.94
C VAL B 259 3.38 15.22 -17.51
N GLU B 260 3.05 16.48 -17.28
CA GLU B 260 4.02 17.50 -17.67
C GLU B 260 5.19 17.59 -16.69
N GLU B 261 4.93 17.35 -15.40
CA GLU B 261 5.99 17.43 -14.40
C GLU B 261 6.99 16.30 -14.57
N GLU B 262 6.52 15.05 -14.45
CA GLU B 262 7.43 13.92 -14.47
C GLU B 262 8.45 13.99 -15.60
N ASP B 263 8.04 14.56 -16.73
CA ASP B 263 8.92 14.66 -17.89
C ASP B 263 10.15 15.51 -17.57
N LYS B 264 9.98 16.57 -16.76
CA LYS B 264 11.02 17.56 -16.50
C LYS B 264 11.61 17.42 -15.11
N MET B 265 11.79 16.19 -14.63
CA MET B 265 12.35 15.96 -13.31
C MET B 265 12.99 14.58 -13.28
N THR B 266 13.92 14.41 -12.30
CA THR B 266 14.65 13.15 -12.11
C THR B 266 13.93 12.27 -11.08
N PRO B 267 14.03 10.94 -11.17
CA PRO B 267 13.18 10.07 -10.33
C PRO B 267 13.37 10.21 -8.82
N GLU B 268 14.37 10.96 -8.33
CA GLU B 268 14.49 11.17 -6.89
C GLU B 268 13.41 12.10 -6.36
N GLN B 269 13.00 13.08 -7.18
CA GLN B 269 12.00 14.07 -6.78
C GLN B 269 10.58 13.57 -7.03
N LEU B 270 10.40 12.68 -8.01
CA LEU B 270 9.14 11.97 -8.19
C LEU B 270 9.02 10.78 -7.24
N ALA B 271 10.16 10.31 -6.74
CA ALA B 271 10.18 9.28 -5.70
C ALA B 271 9.54 9.80 -4.41
N ILE B 272 10.15 10.85 -3.81
CA ILE B 272 9.70 11.40 -2.54
C ILE B 272 8.39 12.17 -2.68
N LYS B 273 7.81 12.17 -3.88
CA LYS B 273 6.51 12.80 -4.07
C LYS B 273 5.45 12.05 -3.30
N ASN B 274 5.26 12.41 -2.04
CA ASN B 274 4.19 11.87 -1.20
C ASN B 274 3.47 12.99 -0.46
N VAL B 275 3.00 13.96 -1.24
CA VAL B 275 2.14 15.04 -0.77
C VAL B 275 0.98 15.12 -1.75
N GLY B 276 -0.21 14.79 -1.28
CA GLY B 276 -1.36 14.76 -2.16
C GLY B 276 -1.24 13.64 -3.16
N LYS B 277 -1.43 12.39 -2.70
CA LYS B 277 -1.52 11.21 -3.56
C LYS B 277 -2.72 11.20 -4.39
N GLN B 278 -3.50 12.28 -4.38
CA GLN B 278 -4.70 12.31 -5.20
C GLN B 278 -4.38 12.46 -6.69
N ASP B 279 -3.18 12.91 -7.02
CA ASP B 279 -2.84 13.28 -8.40
C ASP B 279 -2.64 12.08 -9.33
N PRO B 280 -1.90 11.06 -8.91
CA PRO B 280 -1.33 10.12 -9.89
C PRO B 280 -2.28 9.05 -10.40
N LYS B 281 -1.72 8.10 -11.17
CA LYS B 281 -2.44 6.91 -11.62
C LYS B 281 -3.20 6.25 -10.48
N ARG B 282 -2.55 6.16 -9.31
CA ARG B 282 -3.02 5.26 -8.27
C ARG B 282 -4.52 5.40 -8.05
N HIS B 283 -5.06 6.61 -8.24
CA HIS B 283 -6.48 6.79 -8.00
C HIS B 283 -7.35 6.52 -9.23
N LEU B 284 -6.83 6.69 -10.45
CA LEU B 284 -7.61 6.24 -11.59
C LEU B 284 -7.72 4.72 -11.62
N GLU B 285 -6.70 4.00 -11.15
CA GLU B 285 -6.86 2.56 -11.03
C GLU B 285 -7.80 2.20 -9.88
N GLU B 286 -7.53 2.76 -8.70
CA GLU B 286 -8.40 2.59 -7.54
C GLU B 286 -9.86 2.73 -7.95
N HIS B 287 -10.16 3.70 -8.80
CA HIS B 287 -11.53 3.86 -9.26
C HIS B 287 -11.93 2.80 -10.27
N VAL B 288 -11.28 2.77 -11.43
CA VAL B 288 -11.78 1.94 -12.52
C VAL B 288 -12.06 0.52 -12.07
N ASP B 289 -11.33 0.01 -11.09
CA ASP B 289 -11.59 -1.40 -10.78
C ASP B 289 -12.84 -1.57 -9.92
N VAL B 290 -13.21 -0.56 -9.14
CA VAL B 290 -14.50 -0.59 -8.45
C VAL B 290 -15.63 -0.29 -9.42
N LEU B 291 -15.51 0.81 -10.15
CA LEU B 291 -16.48 1.18 -11.17
C LEU B 291 -16.80 -0.02 -12.04
N MET B 292 -15.76 -0.61 -12.63
CA MET B 292 -15.97 -1.60 -13.66
C MET B 292 -16.73 -2.80 -13.11
N THR B 293 -16.17 -3.16 -11.98
CA THR B 293 -16.58 -4.26 -11.41
C THR B 293 -17.98 -4.02 -11.31
N SER B 294 -18.21 -2.89 -10.83
CA SER B 294 -19.50 -2.85 -10.68
C SER B 294 -20.18 -2.97 -11.73
N ASN B 295 -19.74 -2.54 -12.79
CA ASN B 295 -20.77 -2.45 -13.42
C ASN B 295 -21.03 -3.52 -14.26
N ILE B 296 -20.03 -4.35 -14.45
CA ILE B 296 -20.10 -5.32 -15.42
C ILE B 296 -20.94 -6.20 -14.78
N VAL B 297 -20.57 -6.42 -13.60
CA VAL B 297 -21.46 -7.36 -13.22
C VAL B 297 -22.67 -6.80 -12.99
N GLN B 298 -22.65 -5.58 -12.81
CA GLN B 298 -23.77 -4.97 -12.59
C GLN B 298 -24.53 -5.55 -13.74
N CYS B 299 -23.97 -5.42 -14.88
CA CYS B 299 -24.23 -5.89 -16.10
C CYS B 299 -24.90 -7.24 -16.29
N LEU B 300 -24.24 -8.43 -16.04
CA LEU B 300 -24.64 -9.73 -16.26
C LEU B 300 -25.88 -10.12 -15.46
N ALA B 301 -25.99 -9.62 -14.19
CA ALA B 301 -27.04 -9.90 -13.21
C ALA B 301 -28.38 -9.72 -13.85
N ALA B 302 -28.60 -8.57 -14.53
CA ALA B 302 -29.82 -8.24 -15.23
C ALA B 302 -30.15 -9.23 -16.29
N MET B 303 -29.20 -9.51 -17.17
CA MET B 303 -29.31 -10.52 -18.28
C MET B 303 -29.61 -11.91 -17.79
N LEU B 304 -28.87 -12.39 -16.75
CA LEU B 304 -29.01 -13.72 -16.28
C LEU B 304 -30.42 -14.04 -15.80
N ASP B 305 -30.99 -13.13 -14.92
CA ASP B 305 -32.33 -13.22 -14.43
C ASP B 305 -33.37 -13.23 -15.54
N THR B 306 -33.07 -12.62 -16.69
CA THR B 306 -34.05 -12.54 -17.82
C THR B 306 -34.41 -13.86 -18.44
N VAL B 307 -33.60 -14.90 -18.21
CA VAL B 307 -33.64 -16.23 -18.79
C VAL B 307 -33.97 -17.19 -17.67
N VAL B 308 -33.29 -17.06 -16.53
CA VAL B 308 -33.49 -17.84 -15.32
C VAL B 308 -34.90 -17.81 -14.76
N PHE B 309 -35.56 -16.60 -14.73
CA PHE B 309 -36.94 -16.47 -14.25
C PHE B 309 -37.72 -16.16 -15.38
N LYS B 310 -37.30 -16.50 -16.61
CA LYS B 310 -38.04 -16.12 -17.84
C LYS B 310 -39.58 -16.34 -17.74
N GLY C 79 4.58 -37.53 -87.85
CA GLY C 79 3.60 -36.61 -88.38
C GLY C 79 4.16 -35.21 -88.62
N PRO C 80 4.77 -34.99 -89.81
CA PRO C 80 5.34 -33.67 -90.12
C PRO C 80 4.35 -32.52 -89.91
N ALA C 81 4.84 -31.29 -90.05
CA ALA C 81 3.98 -30.11 -89.94
C ALA C 81 3.10 -29.90 -91.16
N ALA C 82 3.33 -30.67 -92.23
CA ALA C 82 2.47 -30.61 -93.42
C ALA C 82 1.30 -31.57 -93.35
N THR C 83 1.41 -32.65 -92.56
CA THR C 83 0.26 -33.48 -92.26
C THR C 83 -0.59 -32.86 -91.16
N SER C 84 0.06 -32.24 -90.17
CA SER C 84 -0.64 -31.34 -89.26
C SER C 84 -1.36 -30.25 -90.06
N GLY C 85 -0.66 -29.61 -90.99
CA GLY C 85 -1.33 -28.70 -91.91
C GLY C 85 -2.47 -29.36 -92.65
N ALA C 86 -2.29 -30.63 -93.01
CA ALA C 86 -3.32 -31.41 -93.70
C ALA C 86 -4.52 -31.71 -92.80
N VAL C 87 -4.39 -31.52 -91.49
CA VAL C 87 -5.56 -31.52 -90.62
C VAL C 87 -6.15 -30.12 -90.49
N LEU C 88 -5.32 -29.07 -90.53
CA LEU C 88 -5.85 -27.70 -90.51
C LEU C 88 -6.79 -27.46 -91.69
N GLN C 89 -6.40 -27.89 -92.88
CA GLN C 89 -7.27 -27.72 -94.04
C GLN C 89 -8.53 -28.60 -93.92
N ALA C 90 -8.40 -29.76 -93.28
CA ALA C 90 -9.55 -30.60 -92.95
C ALA C 90 -10.46 -29.93 -91.93
N ALA C 91 -9.98 -28.89 -91.24
CA ALA C 91 -10.87 -28.04 -90.46
C ALA C 91 -11.36 -26.82 -91.22
N THR C 92 -10.67 -26.42 -92.31
CA THR C 92 -11.22 -25.38 -93.17
C THR C 92 -12.42 -25.90 -93.96
N GLY C 93 -12.44 -27.20 -94.28
CA GLY C 93 -13.63 -27.77 -94.88
C GLY C 93 -14.80 -27.97 -93.94
N MET C 94 -14.63 -27.69 -92.64
CA MET C 94 -15.71 -27.81 -91.66
C MET C 94 -16.07 -26.52 -90.95
N TYR C 95 -15.17 -25.52 -90.93
CA TYR C 95 -15.51 -24.21 -90.36
C TYR C 95 -15.71 -23.14 -91.42
N GLU C 96 -15.76 -23.53 -92.70
CA GLU C 96 -16.46 -22.74 -93.70
C GLU C 96 -17.85 -23.29 -93.99
N GLN C 97 -18.08 -24.58 -93.71
CA GLN C 97 -19.43 -25.14 -93.72
C GLN C 97 -20.22 -24.76 -92.49
N LEU C 98 -19.55 -24.41 -91.39
CA LEU C 98 -20.27 -23.86 -90.25
C LEU C 98 -20.70 -22.42 -90.51
N LYS C 99 -19.99 -21.71 -91.39
CA LYS C 99 -20.33 -20.34 -91.77
C LYS C 99 -21.24 -20.29 -93.00
N GLY C 100 -21.38 -21.40 -93.73
CA GLY C 100 -22.32 -21.48 -94.82
C GLY C 100 -23.62 -22.11 -94.38
N GLU C 101 -23.56 -22.93 -93.32
CA GLU C 101 -24.75 -23.43 -92.65
C GLU C 101 -25.20 -22.51 -91.51
N TRP C 102 -24.45 -21.45 -91.24
CA TRP C 102 -24.96 -20.35 -90.43
C TRP C 102 -25.86 -19.44 -91.26
N ASN C 103 -25.51 -19.22 -92.53
CA ASN C 103 -26.37 -18.47 -93.44
C ASN C 103 -27.67 -19.22 -93.70
N ARG C 104 -27.57 -20.48 -94.12
CA ARG C 104 -28.74 -21.30 -94.40
C ARG C 104 -29.40 -21.84 -93.12
N LYS C 105 -28.68 -21.89 -92.01
CA LYS C 105 -29.22 -22.32 -90.72
C LYS C 105 -29.82 -23.72 -90.81
N SER C 106 -28.97 -24.66 -91.18
CA SER C 106 -29.39 -26.04 -91.44
C SER C 106 -29.26 -26.88 -90.18
N PRO C 107 -29.74 -28.13 -90.21
CA PRO C 107 -29.31 -29.11 -89.20
C PRO C 107 -27.94 -29.71 -89.48
N ASN C 108 -27.35 -29.43 -90.65
CA ASN C 108 -25.95 -29.69 -90.91
C ASN C 108 -25.04 -28.62 -90.30
N LEU C 109 -25.63 -27.54 -89.79
CA LEU C 109 -24.91 -26.64 -88.90
C LEU C 109 -24.53 -27.33 -87.59
N SER C 110 -25.27 -28.40 -87.23
CA SER C 110 -24.96 -29.18 -86.03
C SER C 110 -23.87 -30.23 -86.30
N LYS C 111 -23.77 -30.71 -87.54
CA LYS C 111 -22.84 -31.79 -87.84
C LYS C 111 -21.43 -31.30 -88.16
N CYS C 112 -21.27 -30.05 -88.59
CA CYS C 112 -19.94 -29.46 -88.76
C CYS C 112 -19.36 -28.98 -87.44
N GLY C 113 -20.07 -29.15 -86.32
CA GLY C 113 -19.58 -28.81 -85.00
C GLY C 113 -19.42 -30.04 -84.12
N GLU C 114 -20.09 -31.13 -84.51
CA GLU C 114 -19.83 -32.44 -83.93
C GLU C 114 -18.53 -33.04 -84.45
N GLU C 115 -18.01 -32.52 -85.57
CA GLU C 115 -16.74 -32.95 -86.13
C GLU C 115 -15.63 -31.93 -85.93
N LEU C 116 -15.94 -30.73 -85.44
CA LEU C 116 -14.94 -29.84 -84.86
C LEU C 116 -14.78 -30.06 -83.36
N GLY C 117 -15.67 -30.85 -82.74
CA GLY C 117 -15.42 -31.47 -81.46
C GLY C 117 -14.67 -32.78 -81.55
N ARG C 118 -14.51 -33.30 -82.77
CA ARG C 118 -13.66 -34.46 -83.06
C ARG C 118 -12.28 -34.05 -83.56
N LEU C 119 -12.19 -33.02 -84.40
CA LEU C 119 -10.90 -32.51 -84.85
C LEU C 119 -10.15 -31.80 -83.72
N LYS C 120 -10.85 -31.46 -82.63
CA LYS C 120 -10.15 -31.15 -81.39
C LYS C 120 -9.25 -32.30 -80.98
N LEU C 121 -9.84 -33.49 -80.83
CA LEU C 121 -9.14 -34.67 -80.34
C LEU C 121 -8.09 -35.16 -81.35
N VAL C 122 -8.04 -34.51 -82.51
CA VAL C 122 -6.96 -34.73 -83.46
C VAL C 122 -5.89 -33.64 -83.36
N LEU C 123 -6.23 -32.47 -82.84
CA LEU C 123 -5.26 -31.38 -82.71
C LEU C 123 -4.33 -31.58 -81.52
N LEU C 124 -4.89 -31.96 -80.36
CA LEU C 124 -4.07 -32.15 -79.17
C LEU C 124 -3.04 -33.27 -79.36
N GLU C 125 -3.23 -34.13 -80.36
CA GLU C 125 -2.26 -35.18 -80.66
C GLU C 125 -1.17 -34.69 -81.61
N LEU C 126 -1.41 -33.60 -82.34
CA LEU C 126 -0.36 -32.91 -83.07
C LEU C 126 0.43 -31.95 -82.17
N ASN C 127 0.22 -32.04 -80.86
CA ASN C 127 1.05 -31.35 -79.87
C ASN C 127 0.87 -29.83 -79.96
N PHE C 128 -0.36 -29.37 -79.77
CA PHE C 128 -0.71 -27.95 -79.83
C PHE C 128 -1.39 -27.50 -78.54
N LEU C 129 -0.92 -27.99 -77.40
CA LEU C 129 -1.40 -27.48 -76.13
C LEU C 129 -0.79 -26.09 -75.88
N PRO C 130 -1.41 -25.29 -75.00
CA PRO C 130 -0.95 -23.89 -74.82
C PRO C 130 0.54 -23.68 -74.95
N THR C 131 0.92 -22.55 -75.53
CA THR C 131 2.30 -22.32 -75.94
C THR C 131 3.21 -22.12 -74.72
N THR C 132 4.40 -22.72 -74.79
CA THR C 132 5.47 -22.51 -73.83
C THR C 132 6.81 -22.29 -74.56
N GLY C 133 6.74 -21.59 -75.70
CA GLY C 133 7.89 -21.33 -76.55
C GLY C 133 7.61 -21.76 -77.97
N THR C 134 8.67 -21.84 -78.77
CA THR C 134 8.59 -22.43 -80.12
C THR C 134 7.71 -21.59 -81.05
N LYS C 135 8.33 -20.92 -82.04
CA LYS C 135 7.57 -20.06 -82.94
C LYS C 135 6.80 -20.85 -84.00
N LEU C 136 7.33 -22.01 -84.43
CA LEU C 136 6.64 -22.82 -85.42
C LEU C 136 5.30 -23.29 -84.89
N THR C 137 5.25 -23.76 -83.63
CA THR C 137 3.97 -24.07 -83.01
C THR C 137 3.13 -22.83 -82.79
N LYS C 138 3.77 -21.66 -82.64
CA LYS C 138 3.03 -20.42 -82.42
C LYS C 138 2.17 -20.08 -83.64
N GLN C 139 2.76 -20.10 -84.83
CA GLN C 139 1.93 -19.86 -86.02
C GLN C 139 1.05 -21.04 -86.37
N GLN C 140 1.22 -22.17 -85.69
CA GLN C 140 0.28 -23.29 -85.74
C GLN C 140 -0.80 -23.17 -84.67
N LEU C 141 -0.68 -22.21 -83.75
CA LEU C 141 -1.70 -21.98 -82.74
C LEU C 141 -2.62 -20.81 -83.09
N ILE C 142 -2.23 -19.95 -84.01
CA ILE C 142 -3.18 -19.02 -84.59
C ILE C 142 -4.16 -19.78 -85.49
N LEU C 143 -3.73 -20.92 -86.03
CA LEU C 143 -4.56 -21.74 -86.90
C LEU C 143 -5.36 -22.80 -86.15
N ALA C 144 -4.97 -23.14 -84.91
CA ALA C 144 -5.76 -23.99 -84.04
C ALA C 144 -6.64 -23.20 -83.07
N ARG C 145 -6.38 -21.89 -82.90
CA ARG C 145 -7.24 -21.04 -82.09
C ARG C 145 -8.61 -20.84 -82.76
N ASP C 146 -8.60 -20.54 -84.06
CA ASP C 146 -9.83 -20.37 -84.82
C ASP C 146 -10.78 -21.54 -84.58
N ILE C 147 -10.24 -22.77 -84.66
CA ILE C 147 -11.00 -24.00 -84.57
C ILE C 147 -11.73 -24.11 -83.23
N LEU C 148 -11.41 -23.25 -82.27
CA LEU C 148 -12.16 -23.15 -81.04
C LEU C 148 -13.03 -21.91 -80.99
N GLU C 149 -12.69 -20.84 -81.71
CA GLU C 149 -13.62 -19.72 -81.82
C GLU C 149 -14.91 -20.18 -82.49
N ILE C 150 -14.82 -20.49 -83.79
CA ILE C 150 -16.00 -20.80 -84.57
C ILE C 150 -16.70 -22.08 -84.09
N GLY C 151 -16.03 -22.85 -83.24
CA GLY C 151 -16.66 -24.00 -82.61
C GLY C 151 -17.36 -23.61 -81.32
N ALA C 152 -16.81 -22.62 -80.62
CA ALA C 152 -17.42 -22.12 -79.40
C ALA C 152 -18.72 -21.38 -79.71
N GLN C 153 -18.72 -20.60 -80.80
CA GLN C 153 -19.94 -19.89 -81.18
C GLN C 153 -21.11 -20.86 -81.37
N TRP C 154 -20.88 -21.98 -82.05
CA TRP C 154 -21.92 -23.01 -82.12
C TRP C 154 -22.08 -23.76 -80.80
N SER C 155 -21.05 -23.76 -79.94
CA SER C 155 -21.22 -24.35 -78.62
C SER C 155 -22.27 -23.60 -77.81
N ILE C 156 -22.44 -22.31 -78.08
CA ILE C 156 -23.48 -21.54 -77.39
C ILE C 156 -24.86 -21.95 -77.89
N LEU C 157 -25.09 -21.85 -79.19
CA LEU C 157 -26.41 -22.13 -79.76
C LEU C 157 -26.76 -23.61 -79.64
N ARG C 158 -25.76 -24.46 -79.46
CA ARG C 158 -25.98 -25.87 -79.13
C ARG C 158 -26.47 -26.02 -77.70
N LYS C 159 -26.08 -25.10 -76.82
CA LYS C 159 -26.63 -24.95 -75.47
C LYS C 159 -26.04 -25.95 -74.49
N ASP C 160 -26.44 -25.82 -73.22
CA ASP C 160 -25.94 -26.60 -72.08
C ASP C 160 -24.81 -25.84 -71.40
N ILE C 161 -24.86 -25.77 -70.06
CA ILE C 161 -23.97 -24.93 -69.28
C ILE C 161 -22.51 -25.36 -69.49
N PRO C 162 -22.13 -26.58 -69.09
CA PRO C 162 -20.71 -26.96 -69.20
C PRO C 162 -20.19 -26.93 -70.64
N SER C 163 -21.08 -27.01 -71.63
CA SER C 163 -20.68 -27.01 -73.03
C SER C 163 -19.92 -25.74 -73.36
N PHE C 164 -20.65 -24.64 -73.60
CA PHE C 164 -19.97 -23.37 -73.86
C PHE C 164 -19.15 -22.91 -72.69
N GLU C 165 -19.26 -23.53 -71.51
CA GLU C 165 -18.33 -23.17 -70.45
C GLU C 165 -16.91 -23.64 -70.77
N ARG C 166 -16.70 -24.96 -70.84
CA ARG C 166 -15.33 -25.48 -70.89
C ARG C 166 -14.53 -24.98 -72.10
N TYR C 167 -15.17 -24.23 -73.02
CA TYR C 167 -14.45 -23.60 -74.13
C TYR C 167 -13.83 -22.27 -73.71
N MET C 168 -14.63 -21.44 -73.04
CA MET C 168 -14.23 -20.09 -72.68
C MET C 168 -12.87 -20.11 -71.99
N ALA C 169 -12.60 -21.14 -71.19
CA ALA C 169 -11.29 -21.35 -70.58
C ALA C 169 -10.19 -21.26 -71.62
N GLN C 170 -10.09 -22.32 -72.43
CA GLN C 170 -9.17 -22.38 -73.55
C GLN C 170 -8.96 -20.99 -74.13
N LEU C 171 -10.06 -20.30 -74.46
CA LEU C 171 -9.90 -19.08 -75.25
C LEU C 171 -9.26 -17.95 -74.46
N LYS C 172 -9.76 -17.66 -73.25
CA LYS C 172 -9.12 -16.60 -72.47
C LYS C 172 -7.66 -16.92 -72.23
N CYS C 173 -7.29 -18.21 -72.23
CA CYS C 173 -5.87 -18.55 -72.20
C CYS C 173 -5.19 -18.15 -73.51
N TYR C 174 -5.81 -18.44 -74.66
CA TYR C 174 -5.28 -18.04 -75.95
C TYR C 174 -5.58 -16.59 -76.32
N TYR C 175 -5.99 -15.76 -75.36
CA TYR C 175 -6.04 -14.31 -75.55
C TYR C 175 -4.98 -13.58 -74.76
N PHE C 176 -4.14 -14.32 -74.02
CA PHE C 176 -2.84 -13.83 -73.59
C PHE C 176 -1.70 -14.34 -74.47
N ASP C 177 -1.84 -15.56 -75.02
CA ASP C 177 -0.95 -16.00 -76.09
C ASP C 177 -1.06 -15.11 -77.31
N TYR C 178 -2.24 -14.51 -77.53
CA TYR C 178 -2.44 -13.65 -78.68
C TYR C 178 -1.79 -12.28 -78.51
N LYS C 179 -1.54 -11.87 -77.27
CA LYS C 179 -0.72 -10.69 -77.01
C LYS C 179 0.77 -11.02 -77.06
N GLU C 180 1.14 -12.21 -76.55
CA GLU C 180 2.52 -12.66 -76.49
C GLU C 180 3.28 -12.33 -77.78
N GLN C 181 3.25 -13.25 -78.75
CA GLN C 181 4.00 -13.09 -79.99
C GLN C 181 3.10 -13.14 -81.22
N LEU C 182 1.79 -13.14 -81.04
CA LEU C 182 0.83 -13.25 -82.12
C LEU C 182 0.09 -11.93 -82.32
N PRO C 183 -0.60 -11.77 -83.44
CA PRO C 183 -1.42 -10.57 -83.67
C PRO C 183 -2.78 -10.73 -82.98
N GLU C 184 -3.56 -9.65 -83.03
CA GLU C 184 -4.90 -9.63 -82.49
C GLU C 184 -5.92 -9.57 -83.62
N SER C 185 -7.16 -9.92 -83.29
CA SER C 185 -8.26 -9.86 -84.23
C SER C 185 -9.41 -9.09 -83.60
N ALA C 186 -10.36 -8.68 -84.44
CA ALA C 186 -11.59 -8.07 -83.95
C ALA C 186 -12.58 -9.09 -83.40
N TYR C 187 -12.26 -10.38 -83.51
CA TYR C 187 -13.09 -11.45 -83.00
C TYR C 187 -12.65 -11.94 -81.63
N MET C 188 -11.69 -11.26 -80.99
CA MET C 188 -11.16 -11.67 -79.70
C MET C 188 -11.85 -10.98 -78.53
N HIS C 189 -12.13 -9.67 -78.64
CA HIS C 189 -12.74 -8.93 -77.55
C HIS C 189 -14.26 -8.98 -77.59
N GLN C 190 -14.87 -9.64 -78.57
CA GLN C 190 -16.31 -9.82 -78.60
C GLN C 190 -16.76 -11.21 -78.14
N LEU C 191 -15.90 -12.23 -78.25
CA LEU C 191 -16.19 -13.50 -77.59
C LEU C 191 -16.01 -13.38 -76.08
N LEU C 192 -14.99 -12.61 -75.65
CA LEU C 192 -14.81 -12.34 -74.23
C LEU C 192 -16.02 -11.65 -73.64
N GLY C 193 -16.64 -10.72 -74.37
CA GLY C 193 -17.85 -10.09 -73.88
C GLY C 193 -18.91 -11.10 -73.49
N LEU C 194 -19.12 -12.11 -74.34
CA LEU C 194 -19.99 -13.21 -73.97
C LEU C 194 -19.48 -13.89 -72.71
N ASN C 195 -18.15 -13.99 -72.55
CA ASN C 195 -17.63 -14.55 -71.30
C ASN C 195 -18.08 -13.73 -70.10
N LEU C 196 -18.37 -12.44 -70.28
CA LEU C 196 -18.94 -11.66 -69.18
C LEU C 196 -20.42 -11.98 -68.97
N LEU C 197 -21.22 -11.86 -70.03
CA LEU C 197 -22.66 -12.11 -69.88
C LEU C 197 -22.92 -13.46 -69.23
N PHE C 198 -22.11 -14.47 -69.57
CA PHE C 198 -22.26 -15.79 -68.98
C PHE C 198 -22.11 -15.73 -67.46
N LEU C 199 -21.28 -14.82 -66.95
CA LEU C 199 -21.11 -14.69 -65.52
C LEU C 199 -22.21 -13.86 -64.89
N LEU C 200 -22.96 -13.09 -65.67
CA LEU C 200 -24.15 -12.46 -65.11
C LEU C 200 -25.27 -13.48 -64.90
N SER C 201 -25.61 -14.25 -65.94
CA SER C 201 -26.74 -15.17 -65.73
C SER C 201 -26.41 -16.31 -64.75
N GLN C 202 -25.15 -16.44 -64.35
CA GLN C 202 -24.75 -17.35 -63.28
C GLN C 202 -24.72 -16.68 -61.91
N ASN C 203 -25.05 -15.39 -61.86
CA ASN C 203 -25.11 -14.63 -60.61
C ASN C 203 -23.86 -14.86 -59.77
N ARG C 204 -22.73 -14.48 -60.35
CA ARG C 204 -21.43 -14.51 -59.68
C ARG C 204 -20.71 -13.19 -59.89
N VAL C 205 -21.38 -12.09 -59.56
CA VAL C 205 -20.87 -10.75 -59.85
C VAL C 205 -19.49 -10.51 -59.26
N ALA C 206 -19.04 -11.35 -58.33
CA ALA C 206 -17.68 -11.25 -57.82
C ALA C 206 -16.65 -11.53 -58.92
N GLU C 207 -16.97 -12.42 -59.84
CA GLU C 207 -16.04 -12.74 -60.92
C GLU C 207 -16.14 -11.74 -62.06
N PHE C 208 -17.34 -11.21 -62.32
CA PHE C 208 -17.51 -10.24 -63.39
C PHE C 208 -16.52 -9.10 -63.28
N HIS C 209 -16.24 -8.65 -62.04
CA HIS C 209 -15.38 -7.49 -61.86
C HIS C 209 -13.91 -7.84 -62.05
N THR C 210 -13.44 -8.93 -61.43
CA THR C 210 -12.10 -9.42 -61.71
C THR C 210 -11.88 -9.53 -63.21
N GLU C 211 -12.81 -10.17 -63.92
CA GLU C 211 -12.69 -10.30 -65.37
C GLU C 211 -12.67 -8.93 -66.04
N LEU C 212 -13.56 -8.04 -65.61
CA LEU C 212 -13.59 -6.71 -66.21
C LEU C 212 -12.24 -6.04 -66.11
N GLU C 213 -11.44 -6.39 -65.10
CA GLU C 213 -10.13 -5.77 -64.94
C GLU C 213 -9.02 -6.44 -65.76
N ARG C 214 -9.32 -7.49 -66.52
CA ARG C 214 -8.28 -8.08 -67.35
C ARG C 214 -8.09 -7.28 -68.62
N LEU C 215 -9.17 -6.75 -69.19
CA LEU C 215 -9.08 -5.89 -70.36
C LEU C 215 -8.81 -4.47 -69.93
N PRO C 216 -7.79 -3.78 -70.47
CA PRO C 216 -7.47 -2.43 -69.99
C PRO C 216 -8.66 -1.49 -69.94
N ALA C 217 -8.58 -0.48 -69.06
CA ALA C 217 -9.73 0.37 -68.79
C ALA C 217 -10.16 1.15 -70.03
N LYS C 218 -9.21 1.72 -70.77
CA LYS C 218 -9.55 2.55 -71.92
C LYS C 218 -10.31 1.78 -72.98
N ASP C 219 -10.39 0.45 -72.87
CA ASP C 219 -11.07 -0.36 -73.87
C ASP C 219 -12.56 -0.54 -73.60
N ILE C 220 -13.02 -0.38 -72.34
CA ILE C 220 -14.45 -0.49 -72.05
C ILE C 220 -15.20 0.80 -72.32
N GLN C 221 -14.51 1.84 -72.78
CA GLN C 221 -15.16 3.09 -73.19
C GLN C 221 -15.20 3.26 -74.70
N THR C 222 -14.42 2.46 -75.45
CA THR C 222 -14.26 2.62 -76.88
C THR C 222 -14.82 1.44 -77.66
N ASN C 223 -14.56 0.20 -77.21
CA ASN C 223 -15.30 -0.96 -77.70
C ASN C 223 -16.69 -0.91 -77.11
N VAL C 224 -17.66 -0.45 -77.90
CA VAL C 224 -19.03 -0.34 -77.41
C VAL C 224 -19.77 -1.64 -77.68
N TYR C 225 -19.02 -2.72 -77.84
CA TYR C 225 -19.56 -4.07 -77.70
C TYR C 225 -19.49 -4.56 -76.26
N ILE C 226 -18.43 -4.18 -75.53
CA ILE C 226 -18.24 -4.58 -74.13
C ILE C 226 -19.05 -3.68 -73.18
N LYS C 227 -19.36 -2.47 -73.62
CA LYS C 227 -19.99 -1.46 -72.79
C LYS C 227 -21.36 -1.92 -72.28
N HIS C 228 -22.04 -2.81 -73.00
CA HIS C 228 -23.40 -3.22 -72.66
C HIS C 228 -23.40 -4.31 -71.60
N PRO C 229 -22.55 -5.32 -71.70
CA PRO C 229 -22.32 -6.17 -70.53
C PRO C 229 -21.96 -5.36 -69.29
N VAL C 230 -21.08 -4.36 -69.43
CA VAL C 230 -20.69 -3.59 -68.25
C VAL C 230 -21.91 -2.89 -67.64
N SER C 231 -22.55 -2.00 -68.39
CA SER C 231 -23.66 -1.25 -67.79
C SER C 231 -24.83 -2.15 -67.43
N LEU C 232 -24.92 -3.35 -68.04
CA LEU C 232 -25.90 -4.35 -67.60
C LEU C 232 -25.59 -4.83 -66.19
N GLU C 233 -24.30 -4.96 -65.86
CA GLU C 233 -23.96 -5.27 -64.47
C GLU C 233 -24.19 -4.07 -63.56
N GLN C 234 -23.96 -2.85 -64.04
CA GLN C 234 -24.27 -1.67 -63.24
C GLN C 234 -25.74 -1.68 -62.81
N TYR C 235 -26.65 -1.83 -63.78
CA TYR C 235 -28.05 -1.91 -63.41
C TYR C 235 -28.36 -3.15 -62.58
N LEU C 236 -27.68 -4.26 -62.86
CA LEU C 236 -27.99 -5.51 -62.16
C LEU C 236 -27.69 -5.41 -60.66
N MET C 237 -26.49 -4.92 -60.31
CA MET C 237 -26.07 -4.96 -58.91
C MET C 237 -26.90 -4.01 -58.06
N GLU C 238 -27.04 -2.76 -58.49
CA GLU C 238 -27.94 -1.81 -57.85
C GLU C 238 -29.24 -1.85 -58.64
N GLY C 239 -30.26 -2.51 -58.08
CA GLY C 239 -31.53 -2.73 -58.74
C GLY C 239 -32.10 -1.51 -59.43
N SER C 240 -31.93 -1.45 -60.75
CA SER C 240 -32.52 -0.44 -61.60
C SER C 240 -33.11 -1.14 -62.81
N TYR C 241 -34.33 -0.80 -63.18
CA TYR C 241 -35.06 -1.53 -64.21
C TYR C 241 -35.53 -0.57 -65.29
N ASN C 242 -35.65 -1.11 -66.49
CA ASN C 242 -35.19 -0.48 -67.71
C ASN C 242 -34.01 -1.33 -68.19
N LYS C 243 -33.66 -2.35 -67.38
CA LYS C 243 -32.70 -3.37 -67.76
C LYS C 243 -33.33 -4.49 -68.58
N VAL C 244 -34.65 -4.71 -68.45
CA VAL C 244 -35.36 -5.60 -69.36
C VAL C 244 -35.54 -4.93 -70.72
N PHE C 245 -35.66 -3.59 -70.73
CA PHE C 245 -35.80 -2.87 -71.99
C PHE C 245 -34.48 -2.85 -72.77
N LEU C 246 -33.35 -2.76 -72.08
CA LEU C 246 -32.03 -2.72 -72.70
C LEU C 246 -31.50 -4.11 -73.05
N ALA C 247 -32.27 -5.17 -72.81
CA ALA C 247 -31.86 -6.52 -73.20
C ALA C 247 -32.24 -6.85 -74.63
N LYS C 248 -33.06 -6.03 -75.28
CA LYS C 248 -33.30 -6.09 -76.71
C LYS C 248 -32.69 -4.93 -77.46
N GLY C 249 -32.19 -3.91 -76.75
CA GLY C 249 -31.48 -2.80 -77.35
C GLY C 249 -29.99 -2.97 -77.46
N ASN C 250 -29.44 -4.00 -76.79
CA ASN C 250 -28.04 -4.37 -76.96
C ASN C 250 -27.89 -5.25 -78.18
N ILE C 251 -28.42 -4.79 -79.31
CA ILE C 251 -28.43 -5.55 -80.56
C ILE C 251 -27.15 -5.33 -81.38
N PRO C 252 -26.34 -4.29 -81.14
CA PRO C 252 -25.12 -4.13 -81.96
C PRO C 252 -24.31 -5.41 -82.15
N ALA C 253 -24.31 -6.30 -81.18
CA ALA C 253 -23.76 -7.64 -81.34
C ALA C 253 -24.89 -8.64 -81.08
N GLU C 254 -25.29 -9.36 -82.13
CA GLU C 254 -26.49 -10.21 -82.07
C GLU C 254 -26.33 -11.35 -81.05
N SER C 255 -25.10 -11.85 -80.90
CA SER C 255 -24.85 -12.93 -79.96
C SER C 255 -25.18 -12.53 -78.53
N TYR C 256 -25.15 -11.22 -78.22
CA TYR C 256 -25.62 -10.77 -76.92
C TYR C 256 -27.10 -11.08 -76.74
N THR C 257 -27.92 -10.67 -77.71
CA THR C 257 -29.37 -10.85 -77.59
C THR C 257 -29.78 -12.32 -77.61
N PHE C 258 -28.93 -13.21 -78.15
CA PHE C 258 -29.29 -14.64 -78.06
C PHE C 258 -29.18 -15.16 -76.63
N PHE C 259 -28.11 -14.82 -75.93
CA PHE C 259 -27.81 -15.39 -74.62
C PHE C 259 -28.49 -14.64 -73.47
N ILE C 260 -28.53 -13.30 -73.52
CA ILE C 260 -28.99 -12.52 -72.37
C ILE C 260 -30.40 -12.88 -71.95
N ASP C 261 -31.18 -13.47 -72.86
CA ASP C 261 -32.55 -13.85 -72.53
C ASP C 261 -32.63 -14.65 -71.24
N ILE C 262 -31.57 -15.39 -70.90
CA ILE C 262 -31.56 -16.22 -69.70
C ILE C 262 -31.77 -15.37 -68.45
N LEU C 263 -31.08 -14.22 -68.38
CA LEU C 263 -31.12 -13.37 -67.20
C LEU C 263 -32.52 -12.89 -66.85
N LEU C 264 -33.39 -12.82 -67.85
CA LEU C 264 -34.69 -12.19 -67.69
C LEU C 264 -35.63 -12.96 -66.76
N ASP C 265 -35.26 -14.18 -66.35
CA ASP C 265 -36.06 -14.91 -65.38
C ASP C 265 -35.59 -14.67 -63.95
N THR C 266 -34.36 -14.20 -63.76
CA THR C 266 -33.93 -13.72 -62.45
C THR C 266 -34.43 -12.30 -62.22
N ILE C 267 -34.42 -11.47 -63.27
CA ILE C 267 -34.84 -10.07 -63.11
C ILE C 267 -36.26 -10.00 -62.54
N ARG C 268 -37.20 -10.74 -63.13
CA ARG C 268 -38.57 -10.74 -62.64
C ARG C 268 -38.61 -11.12 -61.16
N ASP C 269 -37.75 -12.05 -60.75
CA ASP C 269 -37.76 -12.54 -59.37
C ASP C 269 -37.31 -11.45 -58.40
N GLU C 270 -36.22 -10.76 -58.70
CA GLU C 270 -35.80 -9.70 -57.80
C GLU C 270 -36.84 -8.58 -57.75
N ILE C 271 -37.42 -8.23 -58.90
CA ILE C 271 -38.42 -7.16 -58.91
C ILE C 271 -39.59 -7.51 -57.99
N ALA C 272 -40.16 -8.70 -58.15
CA ALA C 272 -41.26 -9.07 -57.27
C ALA C 272 -40.79 -9.23 -55.82
N GLY C 273 -39.52 -9.56 -55.62
CA GLY C 273 -39.00 -9.63 -54.26
C GLY C 273 -39.05 -8.31 -53.54
N CYS C 274 -38.74 -7.22 -54.25
CA CYS C 274 -38.88 -5.90 -53.64
C CYS C 274 -40.33 -5.47 -53.55
N ILE C 275 -41.10 -5.65 -54.64
CA ILE C 275 -42.48 -5.18 -54.65
C ILE C 275 -43.31 -5.87 -53.58
N GLU C 276 -42.93 -7.09 -53.20
CA GLU C 276 -43.61 -7.75 -52.08
C GLU C 276 -43.55 -6.91 -50.82
N LYS C 277 -42.59 -6.00 -50.72
CA LYS C 277 -42.44 -5.13 -49.55
C LYS C 277 -42.73 -3.66 -49.85
N ALA C 278 -42.58 -3.23 -51.10
CA ALA C 278 -42.54 -1.81 -51.41
C ALA C 278 -43.92 -1.16 -51.48
N TYR C 279 -44.96 -1.94 -51.80
CA TYR C 279 -46.30 -1.39 -51.96
C TYR C 279 -47.31 -2.20 -51.14
N GLU C 280 -48.61 -1.97 -51.33
CA GLU C 280 -49.63 -2.74 -50.65
C GLU C 280 -50.93 -2.80 -51.43
N LYS C 281 -51.15 -1.86 -52.35
CA LYS C 281 -52.32 -1.91 -53.24
C LYS C 281 -51.91 -1.31 -54.58
N ILE C 282 -51.97 -2.12 -55.64
CA ILE C 282 -51.90 -1.63 -57.01
C ILE C 282 -52.96 -2.34 -57.83
N LEU C 283 -53.32 -1.73 -58.95
CA LEU C 283 -54.25 -2.39 -59.85
C LEU C 283 -53.53 -3.50 -60.62
N PHE C 284 -54.32 -4.43 -61.15
CA PHE C 284 -53.78 -5.64 -61.75
C PHE C 284 -53.00 -5.34 -63.03
N THR C 285 -53.57 -4.50 -63.90
CA THR C 285 -52.93 -4.20 -65.18
C THR C 285 -51.57 -3.51 -64.99
N GLU C 286 -51.40 -2.79 -63.88
CA GLU C 286 -50.10 -2.19 -63.60
C GLU C 286 -49.06 -3.24 -63.27
N ALA C 287 -49.42 -4.21 -62.41
CA ALA C 287 -48.54 -5.35 -62.17
C ALA C 287 -48.17 -6.03 -63.50
N THR C 288 -49.11 -6.07 -64.45
CA THR C 288 -48.76 -6.61 -65.76
C THR C 288 -47.79 -5.71 -66.51
N ARG C 289 -47.82 -4.39 -66.25
CA ARG C 289 -46.90 -3.48 -66.91
C ARG C 289 -45.54 -3.38 -66.24
N ILE C 290 -45.40 -3.87 -65.00
CA ILE C 290 -44.16 -3.72 -64.25
C ILE C 290 -43.25 -4.92 -64.43
N LEU C 291 -43.79 -6.14 -64.28
CA LEU C 291 -43.02 -7.36 -64.50
C LEU C 291 -42.82 -7.68 -65.98
N PHE C 292 -43.20 -6.77 -66.88
CA PHE C 292 -42.92 -6.87 -68.30
C PHE C 292 -43.64 -8.06 -68.91
N PHE C 293 -44.91 -8.20 -68.58
CA PHE C 293 -45.80 -9.13 -69.24
C PHE C 293 -46.78 -8.37 -70.12
N ASN C 294 -47.31 -9.07 -71.14
CA ASN C 294 -48.28 -8.50 -72.06
C ASN C 294 -49.70 -8.97 -71.79
N THR C 295 -49.86 -10.15 -71.22
CA THR C 295 -51.15 -10.80 -71.08
C THR C 295 -51.65 -10.75 -69.64
N PRO C 296 -52.95 -10.98 -69.42
CA PRO C 296 -53.43 -11.14 -68.05
C PRO C 296 -53.20 -12.54 -67.47
N LYS C 297 -53.18 -13.56 -68.33
CA LYS C 297 -53.10 -14.95 -67.87
C LYS C 297 -51.80 -15.21 -67.10
N LYS C 298 -50.66 -14.93 -67.75
CA LYS C 298 -49.37 -15.07 -67.10
C LYS C 298 -49.41 -14.44 -65.71
N MET C 299 -49.96 -13.23 -65.61
CA MET C 299 -49.97 -12.50 -64.35
C MET C 299 -50.90 -13.12 -63.32
N THR C 300 -51.91 -13.90 -63.74
CA THR C 300 -52.65 -14.71 -62.79
C THR C 300 -51.75 -15.79 -62.21
N ASP C 301 -51.02 -16.52 -63.07
CA ASP C 301 -50.15 -17.57 -62.53
C ASP C 301 -49.12 -17.01 -61.54
N TYR C 302 -48.52 -15.85 -61.86
CA TYR C 302 -47.50 -15.30 -60.98
C TYR C 302 -48.08 -14.54 -59.80
N ALA C 303 -49.35 -14.14 -59.84
CA ALA C 303 -50.04 -13.72 -58.63
C ALA C 303 -50.56 -14.90 -57.82
N LYS C 304 -50.43 -16.12 -58.33
CA LYS C 304 -50.73 -17.34 -57.57
C LYS C 304 -49.52 -17.96 -56.91
N LYS C 305 -48.34 -17.89 -57.53
CA LYS C 305 -47.15 -18.44 -56.89
C LYS C 305 -46.75 -17.62 -55.66
N ARG C 306 -46.78 -16.29 -55.75
CA ARG C 306 -46.48 -15.47 -54.58
C ARG C 306 -47.64 -15.48 -53.59
N GLY C 307 -48.86 -15.75 -54.03
CA GLY C 307 -49.98 -16.00 -53.16
C GLY C 307 -50.91 -14.82 -52.92
N TRP C 308 -51.10 -13.95 -53.90
CA TRP C 308 -51.90 -12.76 -53.70
C TRP C 308 -53.34 -13.01 -54.14
N VAL C 309 -54.23 -12.14 -53.66
CA VAL C 309 -55.65 -12.24 -53.93
C VAL C 309 -55.99 -11.32 -55.09
N LEU C 310 -57.10 -11.61 -55.76
CA LEU C 310 -57.49 -10.92 -57.00
C LEU C 310 -58.82 -10.20 -56.80
N GLY C 311 -58.81 -9.18 -55.95
CA GLY C 311 -59.91 -8.24 -55.89
C GLY C 311 -59.83 -7.26 -57.04
N PRO C 312 -60.57 -6.13 -56.95
CA PRO C 312 -60.48 -5.14 -58.04
C PRO C 312 -59.07 -4.59 -58.24
N ASN C 313 -58.31 -4.45 -57.17
CA ASN C 313 -56.89 -4.13 -57.22
C ASN C 313 -56.11 -5.24 -56.53
N ASN C 314 -54.95 -5.58 -57.07
CA ASN C 314 -54.19 -6.71 -56.55
C ASN C 314 -53.64 -6.37 -55.16
N TYR C 315 -54.09 -7.10 -54.15
CA TYR C 315 -53.84 -6.79 -52.75
C TYR C 315 -52.67 -7.62 -52.22
N TYR C 316 -51.90 -7.01 -51.33
CA TYR C 316 -50.66 -7.59 -50.84
C TYR C 316 -50.89 -8.23 -49.48
N SER C 317 -49.87 -8.96 -49.03
CA SER C 317 -49.80 -9.49 -47.67
C SER C 317 -48.57 -8.90 -46.99
N PHE C 318 -48.72 -8.49 -45.74
CA PHE C 318 -47.62 -7.85 -45.01
C PHE C 318 -46.61 -8.92 -44.60
N ALA C 319 -45.47 -8.95 -45.29
CA ALA C 319 -44.35 -9.81 -44.92
C ALA C 319 -43.05 -9.03 -44.83
N SER C 320 -43.11 -7.69 -44.81
CA SER C 320 -41.91 -6.87 -44.70
C SER C 320 -41.31 -7.02 -43.30
N GLN C 321 -42.09 -6.65 -42.27
CA GLN C 321 -41.75 -6.90 -40.88
C GLN C 321 -43.04 -7.39 -40.21
N GLN C 322 -43.48 -8.59 -40.61
CA GLN C 322 -44.74 -9.16 -40.14
C GLN C 322 -44.79 -9.16 -38.61
N GLN C 323 -43.81 -9.78 -37.97
CA GLN C 323 -43.65 -9.74 -36.52
C GLN C 323 -42.32 -9.06 -36.22
N LYS C 324 -42.38 -7.99 -35.43
CA LYS C 324 -41.20 -7.19 -35.16
C LYS C 324 -40.22 -7.98 -34.28
N PRO C 325 -38.86 -7.48 -34.15
CA PRO C 325 -37.91 -8.05 -33.15
C PRO C 325 -38.02 -7.36 -31.79
N GLU C 326 -39.23 -7.37 -31.22
CA GLU C 326 -39.53 -6.74 -29.94
C GLU C 326 -39.13 -7.60 -28.76
N ASP C 327 -38.27 -8.61 -28.95
CA ASP C 327 -37.87 -9.52 -27.89
C ASP C 327 -36.36 -9.46 -27.73
N THR C 328 -35.90 -8.95 -26.58
CA THR C 328 -34.53 -9.09 -26.14
C THR C 328 -34.36 -10.31 -25.24
N THR C 329 -35.42 -11.08 -25.06
CA THR C 329 -35.30 -12.41 -24.50
C THR C 329 -34.46 -13.32 -25.41
N ILE C 330 -34.43 -13.02 -26.70
CA ILE C 330 -33.65 -13.81 -27.65
C ILE C 330 -32.17 -13.45 -27.47
N PRO C 331 -31.79 -12.14 -27.42
CA PRO C 331 -30.46 -11.76 -26.90
C PRO C 331 -30.10 -12.50 -25.62
N SER C 332 -30.81 -12.16 -24.53
CA SER C 332 -30.62 -12.75 -23.20
C SER C 332 -29.33 -13.56 -23.07
N THR C 333 -29.36 -14.83 -23.50
CA THR C 333 -28.20 -15.70 -23.35
C THR C 333 -26.95 -15.11 -24.01
N GLU C 334 -27.09 -14.57 -25.21
CA GLU C 334 -25.92 -14.17 -26.00
C GLU C 334 -25.18 -13.02 -25.32
N LEU C 335 -25.91 -11.97 -24.95
CA LEU C 335 -25.28 -10.84 -24.31
C LEU C 335 -24.63 -11.24 -22.97
N ALA C 336 -25.21 -12.23 -22.28
CA ALA C 336 -24.60 -12.71 -21.03
C ALA C 336 -23.28 -13.41 -21.31
N LYS C 337 -23.21 -14.21 -22.38
CA LYS C 337 -21.92 -14.70 -22.82
C LYS C 337 -20.92 -13.57 -22.98
N GLN C 338 -21.30 -12.52 -23.72
CA GLN C 338 -20.38 -11.41 -23.95
C GLN C 338 -19.85 -10.82 -22.65
N VAL C 339 -20.77 -10.45 -21.74
CA VAL C 339 -20.35 -9.89 -20.45
C VAL C 339 -19.31 -10.80 -19.80
N ILE C 340 -19.64 -12.10 -19.67
CA ILE C 340 -18.67 -13.05 -19.13
C ILE C 340 -17.32 -12.88 -19.82
N GLU C 341 -17.33 -12.73 -21.14
CA GLU C 341 -16.09 -12.64 -21.89
C GLU C 341 -15.25 -11.46 -21.42
N TYR C 342 -15.85 -10.26 -21.37
CA TYR C 342 -15.12 -9.11 -20.82
C TYR C 342 -14.46 -9.50 -19.51
N ALA C 343 -15.23 -10.10 -18.60
CA ALA C 343 -14.63 -10.49 -17.32
C ALA C 343 -13.38 -11.33 -17.53
N ARG C 344 -13.43 -12.30 -18.46
CA ARG C 344 -12.24 -13.11 -18.70
C ARG C 344 -11.03 -12.26 -19.07
N GLN C 345 -11.24 -11.24 -19.92
CA GLN C 345 -10.09 -10.40 -20.30
C GLN C 345 -9.61 -9.54 -19.15
N LEU C 346 -10.48 -9.16 -18.22
CA LEU C 346 -10.06 -8.38 -17.07
C LEU C 346 -9.53 -9.24 -15.93
N GLU C 347 -9.59 -10.55 -16.04
CA GLU C 347 -9.12 -11.42 -14.97
C GLU C 347 -7.93 -12.28 -15.37
N MET C 348 -7.81 -12.63 -16.65
CA MET C 348 -6.68 -13.41 -17.14
C MET C 348 -5.35 -12.87 -16.62
N ILE C 349 -4.32 -13.72 -16.62
CA ILE C 349 -2.97 -13.33 -16.19
C ILE C 349 -2.18 -12.98 -17.44
N VAL C 350 -2.10 -11.69 -17.77
CA VAL C 350 -1.26 -11.22 -18.87
C VAL C 350 -0.22 -10.29 -18.26
N GLU D 15 14.03 -9.23 -43.62
CA GLU D 15 14.29 -7.86 -43.17
C GLU D 15 14.33 -6.88 -44.33
N ASP D 16 13.60 -5.79 -44.14
CA ASP D 16 13.69 -4.61 -44.98
C ASP D 16 13.57 -3.40 -44.06
N ASP D 17 13.75 -2.22 -44.64
CA ASP D 17 13.54 -0.98 -43.90
C ASP D 17 13.23 0.17 -44.85
N GLU D 18 13.20 -0.13 -46.14
CA GLU D 18 13.14 0.85 -47.21
C GLU D 18 11.82 0.75 -47.94
N PHE D 19 11.49 1.82 -48.65
CA PHE D 19 10.61 1.72 -49.79
C PHE D 19 11.26 2.46 -50.94
N GLU D 20 11.01 1.95 -52.13
CA GLU D 20 11.60 2.45 -53.36
C GLU D 20 10.95 1.75 -54.54
N GLU D 21 9.78 1.15 -54.30
CA GLU D 21 9.04 0.43 -55.30
C GLU D 21 7.82 1.19 -55.77
N PHE D 22 7.46 2.26 -55.07
CA PHE D 22 6.39 3.13 -55.52
C PHE D 22 6.96 4.49 -55.86
N PRO D 23 6.51 5.11 -56.95
CA PRO D 23 6.85 6.52 -57.19
C PRO D 23 6.23 7.39 -56.12
N ALA D 24 6.70 8.62 -56.04
CA ALA D 24 6.17 9.60 -55.10
C ALA D 24 5.90 10.91 -55.84
N GLU D 25 5.40 11.87 -55.09
CA GLU D 25 5.43 13.29 -55.48
C GLU D 25 5.94 14.09 -54.29
N ASP D 26 6.91 14.96 -54.54
CA ASP D 26 7.38 15.90 -53.54
C ASP D 26 7.24 17.30 -54.13
N TRP D 27 6.87 18.26 -53.29
CA TRP D 27 6.45 19.56 -53.80
C TRP D 27 6.84 20.67 -52.85
N ALA D 28 6.93 21.88 -53.41
CA ALA D 28 6.92 23.11 -52.65
C ALA D 28 5.93 24.12 -53.20
N GLY D 29 5.29 23.83 -54.34
CA GLY D 29 4.07 24.51 -54.76
C GLY D 29 2.86 23.74 -54.25
N LEU D 30 2.26 24.25 -53.17
CA LEU D 30 1.21 23.55 -52.43
C LEU D 30 -0.08 24.36 -52.53
N ASP D 31 -1.15 23.73 -53.00
CA ASP D 31 -2.44 24.39 -53.08
C ASP D 31 -3.09 24.42 -51.70
N GLU D 32 -4.00 25.38 -51.50
CA GLU D 32 -4.52 25.70 -50.19
C GLU D 32 -5.94 25.16 -50.00
N ASP D 33 -6.27 24.90 -48.73
CA ASP D 33 -7.59 24.46 -48.31
C ASP D 33 -7.87 25.12 -46.96
N GLU D 34 -8.88 24.62 -46.24
CA GLU D 34 -9.06 25.00 -44.85
C GLU D 34 -7.91 24.44 -44.01
N ASP D 35 -7.16 25.32 -43.34
CA ASP D 35 -6.12 24.89 -42.43
C ASP D 35 -6.74 24.19 -41.22
N ALA D 36 -6.04 23.19 -40.71
CA ALA D 36 -6.53 22.35 -39.62
C ALA D 36 -5.54 22.39 -38.47
N HIS D 37 -5.99 22.92 -37.35
CA HIS D 37 -5.19 23.04 -36.14
C HIS D 37 -5.93 22.51 -34.92
N VAL D 38 -7.22 22.79 -34.83
CA VAL D 38 -8.16 22.01 -34.04
C VAL D 38 -9.54 22.27 -34.62
N TRP D 39 -9.57 22.78 -35.86
CA TRP D 39 -10.80 23.11 -36.54
C TRP D 39 -11.71 21.89 -36.53
N GLU D 40 -13.02 22.11 -36.62
CA GLU D 40 -13.95 21.00 -36.67
C GLU D 40 -13.87 20.25 -38.01
N ASP D 41 -13.33 20.88 -39.05
CA ASP D 41 -13.07 20.25 -40.34
C ASP D 41 -14.30 19.51 -40.84
N ASN D 42 -15.36 20.28 -41.09
CA ASN D 42 -16.62 19.73 -41.54
C ASN D 42 -16.64 19.67 -43.05
N TRP D 43 -17.12 18.55 -43.58
CA TRP D 43 -17.28 18.39 -45.01
C TRP D 43 -18.35 19.30 -45.60
N ASP D 44 -19.05 20.04 -44.75
CA ASP D 44 -20.08 20.96 -45.23
C ASP D 44 -19.48 22.23 -45.83
N ASP D 45 -18.35 22.70 -45.28
CA ASP D 45 -17.82 24.00 -45.66
C ASP D 45 -17.02 24.00 -46.95
N ASP D 46 -16.73 22.83 -47.52
CA ASP D 46 -16.10 22.74 -48.83
C ASP D 46 -17.13 22.67 -49.95
N ASN D 47 -18.42 22.54 -49.61
CA ASN D 47 -19.49 22.53 -50.59
C ASN D 47 -19.94 23.93 -50.98
N VAL D 48 -19.55 24.95 -50.22
CA VAL D 48 -19.89 26.34 -50.51
C VAL D 48 -18.60 27.10 -50.80
N GLU D 49 -18.78 28.34 -51.27
CA GLU D 49 -17.67 29.17 -51.70
C GLU D 49 -17.81 30.60 -51.17
N ASP D 50 -18.37 30.76 -49.96
CA ASP D 50 -18.93 32.03 -49.50
C ASP D 50 -19.99 32.51 -50.50
N ASP D 51 -20.84 31.57 -50.95
CA ASP D 51 -21.95 31.83 -51.86
C ASP D 51 -23.08 32.61 -51.21
N PHE D 52 -22.98 33.01 -49.94
CA PHE D 52 -24.17 33.31 -49.15
C PHE D 52 -24.69 34.73 -49.36
N SER D 53 -23.79 35.71 -49.56
CA SER D 53 -24.26 37.05 -49.92
C SER D 53 -24.87 37.03 -51.33
N ASN D 54 -24.14 36.44 -52.28
CA ASN D 54 -24.63 36.31 -53.65
C ASN D 54 -25.99 35.64 -53.67
N GLN D 55 -26.11 34.49 -52.99
CA GLN D 55 -27.32 33.68 -53.07
C GLN D 55 -28.53 34.44 -52.57
N LEU D 56 -28.33 35.38 -51.64
CA LEU D 56 -29.42 36.24 -51.23
C LEU D 56 -29.74 37.24 -52.34
N ARG D 57 -28.81 38.15 -52.65
CA ARG D 57 -29.12 39.20 -53.64
C ARG D 57 -29.84 38.63 -54.86
N ALA D 58 -29.25 37.61 -55.47
CA ALA D 58 -29.74 37.11 -56.75
C ALA D 58 -31.13 36.49 -56.62
N GLU D 59 -31.44 35.91 -55.47
CA GLU D 59 -32.73 35.30 -55.25
C GLU D 59 -33.78 36.31 -54.80
N LEU D 60 -33.37 37.48 -54.30
CA LEU D 60 -34.32 38.53 -53.99
C LEU D 60 -34.69 39.35 -55.22
N GLU D 61 -33.78 39.46 -56.19
CA GLU D 61 -34.16 40.12 -57.44
C GLU D 61 -34.86 39.15 -58.39
N LYS D 62 -34.26 38.00 -58.66
CA LYS D 62 -34.83 37.08 -59.65
C LYS D 62 -36.30 36.82 -59.38
N HIS D 63 -36.63 36.35 -58.18
CA HIS D 63 -37.99 36.00 -57.81
C HIS D 63 -38.73 37.19 -57.19
N GLY D 64 -38.13 38.37 -57.21
CA GLY D 64 -38.84 39.58 -56.90
C GLY D 64 -39.23 39.73 -55.45
N TYR D 65 -38.54 39.05 -54.54
CA TYR D 65 -38.86 39.10 -53.11
C TYR D 65 -37.99 40.11 -52.38
N LYS D 66 -37.98 41.32 -52.95
CA LYS D 66 -37.41 42.53 -52.39
C LYS D 66 -38.27 43.71 -52.83
N MET D 67 -39.16 43.45 -53.82
CA MET D 67 -40.12 44.42 -54.34
C MET D 67 -41.55 43.98 -54.05
N GLU D 68 -41.95 42.80 -54.52
CA GLU D 68 -43.28 42.27 -54.23
C GLU D 68 -43.45 41.96 -52.75
N THR D 69 -42.48 41.23 -52.18
CA THR D 69 -42.59 40.65 -50.84
C THR D 69 -41.50 41.26 -49.95
N SER D 70 -41.92 41.81 -48.81
CA SER D 70 -40.96 42.30 -47.82
C SER D 70 -40.53 41.15 -46.90
N MET E 1 81.19 43.61 -22.61
CA MET E 1 80.73 42.60 -21.61
C MET E 1 80.24 43.30 -20.34
N GLU E 2 80.76 44.50 -20.10
CA GLU E 2 80.44 45.26 -18.90
C GLU E 2 78.94 45.55 -18.84
N GLU E 3 78.45 45.78 -17.62
CA GLU E 3 77.05 46.09 -17.37
C GLU E 3 76.93 47.27 -16.41
N GLY E 4 77.85 48.23 -16.51
CA GLY E 4 77.83 49.39 -15.65
C GLY E 4 79.17 49.64 -15.00
N GLY E 5 79.68 48.64 -14.29
CA GLY E 5 80.99 48.74 -13.70
C GLY E 5 82.07 48.43 -14.73
N ARG E 6 82.86 47.38 -14.48
CA ARG E 6 83.87 46.95 -15.43
C ARG E 6 84.29 45.52 -15.10
N ASP E 7 84.25 44.65 -16.10
CA ASP E 7 84.73 43.28 -15.96
C ASP E 7 86.24 43.24 -16.19
N LYS E 8 86.80 42.04 -16.17
CA LYS E 8 88.26 41.85 -16.33
C LYS E 8 88.68 41.88 -17.80
N ALA E 9 88.05 42.74 -18.61
CA ALA E 9 88.37 42.89 -20.02
C ALA E 9 89.66 43.66 -20.26
N PRO E 10 89.94 44.76 -19.54
CA PRO E 10 91.15 45.54 -19.83
C PRO E 10 92.45 44.88 -19.39
N VAL E 11 92.38 43.75 -18.67
CA VAL E 11 93.59 43.03 -18.30
C VAL E 11 93.99 42.00 -19.35
N GLN E 12 93.08 41.64 -20.28
CA GLN E 12 93.29 40.52 -21.19
C GLN E 12 94.26 40.84 -22.33
N PRO E 13 94.26 42.06 -22.90
CA PRO E 13 95.22 42.36 -23.97
C PRO E 13 96.68 42.32 -23.55
N GLN E 14 96.99 42.42 -22.26
CA GLN E 14 98.37 42.26 -21.79
C GLN E 14 98.63 40.88 -21.20
N GLN E 15 97.58 40.09 -20.92
CA GLN E 15 97.75 38.67 -20.62
C GLN E 15 97.92 37.85 -21.89
N SER E 16 97.41 38.33 -23.01
CA SER E 16 97.34 37.51 -24.22
C SER E 16 98.71 37.13 -24.76
N PRO E 17 99.71 38.00 -24.81
CA PRO E 17 101.03 37.59 -25.31
C PRO E 17 101.56 36.38 -24.54
N ALA E 18 101.86 35.31 -25.26
CA ALA E 18 102.38 34.08 -24.67
C ALA E 18 103.89 34.14 -24.43
N ALA E 19 104.47 35.33 -24.33
CA ALA E 19 105.89 35.52 -24.09
C ALA E 19 106.08 36.35 -22.82
N ALA E 20 107.35 36.64 -22.52
CA ALA E 20 107.70 37.34 -21.29
C ALA E 20 107.38 38.84 -21.36
N PRO E 21 107.55 39.49 -22.52
CA PRO E 21 107.19 40.93 -22.59
C PRO E 21 105.74 41.21 -22.21
N GLY E 22 104.82 40.27 -22.43
CA GLY E 22 103.46 40.46 -21.96
C GLY E 22 103.31 40.29 -20.46
N GLY E 23 104.17 39.45 -19.85
CA GLY E 23 104.18 39.29 -18.41
C GLY E 23 104.92 40.39 -17.66
N THR E 24 105.80 41.13 -18.35
CA THR E 24 106.46 42.27 -17.74
C THR E 24 105.48 43.38 -17.40
N ASP E 25 104.36 43.47 -18.14
CA ASP E 25 103.33 44.47 -17.91
C ASP E 25 102.07 43.90 -17.27
N GLU E 26 102.00 42.58 -17.09
CA GLU E 26 100.78 41.97 -16.53
C GLU E 26 100.71 42.13 -15.02
N LYS E 27 101.86 42.26 -14.34
CA LYS E 27 101.89 42.31 -12.88
C LYS E 27 101.99 43.73 -12.34
N PRO E 28 102.78 44.64 -12.93
CA PRO E 28 102.81 46.03 -12.42
C PRO E 28 101.67 46.91 -12.93
N SER E 29 101.15 46.60 -14.12
CA SER E 29 100.07 47.38 -14.73
C SER E 29 98.74 46.66 -14.78
N GLY E 30 98.73 45.35 -15.03
CA GLY E 30 97.49 44.59 -15.07
C GLY E 30 96.90 44.29 -13.71
N LYS E 31 97.70 44.38 -12.64
CA LYS E 31 97.23 44.18 -11.28
C LYS E 31 96.69 45.47 -10.66
N GLU E 32 96.93 46.63 -11.30
CA GLU E 32 96.37 47.89 -10.81
C GLU E 32 94.93 48.08 -11.30
N ARG E 33 94.60 47.56 -12.48
CA ARG E 33 93.21 47.54 -12.93
C ARG E 33 92.34 46.72 -11.99
N ARG E 34 92.93 45.79 -11.24
CA ARG E 34 92.17 44.83 -10.46
C ARG E 34 91.72 45.40 -9.12
N ASP E 35 92.67 45.64 -8.20
CA ASP E 35 92.33 46.11 -6.85
C ASP E 35 91.45 47.35 -6.92
N ALA E 36 90.15 47.18 -6.61
CA ALA E 36 89.18 48.27 -6.62
C ALA E 36 88.94 48.77 -8.03
N GLY E 37 88.51 47.89 -8.93
CA GLY E 37 88.27 48.26 -10.31
C GLY E 37 87.71 47.10 -11.13
N ASP E 38 88.49 46.04 -11.27
CA ASP E 38 88.06 44.82 -11.94
C ASP E 38 87.68 43.71 -10.98
N LYS E 39 87.86 43.92 -9.67
CA LYS E 39 87.41 43.00 -8.64
C LYS E 39 86.18 43.61 -7.95
N ASP E 40 85.27 42.73 -7.52
CA ASP E 40 84.05 43.13 -6.83
C ASP E 40 83.04 43.77 -7.77
N LYS E 41 81.89 43.11 -7.96
CA LYS E 41 80.80 43.67 -8.74
C LYS E 41 79.52 42.92 -8.40
N GLU E 42 78.39 43.61 -8.54
CA GLU E 42 77.07 43.06 -8.25
C GLU E 42 76.10 43.11 -9.42
N GLN E 43 76.46 43.80 -10.51
CA GLN E 43 75.64 43.80 -11.73
C GLN E 43 76.27 42.99 -12.85
N GLU E 44 77.58 42.80 -12.84
CA GLU E 44 78.29 41.91 -13.75
C GLU E 44 78.71 40.63 -13.06
N LEU E 45 77.82 40.09 -12.22
CA LEU E 45 78.15 38.90 -11.42
C LEU E 45 78.32 37.68 -12.31
N SER E 46 77.37 37.45 -13.22
CA SER E 46 77.47 36.30 -14.12
C SER E 46 78.52 36.53 -15.21
N GLU E 47 78.74 37.78 -15.61
CA GLU E 47 79.77 38.07 -16.60
C GLU E 47 81.18 37.96 -16.01
N GLU E 48 81.30 37.95 -14.68
CA GLU E 48 82.59 37.68 -14.05
C GLU E 48 82.90 36.19 -14.02
N ASP E 49 81.87 35.34 -14.02
CA ASP E 49 82.08 33.90 -14.13
C ASP E 49 82.37 33.48 -15.56
N LYS E 50 81.85 34.21 -16.55
CA LYS E 50 82.22 34.03 -17.95
C LYS E 50 83.52 34.74 -18.29
N GLN E 51 84.02 35.60 -17.41
CA GLN E 51 85.30 36.25 -17.57
C GLN E 51 86.43 35.49 -16.90
N LEU E 52 86.11 34.55 -15.99
CA LEU E 52 87.13 33.69 -15.37
C LEU E 52 87.54 32.53 -16.28
N GLN E 53 86.73 32.21 -17.30
CA GLN E 53 87.11 31.18 -18.27
C GLN E 53 88.23 31.66 -19.19
N ASP E 54 88.38 32.97 -19.36
CA ASP E 54 89.45 33.53 -20.16
C ASP E 54 90.69 33.86 -19.33
N GLU E 55 90.51 34.13 -18.03
CA GLU E 55 91.61 34.45 -17.12
C GLU E 55 92.11 33.23 -16.35
N LEU E 56 91.40 32.10 -16.41
CA LEU E 56 91.88 30.86 -15.80
C LEU E 56 93.01 30.24 -16.61
N GLU E 57 92.98 30.42 -17.94
CA GLU E 57 94.02 29.91 -18.83
C GLU E 57 95.13 30.93 -19.09
N MET E 58 94.93 32.19 -18.74
CA MET E 58 95.99 33.19 -18.83
C MET E 58 96.89 33.21 -17.60
N LEU E 59 96.42 32.73 -16.45
CA LEU E 59 97.26 32.54 -15.28
C LEU E 59 97.90 31.16 -15.24
N VAL E 60 97.46 30.22 -16.09
CA VAL E 60 98.20 28.99 -16.35
C VAL E 60 99.23 29.18 -17.45
N GLU E 61 99.19 30.31 -18.16
CA GLU E 61 100.18 30.65 -19.18
C GLU E 61 101.36 31.41 -18.61
N ARG E 62 101.14 32.26 -17.59
CA ARG E 62 102.22 32.89 -16.85
C ARG E 62 102.77 32.00 -15.74
N LEU E 63 102.05 30.93 -15.38
CA LEU E 63 102.53 29.97 -14.39
C LEU E 63 103.57 29.03 -14.99
N GLY E 64 103.32 28.54 -16.21
CA GLY E 64 104.31 27.74 -16.91
C GLY E 64 105.54 28.53 -17.29
N GLU E 65 105.36 29.81 -17.61
CA GLU E 65 106.50 30.70 -17.80
C GLU E 65 107.32 30.76 -16.51
N LYS E 66 108.64 30.82 -16.66
CA LYS E 66 109.53 30.84 -15.51
C LYS E 66 109.39 32.15 -14.76
N ASP E 67 110.46 32.60 -14.10
CA ASP E 67 110.39 33.77 -13.23
C ASP E 67 109.46 33.51 -12.06
N THR E 68 109.96 33.65 -10.84
CA THR E 68 109.13 33.42 -9.65
C THR E 68 108.10 34.53 -9.43
N SER E 69 108.20 35.65 -10.14
CA SER E 69 107.25 36.75 -9.99
C SER E 69 106.04 36.62 -10.91
N LEU E 70 106.19 35.92 -12.04
CA LEU E 70 105.05 35.48 -12.84
C LEU E 70 104.50 34.13 -12.38
N TYR E 71 105.24 33.43 -11.51
CA TYR E 71 104.92 32.05 -11.15
C TYR E 71 104.06 31.94 -9.91
N ARG E 72 104.19 32.86 -8.94
CA ARG E 72 103.46 32.70 -7.69
C ARG E 72 102.19 33.54 -7.65
N PRO E 73 102.20 34.80 -8.12
CA PRO E 73 100.92 35.52 -8.21
C PRO E 73 99.95 34.88 -9.19
N ALA E 74 100.44 34.23 -10.25
CA ALA E 74 99.57 33.54 -11.19
C ALA E 74 98.96 32.27 -10.60
N LEU E 75 99.54 31.74 -9.52
CA LEU E 75 98.98 30.62 -8.78
C LEU E 75 98.02 31.10 -7.69
N GLU E 76 98.55 31.90 -6.75
CA GLU E 76 97.77 32.36 -5.61
C GLU E 76 96.55 33.15 -6.06
N GLU E 77 96.71 34.03 -7.05
CA GLU E 77 95.57 34.82 -7.51
C GLU E 77 94.61 34.00 -8.37
N LEU E 78 95.06 32.88 -8.92
CA LEU E 78 94.11 31.94 -9.52
C LEU E 78 93.27 31.26 -8.46
N ARG E 79 93.81 31.09 -7.24
CA ARG E 79 92.98 30.60 -6.14
C ARG E 79 92.19 31.69 -5.43
N ARG E 80 92.57 32.97 -5.58
CA ARG E 80 91.87 34.08 -4.94
C ARG E 80 90.86 34.76 -5.84
N GLN E 81 90.95 34.57 -7.16
CA GLN E 81 90.00 35.16 -8.10
C GLN E 81 88.92 34.18 -8.55
N ILE E 82 88.89 32.98 -7.96
CA ILE E 82 87.73 32.10 -8.09
C ILE E 82 86.74 32.28 -6.94
N ARG E 83 87.04 33.16 -5.99
CA ARG E 83 86.12 33.51 -4.92
C ARG E 83 85.35 34.81 -5.19
N SER E 84 85.81 35.62 -6.15
CA SER E 84 85.11 36.84 -6.56
C SER E 84 84.31 36.68 -7.84
N SER E 85 84.67 35.72 -8.69
CA SER E 85 83.99 35.50 -9.97
C SER E 85 82.83 34.51 -9.82
N THR E 86 83.12 33.30 -9.33
CA THR E 86 82.10 32.27 -9.15
C THR E 86 81.38 32.42 -7.82
N THR E 87 82.13 32.37 -6.71
CA THR E 87 81.54 32.45 -5.38
C THR E 87 80.47 31.38 -5.20
N SER E 88 80.86 30.19 -4.76
CA SER E 88 79.96 29.08 -4.55
C SER E 88 80.27 28.43 -3.22
N MET E 89 79.40 27.50 -2.82
CA MET E 89 79.60 26.66 -1.64
C MET E 89 79.65 25.18 -2.05
N THR E 90 80.27 24.92 -3.20
CA THR E 90 80.32 23.55 -3.73
C THR E 90 81.65 23.29 -4.44
N SER E 91 82.28 24.34 -4.98
CA SER E 91 83.52 24.18 -5.71
C SER E 91 84.58 25.17 -5.28
N VAL E 92 84.16 26.38 -4.89
CA VAL E 92 85.08 27.43 -4.44
C VAL E 92 85.70 27.05 -3.10
N PRO E 93 84.99 26.30 -2.21
CA PRO E 93 85.61 25.88 -0.94
C PRO E 93 86.82 24.95 -1.08
N LYS E 94 87.33 24.73 -2.30
CA LYS E 94 88.52 23.90 -2.46
C LYS E 94 89.70 24.74 -2.96
N PRO E 95 89.49 25.71 -3.86
CA PRO E 95 90.51 26.76 -4.05
C PRO E 95 90.60 27.74 -2.90
N LEU E 96 89.65 27.72 -1.97
CA LEU E 96 89.78 28.49 -0.73
C LEU E 96 90.76 27.82 0.23
N LYS E 97 90.78 26.49 0.27
CA LYS E 97 91.70 25.74 1.13
C LYS E 97 93.03 25.44 0.43
N PHE E 98 93.04 25.35 -0.90
CA PHE E 98 94.30 25.29 -1.63
C PHE E 98 95.14 26.54 -1.35
N LEU E 99 94.51 27.70 -1.37
CA LEU E 99 95.19 28.97 -1.15
C LEU E 99 95.95 28.94 0.17
N ARG E 100 97.25 29.21 0.11
CA ARG E 100 98.08 29.26 1.32
C ARG E 100 98.11 30.70 1.83
N PRO E 101 97.62 30.97 3.04
CA PRO E 101 97.81 32.31 3.62
C PRO E 101 99.25 32.52 4.06
N HIS E 102 99.87 33.58 3.55
CA HIS E 102 101.04 34.16 4.20
C HIS E 102 100.47 35.01 5.32
N TYR E 103 100.82 36.28 5.34
CA TYR E 103 99.89 37.34 5.73
C TYR E 103 100.50 38.70 5.44
N GLY E 104 101.32 38.75 4.39
CA GLY E 104 101.75 40.00 3.80
C GLY E 104 101.21 40.13 2.39
N LYS E 105 101.04 38.99 1.70
CA LYS E 105 100.44 38.96 0.37
C LYS E 105 98.93 38.78 0.40
N LEU E 106 98.40 38.12 1.42
CA LEU E 106 96.95 37.93 1.55
C LEU E 106 96.28 39.06 2.33
N LYS E 107 97.05 39.90 3.03
CA LYS E 107 96.51 41.07 3.69
C LYS E 107 96.42 42.27 2.75
N GLU E 108 97.16 42.26 1.65
CA GLU E 108 97.08 43.34 0.66
C GLU E 108 95.87 43.20 -0.26
N ILE E 109 95.29 41.99 -0.35
CA ILE E 109 94.04 41.82 -1.08
C ILE E 109 92.86 42.25 -0.21
N TYR E 110 92.93 41.98 1.10
CA TYR E 110 91.80 42.25 1.99
C TYR E 110 91.58 43.74 2.19
N GLU E 111 92.66 44.52 2.29
CA GLU E 111 92.54 45.93 2.65
C GLU E 111 91.82 46.75 1.58
N ASN E 112 91.67 46.23 0.36
CA ASN E 112 90.99 46.91 -0.73
C ASN E 112 89.64 46.24 -1.01
N MET E 113 88.92 46.79 -2.00
CA MET E 113 87.72 46.15 -2.53
C MET E 113 88.16 45.20 -3.64
N ALA E 114 88.62 44.04 -3.21
CA ALA E 114 89.27 43.06 -4.10
C ALA E 114 88.83 41.61 -3.85
N PRO E 115 88.78 41.12 -2.60
CA PRO E 115 88.57 39.68 -2.40
C PRO E 115 87.12 39.23 -2.49
N GLY E 116 86.16 40.14 -2.40
CA GLY E 116 84.75 39.75 -2.38
C GLY E 116 83.97 40.20 -3.60
N GLU E 117 82.70 40.55 -3.39
CA GLU E 117 81.81 41.00 -4.45
C GLU E 117 81.11 42.31 -4.13
N ASN E 118 81.36 42.89 -2.95
CA ASN E 118 80.59 44.03 -2.44
C ASN E 118 79.11 43.67 -2.25
N LYS E 119 78.84 42.40 -1.92
CA LYS E 119 77.49 41.94 -1.66
C LYS E 119 77.45 41.23 -0.32
N ARG E 120 77.56 39.89 -0.33
CA ARG E 120 77.66 39.09 0.87
C ARG E 120 79.08 38.57 1.12
N PHE E 121 79.92 38.53 0.09
CA PHE E 121 81.26 37.95 0.21
C PHE E 121 82.34 38.97 0.57
N ALA E 122 82.09 40.27 0.34
CA ALA E 122 83.04 41.29 0.77
C ALA E 122 83.19 41.28 2.28
N ALA E 123 82.07 41.17 3.01
CA ALA E 123 82.12 41.09 4.46
C ALA E 123 82.59 39.73 4.92
N ASP E 124 82.14 38.65 4.26
CA ASP E 124 82.45 37.30 4.72
C ASP E 124 83.91 36.92 4.48
N ILE E 125 84.60 37.56 3.54
CA ILE E 125 85.97 37.14 3.25
C ILE E 125 86.97 37.81 4.20
N ILE E 126 86.73 39.05 4.59
CA ILE E 126 87.61 39.73 5.54
C ILE E 126 87.21 39.42 6.97
N SER E 127 85.92 39.50 7.28
CA SER E 127 85.47 39.40 8.66
C SER E 127 85.64 37.98 9.21
N VAL E 128 85.32 36.96 8.42
CA VAL E 128 85.12 35.62 8.98
C VAL E 128 85.89 34.54 8.23
N LEU E 129 85.94 34.60 6.90
CA LEU E 129 86.64 33.58 6.13
C LEU E 129 88.12 33.84 5.99
N ALA E 130 88.67 34.83 6.70
CA ALA E 130 90.11 35.05 6.74
C ALA E 130 90.79 34.19 7.79
N MET E 131 90.14 34.00 8.94
CA MET E 131 90.62 33.14 10.01
C MET E 131 89.98 31.76 10.00
N THR E 132 88.95 31.55 9.19
CA THR E 132 88.41 30.21 8.97
C THR E 132 89.27 29.40 8.00
N MET E 133 89.95 30.09 7.08
CA MET E 133 90.82 29.41 6.12
C MET E 133 92.11 28.94 6.77
N SER E 134 92.56 29.62 7.83
CA SER E 134 93.82 29.30 8.50
C SER E 134 93.71 28.12 9.46
N GLY E 135 92.50 27.62 9.75
CA GLY E 135 92.33 26.51 10.66
C GLY E 135 91.77 25.26 10.00
N GLU E 136 90.66 25.43 9.26
CA GLU E 136 90.11 24.35 8.46
C GLU E 136 91.20 23.70 7.62
N ARG E 137 91.97 24.52 6.92
CA ARG E 137 93.01 24.05 6.00
C ARG E 137 94.13 23.31 6.73
N GLU E 138 94.31 23.54 8.04
CA GLU E 138 95.33 22.83 8.81
C GLU E 138 94.81 21.47 9.31
N CYS E 139 93.62 21.46 9.91
CA CYS E 139 93.08 20.19 10.38
C CYS E 139 92.70 19.27 9.23
N LEU E 140 92.50 19.80 8.02
CA LEU E 140 92.27 18.97 6.86
C LEU E 140 93.55 18.35 6.30
N LYS E 141 94.72 18.90 6.67
CA LYS E 141 96.00 18.28 6.34
C LYS E 141 96.47 17.31 7.42
N TYR E 142 96.05 17.49 8.66
CA TYR E 142 96.25 16.44 9.66
C TYR E 142 95.38 15.22 9.35
N ARG E 143 94.10 15.45 9.06
CA ARG E 143 93.15 14.36 8.85
C ARG E 143 93.45 13.55 7.58
N LEU E 144 94.18 14.13 6.62
CA LEU E 144 94.42 13.46 5.34
C LEU E 144 95.78 12.75 5.37
N VAL E 145 95.82 11.69 6.19
CA VAL E 145 96.92 10.72 6.22
C VAL E 145 98.28 11.42 6.19
N GLY E 146 98.93 11.52 7.34
CA GLY E 146 100.24 12.15 7.38
C GLY E 146 101.00 11.99 8.68
N SER E 147 100.37 11.47 9.72
CA SER E 147 100.99 11.33 11.04
C SER E 147 101.35 9.87 11.29
N GLN E 148 102.59 9.63 11.69
CA GLN E 148 103.09 8.29 11.95
C GLN E 148 103.84 8.27 13.27
N GLU E 149 104.14 7.06 13.74
CA GLU E 149 104.93 6.87 14.95
C GLU E 149 106.41 7.14 14.74
N GLU E 150 106.87 7.23 13.48
CA GLU E 150 108.23 7.62 13.17
C GLU E 150 108.33 9.14 13.17
N LEU E 151 109.18 9.68 14.04
CA LEU E 151 109.31 11.13 14.16
C LEU E 151 109.79 11.73 12.85
N ALA E 152 109.39 12.98 12.60
CA ALA E 152 109.65 13.64 11.33
C ALA E 152 111.08 14.19 11.31
N SER E 153 111.87 13.74 10.33
CA SER E 153 113.18 14.31 10.04
C SER E 153 113.36 14.68 8.58
N TRP E 154 112.33 14.49 7.74
CA TRP E 154 112.39 14.88 6.33
C TRP E 154 111.12 15.59 5.86
N GLY E 155 110.09 15.70 6.69
CA GLY E 155 108.87 16.40 6.33
C GLY E 155 107.64 15.51 6.42
N HIS E 156 106.75 15.81 7.38
CA HIS E 156 105.53 15.04 7.58
C HIS E 156 104.38 15.99 7.91
N GLU E 157 103.17 15.58 7.53
CA GLU E 157 101.96 16.42 7.63
C GLU E 157 101.34 16.40 9.03
N TYR E 158 102.16 16.74 10.02
CA TYR E 158 101.62 16.91 11.37
C TYR E 158 102.52 17.78 12.22
N VAL E 159 103.84 17.55 12.16
CA VAL E 159 104.82 18.45 12.76
C VAL E 159 106.05 18.45 11.88
N ARG E 160 106.74 19.60 11.85
CA ARG E 160 107.91 19.78 11.01
C ARG E 160 107.51 19.82 9.53
N HIS E 161 107.21 21.03 9.04
CA HIS E 161 106.98 21.28 7.62
C HIS E 161 105.58 20.89 7.17
N LEU E 162 105.17 21.37 5.99
CA LEU E 162 103.91 21.03 5.36
C LEU E 162 102.71 21.61 6.11
N ALA E 163 102.47 21.17 7.34
CA ALA E 163 101.37 21.71 8.13
C ALA E 163 101.68 21.71 9.62
N GLY E 164 102.94 21.83 10.00
CA GLY E 164 103.34 21.79 11.39
C GLY E 164 103.92 23.09 11.90
N GLU E 165 105.16 23.38 11.51
CA GLU E 165 105.85 24.60 11.93
C GLU E 165 105.69 25.73 10.91
N VAL E 166 104.97 25.50 9.82
CA VAL E 166 104.55 26.58 8.93
C VAL E 166 103.19 27.14 9.34
N ALA E 167 102.54 26.57 10.36
CA ALA E 167 101.21 27.01 10.76
C ALA E 167 101.25 28.25 11.63
N LYS E 168 102.35 28.49 12.36
CA LYS E 168 102.49 29.68 13.19
C LYS E 168 102.96 30.90 12.41
N GLU E 169 102.89 30.85 11.09
CA GLU E 169 103.22 31.99 10.24
C GLU E 169 101.98 32.81 9.88
N TRP E 170 100.84 32.15 9.72
CA TRP E 170 99.56 32.84 9.55
C TRP E 170 98.65 32.68 10.77
N GLN E 171 99.11 31.98 11.81
CA GLN E 171 98.40 31.95 13.09
C GLN E 171 98.88 33.01 14.07
N GLU E 172 100.08 33.56 13.84
CA GLU E 172 100.58 34.68 14.64
C GLU E 172 100.24 36.03 14.02
N LEU E 173 100.14 36.08 12.69
CA LEU E 173 99.80 37.33 12.00
C LEU E 173 98.31 37.46 11.70
N ASP E 174 97.55 36.38 11.81
CA ASP E 174 96.10 36.43 11.65
C ASP E 174 95.36 36.54 12.98
N ASP E 175 95.94 36.04 14.07
CA ASP E 175 95.39 36.28 15.41
C ASP E 175 95.84 37.62 15.98
N ALA E 176 96.96 38.16 15.51
CA ALA E 176 97.42 39.48 15.96
C ALA E 176 96.72 40.60 15.19
N GLU E 177 96.29 40.34 13.95
CA GLU E 177 95.62 41.34 13.13
C GLU E 177 94.13 41.43 13.46
N LYS E 178 93.52 40.32 13.92
CA LYS E 178 92.12 40.34 14.34
C LYS E 178 91.93 40.99 15.71
N VAL E 179 93.01 41.14 16.48
CA VAL E 179 92.95 41.93 17.71
C VAL E 179 93.04 43.41 17.40
N GLN E 180 93.66 43.78 16.27
CA GLN E 180 93.81 45.19 15.92
C GLN E 180 92.45 45.85 15.70
N ARG E 181 91.51 45.14 15.09
CA ARG E 181 90.14 45.61 14.95
C ARG E 181 89.41 45.40 16.27
N GLU E 182 88.83 46.48 16.82
CA GLU E 182 88.04 46.40 18.03
C GLU E 182 88.87 45.69 19.11
N PRO E 183 88.28 45.26 20.22
CA PRO E 183 89.01 44.33 21.11
C PRO E 183 89.18 42.94 20.51
N LEU E 184 88.09 42.30 20.12
CA LEU E 184 88.20 40.95 19.59
C LEU E 184 86.91 40.66 18.81
N LEU E 185 86.46 39.42 18.85
CA LEU E 185 85.21 38.97 18.25
C LEU E 185 84.81 37.67 18.95
N THR E 186 83.55 37.26 18.73
CA THR E 186 83.08 35.99 19.28
C THR E 186 83.95 34.83 18.84
N LEU E 187 84.66 34.95 17.71
CA LEU E 187 85.52 33.89 17.20
C LEU E 187 87.00 34.12 17.47
N VAL E 188 87.51 35.35 17.29
CA VAL E 188 88.94 35.59 17.53
C VAL E 188 89.36 34.98 18.86
N LYS E 189 88.45 34.94 19.83
CA LYS E 189 88.70 34.25 21.08
C LYS E 189 88.66 32.74 20.88
N GLU E 190 87.77 32.25 20.02
CA GLU E 190 87.59 30.82 19.76
C GLU E 190 88.35 30.38 18.50
N ILE E 191 89.53 30.93 18.24
CA ILE E 191 90.46 30.34 17.29
C ILE E 191 91.42 29.40 17.98
N VAL E 192 91.90 29.78 19.16
CA VAL E 192 92.77 28.90 19.94
C VAL E 192 92.04 27.63 20.34
N PRO E 193 90.80 27.66 20.82
CA PRO E 193 90.06 26.40 21.05
C PRO E 193 89.80 25.60 19.78
N TYR E 194 89.74 26.24 18.61
CA TYR E 194 89.51 25.49 17.38
C TYR E 194 90.71 24.59 17.06
N ASN E 195 91.92 25.12 17.22
CA ASN E 195 93.12 24.31 17.06
C ASN E 195 93.34 23.38 18.25
N MET E 196 92.82 23.75 19.43
CA MET E 196 92.90 22.85 20.57
C MET E 196 92.10 21.57 20.35
N ALA E 197 90.91 21.69 19.75
CA ALA E 197 90.05 20.54 19.49
C ALA E 197 90.58 19.63 18.38
N HIS E 198 91.66 20.03 17.71
CA HIS E 198 92.22 19.27 16.60
C HIS E 198 93.60 18.74 17.00
N ASN E 199 94.33 18.23 16.00
CA ASN E 199 95.72 17.79 16.21
C ASN E 199 96.67 18.97 16.33
N ALA E 200 96.28 20.02 17.06
CA ALA E 200 97.08 21.23 17.20
C ALA E 200 97.02 21.67 18.68
N GLU E 201 97.56 20.83 19.56
CA GLU E 201 97.60 21.16 20.99
C GLU E 201 98.63 22.25 21.26
N HIS E 202 99.88 22.01 20.89
CA HIS E 202 100.96 22.97 21.12
C HIS E 202 100.89 24.16 20.18
N GLU E 203 99.89 24.24 19.30
CA GLU E 203 99.59 25.43 18.53
C GLU E 203 98.41 26.22 19.12
N ALA E 204 97.65 25.60 20.03
CA ALA E 204 96.68 26.32 20.84
C ALA E 204 97.25 26.73 22.20
N CYS E 205 98.43 26.26 22.57
CA CYS E 205 99.08 26.72 23.80
C CYS E 205 99.92 27.98 23.57
N ASP E 206 100.80 27.95 22.56
CA ASP E 206 101.66 29.10 22.27
C ASP E 206 100.84 30.32 21.89
N LEU E 207 99.65 30.12 21.33
CA LEU E 207 98.79 31.25 20.95
C LEU E 207 98.25 31.97 22.19
N LEU E 208 97.68 31.20 23.13
CA LEU E 208 97.13 31.82 24.33
C LEU E 208 98.22 32.42 25.20
N MET E 209 99.41 31.81 25.23
CA MET E 209 100.47 32.39 26.07
C MET E 209 101.10 33.62 25.41
N GLU E 210 101.40 33.55 24.11
CA GLU E 210 102.15 34.59 23.44
C GLU E 210 101.31 35.76 22.93
N ILE E 211 100.01 35.55 22.72
CA ILE E 211 99.15 36.66 22.32
C ILE E 211 98.61 37.44 23.53
N GLU E 212 98.57 36.81 24.71
CA GLU E 212 98.19 37.51 25.93
C GLU E 212 99.39 38.03 26.72
N GLN E 213 100.61 37.55 26.43
CA GLN E 213 101.78 38.28 26.88
C GLN E 213 102.11 39.46 25.98
N VAL E 214 101.43 39.60 24.84
CA VAL E 214 101.61 40.74 23.96
C VAL E 214 100.42 41.69 24.11
N ASP E 215 99.23 41.14 24.41
CA ASP E 215 98.08 41.99 24.72
C ASP E 215 98.28 42.80 25.99
N MET E 216 99.14 42.34 26.90
CA MET E 216 99.39 43.06 28.14
C MET E 216 100.12 44.37 27.91
N LEU E 217 101.00 44.42 26.90
CA LEU E 217 101.81 45.59 26.61
C LEU E 217 101.44 46.30 25.31
N GLU E 218 100.58 45.70 24.49
CA GLU E 218 100.24 46.29 23.19
C GLU E 218 98.72 46.50 23.10
N LYS E 219 98.12 46.12 21.97
CA LYS E 219 96.68 46.27 21.81
C LYS E 219 95.95 45.39 22.83
N ASP E 220 94.80 45.90 23.29
CA ASP E 220 93.97 45.38 24.38
C ASP E 220 94.43 45.90 25.74
N ILE E 221 95.64 46.49 25.83
CA ILE E 221 96.14 47.09 27.06
C ILE E 221 95.99 46.10 28.21
N ASP E 222 95.17 46.45 29.21
CA ASP E 222 94.86 45.56 30.32
C ASP E 222 93.37 45.26 30.46
N GLU E 223 92.50 46.03 29.81
CA GLU E 223 91.06 45.82 29.95
C GLU E 223 90.60 44.62 29.12
N ASN E 224 90.82 44.67 27.81
CA ASN E 224 90.44 43.57 26.93
C ASN E 224 91.44 42.42 26.97
N ALA E 225 92.53 42.56 27.74
CA ALA E 225 93.40 41.44 28.05
C ALA E 225 92.91 40.66 29.27
N TYR E 226 91.98 41.22 30.05
CA TYR E 226 91.34 40.52 31.16
C TYR E 226 90.05 39.83 30.73
N ALA E 227 89.23 40.51 29.90
CA ALA E 227 87.94 39.99 29.48
C ALA E 227 88.05 38.84 28.49
N LYS E 228 89.23 38.62 27.91
CA LYS E 228 89.42 37.59 26.89
C LYS E 228 89.69 36.21 27.51
N VAL E 229 90.43 36.19 28.62
CA VAL E 229 90.87 34.93 29.21
C VAL E 229 89.75 34.29 30.05
N CYS E 230 88.86 35.09 30.63
CA CYS E 230 87.72 34.52 31.35
C CYS E 230 86.62 34.07 30.38
N LEU E 231 86.53 34.71 29.20
CA LEU E 231 85.70 34.17 28.14
C LEU E 231 86.26 32.84 27.64
N TYR E 232 87.59 32.77 27.50
CA TYR E 232 88.24 31.50 27.18
C TYR E 232 87.94 30.44 28.24
N LEU E 233 87.87 30.86 29.52
CA LEU E 233 87.66 29.92 30.61
C LEU E 233 86.23 29.41 30.64
N THR E 234 85.24 30.29 30.52
CA THR E 234 83.86 29.83 30.50
C THR E 234 83.54 29.09 29.21
N SER E 235 84.28 29.38 28.13
CA SER E 235 84.09 28.65 26.88
C SER E 235 84.64 27.23 26.97
N CYS E 236 85.77 27.05 27.65
CA CYS E 236 86.50 25.78 27.59
C CYS E 236 86.28 24.86 28.81
N VAL E 237 85.85 25.40 29.96
CA VAL E 237 85.95 24.62 31.19
C VAL E 237 84.94 23.46 31.21
N ASN E 238 83.78 23.63 30.58
CA ASN E 238 82.69 22.66 30.72
C ASN E 238 82.56 21.69 29.55
N TYR E 239 82.95 22.10 28.34
CA TYR E 239 82.61 21.36 27.13
C TYR E 239 83.79 20.61 26.53
N VAL E 240 84.89 20.45 27.27
CA VAL E 240 86.10 19.86 26.71
C VAL E 240 86.49 18.63 27.50
N PRO E 241 86.99 17.56 26.86
CA PRO E 241 87.50 16.43 27.64
C PRO E 241 88.62 16.87 28.57
N GLU E 242 88.60 16.29 29.78
CA GLU E 242 89.39 16.79 30.90
C GLU E 242 90.88 16.58 30.72
N PRO E 243 91.33 15.46 30.13
CA PRO E 243 92.79 15.27 29.94
C PRO E 243 93.51 16.50 29.37
N GLU E 244 92.88 17.21 28.43
CA GLU E 244 93.45 18.42 27.85
C GLU E 244 92.99 19.68 28.57
N ASN E 245 91.72 19.70 28.98
CA ASN E 245 91.16 20.88 29.63
C ASN E 245 91.96 21.24 30.88
N SER E 246 92.50 20.25 31.59
CA SER E 246 93.28 20.55 32.78
C SER E 246 94.55 21.33 32.45
N ALA E 247 95.11 21.13 31.25
CA ALA E 247 96.24 21.94 30.83
C ALA E 247 95.78 23.29 30.30
N LEU E 248 94.58 23.37 29.73
CA LEU E 248 94.05 24.67 29.33
C LEU E 248 93.82 25.59 30.53
N LEU E 249 93.39 25.03 31.66
CA LEU E 249 93.24 25.83 32.87
C LEU E 249 94.58 26.19 33.52
N ARG E 250 95.69 25.60 33.04
CA ARG E 250 97.01 25.97 33.51
C ARG E 250 97.74 26.91 32.54
N CYS E 251 97.25 27.03 31.30
CA CYS E 251 97.76 28.07 30.41
C CYS E 251 97.00 29.39 30.54
N ALA E 252 95.77 29.36 31.05
CA ALA E 252 95.08 30.58 31.45
C ALA E 252 95.47 31.05 32.85
N LEU E 253 96.15 30.19 33.62
CA LEU E 253 96.70 30.58 34.92
C LEU E 253 98.05 31.27 34.75
N GLY E 254 98.85 30.82 33.77
CA GLY E 254 100.11 31.47 33.46
C GLY E 254 99.97 32.90 32.99
N VAL E 255 98.82 33.26 32.43
CA VAL E 255 98.54 34.64 32.03
C VAL E 255 97.73 35.40 33.09
N PHE E 256 97.11 34.70 34.04
CA PHE E 256 96.51 35.37 35.19
C PHE E 256 97.53 35.73 36.26
N ARG E 257 98.66 35.01 36.32
CA ARG E 257 99.70 35.35 37.30
C ARG E 257 100.52 36.54 36.85
N LYS E 258 100.95 36.57 35.59
CA LYS E 258 101.70 37.72 35.08
C LYS E 258 100.84 38.98 35.03
N PHE E 259 99.53 38.82 34.86
CA PHE E 259 98.61 39.95 34.99
C PHE E 259 98.48 40.34 36.47
N SER E 260 97.69 41.38 36.71
CA SER E 260 97.23 41.69 38.06
C SER E 260 96.02 40.86 38.46
N ARG E 261 95.67 39.85 37.67
CA ARG E 261 94.48 39.04 37.90
C ARG E 261 94.82 37.88 38.85
N PHE E 262 94.98 38.25 40.11
CA PHE E 262 95.32 37.28 41.15
C PHE E 262 94.09 36.71 41.83
N PRO E 263 93.01 37.48 41.99
CA PRO E 263 91.74 36.85 42.41
C PRO E 263 91.35 35.68 41.51
N GLU E 264 91.37 35.91 40.19
CA GLU E 264 91.01 34.87 39.24
C GLU E 264 92.11 33.81 39.10
N ALA E 265 93.34 34.13 39.50
CA ALA E 265 94.40 33.14 39.46
C ALA E 265 94.29 32.15 40.61
N LEU E 266 94.01 32.64 41.83
CA LEU E 266 93.79 31.71 42.95
C LEU E 266 92.50 30.93 42.76
N ARG E 267 91.43 31.62 42.32
CA ARG E 267 90.24 30.91 41.88
C ARG E 267 90.61 29.80 40.91
N LEU E 268 91.53 30.08 39.98
CA LEU E 268 91.87 29.12 38.95
C LEU E 268 92.88 28.08 39.42
N ALA E 269 93.50 28.29 40.58
CA ALA E 269 94.34 27.28 41.19
C ALA E 269 93.56 26.39 42.15
N LEU E 270 92.30 26.73 42.44
CA LEU E 270 91.42 25.80 43.15
C LEU E 270 90.62 24.90 42.22
N MET E 271 90.60 25.18 40.92
CA MET E 271 90.00 24.27 39.95
C MET E 271 90.98 23.20 39.49
N LEU E 272 92.25 23.58 39.31
CA LEU E 272 93.28 22.61 38.96
C LEU E 272 93.59 21.68 40.13
N ASN E 273 93.66 22.22 41.34
CA ASN E 273 94.11 21.50 42.53
C ASN E 273 95.57 21.05 42.38
N ASP E 274 96.41 21.98 41.96
CA ASP E 274 97.86 21.81 41.97
C ASP E 274 98.40 22.46 43.25
N MET E 275 98.97 21.65 44.13
CA MET E 275 99.44 22.17 45.40
C MET E 275 100.50 23.24 45.20
N GLU E 276 101.31 23.12 44.13
CA GLU E 276 102.32 24.12 43.83
C GLU E 276 101.73 25.36 43.15
N LEU E 277 100.46 25.33 42.74
CA LEU E 277 99.74 26.52 42.33
C LEU E 277 98.82 27.05 43.43
N VAL E 278 98.43 26.21 44.38
CA VAL E 278 97.82 26.69 45.61
C VAL E 278 98.83 27.51 46.39
N GLU E 279 100.09 27.10 46.37
CA GLU E 279 101.15 27.86 47.01
C GLU E 279 101.39 29.21 46.34
N ASP E 280 100.82 29.45 45.15
CA ASP E 280 101.20 30.62 44.38
C ASP E 280 100.65 31.92 44.98
N ILE E 281 99.40 31.91 45.45
CA ILE E 281 98.84 33.13 46.00
C ILE E 281 99.36 33.42 47.40
N PHE E 282 99.85 32.40 48.11
CA PHE E 282 100.58 32.65 49.35
C PHE E 282 102.01 33.11 49.08
N THR E 283 102.47 33.01 47.83
CA THR E 283 103.71 33.64 47.41
C THR E 283 103.51 35.10 47.00
N SER E 284 102.28 35.50 46.70
CA SER E 284 101.98 36.85 46.21
C SER E 284 101.53 37.81 47.29
N CYS E 285 101.24 37.33 48.50
CA CYS E 285 100.95 38.21 49.62
C CYS E 285 102.15 38.39 50.55
N LYS E 286 103.22 37.63 50.34
CA LYS E 286 104.50 37.84 51.03
C LYS E 286 105.53 38.53 50.14
N ASP E 287 105.58 38.20 48.86
CA ASP E 287 106.58 38.77 47.95
C ASP E 287 106.17 40.14 47.44
N VAL E 288 104.88 40.34 47.16
CA VAL E 288 104.43 41.55 46.47
C VAL E 288 104.31 42.73 47.45
N VAL E 289 103.85 42.46 48.66
CA VAL E 289 103.60 43.51 49.66
C VAL E 289 104.82 44.37 49.86
N VAL E 290 104.61 45.66 50.12
CA VAL E 290 105.63 46.56 50.66
C VAL E 290 105.26 47.00 52.08
N GLN E 291 104.01 47.43 52.28
CA GLN E 291 103.42 47.55 53.62
C GLN E 291 102.42 46.43 53.74
N LYS E 292 101.12 46.69 53.57
CA LYS E 292 100.11 45.65 53.38
C LYS E 292 99.53 45.72 51.97
N GLN E 293 98.88 46.84 51.63
CA GLN E 293 98.46 47.11 50.26
C GLN E 293 97.44 46.08 49.79
N MET E 294 97.34 45.90 48.48
CA MET E 294 96.39 44.94 47.93
C MET E 294 96.95 43.52 47.91
N ALA E 295 98.27 43.37 47.96
CA ALA E 295 98.87 42.04 47.97
C ALA E 295 98.57 41.28 49.25
N PHE E 296 98.35 42.00 50.36
CA PHE E 296 97.94 41.36 51.61
C PHE E 296 96.46 41.00 51.57
N MET E 297 95.65 41.91 51.04
CA MET E 297 94.23 41.63 50.83
C MET E 297 94.05 40.34 50.05
N LEU E 298 94.84 40.15 49.00
CA LEU E 298 94.63 38.96 48.16
C LEU E 298 95.08 37.67 48.84
N GLY E 299 95.92 37.75 49.87
CA GLY E 299 96.18 36.57 50.68
C GLY E 299 94.98 36.23 51.55
N ARG E 300 94.45 37.23 52.27
CA ARG E 300 93.28 36.98 53.11
C ARG E 300 92.09 36.55 52.26
N HIS E 301 91.94 37.14 51.07
CA HIS E 301 90.87 36.80 50.14
C HIS E 301 91.09 35.43 49.52
N GLY E 302 92.34 35.09 49.23
CA GLY E 302 92.68 33.78 48.72
C GLY E 302 92.21 32.69 49.66
N VAL E 303 92.69 32.72 50.90
CA VAL E 303 92.28 31.66 51.82
C VAL E 303 90.80 31.78 52.18
N PHE E 304 90.21 32.98 52.10
CA PHE E 304 88.77 33.08 52.23
C PHE E 304 88.07 32.23 51.16
N LEU E 305 88.61 32.22 49.95
CA LEU E 305 88.00 31.39 48.91
C LEU E 305 88.34 29.92 49.07
N GLU E 306 89.51 29.59 49.62
CA GLU E 306 89.80 28.19 49.92
C GLU E 306 88.84 27.64 50.97
N LEU E 307 88.35 28.50 51.87
CA LEU E 307 87.40 28.02 52.88
C LEU E 307 85.98 27.98 52.34
N SER E 308 85.57 28.98 51.55
CA SER E 308 84.17 29.04 51.13
C SER E 308 83.86 28.19 49.89
N GLU E 309 84.86 27.85 49.07
CA GLU E 309 84.64 26.93 47.96
C GLU E 309 85.19 25.54 48.24
N ASP E 310 86.19 25.41 49.10
CA ASP E 310 86.82 24.12 49.35
C ASP E 310 87.47 23.58 48.07
N VAL E 311 87.37 22.27 47.86
CA VAL E 311 87.99 21.59 46.73
C VAL E 311 87.78 20.12 47.03
N GLU E 312 88.03 19.75 48.28
CA GLU E 312 87.49 18.57 48.94
C GLU E 312 87.67 18.79 50.43
N GLU E 313 87.74 20.07 50.83
CA GLU E 313 88.07 20.48 52.19
C GLU E 313 89.46 20.02 52.59
N TYR E 314 90.45 20.48 51.82
CA TYR E 314 91.86 20.33 52.17
C TYR E 314 92.37 21.62 52.82
N GLU E 315 91.67 22.01 53.88
CA GLU E 315 92.00 23.20 54.67
C GLU E 315 93.19 22.97 55.60
N ASP E 316 93.63 21.72 55.74
CA ASP E 316 94.72 21.35 56.64
C ASP E 316 96.07 21.33 55.93
N LEU E 317 96.11 21.06 54.62
CA LEU E 317 97.35 21.09 53.87
C LEU E 317 97.86 22.54 53.76
N THR E 318 97.04 23.42 53.19
CA THR E 318 97.38 24.84 53.06
C THR E 318 97.66 25.47 54.43
N GLU E 319 97.09 24.93 55.50
CA GLU E 319 97.24 25.52 56.82
C GLU E 319 98.60 25.19 57.43
N ILE E 320 99.12 23.99 57.20
CA ILE E 320 100.43 23.64 57.74
C ILE E 320 101.53 24.26 56.87
N MET E 321 101.35 24.29 55.55
CA MET E 321 102.37 24.95 54.73
C MET E 321 102.34 26.46 54.90
N SER E 322 101.18 27.04 55.25
CA SER E 322 101.12 28.46 55.57
C SER E 322 101.58 28.76 57.00
N ASN E 323 101.51 27.77 57.90
CA ASN E 323 101.97 27.98 59.27
C ASN E 323 103.48 27.85 59.41
N VAL E 324 104.12 27.00 58.59
CA VAL E 324 105.58 26.95 58.59
C VAL E 324 106.15 28.30 58.13
N GLN E 325 105.51 28.90 57.12
CA GLN E 325 105.88 30.24 56.66
C GLN E 325 105.42 31.33 57.62
N LEU E 326 104.42 31.06 58.46
CA LEU E 326 104.01 32.00 59.50
C LEU E 326 104.77 31.84 60.80
N ASN E 327 105.69 30.87 60.88
CA ASN E 327 106.63 30.78 61.99
C ASN E 327 108.02 31.25 61.61
N SER E 328 108.57 30.77 60.48
CA SER E 328 109.92 31.17 60.12
C SER E 328 109.96 32.66 59.74
N ASN E 329 109.04 33.09 58.87
CA ASN E 329 108.98 34.48 58.41
C ASN E 329 107.91 35.27 59.15
N PHE E 330 106.64 34.84 59.01
CA PHE E 330 105.51 35.46 59.69
C PHE E 330 105.18 36.84 59.13
N LEU E 331 104.06 36.94 58.41
CA LEU E 331 103.42 38.22 58.13
C LEU E 331 102.26 38.50 59.07
N ALA E 332 101.50 37.46 59.42
CA ALA E 332 100.39 37.58 60.37
C ALA E 332 99.70 36.23 60.55
N LEU E 333 99.80 35.66 61.75
CA LEU E 333 99.10 34.40 62.02
C LEU E 333 97.63 34.63 62.34
N ALA E 334 97.31 35.79 62.95
CA ALA E 334 95.94 36.10 63.37
C ALA E 334 95.04 36.47 62.20
N ARG E 335 95.62 36.78 61.04
CA ARG E 335 94.84 37.16 59.86
C ARG E 335 94.67 36.03 58.85
N GLU E 336 95.57 35.05 58.84
CA GLU E 336 95.46 33.88 57.97
C GLU E 336 94.84 32.67 58.69
N LEU E 337 95.40 32.30 59.84
CA LEU E 337 94.94 31.08 60.51
C LEU E 337 93.53 31.22 61.04
N ASP E 338 93.11 32.45 61.42
CA ASP E 338 91.74 32.70 61.86
C ASP E 338 90.74 32.70 60.73
N ILE E 339 91.19 32.35 59.52
CA ILE E 339 90.31 32.19 58.38
C ILE E 339 90.35 30.77 57.83
N MET E 340 91.55 30.17 57.73
CA MET E 340 91.60 28.77 57.34
C MET E 340 90.89 27.90 58.37
N GLU E 341 91.20 28.11 59.65
CA GLU E 341 90.35 27.59 60.71
C GLU E 341 89.16 28.52 60.89
N PRO E 342 87.91 28.04 60.77
CA PRO E 342 86.76 28.96 60.87
C PRO E 342 86.61 29.55 62.27
N LYS E 343 87.41 30.56 62.59
CA LYS E 343 87.22 31.37 63.79
C LYS E 343 86.44 32.63 63.50
N VAL E 344 86.64 33.22 62.32
CA VAL E 344 85.87 34.38 61.87
C VAL E 344 84.49 33.92 61.45
N PRO E 345 84.35 32.79 60.74
CA PRO E 345 83.01 32.23 60.50
C PRO E 345 82.14 32.13 61.76
N ASP E 346 82.71 31.70 62.89
CA ASP E 346 81.94 31.59 64.12
C ASP E 346 81.46 32.95 64.63
N ASP E 347 82.13 34.04 64.28
CA ASP E 347 81.70 35.36 64.69
C ASP E 347 80.57 35.89 63.80
N ILE E 348 80.62 35.57 62.51
CA ILE E 348 79.66 36.13 61.57
C ILE E 348 78.38 35.30 61.49
N TYR E 349 78.44 33.99 61.77
CA TYR E 349 77.20 33.25 62.00
C TYR E 349 76.39 33.93 63.09
N LYS E 350 77.07 34.34 64.17
CA LYS E 350 76.43 35.01 65.29
C LYS E 350 75.98 36.41 64.90
N THR E 351 76.73 37.09 64.03
CA THR E 351 76.25 38.38 63.51
C THR E 351 74.95 38.20 62.73
N HIS E 352 74.86 37.14 61.92
CA HIS E 352 73.62 36.81 61.24
C HIS E 352 72.50 36.60 62.25
N LEU E 353 72.83 35.97 63.39
CA LEU E 353 71.84 35.77 64.44
C LEU E 353 71.32 37.10 64.98
N GLU E 354 72.22 38.06 65.25
CA GLU E 354 71.78 39.31 65.87
C GLU E 354 71.11 40.25 64.88
N ASN E 355 71.42 40.16 63.60
CA ASN E 355 70.85 41.10 62.64
C ASN E 355 69.59 40.56 61.96
N ASN E 356 69.49 39.25 61.74
CA ASN E 356 68.29 38.65 61.17
C ASN E 356 67.41 37.97 62.20
N ARG E 357 67.81 38.00 63.48
CA ARG E 357 67.03 37.51 64.60
C ARG E 357 66.52 36.08 64.42
N PHE E 358 67.09 35.15 65.19
CA PHE E 358 66.58 33.79 65.32
C PHE E 358 66.07 33.62 66.75
N GLY E 359 64.86 33.07 66.88
CA GLY E 359 64.33 32.67 68.16
C GLY E 359 64.09 31.17 68.18
N GLY E 360 63.52 30.72 69.30
CA GLY E 360 63.14 29.33 69.42
C GLY E 360 61.91 29.01 68.58
N SER E 361 61.86 27.80 68.05
CA SER E 361 60.76 27.40 67.18
C SER E 361 60.52 25.88 67.19
N GLY E 362 61.39 25.13 67.85
CA GLY E 362 61.40 23.69 67.75
C GLY E 362 60.06 23.03 68.01
N SER E 363 59.91 21.80 67.53
CA SER E 363 58.80 20.92 67.87
C SER E 363 59.26 19.93 68.93
N GLN E 364 58.58 19.91 70.07
CA GLN E 364 58.91 18.99 71.15
C GLN E 364 57.71 18.12 71.50
N VAL E 365 57.24 17.33 70.53
CA VAL E 365 56.08 16.47 70.71
C VAL E 365 56.55 15.02 70.75
N ASP E 366 55.93 14.21 71.61
CA ASP E 366 56.28 12.82 71.79
C ASP E 366 55.17 11.91 71.28
N SER E 367 55.56 10.73 70.81
CA SER E 367 54.64 9.66 70.42
C SER E 367 55.38 8.64 69.56
N ALA E 368 56.22 7.80 70.20
CA ALA E 368 57.02 6.80 69.53
C ALA E 368 58.00 7.45 68.54
N ARG E 369 57.69 7.43 67.24
CA ARG E 369 58.57 7.99 66.23
C ARG E 369 58.34 9.48 65.99
N MET E 370 57.21 10.04 66.45
CA MET E 370 57.02 11.48 66.36
C MET E 370 58.03 12.23 67.22
N ASN E 371 58.53 11.59 68.27
CA ASN E 371 59.61 12.16 69.07
C ASN E 371 60.88 12.31 68.23
N LEU E 372 61.19 11.31 67.41
CA LEU E 372 62.37 11.38 66.56
C LEU E 372 62.27 12.55 65.57
N ALA E 373 61.12 12.67 64.91
CA ALA E 373 60.91 13.78 63.99
C ALA E 373 60.96 15.12 64.71
N SER E 374 60.45 15.16 65.95
CA SER E 374 60.42 16.41 66.70
C SER E 374 61.83 16.84 67.11
N SER E 375 62.69 15.88 67.46
CA SER E 375 64.07 16.22 67.79
C SER E 375 64.93 16.44 66.54
N PHE E 376 64.43 16.10 65.35
CA PHE E 376 65.09 16.62 64.15
C PHE E 376 64.67 18.05 63.85
N VAL E 377 63.37 18.36 63.97
CA VAL E 377 62.92 19.75 63.84
C VAL E 377 63.70 20.64 64.79
N ASN E 378 63.75 20.24 66.08
CA ASN E 378 64.42 21.02 67.11
C ASN E 378 65.85 21.38 66.70
N GLY E 379 66.52 20.48 65.97
CA GLY E 379 67.89 20.68 65.56
C GLY E 379 68.06 21.20 64.15
N PHE E 380 66.97 21.46 63.43
CA PHE E 380 67.06 22.13 62.14
C PHE E 380 66.68 23.61 62.22
N VAL E 381 65.58 23.93 62.91
CA VAL E 381 65.13 25.31 62.91
C VAL E 381 66.04 26.16 63.80
N ASN E 382 66.61 25.57 64.84
CA ASN E 382 67.53 26.28 65.74
C ASN E 382 68.98 26.15 65.33
N ALA E 383 69.29 25.34 64.31
CA ALA E 383 70.67 25.19 63.85
C ALA E 383 71.19 26.52 63.33
N ALA E 384 72.44 26.53 62.85
CA ALA E 384 73.02 27.69 62.18
C ALA E 384 73.24 28.85 63.16
N PHE E 385 73.77 28.55 64.33
CA PHE E 385 73.92 29.53 65.41
C PHE E 385 72.59 30.22 65.70
N GLY E 386 71.49 29.50 65.51
CA GLY E 386 70.23 29.86 66.11
C GLY E 386 70.14 29.21 67.48
N GLN E 387 71.24 29.31 68.21
CA GLN E 387 71.43 28.56 69.46
C GLN E 387 70.48 29.05 70.54
N ASP E 388 69.65 28.15 71.05
CA ASP E 388 68.76 28.45 72.17
C ASP E 388 69.16 27.57 73.35
N LYS E 389 69.38 28.20 74.51
CA LYS E 389 69.91 27.48 75.67
C LYS E 389 68.85 26.69 76.41
N LEU E 390 67.60 27.14 76.41
CA LEU E 390 66.52 26.43 77.10
C LEU E 390 65.93 25.32 76.25
N LEU E 391 66.16 25.33 74.93
CA LEU E 391 65.74 24.23 74.07
C LEU E 391 66.68 23.02 74.19
N THR E 392 67.80 23.17 74.91
CA THR E 392 68.71 22.08 75.19
C THR E 392 68.97 21.86 76.68
N ASP E 393 68.54 22.79 77.55
CA ASP E 393 68.73 22.68 78.99
C ASP E 393 67.49 22.18 79.73
N ASP E 394 66.30 22.65 79.35
CA ASP E 394 65.06 22.07 79.85
C ASP E 394 64.54 20.97 78.95
N GLY E 395 64.86 21.03 77.64
CA GLY E 395 64.70 19.88 76.76
C GLY E 395 65.58 18.71 77.14
N ASN E 396 66.48 18.90 78.12
CA ASN E 396 67.21 17.79 78.72
C ASN E 396 66.34 16.97 79.67
N LYS E 397 65.23 17.56 80.16
CA LYS E 397 64.22 16.83 80.92
C LYS E 397 63.12 16.28 80.01
N TRP E 398 63.09 16.68 78.74
CA TRP E 398 62.25 16.09 77.72
C TRP E 398 62.93 14.93 77.02
N LEU E 399 64.26 14.82 77.13
CA LEU E 399 65.05 13.75 76.53
C LEU E 399 65.35 12.61 77.50
N TYR E 400 65.54 12.90 78.79
CA TYR E 400 65.63 11.83 79.79
C TYR E 400 64.31 11.07 79.89
N LYS E 401 63.19 11.73 79.58
CA LYS E 401 61.88 11.09 79.63
C LYS E 401 61.74 10.06 78.52
N ASN E 402 62.16 10.40 77.30
CA ASN E 402 62.08 9.49 76.16
C ASN E 402 62.93 8.24 76.40
N LYS E 403 62.87 7.27 75.48
CA LYS E 403 63.63 6.04 75.62
C LYS E 403 63.98 5.52 74.23
N ASP E 404 64.73 4.41 74.20
CA ASP E 404 65.17 3.78 72.95
C ASP E 404 66.12 4.71 72.20
N HIS E 405 66.11 4.66 70.86
CA HIS E 405 66.85 5.61 70.05
C HIS E 405 66.17 6.97 69.98
N GLY E 406 65.13 7.20 70.79
CA GLY E 406 64.58 8.52 71.01
C GLY E 406 65.38 9.37 71.98
N MET E 407 66.35 8.77 72.66
CA MET E 407 67.35 9.52 73.43
C MET E 407 68.57 9.83 72.58
N LEU E 408 68.87 9.02 71.57
CA LEU E 408 70.07 9.17 70.75
C LEU E 408 69.94 10.32 69.77
N SER E 409 68.84 10.33 69.00
CA SER E 409 68.61 11.42 68.07
C SER E 409 68.46 12.74 68.81
N ALA E 410 67.83 12.72 69.98
CA ALA E 410 67.62 13.93 70.76
C ALA E 410 68.89 14.41 71.45
N ALA E 411 69.82 13.50 71.77
CA ALA E 411 71.08 13.91 72.38
C ALA E 411 72.09 14.40 71.34
N ALA E 412 72.03 13.88 70.11
CA ALA E 412 72.82 14.45 69.02
C ALA E 412 72.23 15.80 68.57
N SER E 413 70.91 15.94 68.69
CA SER E 413 70.26 17.19 68.34
C SER E 413 70.61 18.32 69.30
N LEU E 414 71.34 18.05 70.39
CA LEU E 414 71.87 19.12 71.23
C LEU E 414 73.16 19.68 70.68
N GLY E 415 73.82 18.97 69.78
CA GLY E 415 74.97 19.49 69.08
C GLY E 415 74.55 20.14 67.78
N MET E 416 73.47 19.64 67.18
CA MET E 416 72.98 20.32 65.97
C MET E 416 72.62 21.77 66.24
N ILE E 417 71.92 22.05 67.35
CA ILE E 417 71.63 23.44 67.72
C ILE E 417 72.93 24.18 68.02
N LEU E 418 73.71 23.66 68.96
CA LEU E 418 75.02 24.22 69.30
C LEU E 418 76.00 23.85 68.19
N LEU E 419 75.80 24.46 67.03
CA LEU E 419 76.61 24.23 65.85
C LEU E 419 77.53 25.43 65.62
N TRP E 420 78.81 25.15 65.41
CA TRP E 420 79.88 26.15 65.26
C TRP E 420 80.33 26.75 66.58
N ASP E 421 80.05 26.10 67.72
CA ASP E 421 80.43 26.63 69.03
C ASP E 421 81.86 26.26 69.43
N VAL E 422 82.74 26.08 68.44
CA VAL E 422 84.18 25.93 68.60
C VAL E 422 84.58 25.08 69.80
N ASP E 423 84.65 25.67 71.00
CA ASP E 423 85.26 25.01 72.16
C ASP E 423 84.42 25.13 73.43
N GLY E 424 83.81 26.30 73.67
CA GLY E 424 82.94 26.45 74.82
C GLY E 424 81.69 25.62 74.75
N GLY E 425 81.35 25.12 73.56
CA GLY E 425 80.21 24.25 73.38
C GLY E 425 80.47 22.78 73.67
N LEU E 426 81.75 22.38 73.81
CA LEU E 426 82.06 21.00 74.16
C LEU E 426 81.73 20.72 75.63
N THR E 427 81.95 21.71 76.49
CA THR E 427 81.59 21.59 77.90
C THR E 427 80.08 21.76 78.13
N GLN E 428 79.33 22.22 77.11
CA GLN E 428 77.88 22.16 77.16
C GLN E 428 77.38 20.74 76.93
N ILE E 429 78.11 19.96 76.15
CA ILE E 429 77.74 18.57 75.88
C ILE E 429 78.25 17.63 76.98
N ASP E 430 79.39 17.96 77.61
CA ASP E 430 79.93 17.09 78.64
C ASP E 430 79.05 17.00 79.88
N LYS E 431 78.13 17.96 80.09
CA LYS E 431 77.22 17.87 81.21
C LYS E 431 76.24 16.71 81.03
N TYR E 432 75.90 16.38 79.79
CA TYR E 432 75.02 15.25 79.48
C TYR E 432 75.80 14.00 79.10
N LEU E 433 77.07 14.15 78.72
CA LEU E 433 77.87 12.98 78.36
C LEU E 433 78.22 12.15 79.59
N TYR E 434 78.70 12.80 80.64
CA TYR E 434 79.06 12.11 81.89
C TYR E 434 77.88 12.04 82.85
N SER E 435 76.77 11.50 82.34
CA SER E 435 75.54 11.38 83.13
C SER E 435 74.53 10.48 82.42
N SER E 436 74.00 9.48 83.14
CA SER E 436 72.78 8.78 82.74
C SER E 436 73.01 7.74 81.63
N GLU E 437 71.95 7.43 80.88
CA GLU E 437 71.87 6.26 80.00
C GLU E 437 73.02 6.15 79.01
N ASP E 438 73.00 5.08 78.22
CA ASP E 438 73.99 4.85 77.17
C ASP E 438 73.52 5.28 75.79
N TYR E 439 72.28 5.77 75.67
CA TYR E 439 71.84 6.45 74.45
C TYR E 439 72.00 7.96 74.56
N ILE E 440 71.89 8.52 75.75
CA ILE E 440 72.25 9.92 75.96
C ILE E 440 73.75 10.09 75.83
N LYS E 441 74.53 9.08 76.21
CA LYS E 441 75.97 9.08 75.98
C LYS E 441 76.29 8.86 74.51
N SER E 442 75.52 8.01 73.83
CA SER E 442 75.82 7.70 72.43
C SER E 442 75.54 8.88 71.51
N GLY E 443 74.60 9.75 71.90
CA GLY E 443 74.29 10.93 71.12
C GLY E 443 75.08 12.14 71.59
N ALA E 444 75.50 12.15 72.86
CA ALA E 444 76.39 13.21 73.33
C ALA E 444 77.81 13.06 72.81
N LEU E 445 78.15 11.92 72.20
CA LEU E 445 79.45 11.74 71.56
C LEU E 445 79.48 12.29 70.14
N LEU E 446 78.31 12.39 69.49
CA LEU E 446 78.18 12.96 68.16
C LEU E 446 77.93 14.47 68.22
N ALA E 447 77.18 14.93 69.23
CA ALA E 447 76.93 16.34 69.40
C ALA E 447 78.23 17.13 69.64
N CYS E 448 79.22 16.48 70.26
CA CYS E 448 80.50 17.14 70.48
C CYS E 448 81.21 17.42 69.16
N GLY E 449 81.27 16.40 68.28
CA GLY E 449 81.82 16.61 66.96
C GLY E 449 81.13 17.75 66.23
N ILE E 450 79.79 17.76 66.28
CA ILE E 450 79.07 18.88 65.68
C ILE E 450 79.55 20.20 66.27
N VAL E 451 79.75 20.26 67.58
CA VAL E 451 80.21 21.49 68.22
C VAL E 451 81.53 21.90 67.58
N ASN E 452 82.61 21.18 67.89
CA ASN E 452 83.94 21.65 67.49
C ASN E 452 84.21 21.47 66.00
N SER E 453 83.17 21.26 65.16
CA SER E 453 83.36 21.45 63.73
C SER E 453 83.65 22.90 63.35
N GLY E 454 83.74 23.82 64.31
CA GLY E 454 84.14 25.19 64.06
C GLY E 454 85.63 25.43 64.08
N VAL E 455 86.43 24.42 64.40
CA VAL E 455 87.86 24.45 64.16
C VAL E 455 88.16 23.49 63.00
N ARG E 456 89.40 23.57 62.47
CA ARG E 456 89.72 22.79 61.29
C ARG E 456 91.19 22.36 61.24
N ASN E 457 91.81 22.12 62.40
CA ASN E 457 93.19 21.66 62.41
C ASN E 457 93.66 21.21 63.81
N GLU E 458 93.06 20.13 64.32
CA GLU E 458 93.55 19.44 65.53
C GLU E 458 93.59 20.29 66.79
N CYS E 459 93.18 21.55 66.72
CA CYS E 459 93.10 22.39 67.91
C CYS E 459 91.79 22.11 68.63
N ASP E 460 91.88 21.71 69.91
CA ASP E 460 90.72 21.24 70.66
C ASP E 460 90.14 20.03 69.94
N PRO E 461 90.87 18.91 69.89
CA PRO E 461 90.46 17.80 69.02
C PRO E 461 89.19 17.11 69.52
N ALA E 462 88.55 16.40 68.61
CA ALA E 462 87.36 15.63 68.95
C ALA E 462 87.71 14.38 69.76
N LEU E 463 88.96 13.91 69.70
CA LEU E 463 89.39 12.72 70.42
C LEU E 463 89.78 13.02 71.87
N ALA E 464 89.72 14.29 72.29
CA ALA E 464 89.97 14.63 73.69
C ALA E 464 88.75 14.38 74.58
N LEU E 465 87.55 14.31 74.00
CA LEU E 465 86.34 14.01 74.75
C LEU E 465 85.86 12.58 74.53
N LEU E 466 86.18 11.97 73.39
CA LEU E 466 85.83 10.59 73.09
C LEU E 466 86.95 9.62 73.47
N SER E 467 87.90 10.05 74.30
CA SER E 467 89.01 9.18 74.67
C SER E 467 88.54 8.03 75.54
N ASP E 468 87.71 8.32 76.55
CA ASP E 468 87.18 7.28 77.42
C ASP E 468 86.34 6.26 76.68
N TYR E 469 85.95 6.52 75.43
CA TYR E 469 85.01 5.68 74.71
C TYR E 469 85.61 5.00 73.48
N VAL E 470 86.60 5.60 72.83
CA VAL E 470 87.32 4.90 71.77
C VAL E 470 88.06 3.69 72.35
N LEU E 471 88.43 3.76 73.63
CA LEU E 471 89.27 2.73 74.23
C LEU E 471 88.47 1.52 74.74
N HIS E 472 87.26 1.72 75.23
CA HIS E 472 86.49 0.61 75.79
C HIS E 472 85.59 -0.01 74.72
N ASN E 473 85.28 -1.28 74.92
CA ASN E 473 84.50 -2.06 73.96
C ASN E 473 83.02 -2.00 74.32
N SER E 474 82.22 -1.43 73.44
CA SER E 474 80.78 -1.31 73.65
C SER E 474 80.09 -1.21 72.29
N ASN E 475 78.77 -1.32 72.32
CA ASN E 475 77.97 -1.40 71.11
C ASN E 475 77.45 -0.04 70.65
N THR E 476 76.90 0.75 71.58
CA THR E 476 76.38 2.08 71.28
C THR E 476 77.32 3.21 71.71
N MET E 477 78.02 3.02 72.82
CA MET E 477 78.92 4.06 73.31
C MET E 477 80.17 4.16 72.43
N ARG E 478 80.89 3.05 72.27
CA ARG E 478 82.08 3.04 71.42
C ARG E 478 81.72 3.37 69.97
N LEU E 479 80.56 2.88 69.51
CA LEU E 479 80.17 3.13 68.12
C LEU E 479 79.95 4.61 67.86
N GLY E 480 79.13 5.27 68.69
CA GLY E 480 78.93 6.70 68.55
C GLY E 480 80.20 7.49 68.73
N SER E 481 81.08 7.03 69.62
CA SER E 481 82.36 7.72 69.84
C SER E 481 83.21 7.69 68.58
N ILE E 482 83.45 6.49 68.02
CA ILE E 482 84.30 6.40 66.84
C ILE E 482 83.60 6.88 65.58
N PHE E 483 82.28 7.08 65.63
CA PHE E 483 81.60 7.83 64.60
C PHE E 483 81.89 9.33 64.75
N GLY E 484 82.07 9.80 65.99
CA GLY E 484 82.46 11.19 66.20
C GLY E 484 83.92 11.44 65.84
N LEU E 485 84.81 10.55 66.28
CA LEU E 485 86.20 10.59 65.82
C LEU E 485 86.26 10.42 64.31
N GLY E 486 85.40 9.57 63.75
CA GLY E 486 85.34 9.41 62.32
C GLY E 486 84.83 10.64 61.60
N LEU E 487 84.01 11.44 62.30
CA LEU E 487 83.47 12.67 61.73
C LEU E 487 84.48 13.81 61.79
N ALA E 488 85.22 13.92 62.91
CA ALA E 488 85.98 15.13 63.20
C ALA E 488 87.18 15.27 62.27
N TYR E 489 87.99 14.22 62.15
CA TYR E 489 89.16 14.26 61.28
C TYR E 489 88.80 14.04 59.81
N ALA E 490 87.54 14.23 59.45
CA ALA E 490 87.12 14.19 58.05
C ALA E 490 87.30 15.52 57.33
N GLY E 491 87.71 16.57 58.04
CA GLY E 491 88.03 17.84 57.43
C GLY E 491 89.47 18.24 57.66
N SER E 492 90.19 17.45 58.45
CA SER E 492 91.58 17.68 58.78
C SER E 492 92.40 16.45 58.43
N ASN E 493 93.73 16.57 58.59
CA ASN E 493 94.66 15.50 58.25
C ASN E 493 95.28 14.94 59.52
N ARG E 494 95.00 13.67 59.80
CA ARG E 494 95.76 12.92 60.80
C ARG E 494 95.43 11.45 60.59
N GLU E 495 96.41 10.68 60.13
CA GLU E 495 96.20 9.28 59.80
C GLU E 495 96.41 8.35 60.99
N ASP E 496 97.09 8.82 62.04
CA ASP E 496 97.13 8.09 63.29
C ASP E 496 95.72 7.69 63.72
N VAL E 497 94.83 8.68 63.72
CA VAL E 497 93.46 8.51 64.23
C VAL E 497 92.57 7.86 63.18
N LEU E 498 92.86 8.04 61.88
CA LEU E 498 92.25 7.21 60.86
C LEU E 498 92.47 5.74 61.17
N THR E 499 93.72 5.37 61.45
CA THR E 499 94.09 3.97 61.65
C THR E 499 94.03 3.54 63.12
N LEU E 500 93.44 4.35 63.99
CA LEU E 500 93.13 3.85 65.34
C LEU E 500 91.93 2.91 65.31
N LEU E 501 90.92 3.21 64.48
CA LEU E 501 89.65 2.50 64.50
C LEU E 501 89.38 1.69 63.24
N LEU E 502 90.36 1.60 62.33
CA LEU E 502 90.24 0.68 61.20
C LEU E 502 90.48 -0.75 61.68
N PRO E 503 91.35 -0.97 62.68
CA PRO E 503 91.38 -2.29 63.32
C PRO E 503 90.05 -2.68 63.96
N VAL E 504 89.28 -1.71 64.46
CA VAL E 504 87.99 -2.02 65.08
C VAL E 504 86.94 -2.32 64.01
N MET E 505 87.05 -1.70 62.84
CA MET E 505 86.23 -2.12 61.71
C MET E 505 86.72 -3.42 61.11
N GLY E 506 87.98 -3.79 61.38
CA GLY E 506 88.56 -5.01 60.86
C GLY E 506 88.15 -6.23 61.66
N ASP E 507 88.06 -6.10 62.99
CA ASP E 507 87.62 -7.23 63.81
C ASP E 507 86.18 -7.62 63.52
N SER E 508 85.34 -6.65 63.16
CA SER E 508 83.99 -6.92 62.66
C SER E 508 83.13 -7.65 63.69
N LYS E 509 83.10 -7.13 64.90
CA LYS E 509 82.14 -7.55 65.91
C LYS E 509 81.20 -6.38 66.22
N SER E 510 80.04 -6.70 66.79
CA SER E 510 79.03 -5.69 67.08
C SER E 510 78.67 -5.58 68.56
N SER E 511 79.04 -6.55 69.40
CA SER E 511 78.84 -6.43 70.84
C SER E 511 80.00 -5.68 71.49
N MET E 512 81.22 -6.19 71.34
CA MET E 512 82.41 -5.49 71.84
C MET E 512 82.88 -4.44 70.83
N GLU E 513 83.50 -4.88 69.74
CA GLU E 513 83.88 -3.98 68.66
C GLU E 513 82.63 -3.39 68.02
N VAL E 514 82.74 -2.92 66.77
CA VAL E 514 81.62 -2.33 66.07
C VAL E 514 81.80 -2.60 64.57
N ALA E 515 80.68 -2.70 63.87
CA ALA E 515 80.71 -3.14 62.48
C ALA E 515 79.59 -2.46 61.71
N GLY E 516 79.61 -2.67 60.40
CA GLY E 516 78.63 -2.08 59.53
C GLY E 516 78.95 -0.64 59.19
N VAL E 517 78.29 0.29 59.87
CA VAL E 517 78.44 1.72 59.58
C VAL E 517 79.81 2.24 59.95
N THR E 518 80.65 1.43 60.59
CA THR E 518 81.96 1.91 60.99
C THR E 518 82.89 2.09 59.79
N ALA E 519 82.74 1.26 58.75
CA ALA E 519 83.53 1.49 57.55
C ALA E 519 83.13 2.81 56.87
N LEU E 520 81.87 3.22 57.05
CA LEU E 520 81.42 4.50 56.51
C LEU E 520 81.94 5.67 57.33
N ALA E 521 82.01 5.53 58.65
CA ALA E 521 82.63 6.57 59.48
C ALA E 521 84.14 6.60 59.29
N CYS E 522 84.75 5.50 58.87
CA CYS E 522 86.16 5.46 58.53
C CYS E 522 86.41 6.05 57.14
N GLY E 523 85.44 5.94 56.24
CA GLY E 523 85.51 6.66 54.98
C GLY E 523 85.24 8.14 55.15
N MET E 524 84.37 8.49 56.08
CA MET E 524 84.20 9.89 56.48
C MET E 524 85.52 10.44 57.01
N ILE E 525 86.11 9.76 58.00
CA ILE E 525 87.37 10.25 58.56
C ILE E 525 88.43 10.34 57.48
N ALA E 526 88.43 9.41 56.51
CA ALA E 526 89.46 9.44 55.49
C ALA E 526 89.33 10.67 54.59
N VAL E 527 88.17 10.83 53.96
CA VAL E 527 88.00 11.93 53.01
C VAL E 527 88.16 13.27 53.74
N GLY E 528 88.80 14.22 53.05
CA GLY E 528 89.08 15.52 53.63
C GLY E 528 90.43 15.65 54.29
N SER E 529 91.23 14.58 54.30
CA SER E 529 92.57 14.62 54.87
C SER E 529 93.60 14.79 53.76
N CYS E 530 94.10 13.66 53.24
CA CYS E 530 94.99 13.66 52.08
C CYS E 530 94.62 12.50 51.17
N ASN E 531 94.25 11.37 51.79
CA ASN E 531 93.76 10.18 51.10
C ASN E 531 94.90 9.45 50.40
N GLY E 532 95.67 8.68 51.17
CA GLY E 532 96.72 7.84 50.62
C GLY E 532 96.22 6.46 50.27
N ASP E 533 94.91 6.32 50.07
CA ASP E 533 94.28 5.05 49.70
C ASP E 533 94.66 3.96 50.69
N VAL E 534 94.24 4.18 51.95
CA VAL E 534 94.65 3.31 53.03
C VAL E 534 94.24 1.87 52.73
N THR E 535 95.07 0.92 53.15
CA THR E 535 94.92 -0.48 52.79
C THR E 535 94.17 -1.30 53.83
N SER E 536 93.98 -0.79 55.06
CA SER E 536 93.22 -1.55 56.04
C SER E 536 91.74 -1.66 55.66
N THR E 537 91.20 -0.60 55.04
CA THR E 537 89.85 -0.68 54.50
C THR E 537 89.80 -1.60 53.28
N ILE E 538 90.88 -1.64 52.50
CA ILE E 538 90.92 -2.50 51.32
C ILE E 538 91.17 -3.95 51.69
N LEU E 539 91.65 -4.22 52.91
CA LEU E 539 91.93 -5.57 53.38
C LEU E 539 90.78 -6.15 54.21
N GLN E 540 90.12 -5.34 55.03
CA GLN E 540 89.05 -5.88 55.87
C GLN E 540 87.73 -6.04 55.12
N THR E 541 87.58 -5.43 53.93
CA THR E 541 86.36 -5.59 53.15
C THR E 541 86.48 -6.71 52.11
N ILE E 542 87.70 -7.11 51.75
CA ILE E 542 87.88 -8.23 50.81
C ILE E 542 87.73 -9.57 51.53
N MET E 543 88.03 -9.62 52.83
CA MET E 543 87.97 -10.86 53.59
C MET E 543 86.64 -11.05 54.30
N GLU E 544 85.90 -9.96 54.55
CA GLU E 544 84.57 -10.08 55.16
C GLU E 544 83.46 -10.17 54.12
N LYS E 545 83.67 -9.61 52.92
CA LYS E 545 82.69 -9.76 51.85
C LYS E 545 82.76 -11.14 51.20
N SER E 546 83.92 -11.80 51.27
CA SER E 546 84.07 -13.12 50.66
C SER E 546 83.36 -14.20 51.45
N GLU E 547 83.05 -13.96 52.73
CA GLU E 547 82.47 -14.99 53.60
C GLU E 547 81.02 -14.71 53.97
N THR E 548 80.67 -13.49 54.39
CA THR E 548 79.30 -13.20 54.81
C THR E 548 78.91 -11.79 54.39
N GLU E 549 77.81 -11.70 53.66
CA GLU E 549 77.16 -10.42 53.33
C GLU E 549 75.65 -10.59 53.31
N LEU E 550 75.12 -11.33 54.29
CA LEU E 550 73.70 -11.63 54.33
C LEU E 550 72.83 -10.42 54.66
N LYS E 551 73.44 -9.34 55.16
CA LYS E 551 72.72 -8.13 55.54
C LYS E 551 72.96 -7.06 54.49
N ASP E 552 71.93 -6.25 54.22
CA ASP E 552 71.98 -5.30 53.12
C ASP E 552 72.57 -3.95 53.52
N THR E 553 72.48 -3.56 54.79
CA THR E 553 73.10 -2.31 55.22
C THR E 553 74.62 -2.46 55.29
N TYR E 554 75.11 -3.66 55.65
CA TYR E 554 76.53 -3.91 55.75
C TYR E 554 77.22 -3.79 54.39
N ALA E 555 76.70 -4.53 53.41
CA ALA E 555 77.29 -4.59 52.07
C ALA E 555 77.21 -3.25 51.34
N ARG E 556 76.37 -2.32 51.81
CA ARG E 556 76.33 -0.97 51.26
C ARG E 556 77.29 -0.04 52.00
N TRP E 557 77.35 -0.15 53.32
CA TRP E 557 78.20 0.77 54.08
C TRP E 557 79.68 0.54 53.78
N LEU E 558 80.12 -0.72 53.70
CA LEU E 558 81.54 -0.95 53.47
C LEU E 558 82.02 -0.36 52.15
N PRO E 559 81.43 -0.72 51.00
CA PRO E 559 81.82 -0.06 49.74
C PRO E 559 81.65 1.45 49.74
N LEU E 560 80.79 2.00 50.61
CA LEU E 560 80.58 3.44 50.65
C LEU E 560 81.77 4.13 51.31
N GLY E 561 82.16 3.64 52.49
CA GLY E 561 83.39 4.10 53.11
C GLY E 561 84.61 3.83 52.26
N LEU E 562 84.55 2.79 51.42
CA LEU E 562 85.63 2.55 50.47
C LEU E 562 85.65 3.60 49.37
N GLY E 563 84.46 4.03 48.93
CA GLY E 563 84.39 5.13 47.99
C GLY E 563 84.96 6.41 48.58
N LEU E 564 84.75 6.63 49.87
CA LEU E 564 85.24 7.86 50.49
C LEU E 564 86.74 7.80 50.79
N ASN E 565 87.25 6.65 51.24
CA ASN E 565 88.67 6.53 51.52
C ASN E 565 89.51 6.92 50.31
N HIS E 566 89.20 6.33 49.16
CA HIS E 566 89.91 6.60 47.93
C HIS E 566 89.39 7.82 47.21
N LEU E 567 88.58 8.64 47.88
CA LEU E 567 88.12 9.91 47.33
C LEU E 567 89.15 10.99 47.62
N GLY E 568 89.31 11.90 46.67
CA GLY E 568 90.52 12.67 46.53
C GLY E 568 91.24 12.39 45.23
N LYS E 569 90.64 11.55 44.38
CA LYS E 569 91.19 11.14 43.10
C LYS E 569 90.03 10.92 42.14
N GLY E 570 90.34 10.93 40.84
CA GLY E 570 89.31 10.74 39.84
C GLY E 570 89.83 10.09 38.58
N GLU E 571 90.99 9.44 38.67
CA GLU E 571 91.59 8.74 37.54
C GLU E 571 92.82 7.95 37.97
N ALA E 572 92.90 7.61 39.26
CA ALA E 572 94.01 6.85 39.81
C ALA E 572 93.51 5.78 40.76
N ILE E 573 92.28 5.31 40.56
CA ILE E 573 91.69 4.29 41.41
C ILE E 573 91.05 3.21 40.55
N GLU E 574 91.53 3.07 39.31
CA GLU E 574 91.21 1.92 38.49
C GLU E 574 92.20 0.77 38.68
N ALA E 575 93.36 1.05 39.30
CA ALA E 575 94.22 -0.03 39.79
C ALA E 575 93.61 -0.71 41.01
N ILE E 576 92.95 0.08 41.86
CA ILE E 576 92.19 -0.46 42.98
C ILE E 576 90.98 -1.24 42.49
N LEU E 577 90.50 -0.96 41.28
CA LEU E 577 89.45 -1.76 40.67
C LEU E 577 89.99 -3.06 40.08
N ALA E 578 91.29 -3.12 39.80
CA ALA E 578 91.92 -4.35 39.33
C ALA E 578 92.34 -5.26 40.47
N ALA E 579 92.69 -4.70 41.64
CA ALA E 579 93.00 -5.54 42.79
C ALA E 579 91.76 -5.98 43.56
N LEU E 580 90.63 -5.30 43.39
CA LEU E 580 89.38 -5.67 44.06
C LEU E 580 88.61 -6.75 43.31
N GLU E 581 88.89 -6.95 42.02
CA GLU E 581 88.19 -7.92 41.21
C GLU E 581 88.88 -9.28 41.17
N VAL E 582 90.02 -9.45 41.84
CA VAL E 582 90.66 -10.76 41.92
C VAL E 582 89.70 -11.78 42.50
N VAL E 583 88.77 -11.35 43.35
CA VAL E 583 87.65 -12.15 43.82
C VAL E 583 86.36 -11.49 43.37
N SER E 584 85.40 -12.31 42.95
CA SER E 584 84.12 -11.81 42.44
C SER E 584 82.99 -12.37 43.30
N GLU E 585 82.17 -11.49 43.86
CA GLU E 585 80.95 -11.84 44.58
C GLU E 585 79.79 -11.14 43.87
N PRO E 586 78.53 -11.42 44.24
CA PRO E 586 77.44 -10.54 43.80
C PRO E 586 77.34 -9.25 44.59
N PHE E 587 78.07 -9.14 45.70
CA PHE E 587 78.23 -7.89 46.43
C PHE E 587 79.45 -7.11 45.98
N ARG E 588 80.32 -7.73 45.17
CA ARG E 588 81.46 -7.05 44.56
C ARG E 588 81.07 -6.28 43.30
N SER E 589 79.84 -6.44 42.82
CA SER E 589 79.35 -5.64 41.70
C SER E 589 78.81 -4.29 42.18
N PHE E 590 78.36 -4.23 43.44
CA PHE E 590 77.96 -2.97 44.04
C PHE E 590 79.10 -1.97 44.05
N ALA E 591 80.31 -2.43 44.35
CA ALA E 591 81.49 -1.57 44.48
C ALA E 591 82.21 -1.34 43.15
N ASN E 592 82.32 -2.38 42.32
CA ASN E 592 83.05 -2.24 41.06
C ASN E 592 82.51 -1.09 40.23
N THR E 593 81.20 -0.81 40.31
CA THR E 593 80.62 0.30 39.59
C THR E 593 80.88 1.63 40.28
N LEU E 594 80.92 1.64 41.63
CA LEU E 594 81.28 2.84 42.36
C LEU E 594 82.69 3.30 42.01
N VAL E 595 83.65 2.37 42.09
CA VAL E 595 85.04 2.68 41.78
C VAL E 595 85.31 2.72 40.28
N ASP E 596 84.34 2.30 39.46
CA ASP E 596 84.45 2.46 38.01
C ASP E 596 83.82 3.76 37.50
N VAL E 597 83.03 4.45 38.32
CA VAL E 597 82.48 5.75 37.91
C VAL E 597 83.34 6.91 38.38
N CYS E 598 83.90 6.83 39.59
CA CYS E 598 84.79 7.89 40.05
C CYS E 598 86.14 7.86 39.33
N ALA E 599 86.54 6.71 38.79
CA ALA E 599 87.81 6.59 38.06
C ALA E 599 87.73 7.05 36.61
N TYR E 600 86.53 7.04 36.02
CA TYR E 600 86.28 7.60 34.70
C TYR E 600 85.24 8.70 34.80
N ALA E 601 85.30 9.46 35.88
CA ALA E 601 84.30 10.49 36.14
C ALA E 601 84.36 11.57 35.06
N GLY E 602 83.19 12.13 34.76
CA GLY E 602 83.04 13.10 33.69
C GLY E 602 81.76 12.85 32.92
N SER E 603 81.89 12.38 31.68
CA SER E 603 80.73 11.89 30.93
C SER E 603 81.18 10.99 29.78
N GLY E 604 82.44 10.55 29.81
CA GLY E 604 82.96 9.63 28.82
C GLY E 604 83.13 8.24 29.38
N ASN E 605 82.20 7.81 30.22
CA ASN E 605 82.25 6.46 30.78
C ASN E 605 81.95 5.43 29.70
N VAL E 606 82.41 4.20 29.94
CA VAL E 606 82.28 3.13 28.95
C VAL E 606 81.67 1.88 29.59
N LEU E 607 80.99 2.04 30.72
CA LEU E 607 80.14 1.00 31.29
C LEU E 607 78.72 1.47 31.57
N LYS E 608 78.43 2.76 31.37
CA LYS E 608 77.24 3.37 31.98
C LYS E 608 75.95 2.79 31.41
N VAL E 609 75.82 2.77 30.09
CA VAL E 609 74.53 2.52 29.47
C VAL E 609 74.24 1.03 29.30
N GLN E 610 75.28 0.21 29.09
CA GLN E 610 75.08 -1.21 28.81
C GLN E 610 74.56 -1.96 30.03
N GLN E 611 74.96 -1.56 31.24
CA GLN E 611 74.35 -2.14 32.44
C GLN E 611 72.86 -1.80 32.50
N LEU E 612 72.53 -0.55 32.18
CA LEU E 612 71.15 -0.07 32.29
C LEU E 612 70.25 -0.68 31.22
N LEU E 613 70.81 -1.16 30.11
CA LEU E 613 70.01 -1.93 29.16
C LEU E 613 69.97 -3.41 29.52
N HIS E 614 71.14 -3.99 29.82
CA HIS E 614 71.22 -5.41 30.15
C HIS E 614 70.34 -5.78 31.34
N ILE E 615 70.07 -4.83 32.24
CA ILE E 615 69.45 -5.19 33.52
C ILE E 615 67.97 -5.54 33.38
N CYS E 616 67.28 -5.08 32.34
CA CYS E 616 65.83 -5.27 32.25
C CYS E 616 65.44 -6.65 31.75
N SER E 617 66.22 -7.68 32.12
CA SER E 617 65.91 -9.06 31.76
C SER E 617 64.96 -9.69 32.78
N GLU E 618 65.37 -9.73 34.06
CA GLU E 618 64.55 -10.28 35.12
C GLU E 618 64.71 -9.41 36.37
N HIS E 619 63.87 -9.68 37.36
CA HIS E 619 63.90 -8.95 38.63
C HIS E 619 64.37 -9.87 39.75
N PHE E 620 65.47 -9.50 40.40
CA PHE E 620 66.02 -10.24 41.52
C PHE E 620 66.63 -9.22 42.49
N ASP E 621 67.22 -9.73 43.59
CA ASP E 621 67.82 -8.87 44.58
C ASP E 621 69.27 -8.50 44.28
N SER E 622 69.99 -9.34 43.51
CA SER E 622 71.33 -8.97 43.07
C SER E 622 71.29 -7.96 41.92
N LYS E 623 70.24 -8.01 41.09
CA LYS E 623 70.12 -7.08 39.97
C LYS E 623 69.70 -5.69 40.46
N GLU E 624 68.77 -5.64 41.42
CA GLU E 624 68.49 -4.41 42.12
C GLU E 624 69.72 -4.01 42.97
N LYS E 625 69.60 -2.91 43.70
CA LYS E 625 70.72 -2.36 44.46
C LYS E 625 71.88 -1.97 43.56
N GLU E 626 72.38 -2.92 42.76
CA GLU E 626 73.38 -2.59 41.75
C GLU E 626 72.81 -1.67 40.69
N GLU E 627 71.59 -1.94 40.21
CA GLU E 627 70.94 -1.02 39.28
C GLU E 627 70.85 0.40 39.87
N ASP E 628 70.37 0.51 41.10
CA ASP E 628 70.15 1.83 41.71
C ASP E 628 71.48 2.54 41.99
N LYS E 629 72.52 1.78 42.31
CA LYS E 629 73.88 2.32 42.34
C LYS E 629 74.25 2.89 40.98
N ASP E 630 73.86 2.17 39.91
CA ASP E 630 74.17 2.61 38.56
C ASP E 630 73.46 3.93 38.22
N LYS E 631 72.26 4.15 38.75
CA LYS E 631 71.57 5.40 38.46
C LYS E 631 72.09 6.55 39.31
N LYS E 632 72.22 6.35 40.63
CA LYS E 632 72.86 7.37 41.47
C LYS E 632 74.16 7.85 40.83
N GLU E 633 74.98 6.91 40.40
CA GLU E 633 76.23 7.26 39.72
C GLU E 633 75.96 7.92 38.37
N LYS E 634 74.88 7.56 37.68
CA LYS E 634 74.61 8.18 36.39
C LYS E 634 74.19 9.64 36.54
N LYS E 635 73.58 10.01 37.67
CA LYS E 635 73.32 11.42 37.91
C LYS E 635 74.57 12.13 38.42
N ASP E 636 75.54 11.41 38.98
CA ASP E 636 76.84 12.04 39.14
C ASP E 636 77.48 12.31 37.78
N LYS E 637 77.44 11.31 36.88
CA LYS E 637 77.92 11.50 35.51
C LYS E 637 77.27 12.72 34.88
N ASP E 638 75.95 12.86 35.04
CA ASP E 638 75.22 13.96 34.44
C ASP E 638 75.36 15.26 35.20
N LYS E 639 75.91 15.23 36.41
CA LYS E 639 76.12 16.47 37.17
C LYS E 639 77.34 17.24 36.65
N LYS E 640 78.37 16.53 36.19
CA LYS E 640 79.61 17.14 35.73
C LYS E 640 79.73 17.07 34.22
N GLU E 641 80.49 18.02 33.67
CA GLU E 641 80.50 18.28 32.23
C GLU E 641 79.07 18.54 31.74
N ALA E 642 78.37 19.42 32.46
CA ALA E 642 76.99 19.77 32.16
C ALA E 642 76.51 20.93 33.04
N PRO E 643 76.76 22.18 32.64
CA PRO E 643 76.17 23.31 33.37
C PRO E 643 74.78 23.63 32.85
N ALA E 644 74.69 23.93 31.55
CA ALA E 644 73.41 24.13 30.88
C ALA E 644 72.82 22.82 30.38
N ASP E 645 73.68 21.87 29.98
CA ASP E 645 73.22 20.53 29.64
C ASP E 645 72.49 19.86 30.81
N MET E 646 72.55 20.44 32.00
CA MET E 646 71.85 19.91 33.16
C MET E 646 70.38 19.66 32.85
N GLY E 647 69.70 20.70 32.35
CA GLY E 647 68.27 20.62 32.13
C GLY E 647 67.86 19.40 31.34
N ALA E 648 68.56 19.14 30.23
CA ALA E 648 68.20 18.02 29.37
C ALA E 648 68.65 16.68 29.95
N HIS E 649 69.71 16.67 30.77
CA HIS E 649 70.08 15.43 31.46
C HIS E 649 68.96 14.97 32.36
N GLN E 650 68.29 15.91 33.04
CA GLN E 650 67.19 15.53 33.93
C GLN E 650 66.09 14.79 33.17
N GLY E 651 65.42 15.49 32.24
CA GLY E 651 64.27 14.91 31.57
C GLY E 651 64.50 13.48 31.10
N VAL E 652 65.69 13.21 30.58
CA VAL E 652 66.00 11.85 30.14
C VAL E 652 66.21 10.94 31.33
N ALA E 653 66.72 11.45 32.45
CA ALA E 653 66.72 10.64 33.67
C ALA E 653 65.29 10.25 34.05
N VAL E 654 64.36 11.21 33.98
CA VAL E 654 62.96 10.96 34.33
C VAL E 654 62.37 9.87 33.44
N LEU E 655 62.35 10.13 32.12
CA LEU E 655 61.85 9.13 31.19
C LEU E 655 62.53 7.79 31.45
N GLY E 656 63.83 7.82 31.69
CA GLY E 656 64.59 6.64 32.05
C GLY E 656 64.24 6.04 33.38
N ILE E 657 63.39 6.69 34.17
CA ILE E 657 62.79 6.03 35.34
C ILE E 657 61.44 5.44 34.99
N ALA E 658 60.68 6.10 34.10
CA ALA E 658 59.42 5.50 33.67
C ALA E 658 59.61 4.27 32.79
N LEU E 659 60.83 4.05 32.28
CA LEU E 659 61.13 2.82 31.53
C LEU E 659 61.56 1.67 32.43
N ILE E 660 62.10 1.96 33.62
CA ILE E 660 62.40 0.91 34.60
C ILE E 660 61.13 0.44 35.31
N ALA E 661 60.10 1.28 35.37
CA ALA E 661 58.80 0.88 35.91
C ALA E 661 57.98 0.07 34.91
N MET E 662 58.52 -0.19 33.72
CA MET E 662 57.87 -1.01 32.70
C MET E 662 58.47 -2.40 32.58
N GLY E 663 59.80 -2.52 32.57
CA GLY E 663 60.47 -3.78 32.30
C GLY E 663 60.73 -4.63 33.53
N GLU E 664 60.89 -3.99 34.69
CA GLU E 664 61.08 -4.68 35.96
C GLU E 664 59.99 -4.25 36.94
N GLU E 665 59.53 -5.21 37.76
CA GLU E 665 58.43 -4.96 38.67
C GLU E 665 58.88 -4.46 40.04
N ILE E 666 60.05 -4.90 40.52
CA ILE E 666 60.59 -4.37 41.78
C ILE E 666 61.44 -3.13 41.54
N GLY E 667 61.93 -2.90 40.32
CA GLY E 667 62.55 -1.64 39.99
C GLY E 667 61.58 -0.48 39.99
N ALA E 668 60.28 -0.75 39.84
CA ALA E 668 59.26 0.28 39.91
C ALA E 668 59.05 0.80 41.33
N GLU E 669 59.42 0.01 42.35
CA GLU E 669 59.27 0.41 43.74
C GLU E 669 60.53 1.07 44.31
N MET E 670 61.71 0.71 43.78
CA MET E 670 62.98 1.16 44.36
C MET E 670 63.76 2.11 43.47
N ALA E 671 63.66 1.99 42.14
CA ALA E 671 64.31 2.97 41.27
C ALA E 671 63.63 4.34 41.36
N LEU E 672 62.34 4.37 41.72
CA LEU E 672 61.63 5.64 41.86
C LEU E 672 62.07 6.41 43.11
N ARG E 673 62.28 5.71 44.23
CA ARG E 673 62.90 6.35 45.40
C ARG E 673 64.33 6.78 45.10
N THR E 674 65.12 5.84 44.55
CA THR E 674 66.46 6.14 44.10
C THR E 674 66.46 7.45 43.33
N PHE E 675 65.41 7.69 42.52
CA PHE E 675 65.40 8.91 41.71
C PHE E 675 65.35 10.17 42.58
N GLY E 676 64.47 10.18 43.59
CA GLY E 676 64.51 11.29 44.53
C GLY E 676 65.91 11.53 45.05
N HIS E 677 66.62 10.46 45.38
CA HIS E 677 68.01 10.62 45.81
C HIS E 677 68.86 11.22 44.68
N LEU E 678 68.58 10.86 43.43
CA LEU E 678 69.31 11.45 42.30
C LEU E 678 69.12 12.97 42.27
N LEU E 679 67.86 13.40 42.38
CA LEU E 679 67.57 14.83 42.38
C LEU E 679 68.36 15.54 43.48
N ARG E 680 68.29 15.01 44.71
CA ARG E 680 69.03 15.67 45.79
C ARG E 680 70.54 15.63 45.55
N TYR E 681 71.04 14.64 44.81
CA TYR E 681 72.49 14.59 44.57
C TYR E 681 72.91 15.67 43.59
N GLY E 682 72.50 15.53 42.33
CA GLY E 682 72.94 16.48 41.32
C GLY E 682 72.48 17.90 41.59
N GLU E 683 71.56 18.11 42.54
CA GLU E 683 70.94 19.39 42.82
C GLU E 683 70.73 20.18 41.53
N PRO E 684 69.98 19.63 40.57
CA PRO E 684 69.84 20.31 39.27
C PRO E 684 69.30 21.73 39.41
N THR E 685 69.40 22.48 38.30
CA THR E 685 68.99 23.88 38.27
C THR E 685 67.48 24.04 38.21
N LEU E 686 66.75 23.03 37.73
CA LEU E 686 65.29 23.08 37.61
C LEU E 686 64.67 22.61 38.93
N ARG E 687 64.38 23.56 39.81
CA ARG E 687 63.78 23.28 41.11
C ARG E 687 62.29 23.56 41.08
N ARG E 688 61.61 22.86 40.17
CA ARG E 688 60.23 23.18 39.84
C ARG E 688 59.48 21.93 39.42
N ALA E 689 59.81 21.39 38.26
CA ALA E 689 58.94 20.44 37.57
C ALA E 689 59.01 19.05 38.18
N VAL E 690 60.20 18.45 38.15
CA VAL E 690 60.32 17.00 38.30
C VAL E 690 59.89 16.51 39.68
N PRO E 691 60.40 17.06 40.79
CA PRO E 691 60.10 16.43 42.09
C PRO E 691 58.62 16.43 42.44
N LEU E 692 57.89 17.49 42.07
CA LEU E 692 56.44 17.48 42.22
C LEU E 692 55.82 16.38 41.35
N ALA E 693 56.29 16.25 40.11
CA ALA E 693 55.73 15.29 39.18
C ALA E 693 55.97 13.85 39.63
N LEU E 694 57.08 13.60 40.32
CA LEU E 694 57.34 12.30 40.94
C LEU E 694 56.71 12.18 42.31
N ALA E 695 56.24 13.29 42.90
CA ALA E 695 55.49 13.21 44.15
C ALA E 695 54.03 12.84 43.89
N LEU E 696 53.49 13.21 42.72
CA LEU E 696 52.14 12.76 42.37
C LEU E 696 52.11 11.29 41.98
N ILE E 697 53.18 10.79 41.35
CA ILE E 697 53.24 9.38 40.99
C ILE E 697 53.32 8.50 42.24
N SER E 698 54.26 8.82 43.13
CA SER E 698 54.52 7.99 44.30
C SER E 698 53.78 8.48 45.55
N VAL E 699 52.74 9.30 45.38
CA VAL E 699 51.93 9.69 46.54
C VAL E 699 51.18 8.48 47.10
N SER E 700 50.88 7.49 46.24
CA SER E 700 50.10 6.33 46.63
C SER E 700 50.70 5.05 46.07
N ASN E 701 52.03 4.96 46.05
CA ASN E 701 52.72 3.80 45.53
C ASN E 701 53.75 3.29 46.52
N PRO E 702 53.99 1.97 46.55
CA PRO E 702 54.90 1.39 47.56
C PRO E 702 56.18 2.18 47.79
N ARG E 703 56.78 1.96 48.96
CA ARG E 703 57.92 2.73 49.42
C ARG E 703 57.54 4.19 49.52
N LEU E 704 57.29 4.66 50.74
CA LEU E 704 56.86 6.02 50.99
C LEU E 704 58.00 6.94 51.41
N ASN E 705 59.23 6.44 51.47
CA ASN E 705 60.42 7.29 51.54
C ASN E 705 60.78 7.88 50.19
N ILE E 706 59.83 7.85 49.24
CA ILE E 706 59.98 8.56 47.97
C ILE E 706 59.67 10.04 48.14
N LEU E 707 58.54 10.34 48.79
CA LEU E 707 58.15 11.73 49.01
C LEU E 707 59.15 12.45 49.90
N ASP E 708 59.79 11.72 50.81
CA ASP E 708 60.87 12.29 51.61
C ASP E 708 62.02 12.74 50.72
N THR E 709 62.56 11.80 49.93
CA THR E 709 63.76 12.09 49.15
C THR E 709 63.51 13.09 48.02
N LEU E 710 62.26 13.19 47.54
CA LEU E 710 61.93 14.24 46.59
C LEU E 710 61.80 15.59 47.31
N SER E 711 61.19 15.60 48.50
CA SER E 711 61.01 16.85 49.23
C SER E 711 62.36 17.43 49.69
N LYS E 712 63.33 16.57 49.97
CA LYS E 712 64.64 17.04 50.40
C LYS E 712 65.50 17.53 49.25
N PHE E 713 65.01 17.42 48.01
CA PHE E 713 65.61 18.15 46.89
C PHE E 713 64.81 19.40 46.53
N SER E 714 63.50 19.24 46.31
CA SER E 714 62.70 20.31 45.69
C SER E 714 62.81 21.61 46.48
N HIS E 715 62.88 21.51 47.82
CA HIS E 715 62.82 22.68 48.68
C HIS E 715 63.81 23.76 48.25
N ASP E 716 65.01 23.36 47.83
CA ASP E 716 66.13 24.28 47.71
C ASP E 716 66.57 24.68 49.12
N ALA E 717 65.81 25.56 49.78
CA ALA E 717 66.01 25.85 51.19
C ALA E 717 64.72 26.42 51.78
N ASP E 718 64.56 27.75 51.76
CA ASP E 718 63.32 28.38 52.19
C ASP E 718 62.27 28.17 51.10
N PRO E 719 61.31 27.25 51.32
CA PRO E 719 60.60 26.64 50.19
C PRO E 719 59.50 27.52 49.63
N GLU E 720 59.75 28.09 48.45
CA GLU E 720 58.66 28.57 47.63
C GLU E 720 57.76 27.41 47.21
N VAL E 721 58.36 26.40 46.57
CA VAL E 721 57.59 25.25 46.08
C VAL E 721 57.21 24.33 47.23
N SER E 722 58.22 23.78 47.91
CA SER E 722 58.01 22.66 48.84
C SER E 722 57.12 23.03 50.03
N TYR E 723 56.51 24.22 50.02
CA TYR E 723 55.56 24.56 51.07
C TYR E 723 54.20 23.92 50.82
N ASN E 724 53.81 23.77 49.56
CA ASN E 724 52.52 23.15 49.22
C ASN E 724 52.60 21.63 49.14
N SER E 725 53.65 21.10 48.50
CA SER E 725 53.78 19.65 48.37
C SER E 725 53.84 18.99 49.75
N ILE E 726 54.41 19.66 50.75
CA ILE E 726 54.58 19.05 52.05
C ILE E 726 53.36 19.27 52.96
N PHE E 727 52.65 20.39 52.78
CA PHE E 727 51.33 20.50 53.40
C PHE E 727 50.41 19.39 52.89
N ALA E 728 50.34 19.24 51.57
CA ALA E 728 49.55 18.16 50.99
C ALA E 728 49.98 16.80 51.52
N MET E 729 51.29 16.57 51.64
CA MET E 729 51.74 15.34 52.25
C MET E 729 51.24 15.22 53.69
N GLY E 730 51.11 16.36 54.38
CA GLY E 730 50.51 16.39 55.70
C GLY E 730 49.02 16.12 55.70
N MET E 731 48.38 16.14 54.53
CA MET E 731 46.98 15.71 54.45
C MET E 731 46.85 14.23 54.09
N VAL E 732 47.48 13.78 53.00
CA VAL E 732 47.36 12.39 52.60
C VAL E 732 48.06 11.45 53.56
N GLY E 733 48.94 11.97 54.42
CA GLY E 733 49.48 11.16 55.49
C GLY E 733 48.54 11.15 56.69
N SER E 734 47.69 12.18 56.78
CA SER E 734 46.70 12.25 57.86
C SER E 734 45.57 11.25 57.63
N GLY E 735 45.00 11.26 56.43
CA GLY E 735 43.93 10.31 56.12
C GLY E 735 44.33 8.86 56.38
N THR E 736 45.22 8.33 55.54
CA THR E 736 45.73 6.96 55.67
C THR E 736 47.19 7.03 56.08
N ASN E 737 47.47 6.80 57.36
CA ASN E 737 48.83 6.62 57.83
C ASN E 737 49.30 5.21 57.50
N ASN E 738 50.48 5.09 56.91
CA ASN E 738 51.15 3.80 56.90
C ASN E 738 51.35 3.32 58.33
N ALA E 739 51.62 4.26 59.24
CA ALA E 739 51.68 4.06 60.68
C ALA E 739 52.32 5.33 61.24
N ARG E 740 53.63 5.27 61.48
CA ARG E 740 54.42 6.48 61.61
C ARG E 740 55.85 6.23 61.12
N LEU E 741 56.05 5.24 60.25
CA LEU E 741 57.38 4.89 59.76
C LEU E 741 57.81 5.81 58.62
N ALA E 742 56.88 6.12 57.72
CA ALA E 742 57.11 7.09 56.65
C ALA E 742 56.29 8.36 56.81
N ALA E 743 55.40 8.42 57.80
CA ALA E 743 54.69 9.66 58.11
C ALA E 743 55.53 10.65 58.88
N MET E 744 56.61 10.19 59.53
CA MET E 744 57.52 11.07 60.25
C MET E 744 58.58 11.69 59.35
N LEU E 745 58.91 11.03 58.25
CA LEU E 745 59.89 11.56 57.31
C LEU E 745 59.35 12.80 56.60
N ARG E 746 58.11 12.72 56.12
CA ARG E 746 57.52 13.88 55.45
C ARG E 746 57.43 15.06 56.39
N GLN E 747 57.24 14.80 57.69
CA GLN E 747 57.32 15.86 58.68
C GLN E 747 58.71 16.48 58.72
N LEU E 748 59.72 15.68 59.09
CA LEU E 748 61.05 16.25 59.25
C LEU E 748 61.55 16.90 57.97
N ALA E 749 61.09 16.41 56.81
CA ALA E 749 61.54 16.94 55.54
C ALA E 749 61.31 18.43 55.44
N GLN E 750 60.29 18.94 56.13
CA GLN E 750 59.94 20.35 56.02
C GLN E 750 61.06 21.23 56.53
N TYR E 751 61.57 20.97 57.72
CA TYR E 751 62.57 21.84 58.33
C TYR E 751 63.99 21.40 58.01
N HIS E 752 64.23 20.12 57.79
CA HIS E 752 65.48 19.73 57.13
C HIS E 752 65.61 20.51 55.83
N ALA E 753 64.50 20.65 55.11
CA ALA E 753 64.49 21.41 53.87
C ALA E 753 65.01 22.82 54.06
N LYS E 754 64.49 23.53 55.05
CA LYS E 754 64.69 24.98 55.16
C LYS E 754 65.49 25.35 56.41
N ASP E 755 65.75 26.65 56.54
CA ASP E 755 66.45 27.21 57.68
C ASP E 755 66.07 28.67 57.76
N PRO E 756 65.75 29.22 58.97
CA PRO E 756 65.45 30.66 59.09
C PRO E 756 66.41 31.56 58.33
N ASN E 757 65.85 32.39 57.46
CA ASN E 757 66.59 33.21 56.51
C ASN E 757 67.73 32.42 55.85
N ASN E 758 67.49 31.14 55.60
CA ASN E 758 68.32 30.31 54.72
C ASN E 758 69.81 30.55 54.96
N LEU E 759 70.25 30.31 56.19
CA LEU E 759 71.63 30.60 56.55
C LEU E 759 72.60 29.69 55.80
N PHE E 760 72.24 28.42 55.61
CA PHE E 760 72.99 27.53 54.71
C PHE E 760 71.98 26.67 53.95
N MET E 761 72.51 25.87 53.02
CA MET E 761 71.67 25.10 52.11
C MET E 761 72.45 23.91 51.58
N VAL E 762 71.76 22.81 51.37
CA VAL E 762 72.33 21.69 50.62
C VAL E 762 72.53 22.13 49.18
N ARG E 763 73.77 22.21 48.75
CA ARG E 763 74.06 22.67 47.40
C ARG E 763 75.38 22.08 46.96
N LEU E 764 75.35 21.25 45.92
CA LEU E 764 76.58 20.68 45.40
C LEU E 764 77.41 21.69 44.63
N ALA E 765 76.78 22.76 44.14
CA ALA E 765 77.54 23.90 43.64
C ALA E 765 78.17 24.65 44.81
N GLN E 766 79.38 25.16 44.58
CA GLN E 766 80.13 25.87 45.60
C GLN E 766 80.33 27.34 45.25
N GLY E 767 79.57 27.84 44.29
CA GLY E 767 79.75 29.20 43.82
C GLY E 767 80.41 29.22 42.46
N LEU E 768 81.68 29.63 42.40
CA LEU E 768 82.40 29.65 41.13
C LEU E 768 82.50 28.25 40.55
N THR E 769 82.88 27.27 41.36
CA THR E 769 82.82 25.87 40.98
C THR E 769 81.43 25.33 41.27
N HIS E 770 80.83 24.72 40.24
CA HIS E 770 79.59 23.98 40.40
C HIS E 770 79.81 22.47 40.34
N LEU E 771 81.03 22.02 40.06
CA LEU E 771 81.42 20.61 40.08
C LEU E 771 82.44 20.32 41.17
N GLY E 772 82.92 21.34 41.88
CA GLY E 772 83.94 21.11 42.88
C GLY E 772 83.41 20.30 44.04
N LYS E 773 84.26 19.43 44.57
CA LYS E 773 83.90 18.60 45.71
C LYS E 773 83.97 19.41 47.00
N GLY E 774 83.16 19.00 47.96
CA GLY E 774 83.19 19.61 49.27
C GLY E 774 82.88 18.56 50.31
N THR E 775 83.56 18.63 51.46
CA THR E 775 83.35 17.63 52.49
C THR E 775 81.98 17.79 53.15
N LEU E 776 81.50 19.03 53.30
CA LEU E 776 80.30 19.27 54.09
C LEU E 776 79.03 18.83 53.38
N THR E 777 79.03 18.70 52.05
CA THR E 777 77.83 18.33 51.32
C THR E 777 77.84 16.91 50.77
N LEU E 778 79.01 16.33 50.48
CA LEU E 778 79.05 14.97 49.96
C LEU E 778 78.75 13.93 51.03
N CYS E 779 78.99 14.25 52.31
CA CYS E 779 78.76 13.31 53.40
C CYS E 779 77.30 13.32 53.85
N PRO E 780 76.72 14.48 54.21
CA PRO E 780 75.26 14.50 54.41
C PRO E 780 74.49 13.87 53.26
N TYR E 781 74.95 13.99 52.01
CA TYR E 781 74.26 13.29 50.94
C TYR E 781 74.38 11.79 51.11
N HIS E 782 75.60 11.25 51.03
CA HIS E 782 75.77 9.80 51.10
C HIS E 782 75.07 9.20 52.32
N SER E 783 75.01 9.96 53.42
CA SER E 783 74.22 9.53 54.57
C SER E 783 72.72 9.50 54.23
N ASP E 784 72.24 10.52 53.50
CA ASP E 784 70.83 10.55 53.13
C ASP E 784 70.49 9.60 51.98
N ARG E 785 71.50 9.07 51.27
CA ARG E 785 71.27 8.21 50.13
C ARG E 785 70.58 6.93 50.56
N GLN E 786 71.24 6.16 51.42
CA GLN E 786 70.71 4.88 51.88
C GLN E 786 70.13 5.08 53.28
N LEU E 787 68.81 5.20 53.33
CA LEU E 787 68.05 5.31 54.57
C LEU E 787 66.84 4.39 54.48
N MET E 788 66.33 3.96 55.63
CA MET E 788 65.18 3.08 55.65
C MET E 788 64.43 3.26 56.96
N SER E 789 63.12 3.02 56.91
CA SER E 789 62.24 3.24 58.05
C SER E 789 62.64 2.35 59.23
N GLN E 790 63.58 2.84 60.04
CA GLN E 790 64.06 2.12 61.21
C GLN E 790 64.64 3.14 62.18
N VAL E 791 64.44 2.90 63.48
CA VAL E 791 64.90 3.85 64.50
C VAL E 791 66.37 3.63 64.84
N ALA E 792 66.95 2.48 64.49
CA ALA E 792 68.40 2.28 64.59
C ALA E 792 69.14 2.99 63.47
N VAL E 793 68.54 3.11 62.28
CA VAL E 793 69.14 3.87 61.19
C VAL E 793 68.87 5.37 61.37
N ALA E 794 67.74 5.74 61.97
CA ALA E 794 67.34 7.13 62.09
C ALA E 794 68.13 7.88 63.16
N GLY E 795 68.67 7.19 64.15
CA GLY E 795 69.52 7.83 65.14
C GLY E 795 70.94 8.05 64.70
N LEU E 796 71.36 7.44 63.59
CA LEU E 796 72.72 7.57 63.08
C LEU E 796 72.83 8.52 61.89
N LEU E 797 71.71 8.98 61.34
CA LEU E 797 71.72 9.91 60.23
C LEU E 797 71.56 11.36 60.68
N THR E 798 72.10 11.71 61.85
CA THR E 798 72.12 13.10 62.29
C THR E 798 73.17 13.93 61.55
N VAL E 799 73.84 13.34 60.55
CA VAL E 799 74.68 14.11 59.63
C VAL E 799 73.75 14.68 58.58
N LEU E 800 73.25 15.88 58.86
CA LEU E 800 72.27 16.56 58.01
C LEU E 800 72.38 18.07 58.16
N VAL E 801 73.09 18.54 59.20
CA VAL E 801 73.32 19.95 59.43
C VAL E 801 74.75 20.35 59.05
N SER E 802 75.49 19.47 58.40
CA SER E 802 76.83 19.79 57.90
C SER E 802 76.67 20.41 56.52
N PHE E 803 76.72 21.73 56.44
CA PHE E 803 76.61 22.44 55.18
C PHE E 803 77.32 23.79 55.28
N LEU E 804 77.49 24.42 54.13
CA LEU E 804 78.19 25.71 54.05
C LEU E 804 77.21 26.87 54.10
N ASP E 805 77.62 27.92 54.81
CA ASP E 805 76.92 29.19 54.75
C ASP E 805 76.63 29.56 53.30
N VAL E 806 75.40 30.01 53.03
CA VAL E 806 75.01 30.49 51.71
C VAL E 806 74.68 31.99 51.74
N ARG E 807 75.07 32.68 52.80
CA ARG E 807 74.88 34.12 52.86
C ARG E 807 76.02 34.81 52.12
N ASN E 808 75.98 36.14 52.07
CA ASN E 808 76.91 36.92 51.29
C ASN E 808 78.13 37.27 52.13
N ILE E 809 79.32 37.04 51.57
CA ILE E 809 80.59 37.33 52.21
C ILE E 809 81.41 38.17 51.24
N ILE E 810 81.71 39.41 51.63
CA ILE E 810 82.46 40.34 50.78
C ILE E 810 83.57 40.96 51.62
N LEU E 811 84.80 40.92 51.09
CA LEU E 811 85.97 41.42 51.79
C LEU E 811 86.36 42.77 51.21
N GLY E 812 86.40 43.79 52.07
CA GLY E 812 86.92 45.08 51.69
C GLY E 812 88.43 45.08 51.71
N LYS E 813 89.00 46.28 51.82
CA LYS E 813 90.45 46.43 51.97
C LYS E 813 90.88 47.52 52.95
N SER E 814 90.03 48.50 53.26
CA SER E 814 90.38 49.56 54.19
C SER E 814 90.08 49.21 55.64
N HIS E 815 89.41 48.09 55.89
CA HIS E 815 89.08 47.65 57.25
C HIS E 815 89.45 46.20 57.53
N TYR E 816 89.73 45.39 56.51
CA TYR E 816 90.02 43.97 56.69
C TYR E 816 88.98 43.31 57.59
N VAL E 817 87.71 43.55 57.24
CA VAL E 817 86.59 42.90 57.89
C VAL E 817 85.47 42.78 56.87
N LEU E 818 84.75 41.65 56.90
CA LEU E 818 83.76 41.34 55.88
C LEU E 818 82.63 42.35 55.87
N TYR E 819 82.78 43.42 55.08
CA TYR E 819 81.74 44.42 54.90
C TYR E 819 81.28 44.45 53.46
N GLY E 820 79.98 44.68 53.25
CA GLY E 820 79.43 44.85 51.92
C GLY E 820 78.81 46.22 51.72
N LEU E 821 77.85 46.32 50.79
CA LEU E 821 77.28 47.62 50.44
C LEU E 821 75.91 47.45 49.80
N VAL E 822 75.86 47.38 48.47
CA VAL E 822 74.62 47.24 47.72
C VAL E 822 74.81 46.14 46.67
N ALA E 823 73.71 45.46 46.35
CA ALA E 823 73.74 44.38 45.37
C ALA E 823 72.45 44.39 44.57
N ALA E 824 72.57 44.10 43.28
CA ALA E 824 71.41 43.79 42.46
C ALA E 824 71.01 42.34 42.69
N MET E 825 69.71 42.08 42.68
CA MET E 825 69.19 40.75 42.94
C MET E 825 67.93 40.49 42.12
N SER E 843 66.00 44.65 38.81
CA SER E 843 66.79 44.15 39.94
C SER E 843 66.45 44.91 41.22
N VAL E 844 66.51 44.20 42.35
CA VAL E 844 66.21 44.77 43.67
C VAL E 844 67.53 45.07 44.37
N ARG E 845 67.52 46.12 45.20
CA ARG E 845 68.72 46.57 45.90
C ARG E 845 68.70 46.07 47.33
N VAL E 846 69.71 45.27 47.68
CA VAL E 846 69.88 44.72 49.00
C VAL E 846 71.30 45.06 49.46
N GLY E 847 71.63 44.65 50.69
CA GLY E 847 72.97 44.85 51.23
C GLY E 847 73.68 43.53 51.49
N GLN E 848 74.67 43.54 52.38
CA GLN E 848 75.34 42.29 52.77
C GLN E 848 74.68 41.75 54.03
N ALA E 849 73.55 41.10 53.82
CA ALA E 849 72.88 40.28 54.82
C ALA E 849 71.79 39.51 54.09
N VAL E 850 72.10 39.13 52.85
CA VAL E 850 71.14 38.62 51.89
C VAL E 850 71.67 37.30 51.35
N ASP E 851 70.75 36.48 50.87
CA ASP E 851 71.06 35.12 50.42
C ASP E 851 71.25 35.11 48.92
N VAL E 852 72.48 35.30 48.47
CA VAL E 852 72.87 34.96 47.11
C VAL E 852 73.04 33.45 47.06
N VAL E 853 72.24 32.77 46.26
CA VAL E 853 72.27 31.32 46.15
C VAL E 853 73.00 30.96 44.86
N GLY E 854 73.97 30.04 44.97
CA GLY E 854 74.88 29.74 43.89
C GLY E 854 74.34 28.92 42.75
N GLN E 855 73.05 28.58 42.78
CA GLN E 855 72.42 27.83 41.69
C GLN E 855 70.97 28.26 41.54
N ALA E 856 70.31 28.52 42.66
CA ALA E 856 68.99 29.15 42.69
C ALA E 856 69.10 30.60 43.12
N GLY E 857 70.15 31.28 42.65
CA GLY E 857 70.36 32.70 42.88
C GLY E 857 71.22 33.27 41.78
N LYS E 858 70.91 32.88 40.55
CA LYS E 858 71.72 33.18 39.37
C LYS E 858 71.48 34.61 38.86
N PRO E 859 70.27 35.21 39.06
CA PRO E 859 70.09 36.65 38.80
C PRO E 859 70.41 37.53 40.00
N LYS E 860 71.57 37.27 40.63
CA LYS E 860 72.07 38.12 41.72
C LYS E 860 73.56 38.38 41.50
N THR E 861 73.90 39.63 41.22
CA THR E 861 75.28 40.06 41.13
C THR E 861 75.55 41.06 42.26
N ILE E 862 76.84 41.26 42.52
CA ILE E 862 77.30 42.20 43.54
C ILE E 862 77.82 43.45 42.85
N THR E 863 77.31 44.60 43.27
CA THR E 863 77.60 45.87 42.61
C THR E 863 78.36 46.80 43.56
N GLY E 864 78.63 48.00 43.07
CA GLY E 864 79.19 49.07 43.86
C GLY E 864 78.59 50.39 43.42
N PHE E 865 77.27 50.40 43.21
CA PHE E 865 76.55 51.53 42.65
C PHE E 865 76.10 52.54 43.70
N GLN E 866 76.64 52.47 44.93
CA GLN E 866 76.26 53.37 46.00
C GLN E 866 77.41 54.19 46.55
N THR E 867 78.65 53.72 46.43
CA THR E 867 79.84 54.51 46.71
C THR E 867 80.87 54.20 45.62
N HIS E 868 81.99 54.94 45.66
CA HIS E 868 83.05 54.74 44.69
C HIS E 868 83.84 53.50 45.10
N THR E 869 83.33 52.34 44.65
CA THR E 869 83.93 51.05 44.98
C THR E 869 83.67 50.10 43.82
N THR E 870 84.64 49.24 43.53
CA THR E 870 84.49 48.30 42.41
C THR E 870 84.96 46.92 42.82
N PRO E 871 84.23 45.87 42.45
CA PRO E 871 84.66 44.51 42.80
C PRO E 871 85.81 44.02 41.93
N VAL E 872 86.68 43.23 42.55
CA VAL E 872 87.76 42.56 41.85
C VAL E 872 87.46 41.08 41.62
N LEU E 873 86.71 40.43 42.53
CA LEU E 873 86.13 39.12 42.30
C LEU E 873 84.64 39.34 42.15
N LEU E 874 84.16 39.24 40.92
CA LEU E 874 82.75 39.45 40.60
C LEU E 874 82.07 38.11 40.39
N ALA E 875 80.97 37.89 41.11
CA ALA E 875 80.18 36.66 41.01
C ALA E 875 78.78 37.05 40.55
N HIS E 876 78.47 36.78 39.27
CA HIS E 876 77.25 37.28 38.63
C HIS E 876 76.03 36.41 38.92
N GLY E 877 76.01 35.74 40.07
CA GLY E 877 74.94 34.83 40.40
C GLY E 877 75.41 33.66 41.26
N GLU E 878 76.73 33.52 41.38
CA GLU E 878 77.33 32.43 42.14
C GLU E 878 77.62 32.89 43.57
N ARG E 879 77.50 31.96 44.52
CA ARG E 879 77.53 32.30 45.94
C ARG E 879 78.90 32.78 46.38
N ALA E 880 79.97 32.19 45.82
CA ALA E 880 81.34 32.34 46.31
C ALA E 880 81.66 33.69 46.92
N GLU E 881 82.47 33.68 47.98
CA GLU E 881 82.96 34.90 48.59
C GLU E 881 83.49 35.86 47.52
N LEU E 882 83.33 37.15 47.78
CA LEU E 882 83.72 38.19 46.82
C LEU E 882 84.82 39.06 47.40
N ALA E 883 85.42 39.87 46.52
CA ALA E 883 86.45 40.83 46.90
C ALA E 883 86.14 42.16 46.23
N THR E 884 86.42 43.25 46.94
CA THR E 884 86.16 44.59 46.44
C THR E 884 87.34 45.51 46.75
N GLU E 885 87.38 46.63 46.03
CA GLU E 885 88.42 47.64 46.22
C GLU E 885 87.75 49.01 46.29
N GLU E 886 88.12 49.79 47.31
CA GLU E 886 87.63 51.14 47.52
C GLU E 886 88.65 52.16 47.00
N PHE E 887 88.13 53.25 46.45
CA PHE E 887 88.98 54.34 45.98
C PHE E 887 89.23 55.40 47.05
N LEU E 888 88.62 55.25 48.23
CA LEU E 888 88.93 56.05 49.41
C LEU E 888 89.13 55.13 50.60
N PRO E 889 90.09 55.43 51.49
CA PRO E 889 90.17 54.69 52.75
C PRO E 889 89.18 55.16 53.80
N VAL E 890 88.36 56.15 53.50
CA VAL E 890 87.39 56.73 54.42
C VAL E 890 85.97 56.69 53.85
N THR E 891 85.73 55.82 52.84
CA THR E 891 84.44 55.76 52.17
C THR E 891 83.43 55.02 53.05
N PRO E 892 82.16 55.44 53.04
CA PRO E 892 81.14 54.72 53.85
C PRO E 892 80.77 53.39 53.20
N ILE E 893 80.72 52.35 54.03
CA ILE E 893 80.45 50.99 53.59
C ILE E 893 79.55 50.32 54.62
N LEU E 894 78.74 49.35 54.18
CA LEU E 894 77.80 48.71 55.09
C LEU E 894 78.54 48.00 56.21
N GLU E 895 78.26 48.39 57.45
CA GLU E 895 78.90 47.85 58.63
C GLU E 895 77.91 47.03 59.44
N GLY E 896 78.38 46.53 60.57
CA GLY E 896 77.54 45.76 61.48
C GLY E 896 78.06 44.35 61.71
N PHE E 897 79.27 44.06 61.27
CA PHE E 897 79.85 42.72 61.33
C PHE E 897 81.03 42.70 62.30
N VAL E 898 80.99 41.74 63.22
CA VAL E 898 82.04 41.56 64.22
C VAL E 898 82.79 40.26 63.92
N MET F 1 -6.76 -18.10 -67.37
CA MET F 1 -5.67 -17.08 -67.50
C MET F 1 -4.33 -17.75 -67.82
N ILE F 2 -3.39 -16.96 -68.37
CA ILE F 2 -2.04 -17.49 -68.58
C ILE F 2 -1.43 -17.82 -67.23
N THR F 3 -0.72 -18.94 -67.17
CA THR F 3 -0.21 -19.48 -65.92
C THR F 3 -1.36 -19.90 -64.99
N SER F 4 -2.57 -20.04 -65.52
CA SER F 4 -3.69 -20.63 -64.80
C SER F 4 -4.16 -21.86 -65.55
N ALA F 5 -4.21 -22.99 -64.85
CA ALA F 5 -4.63 -24.26 -65.42
C ALA F 5 -6.09 -24.31 -65.69
N ALA F 6 -6.78 -23.17 -65.67
CA ALA F 6 -8.19 -23.14 -66.04
C ALA F 6 -8.39 -23.77 -67.41
N GLY F 7 -7.48 -23.50 -68.34
CA GLY F 7 -7.55 -24.14 -69.64
C GLY F 7 -7.34 -25.64 -69.54
N ILE F 8 -6.40 -26.06 -68.68
CA ILE F 8 -6.14 -27.48 -68.47
C ILE F 8 -7.34 -28.16 -67.81
N ILE F 9 -7.71 -27.67 -66.62
CA ILE F 9 -8.63 -28.41 -65.76
C ILE F 9 -9.97 -28.62 -66.44
N SER F 10 -10.50 -27.58 -67.07
CA SER F 10 -11.84 -27.64 -67.66
C SER F 10 -11.94 -28.71 -68.74
N LEU F 11 -10.83 -29.39 -69.03
CA LEU F 11 -10.86 -30.52 -69.94
C LEU F 11 -11.30 -31.79 -69.22
N LEU F 12 -11.80 -32.74 -70.02
CA LEU F 12 -12.50 -33.95 -69.58
C LEU F 12 -13.99 -33.66 -69.52
N ASP F 13 -14.59 -33.40 -70.68
CA ASP F 13 -16.02 -33.49 -70.90
C ASP F 13 -16.38 -34.57 -71.90
N GLU F 14 -15.51 -34.82 -72.87
CA GLU F 14 -15.57 -36.02 -73.69
C GLU F 14 -14.71 -37.10 -73.04
N ASP F 15 -15.16 -38.35 -73.14
CA ASP F 15 -14.44 -39.47 -72.55
C ASP F 15 -13.49 -40.04 -73.60
N GLU F 16 -12.32 -39.44 -73.71
CA GLU F 16 -11.27 -39.89 -74.61
C GLU F 16 -10.01 -40.19 -73.77
N PRO F 17 -9.71 -41.46 -73.47
CA PRO F 17 -8.56 -41.75 -72.60
C PRO F 17 -7.24 -41.14 -73.04
N GLN F 18 -7.15 -40.60 -74.25
CA GLN F 18 -5.97 -39.85 -74.67
C GLN F 18 -6.11 -38.35 -74.43
N LEU F 19 -7.27 -37.90 -73.95
CA LEU F 19 -7.42 -36.53 -73.46
C LEU F 19 -7.09 -36.44 -71.97
N LYS F 20 -7.22 -37.54 -71.24
CA LYS F 20 -6.82 -37.57 -69.82
C LYS F 20 -5.32 -37.74 -69.66
N GLU F 21 -4.67 -38.42 -70.60
CA GLU F 21 -3.23 -38.65 -70.49
C GLU F 21 -2.43 -37.43 -70.95
N PHE F 22 -2.78 -36.84 -72.09
CA PHE F 22 -2.11 -35.61 -72.52
C PHE F 22 -2.37 -34.47 -71.54
N ALA F 23 -3.40 -34.58 -70.72
CA ALA F 23 -3.68 -33.57 -69.70
C ALA F 23 -2.80 -33.76 -68.48
N LEU F 24 -2.73 -35.00 -67.96
CA LEU F 24 -1.92 -35.30 -66.79
C LEU F 24 -0.44 -35.41 -67.10
N HIS F 25 -0.01 -34.89 -68.25
CA HIS F 25 1.40 -34.64 -68.54
C HIS F 25 1.70 -33.16 -68.68
N LYS F 26 0.78 -32.38 -69.27
CA LYS F 26 0.97 -30.93 -69.33
C LYS F 26 0.73 -30.29 -67.98
N LEU F 27 -0.10 -30.91 -67.14
CA LEU F 27 -0.27 -30.46 -65.76
C LEU F 27 0.87 -30.96 -64.87
N ASN F 28 1.14 -32.27 -64.94
CA ASN F 28 2.21 -32.86 -64.15
C ASN F 28 3.54 -32.12 -64.33
N ALA F 29 3.75 -31.51 -65.49
CA ALA F 29 5.02 -30.82 -65.75
C ALA F 29 5.12 -29.51 -65.00
N VAL F 30 3.98 -28.86 -64.71
CA VAL F 30 3.97 -27.46 -64.32
C VAL F 30 3.30 -27.24 -62.96
N VAL F 31 3.18 -28.29 -62.13
CA VAL F 31 2.60 -28.08 -60.80
C VAL F 31 3.67 -27.45 -59.92
N ASN F 32 4.10 -26.25 -60.32
CA ASN F 32 5.07 -25.46 -59.56
C ASN F 32 4.81 -23.97 -59.77
N ASP F 33 3.55 -23.61 -59.96
CA ASP F 33 3.08 -22.22 -60.12
C ASP F 33 1.59 -22.18 -60.42
N PHE F 34 1.00 -23.34 -60.75
CA PHE F 34 -0.44 -23.48 -60.91
C PHE F 34 -1.14 -23.97 -59.65
N TRP F 35 -0.47 -24.82 -58.87
CA TRP F 35 -1.01 -25.51 -57.70
C TRP F 35 -2.12 -24.75 -56.99
N ALA F 36 -1.85 -23.50 -56.60
CA ALA F 36 -2.78 -22.67 -55.85
C ALA F 36 -4.20 -22.80 -56.38
N GLU F 37 -4.32 -22.98 -57.70
CA GLU F 37 -5.62 -23.17 -58.33
C GLU F 37 -6.03 -24.63 -58.37
N ILE F 38 -5.08 -25.53 -58.64
CA ILE F 38 -5.39 -26.96 -58.67
C ILE F 38 -6.16 -27.36 -57.42
N SER F 39 -5.77 -26.80 -56.28
CA SER F 39 -6.42 -27.12 -55.02
C SER F 39 -7.94 -27.14 -55.18
N GLU F 40 -8.48 -26.22 -55.98
CA GLU F 40 -9.93 -26.12 -56.11
C GLU F 40 -10.51 -27.28 -56.90
N SER F 41 -9.76 -27.81 -57.87
CA SER F 41 -10.26 -28.88 -58.71
C SER F 41 -9.41 -30.15 -58.58
N VAL F 42 -9.30 -30.65 -57.36
CA VAL F 42 -8.64 -31.94 -57.12
C VAL F 42 -9.57 -33.12 -57.36
N ASP F 43 -10.88 -32.87 -57.41
CA ASP F 43 -11.85 -33.97 -57.47
C ASP F 43 -11.74 -34.72 -58.79
N LYS F 44 -11.48 -33.99 -59.88
CA LYS F 44 -11.29 -34.63 -61.18
C LYS F 44 -10.11 -35.62 -61.15
N ILE F 45 -9.16 -35.42 -60.23
CA ILE F 45 -7.98 -36.26 -60.19
C ILE F 45 -8.16 -37.44 -59.26
N GLU F 46 -8.87 -37.25 -58.14
CA GLU F 46 -9.14 -38.35 -57.23
C GLU F 46 -10.09 -39.35 -57.85
N VAL F 47 -11.15 -38.88 -58.53
CA VAL F 47 -12.05 -39.81 -59.20
C VAL F 47 -11.29 -40.66 -60.21
N LEU F 48 -10.36 -40.05 -60.96
CA LEU F 48 -9.57 -40.80 -61.93
C LEU F 48 -8.65 -41.78 -61.24
N TYR F 49 -8.07 -41.40 -60.10
CA TYR F 49 -7.18 -42.29 -59.39
C TYR F 49 -7.92 -43.51 -58.84
N GLU F 50 -9.20 -43.37 -58.50
CA GLU F 50 -9.92 -44.51 -57.92
C GLU F 50 -10.35 -45.54 -58.97
N ASP F 51 -10.67 -45.09 -60.19
CA ASP F 51 -11.07 -46.01 -61.25
C ASP F 51 -9.85 -46.73 -61.79
N GLU F 52 -9.86 -48.08 -61.73
CA GLU F 52 -8.70 -48.87 -62.14
C GLU F 52 -8.65 -49.12 -63.64
N GLY F 53 -9.74 -48.90 -64.36
CA GLY F 53 -9.73 -49.12 -65.80
C GLY F 53 -8.75 -48.23 -66.54
N PHE F 54 -8.47 -47.05 -65.99
CA PHE F 54 -7.55 -46.11 -66.61
C PHE F 54 -6.11 -46.44 -66.21
N ARG F 55 -5.22 -46.53 -67.19
CA ARG F 55 -3.80 -46.66 -66.92
C ARG F 55 -3.16 -45.33 -66.55
N SER F 56 -3.85 -44.21 -66.77
CA SER F 56 -3.41 -42.90 -66.35
C SER F 56 -3.53 -42.68 -64.84
N ARG F 57 -3.77 -43.72 -64.03
CA ARG F 57 -3.94 -43.57 -62.59
C ARG F 57 -2.62 -43.46 -61.83
N GLN F 58 -1.49 -43.68 -62.51
CA GLN F 58 -0.18 -43.53 -61.86
C GLN F 58 0.24 -42.07 -61.77
N PHE F 59 -0.12 -41.25 -62.77
CA PHE F 59 0.14 -39.82 -62.71
C PHE F 59 -0.94 -39.07 -61.94
N ALA F 60 -2.20 -39.53 -62.03
CA ALA F 60 -3.24 -39.03 -61.13
C ALA F 60 -2.82 -39.22 -59.68
N ALA F 61 -2.22 -40.37 -59.37
CA ALA F 61 -1.67 -40.59 -58.03
C ALA F 61 -0.50 -39.64 -57.76
N LEU F 62 0.30 -39.33 -58.79
CA LEU F 62 1.41 -38.41 -58.59
C LEU F 62 0.92 -36.97 -58.51
N VAL F 63 0.16 -36.53 -59.52
CA VAL F 63 -0.39 -35.17 -59.49
C VAL F 63 -1.14 -34.93 -58.19
N ALA F 64 -1.87 -35.94 -57.71
CA ALA F 64 -2.55 -35.80 -56.42
C ALA F 64 -1.55 -35.55 -55.31
N SER F 65 -0.52 -36.40 -55.20
CA SER F 65 0.55 -36.16 -54.24
C SER F 65 1.26 -34.83 -54.49
N LYS F 66 1.06 -34.21 -55.65
CA LYS F 66 1.67 -32.92 -55.94
C LYS F 66 0.80 -31.74 -55.52
N VAL F 67 -0.46 -31.99 -55.17
CA VAL F 67 -1.29 -30.93 -54.61
C VAL F 67 -1.02 -30.79 -53.12
N PHE F 68 -0.92 -31.90 -52.41
CA PHE F 68 -0.65 -31.89 -50.98
C PHE F 68 0.82 -31.76 -50.64
N TYR F 69 1.71 -31.75 -51.63
CA TYR F 69 3.12 -31.43 -51.41
C TYR F 69 3.37 -29.93 -51.46
N HIS F 70 2.68 -29.23 -52.35
CA HIS F 70 2.79 -27.79 -52.44
C HIS F 70 1.81 -27.06 -51.54
N LEU F 71 0.73 -27.74 -51.12
CA LEU F 71 -0.17 -27.17 -50.13
C LEU F 71 0.46 -27.18 -48.74
N GLY F 72 1.40 -28.09 -48.51
CA GLY F 72 1.99 -28.27 -47.19
C GLY F 72 1.26 -29.24 -46.30
N ALA F 73 -0.01 -29.53 -46.59
CA ALA F 73 -0.82 -30.38 -45.70
C ALA F 73 -0.16 -31.74 -45.49
N PHE F 74 0.46 -32.29 -46.52
CA PHE F 74 1.08 -33.63 -46.42
C PHE F 74 -0.02 -34.63 -46.06
N GLU F 75 0.35 -35.70 -45.38
CA GLU F 75 -0.59 -36.76 -44.99
C GLU F 75 -1.23 -37.39 -46.22
N GLU F 76 -2.10 -36.63 -46.90
CA GLU F 76 -2.70 -37.12 -48.13
C GLU F 76 -1.62 -37.42 -49.18
N SER F 77 -0.50 -36.70 -49.10
CA SER F 77 0.60 -36.91 -50.03
C SER F 77 1.18 -38.31 -49.92
N LEU F 78 1.05 -38.95 -48.76
CA LEU F 78 1.54 -40.31 -48.61
C LEU F 78 0.60 -41.32 -49.29
N ASN F 79 -0.71 -41.12 -49.12
CA ASN F 79 -1.69 -42.03 -49.72
C ASN F 79 -1.67 -41.95 -51.23
N TYR F 80 -1.40 -40.77 -51.80
CA TYR F 80 -1.30 -40.72 -53.26
C TYR F 80 0.11 -41.04 -53.77
N ALA F 81 1.13 -40.74 -52.97
CA ALA F 81 2.51 -41.04 -53.37
C ALA F 81 2.74 -42.55 -53.46
N LEU F 82 2.23 -43.31 -52.48
CA LEU F 82 2.36 -44.76 -52.55
C LEU F 82 1.42 -45.36 -53.59
N GLY F 83 0.37 -44.65 -53.96
CA GLY F 83 -0.49 -45.05 -55.06
C GLY F 83 0.09 -44.79 -56.43
N ALA F 84 1.15 -43.97 -56.51
CA ALA F 84 1.85 -43.79 -57.77
C ALA F 84 2.68 -45.01 -58.17
N GLY F 85 2.88 -45.98 -57.28
CA GLY F 85 3.64 -47.18 -57.60
C GLY F 85 5.13 -46.93 -57.72
N ASP F 86 5.68 -47.17 -58.92
CA ASP F 86 7.12 -47.03 -59.15
C ASP F 86 7.51 -45.67 -59.71
N LEU F 87 6.55 -44.82 -60.08
CA LEU F 87 6.89 -43.47 -60.52
C LEU F 87 7.53 -42.67 -59.39
N PHE F 88 7.06 -42.89 -58.16
CA PHE F 88 7.72 -42.35 -56.98
C PHE F 88 8.66 -43.39 -56.40
N ASN F 89 9.92 -43.00 -56.18
CA ASN F 89 10.92 -43.92 -55.64
C ASN F 89 11.99 -43.10 -54.93
N VAL F 90 12.82 -43.81 -54.14
CA VAL F 90 13.87 -43.14 -53.39
C VAL F 90 15.00 -42.68 -54.30
N ASN F 91 15.21 -43.36 -55.43
CA ASN F 91 16.41 -43.19 -56.23
C ASN F 91 16.28 -42.08 -57.28
N ASP F 92 15.07 -41.67 -57.65
CA ASP F 92 14.94 -40.57 -58.59
C ASP F 92 15.30 -39.23 -57.96
N ASN F 93 15.56 -39.19 -56.65
CA ASN F 93 16.20 -38.06 -55.97
C ASN F 93 15.51 -36.74 -56.32
N SER F 94 14.27 -36.64 -55.86
CA SER F 94 13.45 -35.46 -56.08
C SER F 94 13.25 -34.70 -54.78
N GLU F 95 12.73 -33.47 -54.90
CA GLU F 95 12.27 -32.78 -53.71
C GLU F 95 11.08 -33.50 -53.09
N TYR F 96 10.34 -34.27 -53.90
CA TYR F 96 9.22 -35.03 -53.35
C TYR F 96 9.70 -36.09 -52.38
N VAL F 97 10.56 -37.01 -52.82
CA VAL F 97 11.04 -37.99 -51.84
C VAL F 97 11.87 -37.32 -50.76
N GLU F 98 12.51 -36.19 -51.09
CA GLU F 98 13.19 -35.39 -50.07
C GLU F 98 12.27 -35.13 -48.89
N THR F 99 11.11 -34.52 -49.15
CA THR F 99 10.17 -34.24 -48.07
C THR F 99 9.36 -35.48 -47.70
N ILE F 100 8.66 -36.05 -48.68
CA ILE F 100 7.77 -37.20 -48.54
C ILE F 100 8.43 -38.41 -47.90
N ILE F 101 9.76 -38.50 -47.88
CA ILE F 101 10.37 -39.61 -47.15
C ILE F 101 10.61 -39.22 -45.69
N ALA F 102 10.76 -37.93 -45.40
CA ALA F 102 10.69 -37.49 -44.02
C ALA F 102 9.28 -37.69 -43.47
N LYS F 103 8.28 -37.25 -44.23
CA LYS F 103 6.89 -37.43 -43.84
C LYS F 103 6.51 -38.92 -43.81
N CYS F 104 7.05 -39.70 -44.75
CA CYS F 104 6.82 -41.15 -44.76
C CYS F 104 7.46 -41.80 -43.55
N ILE F 105 8.73 -41.51 -43.29
CA ILE F 105 9.45 -42.20 -42.24
C ILE F 105 8.87 -41.84 -40.88
N ASP F 106 8.46 -40.60 -40.69
CA ASP F 106 7.84 -40.25 -39.41
C ASP F 106 6.42 -40.80 -39.32
N HIS F 107 5.67 -40.75 -40.42
CA HIS F 107 4.34 -41.36 -40.47
C HIS F 107 4.40 -42.86 -40.21
N TYR F 108 5.55 -43.48 -40.51
CA TYR F 108 5.76 -44.91 -40.40
C TYR F 108 6.25 -45.31 -39.01
N THR F 109 7.17 -44.53 -38.45
CA THR F 109 7.68 -44.85 -37.12
C THR F 109 6.63 -44.56 -36.06
N LYS F 110 5.90 -43.45 -36.22
CA LYS F 110 4.70 -43.22 -35.41
C LYS F 110 3.83 -44.47 -35.38
N GLN F 111 3.67 -45.14 -36.53
CA GLN F 111 2.78 -46.29 -36.62
C GLN F 111 3.37 -47.54 -35.98
N CYS F 112 4.63 -47.85 -36.29
CA CYS F 112 5.23 -49.07 -35.76
C CYS F 112 5.36 -49.01 -34.24
N VAL F 113 5.46 -47.81 -33.66
CA VAL F 113 5.48 -47.70 -32.20
C VAL F 113 4.15 -48.23 -31.64
N GLU F 114 3.09 -47.43 -31.83
CA GLU F 114 1.77 -47.78 -31.30
C GLU F 114 1.33 -49.18 -31.71
N ASN F 115 1.73 -49.65 -32.89
CA ASN F 115 1.28 -50.94 -33.40
C ASN F 115 2.08 -52.09 -32.81
N ALA F 116 3.40 -52.13 -33.06
CA ALA F 116 4.21 -53.22 -32.56
C ALA F 116 4.16 -53.31 -31.03
N ASP F 117 3.72 -52.25 -30.33
CA ASP F 117 3.73 -52.30 -28.87
C ASP F 117 2.44 -52.84 -28.26
N LEU F 118 1.28 -52.62 -28.88
CA LEU F 118 0.03 -52.74 -28.12
C LEU F 118 -0.89 -53.84 -28.65
N PRO F 119 -1.60 -53.65 -29.79
CA PRO F 119 -2.62 -54.65 -30.17
C PRO F 119 -2.00 -55.96 -30.65
N GLU F 120 -2.86 -56.86 -31.14
CA GLU F 120 -2.43 -58.00 -31.95
C GLU F 120 -2.75 -57.80 -33.42
N GLY F 121 -3.59 -56.80 -33.75
CA GLY F 121 -3.67 -56.26 -35.09
C GLY F 121 -2.66 -55.13 -35.25
N GLU F 122 -1.38 -55.49 -35.17
CA GLU F 122 -0.27 -54.55 -35.15
C GLU F 122 0.00 -53.98 -36.55
N LYS F 123 0.68 -54.77 -37.39
CA LYS F 123 1.03 -54.34 -38.75
C LYS F 123 -0.18 -54.26 -39.68
N LYS F 124 -1.25 -54.99 -39.36
CA LYS F 124 -2.40 -55.06 -40.26
C LYS F 124 -2.85 -53.69 -40.77
N PRO F 125 -3.07 -52.67 -39.93
CA PRO F 125 -3.33 -51.33 -40.49
C PRO F 125 -2.22 -50.79 -41.37
N ILE F 126 -0.97 -51.23 -41.19
CA ILE F 126 0.17 -50.62 -41.88
C ILE F 126 0.24 -51.15 -43.31
N ASP F 127 0.45 -50.23 -44.26
CA ASP F 127 0.59 -50.55 -45.66
C ASP F 127 1.98 -51.12 -45.94
N GLN F 128 2.05 -51.96 -46.98
CA GLN F 128 3.31 -52.59 -47.35
C GLN F 128 4.13 -51.75 -48.32
N ARG F 129 3.49 -50.91 -49.13
CA ARG F 129 4.22 -50.03 -50.02
C ARG F 129 5.07 -49.02 -49.22
N LEU F 130 4.57 -48.62 -48.04
CA LEU F 130 5.34 -47.73 -47.17
C LEU F 130 6.58 -48.43 -46.62
N GLU F 131 6.43 -49.69 -46.17
CA GLU F 131 7.60 -50.49 -45.82
C GLU F 131 8.55 -50.64 -47.00
N GLY F 132 8.02 -50.68 -48.22
CA GLY F 132 8.91 -50.78 -49.38
C GLY F 132 9.74 -49.54 -49.60
N ILE F 133 9.15 -48.35 -49.40
CA ILE F 133 9.94 -47.12 -49.48
C ILE F 133 10.93 -47.05 -48.34
N VAL F 134 10.55 -47.51 -47.14
CA VAL F 134 11.48 -47.50 -46.01
C VAL F 134 12.67 -48.41 -46.27
N ASN F 135 12.43 -49.62 -46.80
CA ASN F 135 13.54 -50.55 -47.02
C ASN F 135 14.37 -50.12 -48.22
N LYS F 136 13.74 -49.51 -49.23
CA LYS F 136 14.50 -48.99 -50.37
C LYS F 136 15.44 -47.88 -49.93
N MET F 137 14.99 -47.03 -49.00
CA MET F 137 15.88 -45.98 -48.48
C MET F 137 16.94 -46.57 -47.55
N PHE F 138 16.52 -47.42 -46.63
CA PHE F 138 17.45 -48.01 -45.67
C PHE F 138 18.61 -48.70 -46.40
N GLN F 139 18.29 -49.55 -47.39
CA GLN F 139 19.36 -50.18 -48.14
C GLN F 139 20.27 -49.15 -48.80
N ARG F 140 19.75 -47.95 -49.07
CA ARG F 140 20.65 -46.86 -49.46
C ARG F 140 21.60 -46.54 -48.32
N CYS F 141 21.13 -46.64 -47.08
CA CYS F 141 22.05 -46.41 -45.97
C CYS F 141 23.11 -47.50 -45.86
N LEU F 142 22.77 -48.75 -46.19
CA LEU F 142 23.79 -49.79 -46.17
C LEU F 142 24.71 -49.76 -47.39
N ASP F 143 24.24 -49.18 -48.51
CA ASP F 143 25.07 -49.07 -49.70
C ASP F 143 25.98 -47.84 -49.65
N ASP F 144 25.46 -46.72 -49.14
CA ASP F 144 26.30 -45.57 -48.85
C ASP F 144 27.24 -45.82 -47.67
N HIS F 145 27.01 -46.89 -46.90
CA HIS F 145 27.85 -47.28 -45.77
C HIS F 145 27.68 -46.35 -44.58
N LYS F 146 26.49 -45.75 -44.43
CA LYS F 146 26.23 -44.86 -43.29
C LYS F 146 25.59 -45.65 -42.16
N TYR F 147 26.38 -46.58 -41.61
CA TYR F 147 25.96 -47.36 -40.46
C TYR F 147 25.80 -46.49 -39.22
N LYS F 148 26.44 -45.31 -39.21
CA LYS F 148 26.31 -44.36 -38.12
C LYS F 148 24.93 -43.71 -38.12
N GLN F 149 24.24 -43.76 -39.27
CA GLN F 149 22.88 -43.29 -39.47
C GLN F 149 21.86 -44.43 -39.29
N ALA F 150 22.17 -45.59 -39.86
CA ALA F 150 21.28 -46.73 -39.80
C ALA F 150 21.18 -47.28 -38.38
N ILE F 151 22.21 -47.08 -37.55
CA ILE F 151 22.15 -47.58 -36.19
C ILE F 151 20.98 -46.94 -35.44
N GLY F 152 20.58 -45.72 -35.82
CA GLY F 152 19.46 -45.04 -35.17
C GLY F 152 18.14 -45.27 -35.88
N ILE F 153 18.16 -45.22 -37.22
CA ILE F 153 16.94 -45.61 -37.94
C ILE F 153 16.44 -46.96 -37.43
N ALA F 154 17.37 -47.89 -37.16
CA ALA F 154 17.02 -49.24 -36.72
C ALA F 154 16.38 -49.27 -35.34
N LEU F 155 16.26 -48.13 -34.66
CA LEU F 155 15.47 -48.03 -33.44
C LEU F 155 14.24 -47.17 -33.62
N GLU F 156 14.15 -46.41 -34.70
CA GLU F 156 12.87 -45.79 -35.02
C GLU F 156 11.83 -46.82 -35.44
N THR F 157 12.11 -47.56 -36.53
CA THR F 157 11.20 -48.61 -36.99
C THR F 157 11.11 -49.75 -36.00
N ARG F 158 12.10 -49.90 -35.10
CA ARG F 158 12.04 -50.87 -34.02
C ARG F 158 11.94 -52.29 -34.57
N ARG F 159 12.69 -52.56 -35.64
CA ARG F 159 12.93 -53.89 -36.17
C ARG F 159 14.39 -54.24 -35.95
N LEU F 160 14.65 -55.29 -35.17
CA LEU F 160 16.01 -55.67 -34.85
C LEU F 160 16.70 -56.43 -35.97
N ASP F 161 16.00 -56.76 -37.06
CA ASP F 161 16.68 -57.32 -38.22
C ASP F 161 17.45 -56.24 -38.97
N VAL F 162 16.83 -55.06 -39.11
CA VAL F 162 17.53 -53.87 -39.58
C VAL F 162 18.80 -53.67 -38.76
N PHE F 163 18.66 -53.66 -37.44
CA PHE F 163 19.78 -53.39 -36.55
C PHE F 163 20.81 -54.50 -36.58
N GLU F 164 20.39 -55.75 -36.82
CA GLU F 164 21.31 -56.88 -36.79
C GLU F 164 22.10 -57.00 -38.09
N LYS F 165 21.55 -56.53 -39.22
CA LYS F 165 22.38 -56.48 -40.43
C LYS F 165 23.20 -55.20 -40.52
N THR F 166 22.74 -54.08 -39.94
CA THR F 166 23.54 -52.86 -39.95
C THR F 166 24.92 -53.07 -39.33
N ILE F 167 24.97 -53.85 -38.26
CA ILE F 167 26.21 -54.04 -37.50
C ILE F 167 27.19 -54.93 -38.27
N LEU F 168 26.69 -55.91 -39.04
CA LEU F 168 27.56 -56.84 -39.74
C LEU F 168 28.27 -56.19 -40.92
N GLU F 169 27.63 -55.21 -41.55
CA GLU F 169 28.13 -54.66 -42.81
C GLU F 169 29.53 -54.07 -42.64
N SER F 170 30.39 -54.35 -43.61
CA SER F 170 31.78 -53.90 -43.60
C SER F 170 32.48 -54.40 -42.36
N ASN F 171 33.74 -53.97 -42.17
CA ASN F 171 34.46 -54.22 -40.93
C ASN F 171 34.14 -53.17 -39.86
N ASP F 172 32.88 -52.73 -39.84
CA ASP F 172 32.39 -51.79 -38.83
C ASP F 172 31.61 -52.51 -37.74
N VAL F 173 32.14 -53.64 -37.27
CA VAL F 173 31.47 -54.44 -36.25
C VAL F 173 31.81 -53.90 -34.86
N PRO F 174 33.10 -53.77 -34.50
CA PRO F 174 33.43 -53.32 -33.13
C PRO F 174 33.02 -51.88 -32.82
N GLY F 175 32.81 -51.03 -33.83
CA GLY F 175 32.31 -49.69 -33.59
C GLY F 175 30.81 -49.65 -33.33
N MET F 176 30.05 -50.28 -34.23
CA MET F 176 28.62 -50.40 -34.02
C MET F 176 28.34 -50.98 -32.64
N LEU F 177 29.17 -51.91 -32.19
CA LEU F 177 29.02 -52.42 -30.82
C LEU F 177 29.25 -51.33 -29.78
N ALA F 178 29.91 -50.22 -30.15
CA ALA F 178 30.07 -49.11 -29.23
C ALA F 178 28.88 -48.15 -29.27
N TYR F 179 28.23 -47.98 -30.42
CA TYR F 179 27.01 -47.17 -30.44
C TYR F 179 25.87 -47.86 -29.70
N SER F 180 25.67 -49.16 -29.96
CA SER F 180 24.48 -49.84 -29.46
C SER F 180 24.53 -50.12 -27.96
N LEU F 181 25.64 -49.85 -27.29
CA LEU F 181 25.67 -49.88 -25.83
C LEU F 181 25.36 -48.52 -25.23
N LYS F 182 25.71 -47.44 -25.93
CA LYS F 182 25.35 -46.10 -25.47
C LYS F 182 23.86 -45.84 -25.64
N LEU F 183 23.27 -46.36 -26.72
CA LEU F 183 21.84 -46.14 -26.94
C LEU F 183 20.98 -47.08 -26.10
N CYS F 184 21.48 -48.29 -25.81
CA CYS F 184 20.73 -49.22 -24.97
C CYS F 184 20.65 -48.75 -23.53
N MET F 185 21.49 -47.80 -23.12
CA MET F 185 21.54 -47.32 -21.74
C MET F 185 20.93 -45.95 -21.54
N SER F 186 20.97 -45.09 -22.55
CA SER F 186 20.47 -43.72 -22.44
C SER F 186 19.23 -43.48 -23.28
N LEU F 187 19.26 -43.87 -24.56
CA LEU F 187 18.13 -43.61 -25.44
C LEU F 187 16.93 -44.47 -25.06
N MET F 188 17.14 -45.76 -24.83
CA MET F 188 16.04 -46.70 -24.67
C MET F 188 15.22 -46.37 -23.42
N GLN F 189 13.90 -46.28 -23.61
CA GLN F 189 12.96 -46.07 -22.51
C GLN F 189 12.15 -47.34 -22.27
N ASN F 190 11.29 -47.71 -23.22
CA ASN F 190 10.46 -48.90 -23.09
C ASN F 190 11.32 -50.09 -22.69
N LYS F 191 11.09 -50.62 -21.48
CA LYS F 191 11.86 -51.75 -20.99
C LYS F 191 11.72 -52.97 -21.91
N GLN F 192 10.51 -53.21 -22.41
CA GLN F 192 10.25 -54.34 -23.30
C GLN F 192 11.17 -54.29 -24.52
N PHE F 193 11.09 -53.20 -25.28
CA PHE F 193 11.88 -53.05 -26.49
C PHE F 193 13.37 -53.06 -26.18
N ARG F 194 13.78 -52.35 -25.13
CA ARG F 194 15.17 -52.35 -24.71
C ARG F 194 15.70 -53.76 -24.49
N ASN F 195 14.90 -54.61 -23.82
CA ASN F 195 15.29 -56.00 -23.65
C ASN F 195 15.42 -56.69 -25.01
N LYS F 196 14.48 -56.43 -25.92
CA LYS F 196 14.57 -57.06 -27.23
C LYS F 196 15.81 -56.62 -28.02
N VAL F 197 16.35 -55.43 -27.72
CA VAL F 197 17.63 -55.05 -28.33
C VAL F 197 18.80 -55.73 -27.61
N LEU F 198 18.69 -55.92 -26.30
CA LEU F 198 19.78 -56.54 -25.55
C LEU F 198 19.97 -58.00 -25.96
N ARG F 199 18.89 -58.73 -26.24
CA ARG F 199 19.04 -60.12 -26.67
C ARG F 199 19.84 -60.22 -27.97
N VAL F 200 19.46 -59.42 -28.98
CA VAL F 200 20.19 -59.38 -30.24
C VAL F 200 21.61 -58.88 -30.03
N LEU F 201 21.82 -58.06 -28.99
CA LEU F 201 23.17 -57.63 -28.63
C LEU F 201 23.96 -58.76 -27.98
N VAL F 202 23.28 -59.78 -27.43
CA VAL F 202 23.96 -60.95 -26.92
C VAL F 202 24.38 -61.87 -28.07
N LYS F 203 23.50 -62.09 -29.05
CA LYS F 203 23.82 -63.07 -30.09
C LYS F 203 25.00 -62.64 -30.95
N ILE F 204 25.24 -61.34 -31.07
CA ILE F 204 26.33 -60.84 -31.91
C ILE F 204 27.65 -60.72 -31.15
N TYR F 205 27.65 -60.92 -29.84
CA TYR F 205 28.88 -61.09 -29.07
C TYR F 205 29.31 -62.55 -28.99
N MET F 206 28.59 -63.45 -29.63
CA MET F 206 28.93 -64.88 -29.69
C MET F 206 29.29 -65.34 -31.09
N ASN F 207 28.54 -64.92 -32.10
CA ASN F 207 28.73 -65.37 -33.47
C ASN F 207 29.62 -64.45 -34.30
N LEU F 208 30.13 -63.37 -33.71
CA LEU F 208 30.99 -62.41 -34.42
C LEU F 208 32.34 -62.37 -33.74
N GLU F 209 33.35 -62.93 -34.41
CA GLU F 209 34.73 -62.86 -33.94
C GLU F 209 34.86 -63.55 -32.58
N LYS F 210 36.00 -63.39 -31.91
CA LYS F 210 36.16 -63.96 -30.59
C LYS F 210 35.09 -63.38 -29.66
N PRO F 211 34.32 -64.21 -28.96
CA PRO F 211 33.34 -63.66 -28.01
C PRO F 211 34.00 -62.93 -26.85
N ASP F 212 33.53 -61.72 -26.59
CA ASP F 212 34.01 -60.90 -25.47
C ASP F 212 33.08 -61.11 -24.29
N PHE F 213 33.60 -61.69 -23.21
CA PHE F 213 32.80 -62.05 -22.05
C PHE F 213 32.67 -60.92 -21.03
N ILE F 214 33.36 -59.79 -21.25
CA ILE F 214 33.14 -58.61 -20.42
C ILE F 214 31.89 -57.84 -20.85
N ASN F 215 31.34 -58.12 -22.02
CA ASN F 215 30.15 -57.46 -22.55
C ASN F 215 28.88 -58.27 -22.32
N VAL F 216 28.89 -59.55 -22.70
CA VAL F 216 27.72 -60.40 -22.49
C VAL F 216 27.35 -60.42 -21.03
N CYS F 217 28.32 -60.21 -20.14
CA CYS F 217 28.02 -60.17 -18.71
C CYS F 217 27.12 -58.98 -18.37
N GLN F 218 27.60 -57.76 -18.66
CA GLN F 218 26.80 -56.58 -18.39
C GLN F 218 25.40 -56.71 -18.99
N CYS F 219 25.33 -57.19 -20.24
CA CYS F 219 24.02 -57.28 -20.89
C CYS F 219 23.14 -58.32 -20.22
N LEU F 220 23.70 -59.44 -19.79
CA LEU F 220 22.90 -60.43 -19.05
C LEU F 220 22.43 -59.87 -17.72
N ILE F 221 23.16 -58.89 -17.17
CA ILE F 221 22.67 -58.22 -15.96
C ILE F 221 21.42 -57.42 -16.28
N PHE F 222 21.45 -56.65 -17.38
CA PHE F 222 20.29 -55.83 -17.67
C PHE F 222 19.13 -56.60 -18.31
N LEU F 223 19.37 -57.83 -18.77
CA LEU F 223 18.30 -58.68 -19.28
C LEU F 223 17.69 -59.56 -18.20
N ASP F 224 18.47 -59.92 -17.17
CA ASP F 224 17.98 -60.66 -16.02
C ASP F 224 17.49 -62.06 -16.43
N ASP F 225 18.36 -62.79 -17.12
CA ASP F 225 18.19 -64.22 -17.36
C ASP F 225 19.33 -64.93 -16.63
N PRO F 226 19.20 -65.21 -15.32
CA PRO F 226 20.33 -65.80 -14.59
C PRO F 226 20.71 -67.19 -15.08
N GLN F 227 19.73 -67.99 -15.50
CA GLN F 227 19.95 -69.37 -15.92
C GLN F 227 20.76 -69.48 -17.21
N ALA F 228 20.99 -68.38 -17.91
CA ALA F 228 21.83 -68.38 -19.11
C ALA F 228 23.25 -67.89 -18.84
N VAL F 229 23.41 -66.92 -17.94
CA VAL F 229 24.75 -66.48 -17.58
C VAL F 229 25.45 -67.55 -16.76
N SER F 230 24.68 -68.38 -16.02
CA SER F 230 25.31 -69.49 -15.29
C SER F 230 25.89 -70.55 -16.22
N ASP F 231 25.37 -70.69 -17.44
CA ASP F 231 25.89 -71.66 -18.40
C ASP F 231 26.87 -71.03 -19.40
N ILE F 232 26.85 -69.71 -19.56
CA ILE F 232 27.93 -69.06 -20.29
C ILE F 232 29.18 -68.98 -19.43
N LEU F 233 29.03 -68.97 -18.10
CA LEU F 233 30.19 -69.01 -17.21
C LEU F 233 30.69 -70.42 -16.98
N GLU F 234 29.81 -71.43 -17.06
CA GLU F 234 30.17 -72.81 -16.76
C GLU F 234 30.46 -73.63 -18.02
N LYS F 235 30.94 -72.99 -19.07
CA LYS F 235 31.58 -73.67 -20.19
C LYS F 235 33.00 -73.19 -20.44
N LEU F 236 33.38 -72.01 -19.92
CA LEU F 236 34.77 -71.57 -19.95
C LEU F 236 35.55 -72.11 -18.76
N VAL F 237 34.87 -72.48 -17.67
CA VAL F 237 35.54 -73.12 -16.55
C VAL F 237 35.86 -74.57 -16.88
N LYS F 238 35.03 -75.23 -17.70
CA LYS F 238 35.30 -76.60 -18.13
C LYS F 238 36.39 -76.66 -19.19
N GLU F 239 36.56 -75.58 -19.96
CA GLU F 239 37.61 -75.49 -20.98
C GLU F 239 38.91 -74.92 -20.44
N ASP F 240 39.05 -74.79 -19.12
CA ASP F 240 40.27 -74.28 -18.49
C ASP F 240 40.51 -72.81 -18.85
N ASN F 241 39.43 -72.06 -19.04
CA ASN F 241 39.52 -70.61 -19.17
C ASN F 241 39.09 -69.94 -17.87
N LEU F 242 39.85 -70.22 -16.81
CA LEU F 242 39.59 -69.58 -15.53
C LEU F 242 39.98 -68.10 -15.57
N LEU F 243 40.95 -67.73 -16.41
CA LEU F 243 41.34 -66.34 -16.57
C LEU F 243 40.19 -65.51 -17.14
N MET F 244 39.28 -66.15 -17.90
CA MET F 244 38.10 -65.47 -18.46
C MET F 244 36.82 -65.79 -17.69
N ALA F 245 36.88 -66.68 -16.69
CA ALA F 245 35.77 -66.90 -15.77
C ALA F 245 35.89 -66.06 -14.51
N TYR F 246 37.07 -65.48 -14.22
CA TYR F 246 37.16 -64.46 -13.18
C TYR F 246 36.54 -63.15 -13.65
N GLN F 247 36.90 -62.72 -14.87
CA GLN F 247 36.44 -61.44 -15.40
C GLN F 247 34.92 -61.36 -15.44
N ILE F 248 34.24 -62.51 -15.53
CA ILE F 248 32.79 -62.54 -15.52
C ILE F 248 32.26 -62.31 -14.10
N CYS F 249 32.91 -62.92 -13.10
CA CYS F 249 32.41 -62.87 -11.74
C CYS F 249 32.66 -61.52 -11.07
N PHE F 250 33.75 -60.84 -11.45
CA PHE F 250 33.97 -59.52 -10.85
C PHE F 250 33.00 -58.49 -11.43
N ASP F 251 32.68 -58.61 -12.73
CA ASP F 251 31.59 -57.80 -13.29
C ASP F 251 30.28 -58.11 -12.59
N LEU F 252 29.89 -59.38 -12.51
CA LEU F 252 28.62 -59.70 -11.84
C LEU F 252 28.58 -59.12 -10.43
N TYR F 253 29.66 -59.24 -9.68
CA TYR F 253 29.64 -58.71 -8.32
C TYR F 253 29.45 -57.20 -8.32
N GLU F 254 30.31 -56.47 -9.03
CA GLU F 254 30.25 -55.00 -8.99
C GLU F 254 28.96 -54.50 -9.63
N SER F 255 28.74 -54.84 -10.90
CA SER F 255 27.58 -54.36 -11.65
C SER F 255 26.27 -54.89 -11.07
N ALA F 256 26.15 -56.22 -10.94
CA ALA F 256 24.86 -56.80 -10.61
C ALA F 256 24.54 -56.65 -9.12
N SER F 257 23.33 -57.08 -8.77
CA SER F 257 22.82 -56.93 -7.42
C SER F 257 22.90 -58.29 -6.70
N GLN F 258 22.41 -58.30 -5.46
CA GLN F 258 22.55 -59.49 -4.62
C GLN F 258 21.53 -60.58 -4.98
N GLN F 259 20.36 -60.21 -5.49
CA GLN F 259 19.37 -61.20 -5.88
C GLN F 259 19.69 -61.85 -7.22
N PHE F 260 20.64 -61.31 -7.99
CA PHE F 260 21.18 -61.98 -9.16
C PHE F 260 22.33 -62.91 -8.78
N LEU F 261 23.26 -62.42 -7.95
CA LEU F 261 24.36 -63.22 -7.44
C LEU F 261 23.87 -64.39 -6.58
N SER F 262 22.63 -64.34 -6.08
CA SER F 262 22.05 -65.48 -5.38
C SER F 262 21.26 -66.41 -6.29
N SER F 263 20.87 -65.95 -7.48
CA SER F 263 20.24 -66.83 -8.44
C SER F 263 21.27 -67.67 -9.20
N VAL F 264 22.47 -67.12 -9.42
CA VAL F 264 23.44 -67.85 -10.25
C VAL F 264 24.15 -68.94 -9.43
N ILE F 265 24.58 -68.64 -8.21
CA ILE F 265 25.18 -69.67 -7.37
C ILE F 265 24.15 -70.77 -7.10
N GLN F 266 22.88 -70.40 -7.08
CA GLN F 266 21.81 -71.38 -6.91
C GLN F 266 21.62 -72.23 -8.18
N ASN F 267 21.81 -71.64 -9.36
CA ASN F 267 21.78 -72.44 -10.59
C ASN F 267 22.97 -73.39 -10.66
N LEU F 268 24.12 -72.98 -10.15
CA LEU F 268 25.28 -73.88 -10.08
C LEU F 268 25.11 -74.95 -9.02
N ARG F 269 24.25 -74.73 -8.02
CA ARG F 269 23.98 -75.79 -7.06
C ARG F 269 22.93 -76.77 -7.58
N THR F 270 21.92 -76.27 -8.29
CA THR F 270 20.96 -77.19 -8.92
C THR F 270 21.62 -78.01 -10.03
N VAL F 271 22.60 -77.42 -10.72
CA VAL F 271 23.37 -78.20 -11.70
C VAL F 271 24.36 -79.12 -10.99
N GLY F 272 25.01 -78.63 -9.93
CA GLY F 272 25.97 -79.43 -9.20
C GLY F 272 25.36 -80.64 -8.50
N THR F 273 24.03 -80.63 -8.31
CA THR F 273 23.36 -81.78 -7.72
C THR F 273 23.49 -82.97 -8.67
N PRO F 274 23.87 -84.16 -8.18
CA PRO F 274 24.08 -85.31 -9.07
C PRO F 274 22.79 -85.91 -9.60
N THR F 322 37.68 -76.74 -5.89
CA THR F 322 36.25 -76.59 -6.15
C THR F 322 35.73 -75.25 -5.61
N LEU F 323 34.53 -74.87 -6.06
CA LEU F 323 33.82 -73.71 -5.53
C LEU F 323 34.74 -72.49 -5.44
N LYS F 324 35.49 -72.24 -6.51
CA LYS F 324 36.30 -71.04 -6.57
C LYS F 324 35.47 -69.82 -6.98
N MET F 325 34.60 -69.99 -7.98
CA MET F 325 33.71 -68.91 -8.41
C MET F 325 32.62 -68.64 -7.38
N ILE F 326 32.36 -69.59 -6.48
CA ILE F 326 31.42 -69.36 -5.38
C ILE F 326 32.02 -68.40 -4.35
N LYS F 327 33.33 -68.18 -4.40
CA LYS F 327 34.00 -67.24 -3.50
C LYS F 327 34.17 -65.85 -4.09
N ILE F 328 33.98 -65.70 -5.40
CA ILE F 328 34.01 -64.39 -6.05
C ILE F 328 32.60 -63.82 -6.20
N LEU F 329 31.62 -64.66 -6.50
CA LEU F 329 30.23 -64.21 -6.60
C LEU F 329 29.66 -63.85 -5.23
N SER F 330 30.22 -64.40 -4.14
CA SER F 330 29.81 -64.01 -2.80
C SER F 330 30.48 -62.73 -2.33
N GLY F 331 31.66 -62.41 -2.88
CA GLY F 331 32.34 -61.18 -2.56
C GLY F 331 33.26 -61.23 -1.35
N GLU F 332 33.54 -62.42 -0.82
CA GLU F 332 34.41 -62.53 0.34
C GLU F 332 35.82 -62.04 0.02
N MET F 333 36.38 -62.55 -1.07
CA MET F 333 37.76 -62.24 -1.43
C MET F 333 37.91 -60.74 -1.71
N ALA F 334 36.92 -60.15 -2.37
CA ALA F 334 36.97 -58.71 -2.66
C ALA F 334 36.91 -57.90 -1.37
N ILE F 335 36.04 -58.29 -0.44
CA ILE F 335 36.01 -57.66 0.88
C ILE F 335 37.41 -57.64 1.47
N GLU F 336 38.07 -58.80 1.48
CA GLU F 336 39.43 -58.86 2.03
C GLU F 336 40.36 -57.87 1.34
N LEU F 337 40.36 -57.88 0.00
CA LEU F 337 41.25 -56.98 -0.73
C LEU F 337 41.01 -55.52 -0.35
N HIS F 338 39.74 -55.10 -0.25
CA HIS F 338 39.46 -53.72 0.10
C HIS F 338 39.91 -53.39 1.50
N LEU F 339 39.72 -54.31 2.45
CA LEU F 339 40.22 -54.09 3.81
C LEU F 339 41.72 -53.83 3.80
N GLN F 340 42.49 -54.78 3.28
CA GLN F 340 43.93 -54.56 3.16
C GLN F 340 44.22 -53.20 2.54
N PHE F 341 43.43 -52.81 1.54
CA PHE F 341 43.66 -51.53 0.88
C PHE F 341 43.55 -50.36 1.86
N LEU F 342 42.36 -50.18 2.46
CA LEU F 342 42.16 -49.01 3.32
C LEU F 342 43.13 -49.00 4.50
N ILE F 343 43.48 -50.17 5.05
CA ILE F 343 44.38 -50.18 6.20
C ILE F 343 45.78 -49.79 5.79
N ARG F 344 46.23 -50.21 4.60
CA ARG F 344 47.62 -49.99 4.24
C ARG F 344 47.91 -48.58 3.73
N ASN F 345 46.90 -47.75 3.50
CA ASN F 345 47.14 -46.41 3.00
C ASN F 345 46.07 -45.47 3.55
N ASN F 346 46.15 -45.22 4.86
CA ASN F 346 45.41 -44.12 5.47
C ASN F 346 46.23 -42.85 5.29
N ASN F 347 45.80 -41.98 4.38
CA ASN F 347 46.54 -40.77 4.04
C ASN F 347 46.04 -39.54 4.80
N THR F 348 45.16 -39.69 5.78
CA THR F 348 44.51 -38.54 6.40
C THR F 348 45.18 -38.12 7.71
N ASP F 349 45.02 -36.84 8.00
CA ASP F 349 45.61 -36.22 9.18
C ASP F 349 44.66 -36.39 10.36
N LEU F 350 45.16 -36.97 11.45
CA LEU F 350 44.40 -37.10 12.67
C LEU F 350 44.55 -35.88 13.58
N MET F 351 45.23 -34.84 13.10
CA MET F 351 45.36 -33.58 13.83
C MET F 351 44.28 -32.58 13.44
N ILE F 352 43.56 -32.83 12.35
CA ILE F 352 42.42 -31.99 11.98
C ILE F 352 41.22 -32.29 12.86
N LEU F 353 40.95 -33.57 13.12
CA LEU F 353 39.80 -33.98 13.91
C LEU F 353 40.01 -33.79 15.41
N LYS F 354 41.23 -33.52 15.86
CA LYS F 354 41.44 -33.13 17.25
C LYS F 354 41.04 -31.68 17.49
N ASN F 355 41.14 -30.82 16.47
CA ASN F 355 40.67 -29.45 16.58
C ASN F 355 39.14 -29.38 16.56
N THR F 356 38.51 -30.24 15.76
CA THR F 356 37.05 -30.31 15.73
C THR F 356 36.49 -31.05 16.94
N LYS F 357 37.24 -32.02 17.48
CA LYS F 357 36.81 -32.66 18.72
C LYS F 357 36.97 -31.71 19.91
N ASP F 358 38.03 -30.91 19.91
CA ASP F 358 38.22 -29.95 21.00
C ASP F 358 37.19 -28.82 20.92
N ALA F 359 37.16 -28.11 19.79
CA ALA F 359 36.29 -26.96 19.64
C ALA F 359 34.88 -27.24 20.16
N VAL F 360 34.18 -28.17 19.51
CA VAL F 360 32.76 -28.36 19.70
C VAL F 360 32.55 -29.78 20.23
N ARG F 361 32.38 -29.91 21.53
CA ARG F 361 31.84 -31.12 22.14
C ARG F 361 30.69 -30.75 23.06
N ASN F 362 29.85 -29.81 22.61
CA ASN F 362 28.74 -29.29 23.38
C ASN F 362 27.43 -29.75 22.74
N SER F 363 26.59 -30.40 23.54
CA SER F 363 25.23 -30.80 23.09
C SER F 363 25.36 -31.71 21.87
N VAL F 364 24.48 -31.57 20.88
CA VAL F 364 24.41 -32.52 19.77
C VAL F 364 25.75 -32.65 19.06
N CYS F 365 26.57 -31.60 19.11
CA CYS F 365 27.82 -31.64 18.37
C CYS F 365 28.64 -32.86 18.76
N HIS F 366 28.49 -33.33 20.00
CA HIS F 366 29.23 -34.52 20.42
C HIS F 366 28.92 -35.70 19.50
N THR F 367 27.64 -35.89 19.17
CA THR F 367 27.27 -36.90 18.20
C THR F 367 27.94 -36.63 16.86
N ALA F 368 27.84 -35.39 16.37
CA ALA F 368 28.36 -35.08 15.04
C ALA F 368 29.81 -35.54 14.91
N THR F 369 30.66 -35.16 15.87
CA THR F 369 32.07 -35.53 15.78
C THR F 369 32.25 -37.04 15.78
N VAL F 370 31.49 -37.77 16.60
CA VAL F 370 31.70 -39.21 16.69
C VAL F 370 31.00 -39.90 15.53
N ILE F 371 30.50 -39.14 14.57
CA ILE F 371 30.16 -39.72 13.27
C ILE F 371 31.13 -39.26 12.19
N ALA F 372 31.85 -38.15 12.39
CA ALA F 372 32.93 -37.79 11.49
C ALA F 372 33.95 -38.92 11.41
N ASN F 373 34.41 -39.41 12.57
CA ASN F 373 35.25 -40.61 12.57
C ASN F 373 34.56 -41.76 11.85
N SER F 374 33.25 -41.95 12.11
CA SER F 374 32.54 -43.04 11.45
C SER F 374 32.65 -42.97 9.93
N PHE F 375 33.13 -41.85 9.39
CA PHE F 375 33.43 -41.75 7.98
C PHE F 375 34.90 -41.49 7.70
N MET F 376 35.63 -40.84 8.61
CA MET F 376 37.03 -40.54 8.36
C MET F 376 37.90 -41.78 8.45
N HIS F 377 37.47 -42.81 9.17
CA HIS F 377 38.19 -44.07 9.29
C HIS F 377 37.31 -45.23 8.86
N CYS F 378 36.62 -45.07 7.73
CA CYS F 378 35.70 -46.09 7.25
C CYS F 378 36.48 -47.24 6.64
N GLY F 379 36.39 -48.42 7.27
CA GLY F 379 37.08 -49.61 6.79
C GLY F 379 38.53 -49.72 7.21
N THR F 380 39.18 -48.60 7.53
CA THR F 380 40.56 -48.63 7.99
C THR F 380 40.70 -49.28 9.36
N THR F 381 39.60 -49.56 10.06
CA THR F 381 39.62 -50.29 11.32
C THR F 381 40.52 -49.60 12.35
N SER F 382 40.13 -48.38 12.73
CA SER F 382 40.90 -47.58 13.67
C SER F 382 39.99 -47.10 14.79
N ASP F 383 40.17 -47.64 15.99
CA ASP F 383 39.46 -47.20 17.19
C ASP F 383 40.39 -46.50 18.19
N GLN F 384 41.33 -45.70 17.67
CA GLN F 384 42.21 -44.91 18.53
C GLN F 384 41.57 -43.59 18.97
N PHE F 385 40.47 -43.18 18.34
CA PHE F 385 39.67 -42.08 18.86
C PHE F 385 38.96 -42.48 20.16
N LEU F 386 38.73 -43.78 20.36
CA LEU F 386 37.99 -44.31 21.50
C LEU F 386 38.88 -44.98 22.54
N ARG F 387 39.93 -45.68 22.11
CA ARG F 387 40.85 -46.32 23.05
C ARG F 387 41.56 -45.28 23.93
N ASP F 388 41.96 -44.15 23.35
CA ASP F 388 42.79 -43.18 24.02
C ASP F 388 42.02 -41.98 24.58
N ASN F 389 40.71 -41.89 24.33
CA ASN F 389 39.89 -40.76 24.76
C ASN F 389 38.54 -41.26 25.26
N LEU F 390 38.55 -42.07 26.31
CA LEU F 390 37.31 -42.63 26.87
C LEU F 390 36.46 -41.59 27.63
N GLU F 391 36.76 -40.29 27.59
CA GLU F 391 35.98 -39.33 28.37
C GLU F 391 34.66 -38.96 27.69
N TRP F 392 34.60 -39.00 26.35
CA TRP F 392 33.36 -38.67 25.67
C TRP F 392 32.36 -39.82 25.67
N LEU F 393 32.82 -41.06 25.81
CA LEU F 393 31.88 -42.18 25.94
C LEU F 393 31.14 -42.13 27.27
N ALA F 394 31.81 -41.66 28.33
CA ALA F 394 31.11 -41.34 29.56
C ALA F 394 30.22 -40.11 29.38
N ARG F 395 30.75 -39.04 28.78
CA ARG F 395 29.93 -37.87 28.50
C ARG F 395 28.77 -38.19 27.55
N ALA F 396 28.82 -39.33 26.86
CA ALA F 396 27.79 -39.66 25.88
C ALA F 396 26.42 -39.73 26.52
N THR F 397 25.44 -39.07 25.89
CA THR F 397 24.07 -39.07 26.35
C THR F 397 23.45 -40.46 26.23
N ASN F 398 22.13 -40.51 26.16
CA ASN F 398 21.45 -41.78 25.90
C ASN F 398 21.75 -42.27 24.49
N TRP F 399 21.45 -41.45 23.49
CA TRP F 399 21.59 -41.86 22.10
C TRP F 399 22.99 -41.65 21.54
N ALA F 400 23.81 -40.83 22.18
CA ALA F 400 25.23 -40.77 21.81
C ALA F 400 25.94 -42.06 22.17
N LYS F 401 25.37 -42.85 23.08
CA LYS F 401 25.82 -44.22 23.30
C LYS F 401 25.30 -45.17 22.22
N PHE F 402 24.20 -44.83 21.54
CA PHE F 402 23.72 -45.63 20.43
C PHE F 402 24.46 -45.32 19.14
N THR F 403 25.07 -44.14 19.04
CA THR F 403 25.90 -43.78 17.90
C THR F 403 27.39 -43.87 18.20
N ALA F 404 27.77 -44.34 19.39
CA ALA F 404 29.16 -44.66 19.70
C ALA F 404 29.44 -46.16 19.61
N THR F 405 28.44 -47.01 19.85
CA THR F 405 28.55 -48.44 19.59
C THR F 405 28.30 -48.79 18.13
N ALA F 406 27.67 -47.88 17.37
CA ALA F 406 27.44 -48.08 15.94
C ALA F 406 28.57 -47.51 15.08
N SER F 407 29.43 -46.65 15.64
CA SER F 407 30.61 -46.16 14.94
C SER F 407 31.70 -47.20 14.83
N LEU F 408 31.51 -48.38 15.44
CA LEU F 408 32.41 -49.50 15.30
C LEU F 408 31.89 -50.53 14.30
N GLY F 409 30.64 -50.40 13.85
CA GLY F 409 30.13 -51.18 12.74
C GLY F 409 30.42 -50.58 11.38
N VAL F 410 30.90 -49.34 11.36
CA VAL F 410 31.37 -48.69 10.14
C VAL F 410 32.89 -48.63 10.10
N ILE F 411 33.51 -48.10 11.16
CA ILE F 411 34.97 -48.00 11.19
C ILE F 411 35.62 -49.36 10.97
N HIS F 412 34.98 -50.44 11.44
CA HIS F 412 35.50 -51.79 11.25
C HIS F 412 34.65 -52.61 10.29
N LYS F 413 34.03 -51.95 9.32
CA LYS F 413 33.47 -52.66 8.18
C LYS F 413 34.61 -53.30 7.40
N GLY F 414 34.50 -54.60 7.15
CA GLY F 414 35.56 -55.38 6.55
C GLY F 414 36.00 -56.55 7.39
N HIS F 415 35.77 -56.52 8.71
CA HIS F 415 36.03 -57.66 9.57
C HIS F 415 34.84 -58.61 9.53
N GLU F 416 35.13 -59.90 9.36
CA GLU F 416 34.10 -60.91 9.11
C GLU F 416 33.99 -61.89 10.27
N LYS F 417 34.96 -62.80 10.41
CA LYS F 417 34.89 -63.82 11.45
C LYS F 417 35.31 -63.30 12.81
N GLU F 418 36.02 -62.18 12.87
CA GLU F 418 36.51 -61.59 14.11
C GLU F 418 35.64 -60.41 14.59
N ALA F 419 34.61 -60.02 13.83
CA ALA F 419 33.81 -58.87 14.22
C ALA F 419 32.91 -59.18 15.41
N LEU F 420 32.40 -60.41 15.49
CA LEU F 420 31.61 -60.81 16.64
C LEU F 420 32.41 -60.68 17.94
N GLN F 421 33.73 -60.83 17.86
CA GLN F 421 34.59 -60.74 19.04
C GLN F 421 34.90 -59.28 19.39
N LEU F 422 35.17 -58.44 18.38
CA LEU F 422 35.41 -57.03 18.63
C LEU F 422 34.17 -56.37 19.23
N MET F 423 33.00 -56.70 18.71
CA MET F 423 31.75 -56.21 19.28
C MET F 423 31.20 -57.10 20.39
N ALA F 424 31.97 -58.11 20.84
CA ALA F 424 31.53 -58.97 21.94
C ALA F 424 31.63 -58.31 23.31
N THR F 425 32.28 -57.15 23.42
CA THR F 425 32.45 -56.46 24.70
C THR F 425 31.39 -55.39 24.94
N TYR F 426 30.46 -55.19 23.99
CA TYR F 426 29.27 -54.37 24.19
C TYR F 426 27.99 -55.09 23.78
N LEU F 427 28.09 -56.25 23.10
CA LEU F 427 26.95 -57.06 22.69
C LEU F 427 26.39 -57.84 23.88
N PRO F 428 25.12 -58.23 23.81
CA PRO F 428 24.49 -58.91 24.96
C PRO F 428 25.11 -60.27 25.22
N LYS F 429 24.75 -60.82 26.38
CA LYS F 429 25.27 -62.08 26.93
C LYS F 429 26.58 -61.84 27.67
N ASP F 430 27.68 -61.67 26.94
CA ASP F 430 28.95 -61.35 27.57
C ASP F 430 28.92 -60.00 28.26
N THR F 431 28.00 -59.12 27.87
CA THR F 431 27.85 -57.79 28.47
C THR F 431 26.56 -57.74 29.28
N SER F 432 26.58 -56.91 30.32
CA SER F 432 25.43 -56.77 31.20
C SER F 432 24.28 -56.12 30.43
N PRO F 433 23.02 -56.35 30.87
CA PRO F 433 21.88 -55.62 30.29
C PRO F 433 22.01 -54.10 30.41
N GLY F 434 23.00 -53.66 31.19
CA GLY F 434 23.28 -52.25 31.35
C GLY F 434 23.17 -51.45 30.07
N SER F 435 22.66 -50.22 30.18
CA SER F 435 22.33 -49.37 29.04
C SER F 435 22.01 -50.20 27.80
N ALA F 436 20.75 -50.58 27.63
CA ALA F 436 20.28 -51.27 26.43
C ALA F 436 20.61 -50.48 25.17
N TYR F 437 21.06 -49.22 25.35
CA TYR F 437 21.50 -48.41 24.23
C TYR F 437 22.72 -49.03 23.54
N GLN F 438 23.67 -49.53 24.31
CA GLN F 438 24.88 -50.12 23.72
C GLN F 438 24.64 -51.55 23.24
N GLU F 439 23.56 -52.19 23.69
CA GLU F 439 23.16 -53.48 23.15
C GLU F 439 22.45 -53.31 21.80
N GLY F 440 21.41 -52.47 21.75
CA GLY F 440 20.79 -52.15 20.48
C GLY F 440 21.80 -51.60 19.47
N GLY F 441 22.65 -50.68 19.93
CA GLY F 441 23.72 -50.18 19.08
C GLY F 441 24.68 -51.27 18.65
N GLY F 442 24.95 -52.24 19.52
CA GLY F 442 25.73 -53.39 19.10
C GLY F 442 25.11 -54.09 17.91
N LEU F 443 23.84 -54.48 18.02
CA LEU F 443 23.19 -55.21 16.93
C LEU F 443 23.19 -54.40 15.64
N TYR F 444 22.81 -53.12 15.73
CA TYR F 444 22.83 -52.25 14.55
C TYR F 444 24.21 -52.25 13.91
N ALA F 445 25.26 -52.07 14.72
CA ALA F 445 26.62 -52.10 14.19
C ALA F 445 26.90 -53.40 13.45
N LEU F 446 26.44 -54.53 14.00
CA LEU F 446 26.71 -55.81 13.37
C LEU F 446 26.01 -55.92 12.02
N GLY F 447 24.82 -55.34 11.88
CA GLY F 447 24.21 -55.25 10.57
C GLY F 447 24.94 -54.33 9.62
N LEU F 448 25.68 -53.34 10.16
CA LEU F 448 26.51 -52.51 9.29
C LEU F 448 27.72 -53.26 8.76
N ILE F 449 28.39 -54.04 9.62
CA ILE F 449 29.58 -54.78 9.17
C ILE F 449 29.18 -55.82 8.13
N HIS F 450 28.12 -56.57 8.38
CA HIS F 450 27.68 -57.66 7.50
C HIS F 450 26.44 -57.24 6.71
N ALA F 451 26.57 -56.15 5.95
CA ALA F 451 25.47 -55.61 5.17
C ALA F 451 25.49 -56.20 3.76
N ASN F 452 24.41 -56.90 3.41
CA ASN F 452 24.16 -57.54 2.12
C ASN F 452 24.83 -58.91 2.00
N HIS F 453 25.72 -59.29 2.93
CA HIS F 453 26.40 -60.58 2.89
C HIS F 453 26.01 -61.49 4.04
N GLY F 454 25.03 -61.08 4.85
CA GLY F 454 24.61 -61.84 6.01
C GLY F 454 24.52 -63.33 5.75
N GLY F 455 25.27 -64.11 6.52
CA GLY F 455 25.20 -65.55 6.47
C GLY F 455 24.82 -66.11 7.82
N ASP F 456 25.82 -66.53 8.60
CA ASP F 456 25.59 -66.88 10.00
C ASP F 456 25.05 -65.68 10.79
N ILE F 457 25.29 -64.47 10.30
CA ILE F 457 24.93 -63.26 11.04
C ILE F 457 23.43 -63.03 10.98
N ILE F 458 22.76 -63.45 9.90
CA ILE F 458 21.31 -63.33 9.85
C ILE F 458 20.67 -64.17 10.96
N ASP F 459 21.19 -65.38 11.17
CA ASP F 459 20.71 -66.23 12.26
C ASP F 459 21.04 -65.61 13.61
N TYR F 460 22.28 -65.14 13.79
CA TYR F 460 22.66 -64.52 15.05
C TYR F 460 21.69 -63.38 15.40
N LEU F 461 21.43 -62.49 14.44
CA LEU F 461 20.53 -61.37 14.69
C LEU F 461 19.10 -61.83 14.88
N LEU F 462 18.70 -62.93 14.24
CA LEU F 462 17.35 -63.44 14.44
C LEU F 462 17.17 -64.01 15.85
N ASN F 463 18.21 -64.61 16.42
CA ASN F 463 18.15 -65.03 17.81
C ASN F 463 18.27 -63.86 18.77
N GLN F 464 18.86 -62.73 18.34
CA GLN F 464 18.89 -61.54 19.19
C GLN F 464 17.56 -60.80 19.21
N LEU F 465 16.82 -60.80 18.10
CA LEU F 465 15.50 -60.16 18.08
C LEU F 465 14.42 -61.07 18.64
N LYS F 466 14.51 -62.38 18.39
CA LYS F 466 13.47 -63.29 18.82
C LYS F 466 13.28 -63.26 20.34
N ASN F 467 14.40 -63.30 21.08
CA ASN F 467 14.38 -63.33 22.54
C ASN F 467 14.50 -61.93 23.15
N ALA F 468 14.29 -60.88 22.37
CA ALA F 468 14.47 -59.52 22.85
C ALA F 468 13.29 -59.11 23.73
N SER F 469 13.60 -58.35 24.78
CA SER F 469 12.58 -57.85 25.70
C SER F 469 12.68 -56.36 25.97
N ASN F 470 13.72 -55.68 25.48
CA ASN F 470 13.85 -54.24 25.60
C ASN F 470 13.48 -53.56 24.28
N ASP F 471 13.05 -52.31 24.37
CA ASP F 471 12.66 -51.57 23.17
C ASP F 471 13.88 -51.08 22.39
N ILE F 472 14.94 -50.71 23.09
CA ILE F 472 16.14 -50.23 22.43
C ILE F 472 16.82 -51.35 21.64
N VAL F 473 16.74 -52.58 22.17
CA VAL F 473 17.36 -53.73 21.52
C VAL F 473 16.65 -54.06 20.21
N ARG F 474 15.32 -53.95 20.18
CA ARG F 474 14.58 -54.20 18.95
C ARG F 474 14.67 -53.03 17.99
N HIS F 475 14.96 -51.84 18.49
CA HIS F 475 15.29 -50.68 17.66
C HIS F 475 16.59 -50.97 16.88
N GLY F 476 17.73 -50.83 17.56
CA GLY F 476 18.99 -51.07 16.88
C GLY F 476 19.05 -52.46 16.27
N GLY F 477 18.32 -53.41 16.85
CA GLY F 477 18.31 -54.76 16.35
C GLY F 477 17.64 -54.87 15.00
N SER F 478 16.45 -54.28 14.86
CA SER F 478 15.83 -54.21 13.54
C SER F 478 16.77 -53.53 12.55
N LEU F 479 17.53 -52.53 13.00
CA LEU F 479 18.44 -51.85 12.08
C LEU F 479 19.61 -52.74 11.65
N GLY F 480 20.04 -53.66 12.51
CA GLY F 480 21.08 -54.58 12.09
C GLY F 480 20.55 -55.70 11.20
N LEU F 481 19.40 -56.24 11.61
CA LEU F 481 18.81 -57.39 10.92
C LEU F 481 18.37 -57.03 9.51
N GLY F 482 17.73 -55.87 9.34
CA GLY F 482 17.34 -55.45 8.00
C GLY F 482 18.52 -55.29 7.07
N LEU F 483 19.67 -54.85 7.60
CA LEU F 483 20.87 -54.69 6.78
C LEU F 483 21.47 -56.04 6.42
N ALA F 484 21.46 -56.99 7.36
CA ALA F 484 22.08 -58.29 7.08
C ALA F 484 21.27 -59.11 6.07
N ALA F 485 19.94 -58.96 6.07
CA ALA F 485 19.07 -59.64 5.12
C ALA F 485 18.56 -58.69 4.04
N MET F 486 19.33 -57.65 3.74
CA MET F 486 18.90 -56.62 2.81
C MET F 486 18.94 -57.13 1.38
N GLY F 487 17.97 -56.68 0.58
CA GLY F 487 17.84 -57.12 -0.80
C GLY F 487 17.36 -58.54 -0.97
N THR F 488 17.12 -59.25 0.13
CA THR F 488 16.72 -60.65 0.08
C THR F 488 15.19 -60.75 0.10
N ALA F 489 14.68 -61.97 0.33
CA ALA F 489 13.26 -62.18 0.61
C ALA F 489 13.10 -62.76 2.01
N ARG F 490 13.55 -63.99 2.24
CA ARG F 490 13.54 -64.62 3.56
C ARG F 490 12.28 -64.29 4.33
N GLN F 491 11.20 -65.05 4.10
CA GLN F 491 9.90 -64.75 4.68
C GLN F 491 9.88 -64.85 6.21
N ASP F 492 10.89 -65.46 6.83
CA ASP F 492 10.89 -65.61 8.28
C ASP F 492 11.15 -64.25 8.96
N VAL F 493 12.15 -63.52 8.47
CA VAL F 493 12.56 -62.28 9.11
C VAL F 493 11.58 -61.15 8.77
N TYR F 494 10.92 -61.23 7.60
CA TYR F 494 9.93 -60.23 7.21
C TYR F 494 8.71 -60.27 8.13
N ASP F 495 8.35 -61.46 8.61
CA ASP F 495 7.21 -61.59 9.52
C ASP F 495 7.60 -61.36 10.97
N LEU F 496 8.80 -61.73 11.40
CA LEU F 496 9.24 -61.28 12.71
C LEU F 496 9.22 -59.74 12.79
N LEU F 497 9.89 -59.08 11.84
CA LEU F 497 9.86 -57.62 11.78
C LEU F 497 8.45 -57.11 11.56
N LYS F 498 7.55 -57.93 10.99
CA LYS F 498 6.15 -57.53 10.90
C LYS F 498 5.47 -57.53 12.26
N THR F 499 5.86 -58.46 13.15
CA THR F 499 5.28 -58.45 14.49
C THR F 499 5.77 -57.26 15.30
N ASN F 500 7.01 -56.82 15.09
CA ASN F 500 7.43 -55.57 15.73
C ASN F 500 6.44 -54.43 15.46
N LEU F 501 5.88 -54.40 14.24
CA LEU F 501 5.00 -53.29 13.84
C LEU F 501 3.57 -53.46 14.34
N TYR F 502 3.12 -54.70 14.52
CA TYR F 502 1.80 -54.95 15.08
C TYR F 502 1.79 -54.86 16.60
N GLN F 503 2.90 -54.42 17.21
CA GLN F 503 3.02 -54.29 18.66
C GLN F 503 2.85 -52.88 19.17
N ASP F 504 3.02 -51.87 18.31
CA ASP F 504 2.69 -50.46 18.60
C ASP F 504 3.46 -49.95 19.82
N ASP F 505 4.76 -49.70 19.59
CA ASP F 505 5.61 -49.09 20.60
C ASP F 505 6.55 -48.11 19.94
N ALA F 506 6.55 -46.87 20.44
CA ALA F 506 7.31 -45.74 19.89
C ALA F 506 8.50 -46.11 19.01
N VAL F 507 9.63 -46.43 19.65
CA VAL F 507 10.91 -46.50 18.94
C VAL F 507 11.19 -47.89 18.37
N THR F 508 10.40 -48.91 18.72
CA THR F 508 10.55 -50.22 18.10
C THR F 508 9.95 -50.27 16.70
N GLY F 509 8.84 -49.55 16.47
CA GLY F 509 8.14 -49.60 15.20
C GLY F 509 8.74 -48.73 14.11
N GLU F 510 9.48 -47.70 14.49
CA GLU F 510 10.23 -46.89 13.53
C GLU F 510 11.30 -47.76 12.88
N ALA F 511 12.27 -48.19 13.68
CA ALA F 511 13.35 -49.03 13.18
C ALA F 511 12.81 -50.30 12.55
N ALA F 512 11.73 -50.87 13.11
CA ALA F 512 11.18 -52.09 12.53
C ALA F 512 10.56 -51.82 11.16
N GLY F 513 9.84 -50.71 11.00
CA GLY F 513 9.31 -50.36 9.69
C GLY F 513 10.41 -50.23 8.65
N LEU F 514 11.43 -49.43 8.96
CA LEU F 514 12.56 -49.28 8.05
C LEU F 514 13.20 -50.64 7.74
N ALA F 515 13.36 -51.49 8.77
CA ALA F 515 14.00 -52.78 8.58
C ALA F 515 13.18 -53.70 7.69
N LEU F 516 11.85 -53.58 7.71
CA LEU F 516 11.03 -54.42 6.85
C LEU F 516 11.06 -53.91 5.42
N GLY F 517 11.12 -52.59 5.22
CA GLY F 517 11.39 -52.10 3.88
C GLY F 517 12.74 -52.56 3.35
N LEU F 518 13.72 -52.76 4.23
CA LEU F 518 15.05 -53.22 3.80
C LEU F 518 15.07 -54.72 3.51
N VAL F 519 14.34 -55.52 4.30
CA VAL F 519 14.36 -56.96 4.10
C VAL F 519 13.83 -57.32 2.71
N MET F 520 12.78 -56.63 2.26
CA MET F 520 12.19 -56.88 0.95
C MET F 520 12.65 -55.86 -0.09
N LEU F 521 13.85 -55.33 0.06
CA LEU F 521 14.29 -54.25 -0.81
C LEU F 521 14.35 -54.70 -2.25
N GLY F 522 13.95 -53.81 -3.15
CA GLY F 522 13.99 -54.09 -4.57
C GLY F 522 12.95 -55.07 -5.06
N SER F 523 12.03 -55.50 -4.19
CA SER F 523 11.04 -56.49 -4.59
C SER F 523 9.65 -56.07 -4.11
N LYS F 524 9.33 -56.40 -2.86
CA LYS F 524 8.02 -56.10 -2.29
C LYS F 524 6.91 -56.84 -3.02
N ASN F 525 6.30 -57.80 -2.35
CA ASN F 525 5.11 -58.45 -2.89
C ASN F 525 3.94 -57.47 -2.85
N ALA F 526 3.14 -57.45 -3.92
CA ALA F 526 1.94 -56.62 -3.97
C ALA F 526 1.01 -56.92 -2.80
N GLN F 527 1.28 -58.02 -2.09
CA GLN F 527 0.55 -58.32 -0.85
C GLN F 527 1.17 -57.59 0.35
N ALA F 528 2.51 -57.50 0.39
CA ALA F 528 3.17 -56.78 1.46
C ALA F 528 2.82 -55.30 1.43
N ILE F 529 2.56 -54.74 0.24
CA ILE F 529 2.16 -53.34 0.13
C ILE F 529 0.79 -53.14 0.77
N GLU F 530 -0.22 -53.84 0.26
CA GLU F 530 -1.57 -53.74 0.82
C GLU F 530 -1.61 -54.19 2.27
N ASP F 531 -0.55 -54.84 2.76
CA ASP F 531 -0.38 -55.06 4.19
C ASP F 531 0.03 -53.75 4.88
N MET F 532 1.09 -53.12 4.37
CA MET F 532 1.77 -52.04 5.07
C MET F 532 1.00 -50.71 4.98
N VAL F 533 0.38 -50.42 3.84
CA VAL F 533 -0.36 -49.17 3.69
C VAL F 533 -1.62 -49.21 4.57
N GLY F 534 -2.32 -50.33 4.55
CA GLY F 534 -3.45 -50.50 5.45
C GLY F 534 -3.05 -50.35 6.90
N TYR F 535 -1.95 -50.99 7.30
CA TYR F 535 -1.51 -50.78 8.68
C TYR F 535 -1.07 -49.35 8.94
N ALA F 536 -0.74 -48.58 7.90
CA ALA F 536 -0.44 -47.16 8.08
C ALA F 536 -1.70 -46.32 8.24
N GLN F 537 -2.86 -46.80 7.80
CA GLN F 537 -4.08 -46.03 8.03
C GLN F 537 -4.48 -46.05 9.50
N GLU F 538 -4.40 -47.21 10.16
CA GLU F 538 -4.75 -47.29 11.58
C GLU F 538 -3.77 -46.47 12.42
N THR F 539 -2.51 -46.88 12.42
CA THR F 539 -1.50 -46.43 13.37
C THR F 539 -1.48 -44.92 13.58
N GLN F 540 -0.76 -44.48 14.61
CA GLN F 540 -0.62 -43.06 14.91
C GLN F 540 0.73 -42.82 15.56
N HIS F 541 1.64 -42.17 14.83
CA HIS F 541 2.95 -41.80 15.36
C HIS F 541 3.73 -41.03 14.31
N GLU F 542 4.65 -40.18 14.75
CA GLU F 542 5.59 -39.50 13.86
C GLU F 542 6.84 -40.33 13.59
N LYS F 543 7.00 -41.46 14.27
CA LYS F 543 8.16 -42.31 14.10
C LYS F 543 7.80 -43.65 13.45
N ILE F 544 6.85 -44.40 14.05
CA ILE F 544 6.46 -45.69 13.47
C ILE F 544 5.83 -45.47 12.09
N LEU F 545 4.92 -44.49 11.97
CA LEU F 545 4.25 -44.22 10.70
C LEU F 545 5.23 -43.69 9.66
N ARG F 546 6.11 -42.78 10.07
CA ARG F 546 7.20 -42.31 9.23
C ARG F 546 8.06 -43.49 8.76
N GLY F 547 8.33 -44.45 9.65
CA GLY F 547 9.12 -45.63 9.35
C GLY F 547 8.40 -46.66 8.49
N LEU F 548 7.08 -46.55 8.34
CA LEU F 548 6.39 -47.32 7.29
C LEU F 548 6.44 -46.61 5.95
N ALA F 549 6.33 -45.27 5.96
CA ALA F 549 6.51 -44.52 4.71
C ALA F 549 7.84 -44.85 4.05
N VAL F 550 8.92 -44.78 4.84
CA VAL F 550 10.24 -45.10 4.30
C VAL F 550 10.28 -46.54 3.77
N GLY F 551 9.53 -47.45 4.40
CA GLY F 551 9.54 -48.86 4.01
C GLY F 551 8.72 -49.18 2.79
N ILE F 552 7.75 -48.32 2.44
CA ILE F 552 7.03 -48.47 1.18
C ILE F 552 7.82 -47.83 0.05
N ALA F 553 8.42 -46.68 0.31
CA ALA F 553 9.24 -46.04 -0.71
C ALA F 553 10.40 -46.95 -1.14
N LEU F 554 11.17 -47.43 -0.17
CA LEU F 554 12.49 -48.02 -0.47
C LEU F 554 12.45 -49.26 -1.34
N VAL F 555 11.27 -49.76 -1.70
CA VAL F 555 11.15 -51.06 -2.33
C VAL F 555 10.79 -50.99 -3.80
N MET F 556 10.71 -49.79 -4.39
CA MET F 556 10.37 -49.64 -5.80
C MET F 556 11.62 -49.28 -6.60
N TYR F 557 11.86 -50.02 -7.68
CA TYR F 557 12.99 -49.79 -8.58
C TYR F 557 12.56 -49.94 -10.03
N GLY F 558 11.36 -49.47 -10.35
CA GLY F 558 10.86 -49.54 -11.71
C GLY F 558 9.69 -50.47 -11.90
N ARG F 559 9.34 -51.28 -10.91
CA ARG F 559 8.12 -52.09 -10.99
C ARG F 559 6.88 -51.23 -11.26
N MET F 560 7.00 -49.90 -11.13
CA MET F 560 5.97 -48.95 -11.51
C MET F 560 4.84 -48.93 -10.50
N GLU F 561 3.59 -48.96 -10.96
CA GLU F 561 2.46 -48.57 -10.12
C GLU F 561 2.04 -49.74 -9.25
N GLU F 562 2.71 -49.88 -8.10
CA GLU F 562 2.26 -50.75 -7.01
C GLU F 562 1.59 -49.97 -5.90
N ALA F 563 2.14 -48.81 -5.54
CA ALA F 563 1.46 -47.82 -4.70
C ALA F 563 1.27 -46.49 -5.42
N ASP F 564 1.66 -46.39 -6.69
CA ASP F 564 1.41 -45.18 -7.46
C ASP F 564 -0.03 -45.14 -7.97
N ALA F 565 -0.56 -46.28 -8.41
CA ALA F 565 -1.98 -46.34 -8.74
C ALA F 565 -2.83 -45.80 -7.59
N LEU F 566 -2.35 -45.94 -6.35
CA LEU F 566 -3.02 -45.40 -5.17
C LEU F 566 -2.67 -43.94 -4.91
N ILE F 567 -1.86 -43.30 -5.76
CA ILE F 567 -1.40 -41.95 -5.49
C ILE F 567 -2.58 -40.98 -5.46
N GLU F 568 -3.64 -41.27 -6.21
CA GLU F 568 -4.80 -40.38 -6.21
C GLU F 568 -5.51 -40.37 -4.86
N SER F 569 -5.31 -41.41 -4.06
CA SER F 569 -5.79 -41.47 -2.69
C SER F 569 -4.67 -41.20 -1.67
N LEU F 570 -3.48 -41.77 -1.87
CA LEU F 570 -2.32 -41.46 -1.04
C LEU F 570 -2.20 -39.94 -0.95
N CYS F 571 -1.81 -39.31 -2.05
CA CYS F 571 -1.88 -37.87 -2.18
C CYS F 571 -3.35 -37.46 -2.30
N ARG F 572 -4.01 -37.53 -1.15
CA ARG F 572 -5.38 -37.10 -0.93
C ARG F 572 -5.71 -37.27 0.55
N ASP F 573 -4.96 -38.13 1.24
CA ASP F 573 -5.01 -38.20 2.70
C ASP F 573 -4.40 -36.94 3.31
N LYS F 574 -5.12 -36.34 4.25
CA LYS F 574 -4.61 -35.16 4.95
C LYS F 574 -3.40 -35.50 5.81
N ASP F 575 -2.99 -36.76 5.82
CA ASP F 575 -1.81 -37.12 6.58
C ASP F 575 -0.55 -36.72 5.81
N PRO F 576 0.49 -36.27 6.51
CA PRO F 576 1.75 -35.93 5.82
C PRO F 576 2.59 -37.15 5.48
N ILE F 577 2.49 -38.20 6.29
CA ILE F 577 3.30 -39.40 6.04
C ILE F 577 2.88 -40.04 4.72
N LEU F 578 1.58 -40.03 4.42
CA LEU F 578 1.05 -40.68 3.24
C LEU F 578 1.00 -39.77 2.01
N ARG F 579 1.38 -38.50 2.13
CA ARG F 579 1.68 -37.70 0.95
C ARG F 579 3.16 -37.71 0.61
N ARG F 580 4.03 -37.66 1.63
CA ARG F 580 5.47 -37.77 1.40
C ARG F 580 5.81 -39.13 0.82
N SER F 581 5.44 -40.21 1.52
CA SER F 581 5.57 -41.54 0.90
C SER F 581 4.94 -41.52 -0.49
N GLY F 582 3.76 -40.89 -0.58
CA GLY F 582 2.96 -40.76 -1.79
C GLY F 582 3.67 -40.00 -2.88
N MET F 583 4.90 -39.55 -2.62
CA MET F 583 5.76 -39.05 -3.69
C MET F 583 7.15 -39.65 -3.71
N TYR F 584 7.61 -40.26 -2.62
CA TYR F 584 8.83 -41.03 -2.64
C TYR F 584 8.72 -42.23 -3.58
N THR F 585 7.66 -43.03 -3.42
CA THR F 585 7.54 -44.24 -4.26
C THR F 585 7.63 -43.86 -5.74
N VAL F 586 7.04 -42.73 -6.13
CA VAL F 586 7.19 -42.21 -7.49
C VAL F 586 8.62 -41.78 -7.74
N ALA F 587 9.31 -41.30 -6.70
CA ALA F 587 10.71 -40.93 -6.88
C ALA F 587 11.55 -42.12 -7.32
N MET F 588 11.35 -43.28 -6.69
CA MET F 588 12.26 -44.39 -6.93
C MET F 588 11.82 -45.34 -8.04
N ALA F 589 10.52 -45.44 -8.35
CA ALA F 589 10.14 -46.30 -9.46
C ALA F 589 10.42 -45.68 -10.83
N TYR F 590 10.46 -44.35 -10.91
CA TYR F 590 10.82 -43.68 -12.16
C TYR F 590 12.14 -42.94 -11.99
N CYS F 591 13.18 -43.70 -11.65
CA CYS F 591 14.54 -43.20 -11.59
C CYS F 591 15.19 -43.34 -12.95
N GLY F 592 15.75 -42.25 -13.46
CA GLY F 592 16.39 -42.25 -14.76
C GLY F 592 15.49 -41.87 -15.92
N SER F 593 14.35 -41.24 -15.66
CA SER F 593 13.39 -40.88 -16.70
C SER F 593 12.87 -39.47 -16.43
N GLY F 594 11.78 -39.12 -17.10
CA GLY F 594 11.26 -37.76 -17.05
C GLY F 594 10.02 -37.59 -16.19
N ASN F 595 10.23 -37.42 -14.88
CA ASN F 595 9.15 -37.22 -13.90
C ASN F 595 9.05 -35.73 -13.63
N ASN F 596 8.43 -35.03 -14.57
CA ASN F 596 8.21 -33.59 -14.51
C ASN F 596 6.96 -33.24 -13.73
N LYS F 597 5.83 -33.81 -14.14
CA LYS F 597 4.52 -33.55 -13.55
C LYS F 597 4.47 -33.85 -12.05
N ALA F 598 5.48 -34.52 -11.46
CA ALA F 598 5.41 -34.93 -10.06
C ALA F 598 6.38 -34.17 -9.16
N ILE F 599 7.02 -33.11 -9.63
CA ILE F 599 7.56 -32.07 -8.74
C ILE F 599 6.69 -30.83 -8.88
N ARG F 600 6.09 -30.66 -10.06
CA ARG F 600 5.28 -29.47 -10.32
C ARG F 600 4.04 -29.44 -9.44
N ARG F 601 3.21 -30.50 -9.50
CA ARG F 601 2.06 -30.57 -8.61
C ARG F 601 2.44 -30.34 -7.15
N LEU F 602 3.73 -30.47 -6.81
CA LEU F 602 4.21 -30.40 -5.43
C LEU F 602 5.05 -29.17 -5.13
N LEU F 603 4.85 -28.09 -5.87
CA LEU F 603 5.37 -26.79 -5.46
C LEU F 603 4.27 -25.84 -5.05
N HIS F 604 3.19 -25.77 -5.85
CA HIS F 604 2.07 -24.90 -5.51
C HIS F 604 1.25 -25.43 -4.35
N VAL F 605 1.36 -26.72 -4.03
CA VAL F 605 0.66 -27.31 -2.90
C VAL F 605 1.63 -27.52 -1.74
N ALA F 606 2.92 -27.72 -2.05
CA ALA F 606 3.92 -27.91 -0.99
C ALA F 606 4.12 -26.63 -0.20
N VAL F 607 3.94 -25.47 -0.83
CA VAL F 607 3.94 -24.19 -0.14
C VAL F 607 2.64 -23.93 0.63
N SER F 608 1.63 -24.78 0.46
CA SER F 608 0.39 -24.72 1.25
C SER F 608 0.36 -25.72 2.41
N ASP F 609 1.08 -26.83 2.30
CA ASP F 609 1.22 -27.79 3.39
C ASP F 609 2.43 -27.41 4.21
N VAL F 610 2.18 -26.66 5.28
CA VAL F 610 3.24 -26.21 6.20
C VAL F 610 4.20 -27.37 6.40
N ASN F 611 3.66 -28.59 6.40
CA ASN F 611 4.48 -29.79 6.42
C ASN F 611 5.43 -29.75 5.24
N ASP F 612 6.72 -29.64 5.55
CA ASP F 612 7.73 -29.82 4.52
C ASP F 612 7.81 -31.25 4.03
N ASP F 613 7.09 -32.17 4.67
CA ASP F 613 6.97 -33.54 4.18
C ASP F 613 6.75 -33.54 2.68
N VAL F 614 6.20 -32.43 2.15
CA VAL F 614 6.06 -32.23 0.72
C VAL F 614 6.98 -31.13 0.20
N ARG F 615 7.43 -30.21 1.04
CA ARG F 615 8.37 -29.20 0.59
C ARG F 615 9.76 -29.81 0.38
N ARG F 616 10.27 -30.55 1.37
CA ARG F 616 11.62 -31.10 1.28
C ARG F 616 11.71 -32.20 0.23
N ALA F 617 10.73 -33.10 0.20
CA ALA F 617 10.84 -34.27 -0.67
C ALA F 617 10.50 -33.93 -2.12
N ALA F 618 9.51 -33.06 -2.36
CA ALA F 618 9.15 -32.67 -3.72
C ALA F 618 10.35 -32.17 -4.50
N VAL F 619 11.39 -31.74 -3.80
CA VAL F 619 12.58 -31.17 -4.41
C VAL F 619 13.76 -32.13 -4.31
N GLU F 620 13.97 -32.72 -3.14
CA GLU F 620 14.93 -33.82 -3.04
C GLU F 620 14.57 -34.96 -3.99
N SER F 621 13.35 -34.95 -4.53
CA SER F 621 12.99 -35.83 -5.64
C SER F 621 13.96 -35.66 -6.80
N LEU F 622 14.04 -34.44 -7.33
CA LEU F 622 14.89 -34.12 -8.47
C LEU F 622 16.27 -34.75 -8.34
N GLY F 623 16.77 -34.89 -7.10
CA GLY F 623 18.08 -35.47 -6.89
C GLY F 623 18.24 -36.88 -7.42
N PHE F 624 17.13 -37.58 -7.68
CA PHE F 624 17.19 -38.92 -8.24
C PHE F 624 16.69 -38.97 -9.68
N ILE F 625 15.54 -38.35 -9.97
CA ILE F 625 15.01 -38.44 -11.33
C ILE F 625 15.92 -37.74 -12.32
N LEU F 626 16.84 -36.90 -11.85
CA LEU F 626 17.86 -36.29 -12.69
C LEU F 626 19.24 -36.76 -12.27
N PHE F 627 19.32 -38.02 -11.83
CA PHE F 627 20.59 -38.68 -11.55
C PHE F 627 21.29 -39.11 -12.83
N ARG F 628 20.52 -39.68 -13.77
CA ARG F 628 21.00 -40.01 -15.12
C ARG F 628 22.00 -38.96 -15.60
N THR F 629 21.50 -37.78 -15.97
CA THR F 629 22.34 -36.69 -16.46
C THR F 629 22.57 -35.70 -15.33
N PRO F 630 23.72 -35.76 -14.61
CA PRO F 630 24.06 -34.71 -13.63
C PRO F 630 24.55 -33.42 -14.27
N GLU F 631 23.83 -32.94 -15.30
CA GLU F 631 24.09 -31.62 -15.84
C GLU F 631 22.88 -30.99 -16.49
N GLN F 632 21.68 -31.47 -16.17
CA GLN F 632 20.48 -30.64 -16.28
C GLN F 632 20.06 -30.09 -14.92
N CYS F 633 20.60 -30.65 -13.84
CA CYS F 633 20.19 -30.25 -12.50
C CYS F 633 20.41 -28.77 -12.26
N PRO F 634 21.55 -28.16 -12.61
CA PRO F 634 21.71 -26.71 -12.40
C PRO F 634 20.64 -25.86 -13.08
N SER F 635 19.98 -26.37 -14.13
CA SER F 635 19.05 -25.56 -14.93
C SER F 635 17.62 -25.58 -14.41
N VAL F 636 17.31 -26.36 -13.39
CA VAL F 636 15.92 -26.53 -12.98
C VAL F 636 15.76 -26.52 -11.47
N VAL F 637 16.87 -26.54 -10.72
CA VAL F 637 16.82 -26.18 -9.30
C VAL F 637 17.24 -24.74 -9.08
N SER F 638 17.63 -24.02 -10.13
CA SER F 638 17.94 -22.59 -10.02
C SER F 638 16.67 -21.78 -9.79
N LEU F 639 15.62 -22.07 -10.56
CA LEU F 639 14.30 -21.50 -10.27
C LEU F 639 13.87 -21.75 -8.83
N LEU F 640 14.56 -22.66 -8.13
CA LEU F 640 14.04 -23.30 -6.95
C LEU F 640 14.82 -23.02 -5.67
N SER F 641 16.02 -22.44 -5.76
CA SER F 641 16.73 -22.01 -4.57
C SER F 641 16.54 -20.54 -4.29
N GLU F 642 16.45 -19.74 -5.34
CA GLU F 642 16.17 -18.31 -5.18
C GLU F 642 14.81 -18.10 -4.51
N SER F 643 13.80 -18.88 -4.90
CA SER F 643 12.47 -18.73 -4.35
C SER F 643 12.52 -18.80 -2.83
N TYR F 644 11.77 -17.91 -2.19
CA TYR F 644 11.59 -18.00 -0.75
C TYR F 644 11.01 -19.37 -0.39
N ASN F 645 11.01 -19.65 0.91
CA ASN F 645 10.45 -20.85 1.55
C ASN F 645 11.58 -21.76 1.99
N PRO F 646 12.21 -21.46 3.12
CA PRO F 646 13.41 -22.19 3.54
C PRO F 646 13.39 -23.67 3.21
N HIS F 647 12.23 -24.29 3.42
CA HIS F 647 12.13 -25.72 3.15
C HIS F 647 12.51 -26.03 1.70
N VAL F 648 12.06 -25.19 0.76
CA VAL F 648 12.35 -25.45 -0.64
C VAL F 648 13.85 -25.38 -0.89
N ARG F 649 14.49 -24.32 -0.41
CA ARG F 649 15.95 -24.24 -0.51
C ARG F 649 16.59 -25.54 -0.05
N TYR F 650 16.34 -25.92 1.21
CA TYR F 650 16.94 -27.15 1.72
C TYR F 650 16.78 -28.28 0.72
N GLY F 651 15.54 -28.54 0.30
CA GLY F 651 15.31 -29.63 -0.63
C GLY F 651 16.13 -29.53 -1.89
N ALA F 652 16.26 -28.33 -2.44
CA ALA F 652 17.05 -28.16 -3.66
C ALA F 652 18.51 -28.46 -3.39
N ALA F 653 19.00 -28.10 -2.20
CA ALA F 653 20.39 -28.32 -1.85
C ALA F 653 20.69 -29.81 -1.69
N MET F 654 19.72 -30.61 -1.26
CA MET F 654 19.90 -32.05 -1.29
C MET F 654 19.54 -32.66 -2.63
N ALA F 655 18.85 -31.91 -3.49
CA ALA F 655 18.68 -32.32 -4.88
C ALA F 655 19.99 -32.19 -5.64
N LEU F 656 20.84 -31.24 -5.26
CA LEU F 656 22.17 -31.10 -5.84
C LEU F 656 23.19 -32.00 -5.15
N GLY F 657 23.18 -32.01 -3.81
CA GLY F 657 24.12 -32.81 -3.04
C GLY F 657 24.34 -34.20 -3.59
N ILE F 658 23.25 -34.89 -3.97
CA ILE F 658 23.34 -36.29 -4.34
C ILE F 658 23.85 -36.46 -5.77
N CYS F 659 23.13 -35.88 -6.75
CA CYS F 659 23.34 -36.30 -8.14
C CYS F 659 24.51 -35.59 -8.81
N CYS F 660 24.77 -34.33 -8.47
CA CYS F 660 25.92 -33.63 -9.03
C CYS F 660 27.14 -33.74 -8.13
N ALA F 661 27.19 -34.78 -7.31
CA ALA F 661 28.42 -35.16 -6.62
C ALA F 661 29.24 -36.16 -7.41
N GLY F 662 28.57 -37.02 -8.19
CA GLY F 662 29.30 -37.99 -9.00
C GLY F 662 30.14 -37.34 -10.09
N THR F 663 29.70 -36.17 -10.59
CA THR F 663 30.44 -35.43 -11.60
C THR F 663 31.16 -34.22 -11.04
N GLY F 664 30.83 -33.77 -9.82
CA GLY F 664 31.45 -32.61 -9.23
C GLY F 664 31.52 -31.43 -10.20
N ASN F 665 30.37 -30.99 -10.68
CA ASN F 665 30.29 -29.93 -11.68
C ASN F 665 30.18 -28.56 -11.00
N LYS F 666 30.91 -27.58 -11.55
CA LYS F 666 31.04 -26.28 -10.91
C LYS F 666 29.83 -25.37 -11.14
N GLU F 667 28.92 -25.71 -12.04
CA GLU F 667 27.64 -25.00 -12.13
C GLU F 667 26.76 -25.32 -10.94
N ALA F 668 27.00 -26.46 -10.29
CA ALA F 668 26.36 -26.74 -9.01
C ALA F 668 26.98 -25.90 -7.90
N ILE F 669 28.30 -25.70 -7.95
CA ILE F 669 29.01 -25.04 -6.85
C ILE F 669 28.78 -23.54 -6.88
N ASN F 670 28.84 -22.92 -8.05
CA ASN F 670 28.54 -21.48 -8.15
C ASN F 670 27.13 -21.18 -7.65
N LEU F 671 26.23 -22.16 -7.74
CA LEU F 671 24.89 -21.98 -7.21
C LEU F 671 24.80 -22.34 -5.73
N LEU F 672 25.64 -23.27 -5.27
CA LEU F 672 25.61 -23.71 -3.87
C LEU F 672 26.17 -22.66 -2.92
N GLU F 673 27.18 -21.90 -3.36
CA GLU F 673 27.81 -20.94 -2.44
C GLU F 673 26.84 -19.87 -1.96
N PRO F 674 26.08 -19.19 -2.83
CA PRO F 674 25.12 -18.20 -2.33
C PRO F 674 23.93 -18.80 -1.60
N MET F 675 23.83 -20.13 -1.53
CA MET F 675 22.87 -20.77 -0.64
C MET F 675 23.45 -21.01 0.74
N THR F 676 24.77 -21.18 0.81
CA THR F 676 25.44 -21.26 2.10
C THR F 676 25.30 -19.98 2.90
N ASN F 677 25.08 -18.85 2.22
CA ASN F 677 25.00 -17.55 2.87
C ASN F 677 23.58 -17.15 3.27
N ASP F 678 22.58 -17.96 2.90
CA ASP F 678 21.21 -17.65 3.28
C ASP F 678 21.10 -17.61 4.80
N PRO F 679 20.35 -16.67 5.36
CA PRO F 679 20.39 -16.49 6.82
C PRO F 679 19.87 -17.66 7.64
N VAL F 680 18.71 -18.23 7.30
CA VAL F 680 18.03 -19.10 8.24
C VAL F 680 18.88 -20.34 8.53
N ASN F 681 19.05 -20.65 9.82
CA ASN F 681 20.12 -21.54 10.27
C ASN F 681 20.04 -22.92 9.66
N TYR F 682 18.87 -23.39 9.26
CA TYR F 682 18.75 -24.77 8.85
C TYR F 682 18.81 -24.96 7.35
N VAL F 683 18.89 -23.88 6.57
CA VAL F 683 19.26 -24.05 5.18
C VAL F 683 20.77 -24.22 5.07
N ARG F 684 21.53 -23.57 5.97
CA ARG F 684 22.98 -23.73 5.92
C ARG F 684 23.38 -25.18 6.14
N GLN F 685 22.65 -25.91 6.98
CA GLN F 685 22.98 -27.31 7.23
C GLN F 685 22.83 -28.15 5.97
N GLY F 686 21.95 -27.74 5.06
CA GLY F 686 21.76 -28.47 3.82
C GLY F 686 22.65 -28.04 2.68
N ALA F 687 23.33 -26.91 2.80
CA ALA F 687 24.23 -26.43 1.76
C ALA F 687 25.70 -26.63 2.11
N LEU F 688 26.04 -26.89 3.38
CA LEU F 688 27.42 -27.31 3.67
C LEU F 688 27.62 -28.78 3.35
N ILE F 689 26.74 -29.65 3.85
CA ILE F 689 26.86 -31.07 3.56
C ILE F 689 26.63 -31.33 2.08
N ALA F 690 25.75 -30.57 1.42
CA ALA F 690 25.57 -30.73 -0.02
C ALA F 690 26.88 -30.49 -0.77
N SER F 691 27.63 -29.47 -0.34
CA SER F 691 28.92 -29.21 -0.97
C SER F 691 29.92 -30.32 -0.70
N ALA F 692 30.03 -30.76 0.57
CA ALA F 692 31.02 -31.78 0.88
C ALA F 692 30.70 -33.12 0.24
N LEU F 693 29.43 -33.41 -0.08
CA LEU F 693 29.12 -34.55 -0.93
C LEU F 693 29.51 -34.25 -2.38
N ILE F 694 29.20 -33.04 -2.86
CA ILE F 694 29.55 -32.69 -4.23
C ILE F 694 31.03 -32.91 -4.49
N MET F 695 31.87 -32.67 -3.49
CA MET F 695 33.33 -32.72 -3.65
C MET F 695 33.93 -33.64 -2.59
N ILE F 696 34.31 -34.84 -3.01
CA ILE F 696 35.11 -35.77 -2.21
C ILE F 696 36.28 -36.19 -3.07
N GLN F 697 37.48 -35.76 -2.69
CA GLN F 697 38.74 -36.07 -3.39
C GLN F 697 38.60 -35.88 -4.90
N GLN F 698 38.26 -34.65 -5.30
CA GLN F 698 38.35 -34.21 -6.69
C GLN F 698 39.23 -33.00 -6.89
N THR F 699 39.49 -32.23 -5.83
CA THR F 699 40.52 -31.18 -5.77
C THR F 699 40.56 -30.26 -6.99
N GLU F 700 41.67 -29.53 -7.12
CA GLU F 700 41.84 -28.47 -8.12
C GLU F 700 42.05 -29.08 -9.50
N ILE F 701 40.95 -29.53 -10.08
CA ILE F 701 40.93 -30.05 -11.44
C ILE F 701 40.10 -29.17 -12.36
N THR F 702 38.92 -28.74 -11.90
CA THR F 702 38.10 -27.76 -12.62
C THR F 702 37.18 -27.02 -11.65
N CYS F 703 37.39 -27.21 -10.34
CA CYS F 703 36.57 -26.60 -9.30
C CYS F 703 37.49 -26.11 -8.19
N PRO F 704 38.14 -24.97 -8.39
CA PRO F 704 39.12 -24.50 -7.38
C PRO F 704 38.43 -24.09 -6.08
N LYS F 705 37.10 -24.12 -6.08
CA LYS F 705 36.33 -23.69 -4.93
C LYS F 705 36.54 -24.60 -3.71
N VAL F 706 37.26 -25.71 -3.86
CA VAL F 706 37.37 -26.70 -2.78
C VAL F 706 38.29 -26.26 -1.65
N ASN F 707 39.17 -25.28 -1.86
CA ASN F 707 39.86 -24.66 -0.74
C ASN F 707 39.03 -23.54 -0.12
N GLN F 708 38.06 -23.01 -0.87
CA GLN F 708 37.21 -21.94 -0.38
C GLN F 708 36.11 -22.48 0.53
N PHE F 709 35.53 -23.63 0.16
CA PHE F 709 34.52 -24.27 0.99
C PHE F 709 35.14 -24.99 2.18
N ARG F 710 36.31 -25.61 2.00
CA ARG F 710 36.94 -26.31 3.12
C ARG F 710 37.28 -25.33 4.23
N GLN F 711 37.92 -24.20 3.88
CA GLN F 711 38.06 -23.11 4.83
C GLN F 711 36.73 -22.88 5.55
N LEU F 712 35.65 -22.79 4.77
CA LEU F 712 34.34 -22.47 5.33
C LEU F 712 33.78 -23.59 6.20
N TYR F 713 34.21 -24.84 6.02
CA TYR F 713 33.80 -25.89 6.95
C TYR F 713 34.43 -25.67 8.32
N SER F 714 35.62 -25.08 8.37
CA SER F 714 36.27 -24.79 9.64
C SER F 714 35.89 -23.42 10.18
N LYS F 715 35.56 -22.49 9.28
CA LYS F 715 35.13 -21.17 9.70
C LYS F 715 34.05 -21.25 10.77
N VAL F 716 33.12 -22.19 10.63
CA VAL F 716 31.93 -22.25 11.46
C VAL F 716 32.00 -23.37 12.49
N ILE F 717 33.17 -23.97 12.68
CA ILE F 717 33.43 -24.78 13.87
C ILE F 717 34.17 -23.97 14.93
N ASN F 718 35.08 -23.10 14.49
CA ASN F 718 35.78 -22.21 15.42
C ASN F 718 34.85 -21.15 16.00
N ASP F 719 33.70 -20.91 15.39
CA ASP F 719 32.80 -19.85 15.82
C ASP F 719 31.87 -20.35 16.91
N LYS F 720 31.56 -19.45 17.85
CA LYS F 720 30.47 -19.65 18.79
C LYS F 720 29.31 -18.71 18.46
N HIS F 721 29.12 -18.44 17.16
CA HIS F 721 28.05 -17.60 16.65
C HIS F 721 27.39 -18.27 15.44
N ASP F 722 27.20 -19.58 15.51
CA ASP F 722 26.49 -20.31 14.46
C ASP F 722 25.77 -21.48 15.12
N ASP F 723 24.51 -21.66 14.72
CA ASP F 723 23.59 -22.45 15.53
C ASP F 723 23.92 -23.93 15.46
N VAL F 724 23.68 -24.61 16.59
CA VAL F 724 23.99 -26.03 16.71
C VAL F 724 23.45 -26.81 15.53
N MET F 725 22.22 -26.50 15.11
CA MET F 725 21.62 -27.17 13.98
C MET F 725 22.34 -26.83 12.67
N ALA F 726 23.25 -25.86 12.69
CA ALA F 726 24.15 -25.60 11.58
C ALA F 726 25.50 -26.29 11.80
N LYS F 727 26.07 -26.14 12.99
CA LYS F 727 27.33 -26.79 13.32
C LYS F 727 27.28 -28.29 12.99
N PHE F 728 26.17 -28.93 13.30
CA PHE F 728 26.06 -30.38 13.06
C PHE F 728 26.29 -30.70 11.59
N GLY F 729 25.79 -29.84 10.69
CA GLY F 729 26.03 -30.02 9.27
C GLY F 729 27.36 -29.51 8.77
N ALA F 730 28.06 -28.73 9.60
CA ALA F 730 29.42 -28.31 9.27
C ALA F 730 30.48 -29.31 9.67
N ILE F 731 30.22 -30.13 10.69
CA ILE F 731 31.19 -31.15 11.08
C ILE F 731 31.28 -32.23 10.01
N LEU F 732 30.14 -32.71 9.54
CA LEU F 732 30.14 -33.70 8.48
C LEU F 732 30.69 -33.15 7.17
N ALA F 733 30.60 -31.83 6.98
CA ALA F 733 31.16 -31.23 5.77
C ALA F 733 32.63 -31.59 5.62
N GLN F 734 33.36 -31.66 6.73
CA GLN F 734 34.71 -32.17 6.72
C GLN F 734 34.76 -33.69 6.89
N GLY F 735 33.80 -34.27 7.62
CA GLY F 735 33.88 -35.68 7.98
C GLY F 735 33.66 -36.65 6.84
N ILE F 736 32.98 -36.21 5.78
CA ILE F 736 32.75 -37.08 4.62
C ILE F 736 33.80 -36.75 3.57
N LEU F 737 34.26 -35.50 3.56
CA LEU F 737 35.31 -35.09 2.65
C LEU F 737 36.53 -36.00 2.79
N ASP F 738 37.13 -36.03 3.98
CA ASP F 738 38.26 -36.93 4.28
C ASP F 738 37.82 -38.39 4.47
N ALA F 739 36.60 -38.77 4.11
CA ALA F 739 36.10 -40.11 4.45
C ALA F 739 37.01 -41.20 3.89
N GLY F 740 37.25 -42.21 4.71
CA GLY F 740 38.03 -43.37 4.30
C GLY F 740 39.51 -43.11 4.11
N GLY F 741 40.01 -41.95 4.53
CA GLY F 741 41.39 -41.60 4.27
C GLY F 741 41.63 -41.10 2.86
N HIS F 742 40.67 -40.36 2.30
CA HIS F 742 40.79 -39.77 0.97
C HIS F 742 40.74 -40.84 -0.12
N ASN F 743 40.06 -41.94 0.16
CA ASN F 743 40.04 -43.11 -0.71
C ASN F 743 38.66 -43.42 -1.26
N VAL F 744 37.60 -43.17 -0.51
CA VAL F 744 36.25 -43.53 -0.92
C VAL F 744 35.56 -42.30 -1.50
N THR F 745 34.63 -42.57 -2.41
CA THR F 745 33.91 -41.53 -3.13
C THR F 745 32.46 -41.97 -3.27
N ILE F 746 31.59 -41.01 -3.55
CA ILE F 746 30.18 -41.28 -3.77
C ILE F 746 29.92 -41.37 -5.27
N SER F 747 29.26 -42.46 -5.67
CA SER F 747 28.96 -42.71 -7.06
C SER F 747 27.88 -43.77 -7.07
N LEU F 748 26.65 -43.37 -7.37
CA LEU F 748 25.52 -44.25 -7.12
C LEU F 748 25.49 -45.44 -8.09
N GLN F 749 25.98 -45.27 -9.32
CA GLN F 749 26.08 -46.36 -10.26
C GLN F 749 27.53 -46.77 -10.44
N SER F 750 27.72 -48.01 -10.90
CA SER F 750 29.07 -48.54 -11.07
C SER F 750 29.70 -47.96 -12.33
N ARG F 751 31.03 -47.85 -12.29
CA ARG F 751 31.76 -47.40 -13.47
C ARG F 751 31.64 -48.42 -14.60
N THR F 752 31.39 -49.68 -14.25
CA THR F 752 30.91 -50.66 -15.23
C THR F 752 29.65 -50.13 -15.90
N GLY F 753 28.72 -49.60 -15.11
CA GLY F 753 27.46 -49.11 -15.63
C GLY F 753 26.30 -49.89 -15.05
N HIS F 754 25.75 -49.40 -13.94
CA HIS F 754 24.60 -50.00 -13.26
C HIS F 754 24.37 -49.29 -11.94
N THR F 755 23.10 -49.07 -11.60
CA THR F 755 22.75 -48.38 -10.36
C THR F 755 22.60 -49.41 -9.25
N HIS F 756 23.70 -49.69 -8.54
CA HIS F 756 23.68 -50.72 -7.51
C HIS F 756 23.01 -50.20 -6.25
N MET F 757 22.21 -51.07 -5.63
CA MET F 757 21.22 -50.69 -4.63
C MET F 757 21.85 -50.21 -3.32
N PRO F 758 22.91 -50.87 -2.85
CA PRO F 758 23.53 -50.43 -1.59
C PRO F 758 23.94 -48.96 -1.60
N SER F 759 24.29 -48.41 -2.76
CA SER F 759 24.66 -47.00 -2.82
C SER F 759 23.41 -46.11 -2.79
N VAL F 760 22.40 -46.46 -3.59
CA VAL F 760 21.14 -45.71 -3.62
C VAL F 760 20.62 -45.54 -2.19
N VAL F 761 20.47 -46.66 -1.48
CA VAL F 761 20.05 -46.56 -0.08
C VAL F 761 21.11 -45.83 0.72
N GLY F 762 22.37 -45.98 0.32
CA GLY F 762 23.46 -45.35 1.04
C GLY F 762 23.26 -43.86 1.25
N VAL F 763 22.96 -43.13 0.17
CA VAL F 763 22.70 -41.70 0.32
C VAL F 763 21.23 -41.38 0.49
N LEU F 764 20.32 -42.36 0.43
CA LEU F 764 18.90 -42.05 0.65
C LEU F 764 18.54 -42.03 2.12
N VAL F 765 19.14 -42.91 2.95
CA VAL F 765 18.81 -42.88 4.38
C VAL F 765 19.83 -42.09 5.20
N PHE F 766 20.83 -41.48 4.57
CA PHE F 766 21.69 -40.53 5.27
C PHE F 766 21.08 -39.12 5.25
N THR F 767 20.86 -38.59 4.05
CA THR F 767 20.18 -37.31 3.87
C THR F 767 18.99 -37.22 4.80
N GLN F 768 18.20 -38.31 4.86
CA GLN F 768 17.01 -38.33 5.69
C GLN F 768 17.32 -38.14 7.18
N PHE F 769 17.00 -36.96 7.69
CA PHE F 769 16.84 -36.72 9.12
C PHE F 769 15.42 -36.27 9.44
N TRP F 770 14.45 -36.59 8.58
CA TRP F 770 13.10 -36.02 8.67
C TRP F 770 12.62 -36.00 10.11
N PHE F 771 13.02 -36.99 10.90
CA PHE F 771 12.70 -36.99 12.33
C PHE F 771 13.76 -37.73 13.15
N TRP F 772 14.63 -38.51 12.52
CA TRP F 772 15.56 -39.36 13.24
C TRP F 772 17.00 -38.97 12.93
N PHE F 773 17.80 -38.80 13.99
CA PHE F 773 19.13 -38.18 13.93
C PHE F 773 20.26 -39.20 13.75
N PRO F 774 20.16 -40.40 14.32
CA PRO F 774 21.24 -41.38 14.11
C PRO F 774 21.18 -42.13 12.79
N LEU F 775 20.52 -41.58 11.79
CA LEU F 775 20.53 -42.20 10.47
C LEU F 775 21.79 -41.80 9.69
N SER F 776 22.88 -41.55 10.40
CA SER F 776 24.10 -41.01 9.83
C SER F 776 25.22 -42.04 9.77
N HIS F 777 24.88 -43.28 9.40
CA HIS F 777 25.88 -44.29 9.10
C HIS F 777 25.66 -44.95 7.75
N PHE F 778 24.47 -44.81 7.16
CA PHE F 778 24.18 -45.44 5.87
C PHE F 778 25.06 -44.89 4.76
N LEU F 779 25.90 -43.91 5.08
CA LEU F 779 26.83 -43.39 4.09
C LEU F 779 28.09 -44.23 3.96
N SER F 780 28.15 -45.39 4.61
CA SER F 780 29.22 -46.35 4.38
C SER F 780 28.86 -47.37 3.30
N LEU F 781 27.64 -47.31 2.76
CA LEU F 781 27.18 -48.24 1.73
C LEU F 781 27.22 -47.66 0.32
N ALA F 782 27.33 -46.34 0.20
CA ALA F 782 27.65 -45.71 -1.07
C ALA F 782 29.11 -45.30 -1.15
N TYR F 783 29.89 -45.54 -0.09
CA TYR F 783 31.34 -45.40 -0.12
C TYR F 783 31.95 -46.56 -0.89
N THR F 784 32.69 -46.26 -1.95
CA THR F 784 33.43 -47.27 -2.68
C THR F 784 34.88 -46.79 -2.82
N PRO F 785 35.94 -47.66 -2.40
CA PRO F 785 37.35 -47.27 -2.66
C PRO F 785 37.81 -47.61 -4.07
N THR F 786 37.30 -46.85 -5.05
CA THR F 786 37.71 -47.02 -6.44
C THR F 786 39.22 -46.97 -6.56
N CYS F 787 39.85 -48.13 -6.72
CA CYS F 787 41.27 -48.22 -6.95
C CYS F 787 41.51 -49.44 -7.82
N VAL F 788 42.48 -49.36 -8.72
CA VAL F 788 42.84 -50.53 -9.50
C VAL F 788 43.38 -51.57 -8.55
N ILE F 789 42.74 -52.74 -8.51
CA ILE F 789 43.18 -53.84 -7.66
C ILE F 789 43.70 -54.96 -8.54
N GLY F 790 44.97 -54.85 -8.96
CA GLY F 790 45.58 -55.91 -9.72
C GLY F 790 45.54 -57.21 -8.96
N LEU F 791 44.99 -58.26 -9.56
CA LEU F 791 44.96 -59.57 -8.95
C LEU F 791 45.59 -60.58 -9.90
N ASN F 792 46.55 -61.33 -9.38
CA ASN F 792 47.32 -62.26 -10.20
C ASN F 792 46.45 -63.45 -10.62
N LYS F 793 46.89 -64.11 -11.69
CA LYS F 793 46.22 -65.26 -12.27
C LYS F 793 45.74 -66.26 -11.23
N ASP F 794 46.44 -66.35 -10.09
CA ASP F 794 46.12 -67.32 -9.05
C ASP F 794 45.34 -66.70 -7.89
N LEU F 795 44.65 -65.59 -8.14
CA LEU F 795 43.88 -64.89 -7.10
C LEU F 795 44.78 -64.51 -5.93
N LYS F 796 46.01 -64.11 -6.23
CA LYS F 796 46.95 -63.64 -5.23
C LYS F 796 47.37 -62.21 -5.56
N MET F 797 48.44 -61.75 -4.91
CA MET F 797 48.78 -60.33 -4.91
C MET F 797 49.94 -60.07 -5.86
N PRO F 798 49.78 -59.17 -6.84
CA PRO F 798 50.91 -58.79 -7.71
C PRO F 798 51.80 -57.73 -7.10
N LYS F 799 52.92 -57.49 -7.77
CA LYS F 799 53.69 -56.25 -7.65
C LYS F 799 53.88 -55.71 -9.05
N VAL F 800 53.32 -54.53 -9.31
CA VAL F 800 53.34 -53.94 -10.64
C VAL F 800 52.74 -52.54 -10.53
N GLN F 801 53.23 -51.60 -11.32
CA GLN F 801 52.86 -50.19 -11.16
C GLN F 801 52.51 -49.57 -12.51
N TYR F 802 52.14 -48.28 -12.47
CA TYR F 802 51.56 -47.58 -13.60
C TYR F 802 52.31 -46.28 -13.88
N LYS F 803 52.70 -46.08 -15.14
CA LYS F 803 53.33 -44.84 -15.58
C LYS F 803 52.43 -43.65 -15.23
N SER F 804 53.05 -42.50 -14.92
CA SER F 804 52.28 -41.26 -14.84
C SER F 804 52.09 -40.73 -16.24
N ASN F 805 50.83 -40.61 -16.65
CA ASN F 805 50.51 -39.83 -17.82
C ASN F 805 50.23 -38.38 -17.46
N CYS F 806 50.40 -38.01 -16.19
CA CYS F 806 50.20 -36.62 -15.76
C CYS F 806 50.84 -36.40 -14.40
N LYS F 807 51.02 -35.13 -14.07
CA LYS F 807 51.73 -34.70 -12.88
C LYS F 807 50.97 -35.09 -11.61
N PRO F 808 51.66 -35.19 -10.47
CA PRO F 808 50.97 -35.52 -9.20
C PRO F 808 50.03 -34.46 -8.65
N SER F 809 49.78 -33.34 -9.35
CA SER F 809 48.79 -32.39 -8.85
C SER F 809 47.36 -32.84 -9.12
N THR F 810 47.13 -33.53 -10.23
CA THR F 810 45.81 -34.08 -10.54
C THR F 810 45.61 -35.44 -9.89
N PHE F 811 46.69 -36.21 -9.74
CA PHE F 811 46.70 -37.35 -8.83
C PHE F 811 46.19 -36.91 -7.46
N ALA F 812 46.88 -35.94 -6.84
CA ALA F 812 46.36 -35.17 -5.71
C ALA F 812 46.56 -35.88 -4.37
N TYR F 813 45.46 -36.07 -3.62
CA TYR F 813 45.43 -36.62 -2.27
C TYR F 813 45.98 -35.62 -1.26
N PRO F 814 45.30 -35.48 -0.11
CA PRO F 814 45.60 -34.39 0.81
C PRO F 814 47.06 -34.22 1.21
N ALA F 815 47.28 -33.12 1.93
CA ALA F 815 48.59 -32.76 2.46
C ALA F 815 48.45 -32.58 3.97
N PRO F 816 48.91 -33.53 4.78
CA PRO F 816 48.89 -33.31 6.24
C PRO F 816 49.83 -32.18 6.63
N LEU F 817 49.27 -31.17 7.29
CA LEU F 817 50.04 -30.06 7.84
C LEU F 817 49.72 -29.90 9.32
N GLU F 818 50.70 -29.41 10.05
CA GLU F 818 50.50 -28.94 11.42
C GLU F 818 51.31 -27.65 11.58
N VAL F 819 50.89 -26.64 10.82
CA VAL F 819 51.55 -25.34 10.76
C VAL F 819 53.07 -25.48 10.73
N PRO F 820 53.65 -26.09 9.68
CA PRO F 820 55.12 -26.08 9.54
C PRO F 820 55.61 -24.73 9.07
N LYS F 821 54.80 -24.11 8.20
CA LYS F 821 55.07 -22.77 7.70
C LYS F 821 55.11 -21.76 8.85
N GLU F 822 54.12 -21.83 9.75
CA GLU F 822 54.06 -20.92 10.90
C GLU F 822 55.23 -21.14 11.85
N LYS F 823 55.60 -22.40 12.09
CA LYS F 823 56.80 -22.70 12.87
C LYS F 823 58.03 -22.03 12.28
N GLU F 824 58.23 -22.18 10.96
CA GLU F 824 59.37 -21.53 10.31
C GLU F 824 59.28 -20.01 10.42
N LYS F 825 58.06 -19.44 10.48
CA LYS F 825 57.95 -18.01 10.74
C LYS F 825 58.44 -17.66 12.14
N GLU F 826 58.22 -18.54 13.12
CA GLU F 826 58.73 -18.25 14.46
C GLU F 826 60.26 -18.31 14.49
N LYS F 827 60.87 -19.28 13.80
CA LYS F 827 62.33 -19.36 13.78
C LYS F 827 62.95 -18.19 13.00
N VAL F 828 62.35 -17.83 11.86
CA VAL F 828 62.84 -16.68 11.09
C VAL F 828 62.69 -15.39 11.89
N SER F 829 61.62 -15.26 12.68
CA SER F 829 61.47 -14.05 13.50
C SER F 829 62.51 -14.03 14.62
N THR F 830 62.86 -15.20 15.19
CA THR F 830 63.96 -15.25 16.15
C THR F 830 65.27 -14.77 15.51
N ALA F 831 65.51 -15.14 14.24
CA ALA F 831 66.74 -14.67 13.59
C ALA F 831 66.68 -13.18 13.24
N VAL F 832 65.51 -12.68 12.84
CA VAL F 832 65.34 -11.25 12.52
C VAL F 832 65.59 -10.39 13.75
N LEU F 833 65.21 -10.88 14.94
CA LEU F 833 65.33 -10.05 16.14
C LEU F 833 66.79 -9.87 16.60
N SER F 834 67.72 -10.73 16.16
CA SER F 834 69.13 -10.47 16.42
C SER F 834 69.66 -9.33 15.55
N ILE F 835 69.15 -9.22 14.31
CA ILE F 835 69.48 -8.07 13.48
C ILE F 835 68.89 -6.79 14.08
N THR F 836 67.67 -6.88 14.62
CA THR F 836 67.10 -5.74 15.36
C THR F 836 68.00 -5.34 16.54
N ALA F 837 68.47 -6.34 17.31
CA ALA F 837 69.44 -6.07 18.36
C ALA F 837 70.65 -5.32 17.81
N LYS F 838 71.14 -5.71 16.63
CA LYS F 838 72.25 -5.00 16.02
C LYS F 838 71.87 -3.56 15.66
N ALA F 839 70.58 -3.31 15.35
CA ALA F 839 70.16 -1.93 15.12
C ALA F 839 70.24 -1.09 16.38
N LYS F 840 70.00 -1.68 17.57
CA LYS F 840 70.29 -0.93 18.79
C LYS F 840 71.79 -0.70 18.97
N LYS F 841 72.62 -1.71 18.67
CA LYS F 841 74.06 -1.55 18.87
C LYS F 841 74.68 -0.55 17.89
N LYS F 842 74.04 -0.31 16.74
CA LYS F 842 74.47 0.77 15.85
C LYS F 842 74.39 2.13 16.53
N GLU F 843 73.32 2.38 17.28
CA GLU F 843 73.22 3.60 18.08
C GLU F 843 74.32 3.62 19.14
N LYS F 844 74.46 2.49 19.85
CA LYS F 844 75.54 2.35 20.84
C LYS F 844 76.86 2.90 20.31
N GLU F 845 77.30 2.44 19.14
CA GLU F 845 78.56 2.94 18.60
C GLU F 845 78.43 4.32 17.96
N LYS F 846 77.22 4.73 17.59
CA LYS F 846 77.01 6.07 17.05
C LYS F 846 77.39 7.15 18.05
N GLU F 847 77.28 6.85 19.35
CA GLU F 847 77.84 7.78 20.34
C GLU F 847 79.37 7.86 20.24
N LYS F 848 80.03 6.70 20.17
CA LYS F 848 81.49 6.64 20.17
C LYS F 848 82.10 7.09 18.84
N LYS F 849 81.28 7.33 17.81
CA LYS F 849 81.79 7.97 16.61
C LYS F 849 82.18 9.41 16.88
N GLU F 850 81.54 10.05 17.87
CA GLU F 850 81.85 11.41 18.26
C GLU F 850 82.72 11.49 19.50
N GLU F 851 82.56 10.58 20.47
CA GLU F 851 83.46 10.60 21.61
C GLU F 851 84.87 10.17 21.21
N GLU F 852 85.00 9.02 20.54
CA GLU F 852 86.27 8.52 20.03
C GLU F 852 86.12 8.46 18.50
N LYS F 853 86.35 7.31 17.88
CA LYS F 853 85.96 7.09 16.49
C LYS F 853 85.67 5.62 16.24
N PRO F 871 57.95 -30.22 -11.63
CA PRO F 871 56.64 -30.71 -12.09
C PRO F 871 56.77 -32.05 -12.81
N GLU F 872 58.00 -32.58 -12.80
CA GLU F 872 58.34 -33.81 -13.48
C GLU F 872 59.33 -34.54 -12.56
N PRO F 873 59.65 -35.82 -12.83
CA PRO F 873 59.23 -36.69 -13.93
C PRO F 873 57.77 -37.08 -13.83
N ASN F 874 56.91 -36.52 -14.69
CA ASN F 874 55.53 -37.00 -14.75
C ASN F 874 55.50 -38.39 -15.35
N PHE F 875 56.09 -39.37 -14.64
CA PHE F 875 56.08 -40.79 -15.03
C PHE F 875 56.22 -41.67 -13.79
N GLN F 876 55.48 -41.33 -12.72
CA GLN F 876 55.54 -42.05 -11.45
C GLN F 876 54.82 -43.39 -11.50
N LEU F 877 55.44 -44.40 -10.87
CA LEU F 877 54.91 -45.75 -10.81
C LEU F 877 54.09 -45.93 -9.53
N LEU F 878 52.84 -46.35 -9.67
CA LEU F 878 51.91 -46.51 -8.56
C LEU F 878 51.53 -47.98 -8.36
N ASP F 879 51.60 -48.45 -7.11
CA ASP F 879 51.28 -49.84 -6.82
C ASP F 879 49.85 -50.18 -7.25
N ASN F 880 49.61 -51.48 -7.44
CA ASN F 880 48.36 -51.97 -8.01
C ASN F 880 47.20 -52.00 -7.02
N PRO F 881 47.32 -51.38 -5.85
CA PRO F 881 46.13 -50.84 -5.18
C PRO F 881 45.98 -49.35 -5.47
N ALA F 882 45.77 -49.02 -6.75
CA ALA F 882 46.00 -47.66 -7.25
C ALA F 882 44.75 -46.80 -7.08
N ARG F 883 44.83 -45.85 -6.15
CA ARG F 883 43.75 -44.89 -5.89
C ARG F 883 43.45 -44.11 -7.16
N VAL F 884 42.41 -44.48 -7.91
CA VAL F 884 42.10 -43.82 -9.18
C VAL F 884 40.70 -43.20 -9.14
N MET F 885 40.38 -42.48 -10.22
CA MET F 885 39.13 -41.74 -10.41
C MET F 885 38.76 -41.76 -11.88
N PRO F 886 37.70 -41.06 -12.31
CA PRO F 886 37.47 -40.93 -13.76
C PRO F 886 38.55 -40.14 -14.48
N ALA F 887 39.00 -39.01 -13.92
CA ALA F 887 40.04 -38.22 -14.56
C ALA F 887 41.45 -38.60 -14.11
N GLN F 888 41.58 -39.26 -12.96
CA GLN F 888 42.83 -39.88 -12.58
C GLN F 888 42.97 -41.30 -13.12
N LEU F 889 41.92 -41.86 -13.74
CA LEU F 889 42.09 -43.12 -14.44
C LEU F 889 42.93 -42.95 -15.69
N LYS F 890 42.68 -41.89 -16.46
CA LYS F 890 43.37 -41.67 -17.72
C LYS F 890 44.84 -41.35 -17.51
N VAL F 891 45.27 -41.08 -16.27
CA VAL F 891 46.65 -40.73 -15.97
C VAL F 891 47.56 -41.96 -15.86
N LEU F 892 47.01 -43.15 -15.65
CA LEU F 892 47.81 -44.33 -15.34
C LEU F 892 47.68 -45.36 -16.44
N THR F 893 48.81 -45.75 -17.00
CA THR F 893 48.92 -46.79 -18.01
C THR F 893 49.79 -47.91 -17.47
N MET F 894 49.74 -49.07 -18.12
CA MET F 894 50.54 -50.22 -17.72
C MET F 894 51.69 -50.41 -18.70
N PRO F 895 52.93 -50.07 -18.32
CA PRO F 895 54.07 -50.32 -19.20
C PRO F 895 54.08 -51.73 -19.79
N GLU F 896 54.90 -51.96 -20.82
CA GLU F 896 55.11 -53.29 -21.36
C GLU F 896 56.15 -54.08 -20.57
N THR F 897 57.06 -53.38 -19.90
CA THR F 897 58.00 -54.05 -18.99
C THR F 897 57.28 -54.73 -17.84
N CYS F 898 56.15 -54.16 -17.40
CA CYS F 898 55.36 -54.69 -16.29
C CYS F 898 55.21 -56.20 -16.41
N ARG F 899 55.82 -56.92 -15.48
CA ARG F 899 55.67 -58.37 -15.43
C ARG F 899 54.21 -58.78 -15.41
N TYR F 900 53.34 -57.94 -14.85
CA TYR F 900 51.91 -58.18 -14.82
C TYR F 900 51.25 -57.44 -15.98
N GLN F 901 50.65 -58.20 -16.92
CA GLN F 901 50.01 -57.64 -18.11
C GLN F 901 48.50 -57.59 -17.91
N PRO F 902 47.83 -56.45 -18.11
CA PRO F 902 46.37 -56.40 -17.93
C PRO F 902 45.65 -57.22 -18.98
N PHE F 903 44.92 -58.24 -18.52
CA PHE F 903 44.00 -59.00 -19.39
C PHE F 903 42.59 -58.46 -19.25
N LYS F 904 42.50 -57.14 -19.25
CA LYS F 904 41.26 -56.36 -19.14
C LYS F 904 41.65 -54.88 -19.18
N PRO F 905 41.08 -54.09 -20.09
CA PRO F 905 41.55 -52.70 -20.24
C PRO F 905 41.32 -51.88 -18.97
N LEU F 906 42.12 -50.83 -18.82
CA LEU F 906 42.11 -50.02 -17.60
C LEU F 906 40.83 -49.21 -17.46
N SER F 907 39.81 -49.81 -16.84
CA SER F 907 38.59 -49.10 -16.48
C SER F 907 38.82 -48.34 -15.17
N ILE F 908 37.81 -47.56 -14.76
CA ILE F 908 37.90 -46.78 -13.53
C ILE F 908 37.88 -47.74 -12.34
N GLY F 909 39.07 -48.20 -11.94
CA GLY F 909 39.17 -49.05 -10.76
C GLY F 909 38.59 -50.45 -10.99
N GLY F 910 38.18 -51.06 -9.89
CA GLY F 910 37.69 -52.42 -9.89
C GLY F 910 38.84 -53.43 -9.89
N ILE F 911 38.46 -54.70 -9.79
CA ILE F 911 39.44 -55.79 -9.80
C ILE F 911 39.84 -56.05 -11.24
N ILE F 912 41.12 -55.79 -11.57
CA ILE F 912 41.68 -56.07 -12.88
C ILE F 912 42.51 -57.35 -12.77
N ILE F 913 42.25 -58.31 -13.66
CA ILE F 913 42.94 -59.60 -13.63
C ILE F 913 44.24 -59.46 -14.40
N LEU F 914 45.32 -59.24 -13.66
CA LEU F 914 46.66 -59.28 -14.22
C LEU F 914 47.10 -60.73 -14.40
N LYS F 915 48.28 -60.92 -14.99
CA LYS F 915 48.92 -62.24 -14.98
C LYS F 915 50.42 -62.04 -14.88
N ASP F 916 51.01 -62.63 -13.84
CA ASP F 916 52.44 -62.56 -13.59
C ASP F 916 53.23 -63.06 -14.78
N THR F 917 53.25 -62.31 -15.88
CA THR F 917 53.98 -62.74 -17.06
C THR F 917 54.26 -61.55 -17.98
N SER F 918 55.55 -61.38 -18.30
CA SER F 918 56.02 -60.49 -19.37
C SER F 918 57.10 -61.25 -20.13
N GLU F 919 56.67 -62.23 -20.92
CA GLU F 919 57.54 -63.20 -21.59
C GLU F 919 58.15 -64.16 -20.56
N ASP F 920 59.49 -64.17 -20.44
CA ASP F 920 60.16 -65.01 -19.45
C ASP F 920 60.44 -64.27 -18.14
N ILE F 921 60.26 -62.95 -18.11
CA ILE F 921 60.35 -62.21 -16.85
C ILE F 921 59.45 -62.86 -15.81
N GLU F 922 58.28 -63.32 -16.22
CA GLU F 922 57.27 -63.92 -15.37
C GLU F 922 57.86 -64.50 -14.09
N GLU F 923 57.45 -63.99 -12.94
CA GLU F 923 57.82 -64.57 -11.66
C GLU F 923 56.70 -65.40 -11.07
N LEU F 924 55.65 -65.68 -11.87
CA LEU F 924 54.84 -66.87 -11.64
C LEU F 924 55.73 -68.10 -11.58
N VAL F 925 56.69 -68.20 -12.49
CA VAL F 925 57.72 -69.23 -12.44
C VAL F 925 58.87 -68.80 -11.55
N GLU F 926 59.50 -67.66 -11.87
CA GLU F 926 60.64 -67.10 -11.14
C GLU F 926 60.21 -66.68 -9.73
N PRO F 927 61.13 -66.13 -8.90
CA PRO F 927 60.73 -65.69 -7.55
C PRO F 927 59.54 -64.73 -7.54
N VAL F 928 58.40 -65.20 -7.04
CA VAL F 928 57.14 -64.46 -7.05
C VAL F 928 57.26 -63.18 -6.24
N ALA F 929 57.48 -62.04 -6.90
CA ALA F 929 57.40 -60.75 -6.23
C ALA F 929 55.95 -60.30 -6.17
N ALA F 930 55.49 -59.89 -4.99
CA ALA F 930 54.09 -59.56 -4.76
C ALA F 930 54.03 -58.29 -3.91
N HIS F 931 52.83 -57.95 -3.44
CA HIS F 931 52.63 -56.80 -2.57
C HIS F 931 52.01 -57.25 -1.26
N GLY F 932 52.64 -56.86 -0.15
CA GLY F 932 52.02 -56.88 1.16
C GLY F 932 51.95 -58.23 1.85
N PRO F 933 51.72 -58.19 3.17
CA PRO F 933 51.38 -59.43 3.91
C PRO F 933 49.90 -59.75 3.82
N LYS F 934 49.36 -60.46 4.83
CA LYS F 934 47.95 -60.81 4.88
C LYS F 934 47.22 -59.90 5.88
N ILE F 935 46.01 -60.30 6.27
CA ILE F 935 45.24 -59.55 7.27
C ILE F 935 45.47 -60.10 8.68
N GLU F 936 45.73 -61.41 8.81
CA GLU F 936 45.98 -62.04 10.10
C GLU F 936 47.47 -62.11 10.43
N GLU F 937 48.35 -61.72 9.50
CA GLU F 937 49.78 -61.61 9.77
C GLU F 937 50.14 -60.24 10.33
N GLU F 938 49.48 -59.18 9.85
CA GLU F 938 49.63 -57.86 10.45
C GLU F 938 48.91 -57.77 11.78
N GLU F 939 47.68 -58.30 11.85
CA GLU F 939 46.87 -58.22 13.06
C GLU F 939 47.56 -58.90 14.24
N GLN F 940 48.03 -60.14 14.03
CA GLN F 940 48.60 -60.92 15.12
C GLN F 940 49.44 -62.10 14.59
N GLY G 44 42.79 24.11 -64.79
CA GLY G 44 42.86 25.54 -65.00
C GLY G 44 42.38 26.34 -63.80
N GLY G 45 43.29 27.11 -63.20
CA GLY G 45 42.96 27.85 -62.00
C GLY G 45 41.96 28.97 -62.29
N GLY G 46 41.02 29.16 -61.35
CA GLY G 46 40.00 30.18 -61.47
C GLY G 46 38.69 29.72 -62.05
N SER G 47 38.62 28.48 -62.55
CA SER G 47 37.42 27.97 -63.20
C SER G 47 37.06 26.63 -62.55
N THR G 48 36.23 25.85 -63.22
CA THR G 48 35.80 24.54 -62.75
C THR G 48 36.71 23.41 -63.19
N GLY G 49 37.79 23.71 -63.93
CA GLY G 49 38.79 22.71 -64.24
C GLY G 49 39.75 22.40 -63.11
N GLU G 50 39.73 23.22 -62.05
CA GLU G 50 40.49 22.96 -60.84
C GLU G 50 39.70 23.17 -59.57
N ALA G 51 38.64 23.98 -59.58
CA ALA G 51 37.75 24.10 -58.44
C ALA G 51 36.80 22.91 -58.31
N ASP G 52 36.49 22.24 -59.43
CA ASP G 52 35.67 21.03 -59.44
C ASP G 52 36.36 19.82 -60.06
N GLY G 53 37.60 19.96 -60.51
CA GLY G 53 38.34 18.85 -61.10
C GLY G 53 39.24 18.15 -60.11
N LYS G 54 39.73 18.86 -59.09
CA LYS G 54 40.55 18.27 -58.05
C LYS G 54 40.12 18.62 -56.62
N THR G 55 39.36 19.69 -56.41
CA THR G 55 38.91 20.05 -55.06
C THR G 55 37.49 19.58 -54.75
N ALA G 56 36.62 19.45 -55.76
CA ALA G 56 35.34 18.78 -55.57
C ALA G 56 35.45 17.27 -55.79
N ALA G 57 36.51 16.80 -56.45
CA ALA G 57 36.80 15.37 -56.55
C ALA G 57 37.55 14.87 -55.31
N ALA G 58 38.40 15.71 -54.71
CA ALA G 58 39.13 15.32 -53.51
C ALA G 58 38.22 15.22 -52.30
N ALA G 59 37.15 16.04 -52.24
CA ALA G 59 36.19 15.93 -51.16
C ALA G 59 35.36 14.65 -51.29
N ALA G 60 34.92 14.32 -52.50
CA ALA G 60 34.29 13.03 -52.75
C ALA G 60 35.27 11.87 -52.57
N GLU G 61 36.58 12.14 -52.51
CA GLU G 61 37.55 11.12 -52.12
C GLU G 61 37.67 11.02 -50.60
N HIS G 62 37.49 12.12 -49.86
CA HIS G 62 37.41 12.00 -48.39
C HIS G 62 36.16 11.24 -47.98
N SER G 63 35.03 11.47 -48.67
CA SER G 63 33.81 10.74 -48.37
C SER G 63 33.86 9.31 -48.88
N GLN G 64 34.43 9.09 -50.07
CA GLN G 64 34.71 7.73 -50.52
C GLN G 64 35.51 6.95 -49.47
N ARG G 65 36.63 7.53 -49.01
CA ARG G 65 37.51 6.89 -48.05
C ARG G 65 36.92 6.86 -46.64
N GLU G 66 35.82 7.58 -46.39
CA GLU G 66 35.06 7.38 -45.16
C GLU G 66 34.07 6.23 -45.29
N LEU G 67 33.46 6.09 -46.47
CA LEU G 67 32.55 4.97 -46.71
C LEU G 67 33.29 3.65 -46.59
N ASP G 68 34.53 3.58 -47.06
CA ASP G 68 35.32 2.37 -46.84
C ASP G 68 35.39 2.03 -45.35
N THR G 69 35.64 3.03 -44.50
CA THR G 69 35.67 2.82 -43.07
C THR G 69 34.29 2.43 -42.51
N VAL G 70 33.20 2.79 -43.19
CA VAL G 70 31.87 2.40 -42.73
C VAL G 70 31.58 0.93 -43.07
N THR G 71 31.87 0.50 -44.29
CA THR G 71 31.71 -0.92 -44.61
C THR G 71 32.74 -1.80 -43.91
N LEU G 72 33.79 -1.20 -43.31
CA LEU G 72 34.64 -1.97 -42.40
C LEU G 72 33.96 -2.25 -41.07
N GLU G 73 32.94 -1.47 -40.69
CA GLU G 73 32.13 -1.76 -39.52
C GLU G 73 30.87 -2.54 -39.85
N ASP G 74 30.38 -2.45 -41.09
CA ASP G 74 29.24 -3.27 -41.51
C ASP G 74 29.65 -4.72 -41.74
N ILE G 75 30.90 -4.95 -42.13
CA ILE G 75 31.38 -6.28 -42.49
C ILE G 75 32.29 -6.86 -41.41
N LYS G 76 33.36 -6.15 -41.07
CA LYS G 76 34.35 -6.68 -40.14
C LYS G 76 33.73 -6.96 -38.78
N GLU G 77 32.97 -6.01 -38.25
CA GLU G 77 32.39 -6.17 -36.92
C GLU G 77 31.09 -6.96 -36.95
N HIS G 78 30.21 -6.68 -37.92
CA HIS G 78 28.83 -7.13 -37.83
C HIS G 78 28.52 -8.35 -38.70
N VAL G 79 28.89 -8.35 -39.98
CA VAL G 79 28.71 -9.56 -40.78
C VAL G 79 29.45 -10.73 -40.13
N LYS G 80 30.65 -10.47 -39.58
CA LYS G 80 31.38 -11.49 -38.86
C LYS G 80 30.69 -11.87 -37.56
N GLN G 81 30.11 -10.88 -36.87
CA GLN G 81 29.42 -11.15 -35.61
C GLN G 81 28.25 -12.10 -35.81
N LEU G 82 27.59 -12.04 -36.97
CA LEU G 82 26.48 -12.95 -37.24
C LEU G 82 26.83 -14.39 -36.82
N GLU G 83 27.93 -14.92 -37.35
CA GLU G 83 28.39 -16.26 -36.98
C GLU G 83 29.24 -16.28 -35.72
N LYS G 84 29.67 -15.12 -35.24
CA LYS G 84 30.67 -15.09 -34.16
C LYS G 84 30.10 -15.63 -32.85
N ALA G 85 28.92 -15.15 -32.44
CA ALA G 85 28.41 -15.51 -31.12
C ALA G 85 26.90 -15.38 -30.97
N VAL G 86 26.18 -15.06 -32.06
CA VAL G 86 24.73 -14.95 -31.98
C VAL G 86 24.06 -15.79 -33.06
N SER G 87 24.83 -16.30 -34.01
CA SER G 87 24.33 -17.19 -35.06
C SER G 87 23.23 -16.53 -35.92
N GLY G 88 23.35 -15.22 -36.16
CA GLY G 88 22.47 -14.54 -37.09
C GLY G 88 21.35 -13.76 -36.44
N LYS G 89 21.71 -12.87 -35.52
CA LYS G 89 20.71 -12.11 -34.76
C LYS G 89 20.94 -10.61 -34.90
N GLU G 90 21.12 -9.92 -33.77
CA GLU G 90 21.11 -8.47 -33.79
C GLU G 90 22.16 -7.86 -34.72
N PRO G 91 23.35 -8.44 -34.90
CA PRO G 91 24.28 -7.91 -35.91
C PRO G 91 23.73 -7.95 -37.33
N ARG G 92 22.59 -8.62 -37.55
CA ARG G 92 21.97 -8.59 -38.86
C ARG G 92 21.10 -7.36 -39.04
N PHE G 93 20.51 -6.84 -37.97
CA PHE G 93 19.72 -5.61 -38.05
C PHE G 93 20.59 -4.37 -38.14
N VAL G 94 21.89 -4.50 -37.91
CA VAL G 94 22.85 -3.44 -38.23
C VAL G 94 23.23 -3.47 -39.71
N LEU G 95 22.85 -4.53 -40.44
CA LEU G 95 22.96 -4.57 -41.89
C LEU G 95 21.66 -4.15 -42.57
N ARG G 96 20.59 -3.98 -41.80
CA ARG G 96 19.47 -3.17 -42.26
C ARG G 96 19.95 -1.86 -42.88
N ALA G 97 21.07 -1.33 -42.36
CA ALA G 97 21.68 -0.11 -42.89
C ALA G 97 21.83 -0.13 -44.40
N LEU G 98 21.72 -1.31 -45.02
CA LEU G 98 21.76 -1.42 -46.48
C LEU G 98 20.67 -0.61 -47.16
N ARG G 99 19.74 -0.01 -46.41
CA ARG G 99 18.79 0.92 -47.01
C ARG G 99 19.42 2.28 -47.28
N MET G 100 20.01 2.90 -46.25
CA MET G 100 20.47 4.27 -46.32
C MET G 100 21.84 4.41 -46.96
N LEU G 101 22.48 3.29 -47.30
CA LEU G 101 23.83 3.30 -47.87
C LEU G 101 23.87 3.51 -49.39
N PRO G 102 22.82 3.17 -50.14
CA PRO G 102 22.83 3.60 -51.56
C PRO G 102 22.71 5.10 -51.76
N SER G 103 21.92 5.79 -50.93
CA SER G 103 21.88 7.25 -51.00
C SER G 103 23.27 7.84 -50.76
N THR G 104 24.02 7.29 -49.80
CA THR G 104 25.37 7.73 -49.49
C THR G 104 26.43 6.96 -50.25
N SER G 105 26.05 6.16 -51.24
CA SER G 105 26.99 5.52 -52.15
C SER G 105 27.33 6.43 -53.31
N ARG G 106 26.83 7.67 -53.29
CA ARG G 106 27.29 8.72 -54.19
C ARG G 106 28.60 9.34 -53.74
N ARG G 107 29.03 9.08 -52.50
CA ARG G 107 30.41 9.38 -52.12
C ARG G 107 31.41 8.57 -52.94
N LEU G 108 30.97 7.43 -53.49
CA LEU G 108 31.75 6.59 -54.38
C LEU G 108 31.31 6.81 -55.83
N ASN G 109 32.10 6.25 -56.75
CA ASN G 109 31.72 6.09 -58.16
C ASN G 109 31.95 4.65 -58.57
N HIS G 110 31.52 3.72 -57.72
CA HIS G 110 32.17 2.41 -57.60
C HIS G 110 33.66 2.65 -57.78
N TYR G 111 34.07 3.53 -56.86
CA TYR G 111 35.31 4.25 -56.65
C TYR G 111 36.61 3.81 -57.30
N VAL G 112 37.56 4.75 -57.23
CA VAL G 112 38.94 4.63 -57.69
C VAL G 112 39.75 3.64 -56.84
N LEU G 113 39.32 3.38 -55.60
CA LEU G 113 40.01 2.48 -54.70
C LEU G 113 39.35 1.10 -54.61
N TYR G 114 38.37 0.80 -55.48
CA TYR G 114 37.53 -0.36 -55.29
C TYR G 114 38.22 -1.65 -55.73
N LYS G 115 38.91 -1.62 -56.88
CA LYS G 115 39.59 -2.83 -57.35
C LYS G 115 40.40 -3.49 -56.25
N ALA G 116 41.04 -2.69 -55.40
CA ALA G 116 41.83 -3.20 -54.28
C ALA G 116 41.00 -3.48 -53.03
N VAL G 117 39.71 -3.14 -53.03
CA VAL G 117 38.87 -3.29 -51.84
C VAL G 117 38.13 -4.62 -51.83
N GLN G 118 37.55 -5.05 -52.95
CA GLN G 118 37.02 -6.41 -53.05
C GLN G 118 38.15 -7.45 -53.05
N GLY G 119 39.38 -7.05 -53.36
CA GLY G 119 40.53 -7.94 -53.34
C GLY G 119 41.19 -8.06 -51.98
N PHE G 120 40.89 -7.13 -51.07
CA PHE G 120 41.24 -7.32 -49.66
C PHE G 120 40.36 -8.39 -49.01
N PHE G 121 39.07 -8.41 -49.38
CA PHE G 121 38.05 -9.25 -48.75
C PHE G 121 38.19 -10.73 -49.07
N THR G 122 39.11 -11.13 -49.94
CA THR G 122 39.10 -12.50 -50.44
C THR G 122 40.48 -12.87 -50.95
N SER G 123 40.68 -14.19 -51.09
CA SER G 123 41.85 -14.75 -51.74
C SER G 123 41.52 -15.34 -53.10
N ASN G 124 40.55 -16.27 -53.16
CA ASN G 124 40.09 -16.86 -54.42
C ASN G 124 38.61 -16.59 -54.58
N ASN G 125 38.23 -16.02 -55.71
CA ASN G 125 36.86 -15.57 -55.94
C ASN G 125 36.65 -15.39 -57.43
N ALA G 126 35.51 -15.87 -57.93
CA ALA G 126 35.09 -15.62 -59.30
C ALA G 126 34.08 -14.49 -59.38
N THR G 127 33.63 -13.94 -58.24
CA THR G 127 32.87 -12.70 -58.26
C THR G 127 33.79 -11.49 -58.41
N ARG G 128 35.00 -11.55 -57.86
CA ARG G 128 36.00 -10.52 -58.11
C ARG G 128 36.44 -10.51 -59.57
N ASP G 129 36.20 -11.60 -60.30
CA ASP G 129 36.56 -11.70 -61.71
C ASP G 129 35.40 -11.33 -62.64
N PHE G 130 34.18 -11.21 -62.11
CA PHE G 130 33.06 -10.58 -62.81
C PHE G 130 32.96 -9.09 -62.47
N LEU G 131 33.11 -8.79 -61.18
CA LEU G 131 32.97 -7.43 -60.65
C LEU G 131 33.95 -6.46 -61.28
N LEU G 132 35.15 -6.93 -61.64
CA LEU G 132 36.16 -6.04 -62.22
C LEU G 132 35.88 -5.78 -63.70
N PRO G 133 35.42 -6.78 -64.47
CA PRO G 133 34.86 -6.47 -65.79
C PRO G 133 33.80 -5.37 -65.76
N PHE G 134 32.94 -5.33 -64.73
CA PHE G 134 31.83 -4.40 -64.68
C PHE G 134 32.18 -3.06 -64.03
N LEU G 135 33.40 -2.89 -63.55
CA LEU G 135 33.86 -1.57 -63.10
C LEU G 135 34.26 -0.73 -64.30
N GLU G 136 33.96 0.57 -64.23
CA GLU G 136 34.31 1.47 -65.32
C GLU G 136 35.82 1.69 -65.38
N GLU G 137 36.40 2.19 -64.28
CA GLU G 137 37.85 2.31 -64.20
C GLU G 137 38.33 2.45 -62.76
N PRO G 138 38.81 1.37 -62.14
CA PRO G 138 39.55 1.51 -60.88
C PRO G 138 41.00 1.91 -61.14
N MET G 139 41.47 2.95 -60.42
CA MET G 139 42.84 3.47 -60.56
C MET G 139 43.40 3.69 -59.14
N ASP G 140 43.83 2.60 -58.51
CA ASP G 140 44.09 2.59 -57.08
C ASP G 140 45.10 3.67 -56.67
N THR G 141 44.99 4.11 -55.42
CA THR G 141 45.90 5.04 -54.78
C THR G 141 46.61 4.34 -53.61
N GLU G 142 47.36 5.11 -52.82
CA GLU G 142 48.20 4.56 -51.75
C GLU G 142 47.44 4.32 -50.44
N ALA G 143 46.12 4.15 -50.49
CA ALA G 143 45.34 3.80 -49.31
C ALA G 143 45.12 2.29 -49.27
N ASP G 144 45.01 1.76 -48.04
CA ASP G 144 44.97 0.32 -47.81
C ASP G 144 44.01 0.03 -46.65
N LEU G 145 42.94 -0.71 -46.93
CA LEU G 145 42.04 -1.14 -45.86
C LEU G 145 42.75 -2.11 -44.93
N GLN G 146 42.17 -2.30 -43.73
CA GLN G 146 42.80 -3.14 -42.72
C GLN G 146 42.64 -4.61 -43.10
N PHE G 147 43.46 -5.01 -44.09
CA PHE G 147 43.66 -6.39 -44.47
C PHE G 147 45.13 -6.58 -44.83
N ARG G 148 45.65 -7.75 -44.51
CA ARG G 148 47.03 -8.08 -44.82
C ARG G 148 47.06 -9.24 -45.81
N PRO G 149 48.23 -9.78 -46.17
CA PRO G 149 48.26 -11.11 -46.79
C PRO G 149 47.86 -12.22 -45.83
N ARG G 150 47.63 -11.91 -44.55
CA ARG G 150 47.14 -12.86 -43.56
C ARG G 150 45.64 -12.77 -43.35
N THR G 151 45.06 -11.56 -43.38
CA THR G 151 43.61 -11.40 -43.38
C THR G 151 43.01 -11.63 -44.76
N GLY G 152 43.83 -11.98 -45.75
CA GLY G 152 43.34 -12.39 -47.06
C GLY G 152 43.32 -13.91 -47.18
N LYS G 153 44.26 -14.58 -46.53
CA LYS G 153 44.21 -16.04 -46.42
C LYS G 153 43.04 -16.47 -45.54
N ALA G 154 42.84 -15.78 -44.41
CA ALA G 154 41.79 -16.11 -43.46
C ALA G 154 40.39 -15.76 -43.97
N ALA G 155 40.28 -15.09 -45.11
CA ALA G 155 38.97 -14.73 -45.67
C ALA G 155 38.60 -15.64 -46.83
N SER G 156 38.46 -16.93 -46.51
CA SER G 156 37.81 -17.92 -47.35
C SER G 156 36.64 -18.51 -46.60
N THR G 157 35.89 -17.61 -45.89
CA THR G 157 34.97 -17.87 -44.79
C THR G 157 33.55 -18.12 -45.28
N PRO G 158 32.73 -18.81 -44.47
CA PRO G 158 31.27 -18.80 -44.73
C PRO G 158 30.66 -17.42 -44.59
N LEU G 159 31.42 -16.45 -44.10
CA LEU G 159 31.07 -15.04 -44.14
C LEU G 159 31.37 -14.40 -45.48
N LEU G 160 32.15 -15.07 -46.34
CA LEU G 160 32.53 -14.55 -47.65
C LEU G 160 31.38 -14.60 -48.64
N PRO G 161 30.43 -15.54 -48.51
CA PRO G 161 29.18 -15.41 -49.29
C PRO G 161 28.34 -14.20 -48.88
N GLU G 162 28.31 -13.88 -47.58
CA GLU G 162 27.58 -12.70 -47.13
C GLU G 162 28.20 -11.42 -47.69
N VAL G 163 29.53 -11.31 -47.67
CA VAL G 163 30.20 -10.13 -48.22
C VAL G 163 30.07 -10.11 -49.75
N GLU G 164 30.29 -11.25 -50.39
CA GLU G 164 30.17 -11.38 -51.83
C GLU G 164 28.83 -10.81 -52.31
N ALA G 165 27.73 -11.34 -51.77
CA ALA G 165 26.41 -10.82 -52.11
C ALA G 165 26.26 -9.38 -51.66
N TYR G 166 26.58 -9.09 -50.41
CA TYR G 166 26.45 -7.75 -49.84
C TYR G 166 27.00 -6.65 -50.75
N LEU G 167 28.23 -6.83 -51.25
CA LEU G 167 28.87 -5.83 -52.10
C LEU G 167 28.32 -5.87 -53.53
N GLN G 168 28.22 -7.07 -54.11
CA GLN G 168 27.68 -7.18 -55.46
C GLN G 168 26.32 -6.50 -55.56
N LEU G 169 25.52 -6.58 -54.50
CA LEU G 169 24.27 -5.83 -54.41
C LEU G 169 24.51 -4.37 -54.73
N LEU G 170 25.59 -3.81 -54.17
CA LEU G 170 25.96 -2.43 -54.46
C LEU G 170 26.24 -2.27 -55.96
N VAL G 171 26.95 -3.24 -56.56
CA VAL G 171 27.21 -3.17 -57.99
C VAL G 171 25.90 -3.08 -58.77
N VAL G 172 24.89 -3.85 -58.37
CA VAL G 172 23.60 -3.81 -59.06
C VAL G 172 22.95 -2.44 -58.90
N ILE G 173 22.91 -1.94 -57.65
CA ILE G 173 22.33 -0.64 -57.37
C ILE G 173 22.87 0.41 -58.35
N PHE G 174 24.20 0.57 -58.41
CA PHE G 174 24.75 1.58 -59.28
C PHE G 174 24.52 1.24 -60.75
N MET G 175 24.74 -0.03 -61.12
CA MET G 175 24.57 -0.43 -62.50
C MET G 175 23.23 0.04 -63.06
N MET G 176 22.16 -0.05 -62.27
CA MET G 176 20.87 0.42 -62.76
C MET G 176 20.72 1.94 -62.66
N ASN G 177 21.27 2.56 -61.61
CA ASN G 177 21.22 4.03 -61.54
C ASN G 177 21.79 4.66 -62.80
N SER G 178 22.99 4.24 -63.20
CA SER G 178 23.64 4.70 -64.42
C SER G 178 22.93 4.26 -65.71
N LYS G 179 21.77 3.60 -65.60
CA LYS G 179 20.96 3.20 -66.75
C LYS G 179 21.65 2.15 -67.60
N ARG G 180 22.45 1.29 -66.97
CA ARG G 180 22.85 0.02 -67.57
C ARG G 180 21.90 -1.07 -67.12
N TYR G 181 21.76 -2.10 -67.96
CA TYR G 181 20.95 -3.25 -67.61
C TYR G 181 21.53 -4.47 -68.32
N LYS G 182 20.73 -5.15 -69.14
CA LYS G 182 21.20 -6.23 -70.02
C LYS G 182 22.19 -7.15 -69.31
N GLU G 183 23.44 -7.19 -69.78
CA GLU G 183 24.40 -8.17 -69.28
C GLU G 183 24.77 -7.89 -67.83
N ALA G 184 25.14 -6.65 -67.51
CA ALA G 184 25.53 -6.32 -66.14
C ALA G 184 24.37 -6.43 -65.16
N GLN G 185 23.13 -6.39 -65.65
CA GLN G 185 21.96 -6.74 -64.87
C GLN G 185 21.92 -8.23 -64.60
N LYS G 186 21.55 -8.97 -65.63
CA LYS G 186 21.31 -10.40 -65.50
C LYS G 186 22.47 -11.10 -64.80
N ILE G 187 23.68 -10.96 -65.36
CA ILE G 187 24.83 -11.70 -64.83
C ILE G 187 25.00 -11.45 -63.33
N SER G 188 25.07 -10.18 -62.93
CA SER G 188 25.17 -9.85 -61.52
C SER G 188 24.11 -10.61 -60.72
N ASP G 189 22.85 -10.48 -61.15
CA ASP G 189 21.77 -11.07 -60.37
C ASP G 189 21.90 -12.58 -60.29
N ASP G 190 22.14 -13.24 -61.43
CA ASP G 190 22.15 -14.70 -61.48
C ASP G 190 23.32 -15.29 -60.70
N LEU G 191 24.47 -14.61 -60.71
CA LEU G 191 25.55 -15.03 -59.81
C LEU G 191 25.10 -14.92 -58.36
N MET G 192 24.30 -13.89 -58.05
CA MET G 192 23.76 -13.82 -56.70
C MET G 192 22.72 -14.92 -56.43
N GLN G 193 22.02 -15.39 -57.46
CA GLN G 193 21.07 -16.48 -57.29
C GLN G 193 21.76 -17.83 -57.18
N LYS G 194 23.00 -17.93 -57.66
CA LYS G 194 23.82 -19.10 -57.36
C LYS G 194 24.44 -19.00 -55.97
N ILE G 195 24.69 -17.79 -55.48
CA ILE G 195 25.22 -17.63 -54.12
C ILE G 195 24.22 -18.13 -53.09
N SER G 196 22.97 -17.64 -53.15
CA SER G 196 21.98 -17.96 -52.13
C SER G 196 21.48 -19.40 -52.21
N THR G 197 21.82 -20.15 -53.27
CA THR G 197 21.49 -21.58 -53.32
C THR G 197 22.19 -22.37 -52.22
N GLN G 198 23.25 -21.80 -51.65
CA GLN G 198 24.07 -22.49 -50.65
C GLN G 198 23.23 -22.74 -49.39
N ASN G 199 23.89 -23.24 -48.35
CA ASN G 199 23.22 -23.78 -47.18
C ASN G 199 23.20 -22.77 -46.03
N ARG G 200 22.89 -23.27 -44.83
CA ARG G 200 22.91 -22.49 -43.60
C ARG G 200 21.76 -21.49 -43.59
N ARG G 201 21.30 -21.12 -42.39
CA ARG G 201 20.07 -20.34 -42.24
C ARG G 201 20.30 -18.84 -42.13
N ALA G 202 21.53 -18.38 -41.98
CA ALA G 202 21.78 -16.95 -41.84
C ALA G 202 21.75 -16.24 -43.20
N LEU G 203 22.20 -16.91 -44.27
CA LEU G 203 22.19 -16.29 -45.59
C LEU G 203 20.79 -16.03 -46.11
N ASP G 204 19.78 -16.76 -45.62
CA ASP G 204 18.40 -16.53 -46.06
C ASP G 204 17.98 -15.09 -45.81
N LEU G 205 18.40 -14.55 -44.67
CA LEU G 205 18.02 -13.21 -44.27
C LEU G 205 18.52 -12.17 -45.27
N VAL G 206 19.84 -12.15 -45.53
CA VAL G 206 20.40 -11.21 -46.50
C VAL G 206 19.86 -11.50 -47.89
N ALA G 207 19.52 -12.76 -48.16
CA ALA G 207 18.86 -13.08 -49.41
C ALA G 207 17.49 -12.43 -49.51
N ALA G 208 16.88 -12.04 -48.39
CA ALA G 208 15.69 -11.20 -48.48
C ALA G 208 15.97 -9.96 -49.32
N LYS G 209 16.97 -9.18 -48.92
CA LYS G 209 17.35 -7.98 -49.68
C LYS G 209 17.76 -8.34 -51.10
N CYS G 210 18.52 -9.43 -51.25
CA CYS G 210 18.90 -9.89 -52.58
C CYS G 210 17.68 -10.00 -53.49
N TYR G 211 16.75 -10.89 -53.15
CA TYR G 211 15.51 -11.04 -53.93
C TYR G 211 14.90 -9.68 -54.24
N TYR G 212 14.80 -8.81 -53.23
CA TYR G 212 14.09 -7.55 -53.42
C TYR G 212 14.69 -6.76 -54.60
N TYR G 213 16.02 -6.55 -54.58
CA TYR G 213 16.61 -5.80 -55.70
C TYR G 213 16.53 -6.61 -56.99
N HIS G 214 16.72 -7.92 -56.91
CA HIS G 214 16.58 -8.80 -58.06
C HIS G 214 15.31 -8.46 -58.84
N ALA G 215 14.16 -8.48 -58.15
CA ALA G 215 12.91 -8.15 -58.82
C ALA G 215 12.90 -6.70 -59.29
N ARG G 216 13.37 -5.77 -58.47
CA ARG G 216 13.30 -4.37 -58.89
C ARG G 216 13.96 -4.17 -60.24
N VAL G 217 15.21 -4.62 -60.41
CA VAL G 217 15.89 -4.41 -61.68
C VAL G 217 15.22 -5.22 -62.77
N TYR G 218 14.86 -6.47 -62.47
CA TYR G 218 14.12 -7.27 -63.46
C TYR G 218 12.86 -6.57 -63.94
N GLU G 219 12.39 -5.54 -63.22
CA GLU G 219 11.07 -4.96 -63.46
C GLU G 219 11.06 -3.77 -64.41
N PHE G 220 12.22 -3.20 -64.76
CA PHE G 220 12.24 -2.05 -65.67
C PHE G 220 11.97 -2.48 -67.10
N LEU G 221 13.00 -2.98 -67.78
CA LEU G 221 12.91 -3.53 -69.13
C LEU G 221 11.53 -4.15 -69.41
N ASP G 222 11.12 -5.08 -68.55
CA ASP G 222 9.83 -5.75 -68.64
C ASP G 222 9.73 -6.74 -67.49
N LYS G 223 8.77 -6.53 -66.59
CA LYS G 223 8.69 -7.37 -65.39
C LYS G 223 8.62 -8.84 -65.78
N LEU G 224 9.78 -9.48 -65.92
CA LEU G 224 9.82 -10.85 -66.39
C LEU G 224 8.91 -11.73 -65.54
N ASP G 225 7.98 -12.39 -66.20
CA ASP G 225 7.22 -13.45 -65.56
C ASP G 225 8.03 -14.73 -65.44
N VAL G 226 9.15 -14.82 -66.16
CA VAL G 226 10.07 -15.93 -65.97
C VAL G 226 10.41 -16.07 -64.48
N VAL G 227 10.79 -14.96 -63.86
CA VAL G 227 11.19 -15.00 -62.46
C VAL G 227 10.08 -15.59 -61.60
N ARG G 228 8.82 -15.43 -62.01
CA ARG G 228 7.72 -15.96 -61.22
C ARG G 228 7.99 -17.40 -60.80
N SER G 229 8.61 -18.19 -61.67
CA SER G 229 8.87 -19.58 -61.29
C SER G 229 9.99 -19.66 -60.25
N PHE G 230 11.12 -18.99 -60.52
CA PHE G 230 12.19 -18.94 -59.53
C PHE G 230 11.63 -18.61 -58.15
N LEU G 231 10.99 -17.44 -58.04
CA LEU G 231 10.35 -17.06 -56.79
C LEU G 231 9.56 -18.25 -56.23
N HIS G 232 8.62 -18.76 -57.01
CA HIS G 232 7.84 -19.92 -56.57
C HIS G 232 8.74 -21.00 -55.99
N ALA G 233 9.71 -21.47 -56.78
CA ALA G 233 10.56 -22.55 -56.31
C ALA G 233 11.28 -22.18 -55.03
N ARG G 234 11.79 -20.94 -54.95
CA ARG G 234 12.52 -20.55 -53.75
C ARG G 234 11.57 -20.31 -52.58
N LEU G 235 10.29 -20.09 -52.85
CA LEU G 235 9.32 -19.86 -51.78
C LEU G 235 8.99 -21.15 -51.07
N ARG G 236 8.54 -22.16 -51.81
CA ARG G 236 8.20 -23.43 -51.18
C ARG G 236 9.38 -23.97 -50.38
N THR G 237 10.59 -23.90 -50.96
CA THR G 237 11.79 -24.26 -50.20
C THR G 237 11.80 -23.56 -48.86
N ALA G 238 11.63 -22.24 -48.86
CA ALA G 238 11.69 -21.47 -47.62
C ALA G 238 10.63 -21.92 -46.62
N THR G 239 9.52 -22.49 -47.09
CA THR G 239 8.49 -22.92 -46.15
C THR G 239 8.92 -24.16 -45.38
N LEU G 240 9.81 -24.96 -45.95
CA LEU G 240 10.30 -26.16 -45.29
C LEU G 240 11.55 -25.89 -44.46
N ARG G 241 12.36 -24.90 -44.85
CA ARG G 241 13.43 -24.41 -44.00
C ARG G 241 12.91 -23.52 -42.87
N HIS G 242 11.63 -23.12 -42.94
CA HIS G 242 10.99 -22.30 -41.91
C HIS G 242 11.76 -21.00 -41.68
N ASP G 243 12.24 -20.40 -42.78
CA ASP G 243 12.84 -19.07 -42.74
C ASP G 243 11.70 -18.07 -42.92
N ALA G 244 11.08 -17.69 -41.80
CA ALA G 244 9.98 -16.74 -41.83
C ALA G 244 10.33 -15.54 -42.70
N ASP G 245 11.42 -14.84 -42.35
CA ASP G 245 11.82 -13.63 -43.05
C ASP G 245 11.81 -13.79 -44.57
N GLY G 246 12.74 -14.61 -45.09
CA GLY G 246 12.76 -14.87 -46.51
C GLY G 246 11.41 -15.27 -47.06
N GLN G 247 10.65 -16.07 -46.29
CA GLN G 247 9.36 -16.55 -46.73
C GLN G 247 8.41 -15.38 -47.01
N ALA G 248 8.33 -14.44 -46.08
CA ALA G 248 7.48 -13.27 -46.24
C ALA G 248 7.97 -12.40 -47.40
N THR G 249 9.20 -11.87 -47.29
CA THR G 249 9.74 -10.99 -48.33
C THR G 249 9.49 -11.55 -49.72
N LEU G 250 9.93 -12.78 -49.92
CA LEU G 250 9.75 -13.46 -51.20
C LEU G 250 8.28 -13.48 -51.59
N LEU G 251 7.42 -13.91 -50.66
CA LEU G 251 5.99 -13.96 -50.96
C LEU G 251 5.47 -12.60 -51.42
N ASN G 252 6.04 -11.51 -50.90
CA ASN G 252 5.63 -10.18 -51.35
C ASN G 252 5.99 -9.97 -52.80
N LEU G 253 7.28 -10.13 -53.16
CA LEU G 253 7.60 -9.88 -54.56
C LEU G 253 6.79 -10.77 -55.49
N LEU G 254 6.43 -11.96 -55.04
CA LEU G 254 5.56 -12.83 -55.83
C LEU G 254 4.19 -12.18 -56.05
N LEU G 255 3.52 -11.78 -54.96
CA LEU G 255 2.22 -11.10 -55.09
C LEU G 255 2.32 -9.90 -56.01
N ARG G 256 3.39 -9.11 -55.88
CA ARG G 256 3.57 -7.96 -56.76
C ARG G 256 3.64 -8.41 -58.21
N ASN G 257 4.25 -9.57 -58.48
CA ASN G 257 4.25 -10.10 -59.84
C ASN G 257 2.82 -10.32 -60.32
N TYR G 258 2.04 -11.12 -59.57
CA TYR G 258 0.67 -11.39 -60.04
C TYR G 258 -0.13 -10.10 -60.21
N LEU G 259 0.16 -9.08 -59.42
CA LEU G 259 -0.66 -7.87 -59.44
C LEU G 259 -0.27 -6.91 -60.56
N HIS G 260 1.01 -6.83 -60.91
CA HIS G 260 1.41 -5.95 -62.01
C HIS G 260 0.73 -6.34 -63.32
N TYR G 261 0.36 -7.61 -63.46
CA TYR G 261 -0.54 -8.06 -64.51
C TYR G 261 -1.93 -8.28 -63.93
N SER G 262 -2.87 -8.70 -64.77
CA SER G 262 -4.22 -8.99 -64.31
C SER G 262 -4.37 -10.48 -64.04
N LEU G 263 -3.79 -10.89 -62.91
CA LEU G 263 -3.95 -12.24 -62.39
C LEU G 263 -4.49 -12.19 -60.96
N TYR G 264 -5.67 -11.60 -60.80
CA TYR G 264 -6.23 -11.40 -59.46
C TYR G 264 -6.75 -12.70 -58.90
N ASP G 265 -7.52 -13.47 -59.68
CA ASP G 265 -7.96 -14.78 -59.22
C ASP G 265 -6.75 -15.59 -58.70
N GLN G 266 -5.65 -15.57 -59.46
CA GLN G 266 -4.48 -16.37 -59.15
C GLN G 266 -3.83 -15.93 -57.84
N ALA G 267 -3.89 -14.63 -57.53
CA ALA G 267 -3.39 -14.17 -56.23
C ALA G 267 -4.38 -14.49 -55.12
N GLU G 268 -5.68 -14.40 -55.39
CA GLU G 268 -6.68 -14.66 -54.37
C GLU G 268 -6.56 -16.08 -53.84
N LYS G 269 -6.78 -17.07 -54.71
CA LYS G 269 -6.69 -18.45 -54.25
C LYS G 269 -5.37 -18.71 -53.53
N LEU G 270 -4.32 -17.98 -53.90
CA LEU G 270 -3.02 -18.13 -53.26
C LEU G 270 -3.04 -17.57 -51.84
N VAL G 271 -3.27 -16.26 -51.71
CA VAL G 271 -3.35 -15.57 -50.44
C VAL G 271 -4.10 -16.44 -49.45
N SER G 272 -5.24 -16.98 -49.90
CA SER G 272 -5.98 -17.89 -49.04
C SER G 272 -5.12 -19.10 -48.69
N LYS G 273 -4.78 -19.92 -49.68
CA LYS G 273 -4.18 -21.22 -49.40
C LYS G 273 -2.84 -21.15 -48.64
N SER G 274 -2.22 -19.97 -48.53
CA SER G 274 -0.89 -19.87 -47.94
C SER G 274 -0.92 -19.09 -46.63
N VAL G 275 0.12 -19.32 -45.81
CA VAL G 275 0.21 -18.78 -44.45
C VAL G 275 1.36 -17.78 -44.41
N PHE G 276 1.03 -16.50 -44.29
CA PHE G 276 2.06 -15.48 -44.19
C PHE G 276 2.80 -15.62 -42.87
N PRO G 277 4.14 -15.69 -42.88
CA PRO G 277 4.88 -15.95 -41.63
C PRO G 277 4.47 -15.04 -40.49
N GLU G 278 4.79 -15.45 -39.26
CA GLU G 278 4.43 -14.70 -38.06
C GLU G 278 5.47 -13.63 -37.73
N GLN G 279 6.74 -13.99 -37.67
CA GLN G 279 7.80 -12.99 -37.56
C GLN G 279 8.09 -12.42 -38.93
N ALA G 280 7.94 -11.11 -39.07
CA ALA G 280 8.36 -10.46 -40.29
C ALA G 280 8.61 -8.99 -39.99
N ASN G 281 9.66 -8.44 -40.59
CA ASN G 281 9.89 -7.01 -40.49
C ASN G 281 8.63 -6.28 -40.92
N ASN G 282 8.37 -5.14 -40.28
CA ASN G 282 7.11 -4.44 -40.51
C ASN G 282 6.95 -4.04 -41.97
N ASN G 283 8.00 -3.47 -42.58
CA ASN G 283 7.93 -3.11 -44.00
C ASN G 283 7.29 -4.23 -44.81
N GLU G 284 7.74 -5.45 -44.56
CA GLU G 284 7.19 -6.61 -45.23
C GLU G 284 5.71 -6.76 -44.92
N TRP G 285 5.32 -6.53 -43.66
CA TRP G 285 3.91 -6.70 -43.29
C TRP G 285 3.03 -5.62 -43.90
N ALA G 286 3.57 -4.43 -44.12
CA ALA G 286 2.81 -3.36 -44.77
C ALA G 286 2.59 -3.69 -46.23
N ARG G 287 3.64 -4.12 -46.93
CA ARG G 287 3.43 -4.62 -48.29
C ARG G 287 2.28 -5.63 -48.32
N TYR G 288 2.42 -6.70 -47.53
CA TYR G 288 1.42 -7.77 -47.60
C TYR G 288 0.03 -7.27 -47.27
N LEU G 289 -0.09 -6.32 -46.34
CA LEU G 289 -1.41 -5.81 -45.98
C LEU G 289 -1.96 -4.81 -47.00
N TYR G 290 -1.11 -4.26 -47.86
CA TYR G 290 -1.63 -3.44 -48.95
C TYR G 290 -2.08 -4.31 -50.11
N TYR G 291 -1.37 -5.39 -50.36
CA TYR G 291 -1.74 -6.27 -51.47
C TYR G 291 -2.98 -7.09 -51.14
N THR G 292 -2.98 -7.79 -49.98
CA THR G 292 -4.14 -8.61 -49.65
C THR G 292 -5.41 -7.77 -49.62
N GLY G 293 -5.29 -6.50 -49.25
CA GLY G 293 -6.40 -5.58 -49.23
C GLY G 293 -6.81 -5.18 -50.63
N ARG G 294 -5.84 -4.83 -51.47
CA ARG G 294 -6.13 -4.62 -52.88
C ARG G 294 -7.00 -5.76 -53.42
N ILE G 295 -6.56 -7.01 -53.19
CA ILE G 295 -7.28 -8.17 -53.71
C ILE G 295 -8.69 -8.24 -53.12
N LYS G 296 -8.81 -8.18 -51.79
CA LYS G 296 -10.15 -8.21 -51.21
C LYS G 296 -11.04 -7.14 -51.81
N ALA G 297 -10.44 -5.99 -52.16
CA ALA G 297 -11.22 -4.90 -52.71
C ALA G 297 -11.76 -5.24 -54.09
N ILE G 298 -10.95 -5.85 -54.95
CA ILE G 298 -11.42 -6.02 -56.32
C ILE G 298 -12.53 -7.05 -56.40
N GLN G 299 -12.50 -8.09 -55.56
CA GLN G 299 -13.50 -9.14 -55.64
C GLN G 299 -14.79 -8.80 -54.89
N LEU G 300 -15.09 -7.52 -54.69
CA LEU G 300 -16.37 -7.11 -54.13
C LEU G 300 -16.51 -7.54 -52.67
N GLU G 301 -15.70 -6.97 -51.79
CA GLU G 301 -15.70 -7.35 -50.38
C GLU G 301 -15.17 -6.18 -49.55
N TYR G 302 -15.67 -4.98 -49.83
CA TYR G 302 -15.08 -3.79 -49.23
C TYR G 302 -14.97 -3.91 -47.72
N SER G 303 -15.80 -4.77 -47.13
CA SER G 303 -15.80 -5.07 -45.69
C SER G 303 -14.40 -5.27 -45.14
N GLU G 304 -13.79 -6.45 -45.40
CA GLU G 304 -12.46 -6.72 -44.88
C GLU G 304 -11.47 -5.65 -45.30
N ALA G 305 -11.59 -5.18 -46.54
CA ALA G 305 -10.60 -4.28 -47.10
C ALA G 305 -10.41 -3.07 -46.21
N ARG G 306 -11.49 -2.32 -45.96
CA ARG G 306 -11.33 -1.08 -45.20
C ARG G 306 -10.62 -1.28 -43.87
N ARG G 307 -10.60 -2.52 -43.34
CA ARG G 307 -9.92 -2.80 -42.08
C ARG G 307 -8.48 -3.24 -42.28
N THR G 308 -8.15 -3.85 -43.42
CA THR G 308 -6.76 -4.17 -43.68
C THR G 308 -6.00 -2.96 -44.22
N MET G 309 -6.54 -2.34 -45.28
CA MET G 309 -6.06 -1.07 -45.82
C MET G 309 -5.53 -0.15 -44.72
N THR G 310 -6.34 0.03 -43.69
CA THR G 310 -6.01 0.99 -42.64
C THR G 310 -4.82 0.50 -41.82
N ASN G 311 -4.86 -0.75 -41.35
CA ASN G 311 -3.70 -1.30 -40.67
C ASN G 311 -2.43 -1.07 -41.48
N ALA G 312 -2.55 -1.18 -42.81
CA ALA G 312 -1.39 -0.95 -43.68
C ALA G 312 -0.86 0.46 -43.51
N LEU G 313 -1.72 1.45 -43.78
CA LEU G 313 -1.27 2.84 -43.64
C LEU G 313 -0.51 3.08 -42.33
N ARG G 314 -0.88 2.38 -41.26
CA ARG G 314 -0.34 2.65 -39.93
C ARG G 314 0.84 1.76 -39.56
N LYS G 315 1.40 1.03 -40.52
CA LYS G 315 2.64 0.30 -40.28
C LYS G 315 3.80 0.81 -41.12
N ALA G 316 3.53 1.53 -42.20
CA ALA G 316 4.60 2.14 -42.96
C ALA G 316 5.39 3.07 -42.04
N PRO G 317 6.72 3.12 -42.17
CA PRO G 317 7.51 3.93 -41.23
C PRO G 317 6.98 5.36 -41.14
N GLN G 318 7.08 5.94 -39.94
CA GLN G 318 6.34 7.15 -39.63
C GLN G 318 6.90 8.36 -40.37
N HIS G 319 8.14 8.73 -40.04
CA HIS G 319 8.69 10.00 -40.51
C HIS G 319 8.63 10.11 -42.03
N THR G 320 8.96 9.04 -42.75
CA THR G 320 8.93 9.05 -44.21
C THR G 320 8.58 7.66 -44.72
N ALA G 321 8.21 7.63 -46.00
CA ALA G 321 7.59 6.48 -46.67
C ALA G 321 6.79 6.98 -47.85
N VAL G 322 7.24 8.09 -48.43
CA VAL G 322 6.38 9.03 -49.15
C VAL G 322 5.42 8.31 -50.08
N GLY G 323 5.95 7.57 -51.05
CA GLY G 323 5.10 7.00 -52.09
C GLY G 323 4.11 5.99 -51.56
N PHE G 324 4.60 4.99 -50.82
CA PHE G 324 3.74 3.93 -50.31
C PHE G 324 2.50 4.51 -49.63
N LYS G 325 2.69 5.39 -48.65
CA LYS G 325 1.56 6.06 -48.02
C LYS G 325 0.74 6.81 -49.07
N GLN G 326 1.40 7.53 -49.97
CA GLN G 326 0.70 8.36 -50.95
C GLN G 326 -0.25 7.55 -51.81
N THR G 327 0.04 6.26 -52.03
CA THR G 327 -0.85 5.43 -52.84
C THR G 327 -1.92 4.74 -51.99
N VAL G 328 -1.52 4.17 -50.84
CA VAL G 328 -2.54 3.52 -50.01
C VAL G 328 -3.65 4.50 -49.71
N HIS G 329 -3.36 5.80 -49.67
CA HIS G 329 -4.44 6.76 -49.53
C HIS G 329 -5.37 6.72 -50.72
N LYS G 330 -4.82 6.85 -51.93
CA LYS G 330 -5.65 6.84 -53.13
C LYS G 330 -6.56 5.62 -53.17
N LEU G 331 -6.20 4.54 -52.46
CA LEU G 331 -7.12 3.39 -52.42
C LEU G 331 -8.07 3.44 -51.23
N LEU G 332 -7.56 3.74 -50.03
CA LEU G 332 -8.39 3.83 -48.83
C LEU G 332 -9.57 4.78 -49.06
N ILE G 333 -9.29 5.93 -49.66
CA ILE G 333 -10.31 6.94 -49.92
C ILE G 333 -11.45 6.35 -50.75
N VAL G 334 -11.14 5.42 -51.65
CA VAL G 334 -12.17 4.85 -52.50
C VAL G 334 -12.84 3.64 -51.85
N VAL G 335 -12.13 2.89 -51.00
CA VAL G 335 -12.77 1.74 -50.37
C VAL G 335 -13.80 2.20 -49.34
N GLU G 336 -13.54 3.32 -48.66
CA GLU G 336 -14.58 3.83 -47.77
C GLU G 336 -15.80 4.29 -48.55
N LEU G 337 -15.59 5.08 -49.62
CA LEU G 337 -16.69 5.52 -50.47
C LEU G 337 -17.51 4.34 -50.95
N LEU G 338 -16.84 3.40 -51.61
CA LEU G 338 -17.50 2.18 -52.07
C LEU G 338 -18.28 1.52 -50.93
N LEU G 339 -17.63 1.36 -49.78
CA LEU G 339 -18.28 0.74 -48.62
C LEU G 339 -19.58 1.42 -48.25
N GLY G 340 -19.65 2.75 -48.44
CA GLY G 340 -20.84 3.49 -48.08
C GLY G 340 -20.57 4.46 -46.93
N GLU G 341 -19.32 4.91 -46.78
CA GLU G 341 -18.94 5.80 -45.71
C GLU G 341 -18.04 6.91 -46.23
N ILE G 342 -18.19 8.09 -45.66
CA ILE G 342 -17.41 9.26 -46.08
C ILE G 342 -16.03 9.18 -45.45
N PRO G 343 -14.96 9.51 -46.17
CA PRO G 343 -13.64 9.54 -45.56
C PRO G 343 -13.41 10.83 -44.81
N ASP G 344 -12.59 10.74 -43.76
CA ASP G 344 -12.32 11.90 -42.93
C ASP G 344 -11.47 12.93 -43.69
N ARG G 345 -11.61 14.18 -43.29
CA ARG G 345 -11.04 15.29 -44.03
C ARG G 345 -9.52 15.35 -43.88
N LEU G 346 -8.99 14.86 -42.76
CA LEU G 346 -7.56 14.95 -42.51
C LEU G 346 -6.72 14.25 -43.57
N GLN G 347 -7.29 13.26 -44.26
CA GLN G 347 -6.58 12.57 -45.34
C GLN G 347 -6.25 13.48 -46.51
N PHE G 348 -6.87 14.65 -46.58
CA PHE G 348 -6.61 15.58 -47.67
C PHE G 348 -5.91 16.83 -47.18
N ARG G 349 -5.65 16.93 -45.88
CA ARG G 349 -4.85 18.00 -45.31
C ARG G 349 -3.55 17.36 -44.82
N GLN G 350 -2.62 17.19 -45.74
CA GLN G 350 -1.34 16.60 -45.41
C GLN G 350 -0.26 17.27 -46.22
N PRO G 351 0.96 17.37 -45.67
CA PRO G 351 2.05 18.12 -46.32
C PRO G 351 2.17 17.93 -47.84
N SER G 352 3.00 16.99 -48.30
CA SER G 352 3.33 16.91 -49.72
C SER G 352 2.29 16.11 -50.50
N LEU G 353 1.76 15.03 -49.92
CA LEU G 353 0.85 14.14 -50.64
C LEU G 353 -0.57 14.72 -50.80
N LYS G 354 -0.77 16.01 -50.58
CA LYS G 354 -2.05 16.64 -50.90
C LYS G 354 -2.16 16.98 -52.38
N ARG G 355 -1.05 17.01 -53.10
CA ARG G 355 -1.09 17.30 -54.53
C ARG G 355 -1.51 16.09 -55.36
N SER G 356 -1.36 14.88 -54.82
CA SER G 356 -1.72 13.66 -55.52
C SER G 356 -3.17 13.25 -55.31
N LEU G 357 -3.82 13.73 -54.25
CA LEU G 357 -5.20 13.36 -53.95
C LEU G 357 -6.21 14.31 -54.58
N MET G 358 -5.78 15.43 -55.13
CA MET G 358 -6.71 16.49 -55.55
C MET G 358 -7.87 16.00 -56.42
N PRO G 359 -7.68 15.10 -57.39
CA PRO G 359 -8.84 14.60 -58.14
C PRO G 359 -9.86 13.89 -57.27
N TYR G 360 -9.38 12.98 -56.42
CA TYR G 360 -10.27 12.26 -55.51
C TYR G 360 -11.17 13.22 -54.73
N PHE G 361 -10.60 14.35 -54.28
CA PHE G 361 -11.37 15.32 -53.50
C PHE G 361 -12.68 15.66 -54.20
N LEU G 362 -12.64 15.78 -55.52
CA LEU G 362 -13.84 16.05 -56.30
C LEU G 362 -14.61 14.80 -56.64
N LEU G 363 -14.03 13.61 -56.46
CA LEU G 363 -14.91 12.43 -56.38
C LEU G 363 -15.77 12.48 -55.13
N THR G 364 -15.19 12.85 -53.99
CA THR G 364 -15.96 12.87 -52.74
C THR G 364 -16.98 14.00 -52.74
N GLN G 365 -16.62 15.17 -53.27
CA GLN G 365 -17.59 16.24 -53.47
C GLN G 365 -18.89 15.70 -54.07
N ALA G 366 -18.77 14.80 -55.04
CA ALA G 366 -19.94 14.28 -55.75
C ALA G 366 -20.57 13.11 -54.99
N VAL G 367 -19.76 12.20 -54.46
CA VAL G 367 -20.31 11.02 -53.83
C VAL G 367 -21.11 11.42 -52.59
N ARG G 368 -20.51 12.25 -51.72
CA ARG G 368 -21.19 12.59 -50.47
C ARG G 368 -22.51 13.30 -50.73
N THR G 369 -22.53 14.25 -51.67
CA THR G 369 -23.73 15.07 -51.87
C THR G 369 -24.91 14.22 -52.32
N GLY G 370 -24.72 13.38 -53.33
CA GLY G 370 -25.77 12.49 -53.78
C GLY G 370 -26.53 12.99 -54.99
N ASN G 371 -25.88 12.99 -56.15
CA ASN G 371 -26.55 13.20 -57.43
C ASN G 371 -25.63 12.71 -58.54
N LEU G 372 -26.24 12.17 -59.60
CA LEU G 372 -25.46 11.55 -60.67
C LEU G 372 -24.77 12.58 -61.56
N ALA G 373 -25.39 13.74 -61.73
CA ALA G 373 -24.88 14.77 -62.64
C ALA G 373 -23.40 15.07 -62.35
N LYS G 374 -23.12 15.50 -61.12
CA LYS G 374 -21.77 15.91 -60.76
C LYS G 374 -20.79 14.74 -60.83
N PHE G 375 -21.25 13.53 -60.55
CA PHE G 375 -20.36 12.37 -60.64
C PHE G 375 -19.90 12.14 -62.07
N ASN G 376 -20.82 12.25 -63.03
CA ASN G 376 -20.41 12.10 -64.43
C ASN G 376 -19.44 13.20 -64.84
N GLN G 377 -19.74 14.46 -64.50
CA GLN G 377 -18.85 15.55 -64.91
C GLN G 377 -17.44 15.36 -64.34
N VAL G 378 -17.33 15.01 -63.05
CA VAL G 378 -16.02 14.95 -62.42
C VAL G 378 -15.25 13.72 -62.88
N LEU G 379 -15.93 12.56 -62.99
CA LEU G 379 -15.24 11.39 -63.53
C LEU G 379 -15.03 11.51 -65.04
N ASP G 380 -15.49 12.59 -65.66
CA ASP G 380 -15.20 12.88 -67.05
C ASP G 380 -13.94 13.71 -67.22
N GLN G 381 -13.83 14.85 -66.52
CA GLN G 381 -12.63 15.68 -66.66
C GLN G 381 -11.36 14.89 -66.28
N PHE G 382 -11.37 14.29 -65.10
CA PHE G 382 -10.17 13.68 -64.52
C PHE G 382 -10.04 12.19 -64.82
N GLY G 383 -10.95 11.61 -65.62
CA GLY G 383 -10.89 10.17 -65.87
C GLY G 383 -9.53 9.71 -66.38
N GLU G 384 -8.88 10.53 -67.21
CA GLU G 384 -7.57 10.19 -67.73
C GLU G 384 -6.59 9.86 -66.62
N LYS G 385 -6.60 10.66 -65.54
CA LYS G 385 -5.65 10.46 -64.47
C LYS G 385 -6.02 9.28 -63.58
N PHE G 386 -7.31 9.11 -63.28
CA PHE G 386 -7.76 7.92 -62.55
C PHE G 386 -7.28 6.67 -63.25
N GLN G 387 -7.31 6.67 -64.60
CA GLN G 387 -6.78 5.56 -65.37
C GLN G 387 -5.23 5.47 -65.32
N ALA G 388 -4.57 6.26 -64.46
CA ALA G 388 -3.13 6.15 -64.28
C ALA G 388 -2.73 4.91 -63.50
N ASP G 389 -3.67 4.28 -62.79
CA ASP G 389 -3.43 3.00 -62.13
C ASP G 389 -4.64 2.10 -62.39
N GLY G 390 -4.65 0.92 -61.76
CA GLY G 390 -5.76 -0.01 -61.90
C GLY G 390 -6.92 0.29 -60.97
N THR G 391 -7.00 1.54 -60.50
CA THR G 391 -8.10 1.97 -59.64
C THR G 391 -9.38 2.21 -60.44
N TYR G 392 -9.26 2.68 -61.68
CA TYR G 392 -10.42 3.04 -62.49
C TYR G 392 -11.46 1.94 -62.56
N THR G 393 -11.09 0.70 -62.30
CA THR G 393 -12.07 -0.37 -62.28
C THR G 393 -12.97 -0.26 -61.06
N LEU G 394 -12.41 0.18 -59.94
CA LEU G 394 -13.20 0.35 -58.73
C LEU G 394 -14.10 1.57 -58.81
N ILE G 395 -13.60 2.65 -59.42
CA ILE G 395 -14.29 3.94 -59.38
C ILE G 395 -15.66 3.83 -60.05
N ILE G 396 -15.71 3.33 -61.29
CA ILE G 396 -16.97 3.31 -62.04
C ILE G 396 -18.09 2.68 -61.23
N ARG G 397 -17.74 1.82 -60.26
CA ARG G 397 -18.76 1.18 -59.45
C ARG G 397 -19.52 2.16 -58.55
N LEU G 398 -18.94 3.33 -58.26
CA LEU G 398 -19.54 4.21 -57.26
C LEU G 398 -20.92 4.73 -57.67
N ARG G 399 -21.27 4.63 -58.95
CA ARG G 399 -22.59 5.05 -59.39
C ARG G 399 -23.69 4.38 -58.56
N HIS G 400 -23.42 3.20 -58.02
CA HIS G 400 -24.40 2.56 -57.14
C HIS G 400 -24.56 3.37 -55.86
N ASN G 401 -23.45 3.89 -55.33
CA ASN G 401 -23.47 4.49 -54.01
C ASN G 401 -23.88 5.95 -54.01
N VAL G 402 -23.57 6.70 -55.07
CA VAL G 402 -24.03 8.08 -55.09
C VAL G 402 -25.56 8.11 -55.05
N ILE G 403 -26.21 7.12 -55.63
CA ILE G 403 -27.68 7.07 -55.60
C ILE G 403 -28.17 6.43 -54.31
N LYS G 404 -27.45 5.42 -53.80
CA LYS G 404 -27.78 4.89 -52.48
C LYS G 404 -27.84 6.02 -51.44
N THR G 405 -26.84 6.90 -51.45
CA THR G 405 -26.80 8.00 -50.48
C THR G 405 -27.78 9.11 -50.83
N GLY G 406 -27.81 9.54 -52.09
CA GLY G 406 -28.80 10.53 -52.46
C GLY G 406 -30.17 10.17 -51.92
N VAL G 407 -30.52 8.88 -52.00
CA VAL G 407 -31.88 8.47 -51.67
C VAL G 407 -32.06 8.24 -50.17
N ARG G 408 -31.06 7.64 -49.51
CA ARG G 408 -31.12 7.54 -48.04
C ARG G 408 -31.05 8.92 -47.39
N MET G 409 -30.56 9.92 -48.12
CA MET G 409 -30.54 11.31 -47.67
C MET G 409 -31.91 11.95 -47.84
N ILE G 410 -32.57 11.69 -48.96
CA ILE G 410 -33.94 12.16 -49.13
C ILE G 410 -34.85 11.54 -48.08
N SER G 411 -34.62 10.28 -47.71
CA SER G 411 -35.48 9.65 -46.72
C SER G 411 -35.36 10.33 -45.36
N LEU G 412 -34.16 10.75 -44.98
CA LEU G 412 -33.96 11.42 -43.70
C LEU G 412 -34.22 12.92 -43.76
N SER G 413 -34.37 13.49 -44.95
CA SER G 413 -34.76 14.89 -45.06
C SER G 413 -36.27 15.07 -44.99
N TYR G 414 -37.01 14.16 -45.61
CA TYR G 414 -38.43 14.30 -45.82
C TYR G 414 -39.20 13.28 -44.98
N SER G 415 -40.53 13.33 -45.09
CA SER G 415 -41.43 12.30 -44.57
C SER G 415 -42.24 11.64 -45.67
N ARG G 416 -42.64 12.40 -46.69
CA ARG G 416 -43.23 11.87 -47.90
C ARG G 416 -42.91 12.81 -49.05
N ILE G 417 -42.70 12.27 -50.25
CA ILE G 417 -42.52 13.13 -51.41
C ILE G 417 -42.95 12.36 -52.67
N SER G 418 -43.21 13.12 -53.73
CA SER G 418 -43.63 12.57 -55.00
C SER G 418 -42.43 12.11 -55.83
N LEU G 419 -42.65 11.08 -56.63
CA LEU G 419 -41.56 10.53 -57.44
C LEU G 419 -41.07 11.54 -58.47
N ALA G 420 -41.96 12.39 -58.97
CA ALA G 420 -41.58 13.42 -59.94
C ALA G 420 -40.45 14.29 -59.38
N ASP G 421 -40.46 14.56 -58.08
CA ASP G 421 -39.42 15.39 -57.48
C ASP G 421 -38.18 14.56 -57.14
N ILE G 422 -38.37 13.32 -56.65
CA ILE G 422 -37.24 12.45 -56.37
C ILE G 422 -36.34 12.35 -57.59
N ALA G 423 -36.94 12.27 -58.78
CA ALA G 423 -36.12 12.24 -59.99
C ALA G 423 -35.41 13.57 -60.24
N GLN G 424 -35.94 14.67 -59.73
CA GLN G 424 -35.36 15.99 -60.00
C GLN G 424 -34.20 16.30 -59.06
N LYS G 425 -34.25 15.84 -57.81
CA LYS G 425 -33.13 16.06 -56.90
C LYS G 425 -31.97 15.11 -57.16
N LEU G 426 -32.24 13.89 -57.62
CA LEU G 426 -31.21 12.90 -57.84
C LEU G 426 -30.61 12.96 -59.23
N GLN G 427 -31.09 13.86 -60.09
CA GLN G 427 -30.63 13.90 -61.48
C GLN G 427 -30.72 12.52 -62.11
N LEU G 428 -31.82 11.84 -61.82
CA LEU G 428 -32.05 10.47 -62.26
C LEU G 428 -32.52 10.48 -63.71
N ASP G 429 -33.37 9.51 -64.09
CA ASP G 429 -33.87 9.41 -65.46
C ASP G 429 -35.30 9.91 -65.54
N SER G 430 -36.27 9.02 -65.41
CA SER G 430 -37.68 9.33 -65.48
C SER G 430 -38.29 9.24 -64.09
N PRO G 431 -39.56 9.63 -63.94
CA PRO G 431 -40.33 9.15 -62.78
C PRO G 431 -40.60 7.66 -62.85
N GLU G 432 -40.41 7.04 -64.01
CA GLU G 432 -40.42 5.59 -64.12
C GLU G 432 -39.22 4.98 -63.40
N ASP G 433 -38.04 5.53 -63.64
CA ASP G 433 -36.82 4.99 -63.03
C ASP G 433 -36.86 5.10 -61.50
N ALA G 434 -37.31 6.25 -61.01
CA ALA G 434 -37.28 6.51 -59.57
C ALA G 434 -37.95 5.38 -58.79
N GLU G 435 -39.20 5.04 -59.15
CA GLU G 435 -39.96 4.10 -58.34
C GLU G 435 -39.22 2.78 -58.20
N PHE G 436 -38.58 2.32 -59.27
CA PHE G 436 -37.79 1.09 -59.17
C PHE G 436 -36.58 1.28 -58.26
N ILE G 437 -35.89 2.41 -58.37
CA ILE G 437 -34.70 2.64 -57.54
C ILE G 437 -35.07 2.61 -56.06
N VAL G 438 -36.02 3.44 -55.66
CA VAL G 438 -36.48 3.45 -54.27
C VAL G 438 -36.85 2.04 -53.83
N ALA G 439 -37.71 1.37 -54.61
CA ALA G 439 -38.12 0.01 -54.26
C ALA G 439 -36.92 -0.85 -53.90
N LYS G 440 -35.91 -0.89 -54.79
CA LYS G 440 -34.71 -1.65 -54.52
C LYS G 440 -34.14 -1.28 -53.16
N ALA G 441 -33.95 0.01 -52.91
CA ALA G 441 -33.48 0.45 -51.61
C ALA G 441 -34.25 -0.26 -50.51
N ILE G 442 -35.59 -0.15 -50.53
CA ILE G 442 -36.39 -0.77 -49.47
C ILE G 442 -35.97 -2.22 -49.28
N ARG G 443 -36.11 -3.05 -50.31
CA ARG G 443 -35.84 -4.47 -50.12
C ARG G 443 -34.44 -4.70 -49.56
N ASP G 444 -33.54 -3.74 -49.70
CA ASP G 444 -32.23 -3.86 -49.08
C ASP G 444 -32.14 -3.10 -47.75
N GLY G 445 -33.27 -2.98 -47.04
CA GLY G 445 -33.31 -2.32 -45.75
C GLY G 445 -32.35 -1.16 -45.61
N VAL G 446 -32.43 -0.20 -46.53
CA VAL G 446 -31.49 0.91 -46.56
C VAL G 446 -32.27 2.21 -46.65
N ILE G 447 -33.50 2.22 -46.11
CA ILE G 447 -34.34 3.40 -46.27
C ILE G 447 -35.64 3.32 -45.45
N GLU G 448 -36.06 2.10 -45.09
CA GLU G 448 -37.27 1.84 -44.30
C GLU G 448 -38.41 2.81 -44.58
N ALA G 449 -39.12 2.61 -45.69
CA ALA G 449 -40.26 3.44 -46.04
C ALA G 449 -41.36 2.57 -46.63
N SER G 450 -42.19 3.14 -47.50
CA SER G 450 -43.26 2.44 -48.18
C SER G 450 -43.68 3.31 -49.35
N ILE G 451 -44.40 2.72 -50.31
CA ILE G 451 -44.79 3.43 -51.51
C ILE G 451 -46.29 3.31 -51.69
N ASN G 452 -46.96 4.43 -51.97
CA ASN G 452 -48.32 4.39 -52.50
C ASN G 452 -48.25 4.81 -53.95
N HIS G 453 -48.56 3.85 -54.84
CA HIS G 453 -48.40 4.01 -56.28
C HIS G 453 -49.64 4.59 -56.96
N GLU G 454 -50.82 4.34 -56.41
CA GLU G 454 -52.04 4.90 -56.97
C GLU G 454 -52.13 6.41 -56.74
N LYS G 455 -51.22 6.98 -55.94
CA LYS G 455 -51.12 8.42 -55.75
C LYS G 455 -49.74 8.97 -56.07
N GLY G 456 -48.70 8.12 -56.10
CA GLY G 456 -47.42 8.51 -56.64
C GLY G 456 -46.42 9.04 -55.65
N TYR G 457 -46.46 8.61 -54.38
CA TYR G 457 -45.53 9.16 -53.42
C TYR G 457 -44.92 8.06 -52.56
N VAL G 458 -43.64 8.29 -52.19
CA VAL G 458 -42.95 7.44 -51.23
C VAL G 458 -43.06 8.09 -49.86
N GLN G 459 -43.22 7.25 -48.84
CA GLN G 459 -43.61 7.64 -47.49
C GLN G 459 -42.71 6.97 -46.48
N SER G 460 -42.10 7.75 -45.60
CA SER G 460 -41.15 7.21 -44.64
C SER G 460 -41.87 6.66 -43.42
N LYS G 461 -41.34 5.55 -42.89
CA LYS G 461 -41.86 4.95 -41.67
C LYS G 461 -41.00 5.24 -40.46
N GLU G 462 -40.12 6.24 -40.56
CA GLU G 462 -39.11 6.48 -39.53
C GLU G 462 -39.76 6.96 -38.25
N MET G 463 -39.44 6.27 -37.15
CA MET G 463 -39.93 6.64 -35.84
C MET G 463 -39.30 5.78 -34.76
N ILE G 464 -38.01 5.48 -34.90
CA ILE G 464 -37.27 4.74 -33.89
C ILE G 464 -36.33 5.71 -33.17
N ASP G 465 -36.08 5.44 -31.88
CA ASP G 465 -35.24 6.28 -31.05
C ASP G 465 -33.88 5.63 -30.78
N ILE G 466 -33.37 4.90 -31.76
CA ILE G 466 -32.09 4.20 -31.74
C ILE G 466 -31.82 3.37 -30.48
N TYR G 467 -32.28 3.81 -29.31
CA TYR G 467 -31.96 3.12 -28.07
C TYR G 467 -32.76 1.85 -27.87
N SER G 468 -33.96 1.75 -28.44
CA SER G 468 -34.63 0.47 -28.44
C SER G 468 -33.89 -0.55 -29.30
N THR G 469 -33.03 -0.09 -30.20
CA THR G 469 -32.15 -1.00 -30.93
C THR G 469 -31.11 -1.58 -29.97
N ARG G 470 -30.48 -2.67 -30.40
CA ARG G 470 -29.25 -3.08 -29.75
C ARG G 470 -28.07 -2.24 -30.22
N GLU G 471 -28.17 -1.74 -31.45
CA GLU G 471 -27.14 -1.00 -32.15
C GLU G 471 -26.13 -0.36 -31.20
N PRO G 472 -26.52 0.55 -30.31
CA PRO G 472 -25.51 1.15 -29.42
C PRO G 472 -24.74 0.13 -28.60
N GLN G 473 -25.41 -0.93 -28.11
CA GLN G 473 -24.70 -1.94 -27.35
C GLN G 473 -23.77 -2.77 -28.24
N LEU G 474 -24.13 -2.97 -29.51
CA LEU G 474 -23.23 -3.64 -30.43
C LEU G 474 -22.01 -2.77 -30.71
N ALA G 475 -22.23 -1.47 -30.90
CA ALA G 475 -21.13 -0.54 -31.14
C ALA G 475 -20.16 -0.53 -29.98
N PHE G 476 -20.68 -0.50 -28.74
CA PHE G 476 -19.80 -0.56 -27.58
C PHE G 476 -19.09 -1.90 -27.49
N HIS G 477 -19.83 -3.00 -27.64
CA HIS G 477 -19.18 -4.31 -27.67
C HIS G 477 -18.03 -4.35 -28.66
N GLN G 478 -18.10 -3.52 -29.71
CA GLN G 478 -16.96 -3.39 -30.59
C GLN G 478 -15.84 -2.58 -29.93
N ARG G 479 -16.18 -1.38 -29.46
CA ARG G 479 -15.20 -0.47 -28.89
C ARG G 479 -14.34 -1.17 -27.84
N ILE G 480 -14.97 -1.76 -26.83
CA ILE G 480 -14.20 -2.21 -25.66
C ILE G 480 -13.42 -3.48 -25.93
N SER G 481 -13.82 -4.28 -26.91
CA SER G 481 -12.99 -5.40 -27.33
C SER G 481 -11.69 -4.88 -27.93
N PHE G 482 -11.80 -3.99 -28.93
CA PHE G 482 -10.62 -3.33 -29.47
C PHE G 482 -9.75 -2.76 -28.33
N CYS G 483 -10.33 -1.79 -27.63
CA CYS G 483 -9.65 -1.09 -26.55
C CYS G 483 -8.96 -2.06 -25.60
N LEU G 484 -9.72 -2.99 -25.03
CA LEU G 484 -9.17 -3.93 -24.05
C LEU G 484 -8.02 -4.73 -24.66
N ASP G 485 -8.17 -5.17 -25.90
CA ASP G 485 -7.09 -5.91 -26.53
C ASP G 485 -5.78 -5.13 -26.46
N ILE G 486 -5.86 -3.79 -26.63
CA ILE G 486 -4.64 -2.99 -26.46
C ILE G 486 -4.02 -3.15 -25.07
N HIS G 487 -4.83 -3.48 -24.06
CA HIS G 487 -4.40 -3.53 -22.66
C HIS G 487 -3.81 -4.88 -22.28
N ASN G 488 -4.29 -5.98 -22.84
CA ASN G 488 -3.50 -7.21 -22.66
C ASN G 488 -2.25 -7.18 -23.52
N MET G 489 -2.38 -6.60 -24.71
CA MET G 489 -1.27 -6.60 -25.66
C MET G 489 -0.07 -5.84 -25.12
N SER G 490 -0.28 -4.60 -24.68
CA SER G 490 0.87 -3.76 -24.35
C SER G 490 1.49 -4.11 -22.99
N VAL G 491 0.79 -4.81 -22.11
CA VAL G 491 1.49 -5.40 -20.97
C VAL G 491 2.30 -6.60 -21.42
N LYS G 492 1.72 -7.41 -22.32
CA LYS G 492 2.41 -8.58 -22.83
C LYS G 492 3.70 -8.23 -23.58
N ALA G 493 3.83 -7.01 -24.11
CA ALA G 493 5.10 -6.54 -24.65
C ALA G 493 5.91 -5.71 -23.64
N MET G 494 5.25 -5.05 -22.70
CA MET G 494 5.97 -4.43 -21.60
C MET G 494 6.82 -5.44 -20.84
N ARG G 495 6.50 -6.73 -20.94
CA ARG G 495 7.23 -7.75 -20.19
C ARG G 495 8.75 -7.71 -20.37
N PHE G 496 9.26 -7.15 -21.48
CA PHE G 496 10.67 -7.37 -21.82
C PHE G 496 11.62 -6.40 -21.10
N PRO G 497 11.24 -5.14 -20.96
CA PRO G 497 12.05 -4.21 -20.17
C PRO G 497 12.32 -4.73 -18.76
N PRO G 498 11.29 -5.19 -18.02
CA PRO G 498 11.60 -5.82 -16.72
C PRO G 498 12.59 -6.97 -16.84
N LYS G 499 12.60 -7.67 -17.98
CA LYS G 499 13.46 -8.84 -18.15
C LYS G 499 14.93 -8.46 -18.23
N SER G 500 15.26 -7.35 -18.91
CA SER G 500 16.66 -6.94 -18.91
C SER G 500 17.14 -6.58 -17.50
N TYR G 501 16.26 -6.03 -16.66
CA TYR G 501 16.63 -5.70 -15.29
C TYR G 501 16.82 -6.96 -14.46
N ASN G 502 15.92 -7.94 -14.62
CA ASN G 502 16.14 -9.22 -13.95
C ASN G 502 17.46 -9.84 -14.39
N LYS G 503 17.88 -9.60 -15.63
CA LYS G 503 19.23 -9.99 -16.02
C LYS G 503 20.26 -9.33 -15.10
N ASP G 504 19.94 -8.16 -14.56
CA ASP G 504 20.76 -7.58 -13.49
C ASP G 504 20.36 -8.20 -12.16
N LEU G 505 21.33 -8.39 -11.27
CA LEU G 505 21.12 -9.16 -10.06
C LEU G 505 19.99 -8.57 -9.22
N GLU G 506 19.16 -9.47 -8.68
CA GLU G 506 18.12 -9.11 -7.72
C GLU G 506 18.24 -9.95 -6.45
N SER G 507 19.44 -10.50 -6.21
CA SER G 507 19.84 -11.08 -4.93
C SER G 507 21.17 -10.49 -4.48
N ALA G 508 21.56 -9.34 -5.04
CA ALA G 508 22.89 -8.77 -4.85
C ALA G 508 23.04 -8.19 -3.45
N GLU G 509 24.20 -7.59 -3.19
CA GLU G 509 24.56 -7.08 -1.88
C GLU G 509 24.38 -8.18 -0.82
N GLU G 510 25.12 -9.27 -1.02
CA GLU G 510 25.15 -10.35 -0.04
C GLU G 510 26.04 -10.01 1.15
N ARG G 511 26.99 -9.10 0.98
CA ARG G 511 27.87 -8.68 2.07
C ARG G 511 27.15 -7.77 3.06
N ARG G 512 26.16 -7.01 2.59
CA ARG G 512 25.28 -6.28 3.50
C ARG G 512 24.51 -7.25 4.41
N GLU G 513 23.89 -8.27 3.81
CA GLU G 513 23.13 -9.26 4.58
C GLU G 513 24.04 -10.04 5.53
N ARG G 514 25.26 -10.36 5.09
CA ARG G 514 26.21 -11.03 5.97
C ARG G 514 26.68 -10.13 7.11
N GLU G 515 26.79 -8.82 6.86
CA GLU G 515 27.10 -7.88 7.92
C GLU G 515 25.95 -7.79 8.92
N GLN G 516 24.71 -7.77 8.43
CA GLN G 516 23.57 -7.82 9.34
C GLN G 516 23.59 -9.10 10.19
N GLN G 517 23.86 -10.25 9.56
CA GLN G 517 23.94 -11.49 10.32
C GLN G 517 25.02 -11.42 11.39
N ASP G 518 26.14 -10.75 11.09
CA ASP G 518 27.17 -10.55 12.12
C ASP G 518 26.78 -9.49 13.15
N LEU G 519 25.73 -8.71 12.89
CA LEU G 519 25.16 -7.82 13.90
C LEU G 519 24.09 -8.50 14.76
N GLU G 520 23.51 -9.60 14.30
CA GLU G 520 22.51 -10.30 15.11
C GLU G 520 23.13 -11.24 16.14
N PHE G 521 24.40 -11.60 15.97
CA PHE G 521 25.12 -12.33 17.01
C PHE G 521 25.64 -11.39 18.09
N ALA G 522 25.94 -10.13 17.73
CA ALA G 522 26.23 -9.11 18.72
C ALA G 522 24.97 -8.58 19.40
N LYS G 523 23.84 -8.60 18.69
CA LYS G 523 22.56 -8.17 19.26
C LYS G 523 21.97 -9.22 20.19
N GLU G 524 21.95 -10.49 19.75
CA GLU G 524 21.50 -11.58 20.62
C GLU G 524 22.15 -11.47 22.00
N MET G 525 23.48 -11.38 22.03
CA MET G 525 24.20 -11.31 23.29
C MET G 525 24.11 -9.93 23.94
N ALA G 526 23.85 -8.87 23.16
CA ALA G 526 23.53 -7.58 23.76
C ALA G 526 22.27 -7.69 24.63
N GLU G 527 21.31 -8.51 24.23
CA GLU G 527 20.09 -8.69 25.01
C GLU G 527 20.23 -9.72 26.14
N ASP G 528 21.14 -10.70 25.99
CA ASP G 528 21.48 -11.51 27.17
C ASP G 528 22.29 -10.73 28.21
N ASP G 529 22.96 -9.65 27.79
CA ASP G 529 23.68 -8.80 28.73
C ASP G 529 22.84 -7.63 29.24
N ASP G 530 21.75 -7.28 28.56
CA ASP G 530 20.78 -6.37 29.15
C ASP G 530 19.86 -7.10 30.11
N ASP G 531 19.51 -8.36 29.82
CA ASP G 531 18.86 -9.19 30.82
C ASP G 531 19.77 -9.39 32.04
N SER G 532 21.06 -9.62 31.82
CA SER G 532 22.04 -9.95 32.86
C SER G 532 21.79 -11.33 33.45
N PHE G 533 21.23 -12.24 32.67
CA PHE G 533 20.89 -13.58 33.12
C PHE G 533 21.62 -14.62 32.27
N PRO G 534 22.35 -15.57 32.88
CA PRO G 534 22.86 -16.73 32.15
C PRO G 534 21.82 -17.87 32.01
N MET H 1 -38.16 53.83 69.98
CA MET H 1 -37.82 54.61 68.76
C MET H 1 -38.66 54.13 67.58
N ALA H 2 -38.30 54.56 66.38
CA ALA H 2 -39.00 54.18 65.16
C ALA H 2 -38.13 53.19 64.39
N ASP H 3 -38.65 51.98 64.20
CA ASP H 3 -37.95 50.96 63.40
C ASP H 3 -36.58 50.64 64.02
N GLY H 4 -36.56 50.45 65.33
CA GLY H 4 -35.37 49.99 66.02
C GLY H 4 -35.59 48.62 66.64
N GLY H 5 -34.74 47.65 66.32
CA GLY H 5 -34.90 46.31 66.86
C GLY H 5 -35.04 46.29 68.37
N SER H 6 -34.39 47.24 69.05
CA SER H 6 -34.45 47.36 70.51
C SER H 6 -35.82 47.75 71.03
N GLU H 7 -36.80 47.98 70.15
CA GLU H 7 -38.19 48.10 70.60
C GLU H 7 -38.79 46.74 70.90
N ARG H 8 -38.38 45.70 70.15
CA ARG H 8 -38.82 44.34 70.45
C ARG H 8 -38.02 43.70 71.57
N ALA H 9 -36.82 44.22 71.86
CA ALA H 9 -36.01 43.69 72.96
C ALA H 9 -36.45 44.23 74.31
N ASP H 10 -36.90 45.49 74.38
CA ASP H 10 -37.47 46.00 75.62
C ASP H 10 -38.81 45.34 75.93
N GLY H 11 -39.65 45.17 74.92
CA GLY H 11 -40.92 44.48 75.06
C GLY H 11 -42.13 45.38 75.01
N ARG H 12 -42.08 46.41 74.15
CA ARG H 12 -43.17 47.37 74.01
C ARG H 12 -44.14 46.98 72.89
N ILE H 13 -44.24 45.70 72.56
CA ILE H 13 -45.20 45.23 71.56
C ILE H 13 -46.63 45.37 72.08
N VAL H 14 -46.88 44.76 73.24
CA VAL H 14 -48.23 44.71 73.81
C VAL H 14 -48.53 45.99 74.62
N LYS H 15 -47.57 46.44 75.42
CA LYS H 15 -47.74 47.65 76.22
C LYS H 15 -48.22 48.82 75.38
N MET H 16 -47.77 48.90 74.12
CA MET H 16 -48.24 49.93 73.22
C MET H 16 -49.67 49.66 72.77
N GLU H 17 -49.98 48.40 72.44
CA GLU H 17 -51.34 48.07 72.04
C GLU H 17 -52.36 48.32 73.14
N VAL H 18 -51.92 48.42 74.40
CA VAL H 18 -52.84 48.73 75.50
C VAL H 18 -52.79 50.22 75.81
N ASP H 19 -51.67 50.88 75.53
CA ASP H 19 -51.65 52.34 75.54
C ASP H 19 -52.22 52.94 74.25
N TYR H 20 -52.36 52.13 73.20
CA TYR H 20 -52.98 52.54 71.95
C TYR H 20 -54.39 51.98 71.77
N SER H 21 -54.85 51.14 72.70
CA SER H 21 -56.24 50.70 72.75
C SER H 21 -57.09 51.60 73.64
N ALA H 22 -56.47 52.25 74.65
CA ALA H 22 -57.15 53.27 75.43
C ALA H 22 -57.25 54.60 74.69
N THR H 23 -56.43 54.79 73.66
CA THR H 23 -56.42 56.01 72.84
C THR H 23 -57.40 55.90 71.67
N VAL H 24 -57.17 54.92 70.80
CA VAL H 24 -57.92 54.83 69.55
C VAL H 24 -59.39 54.52 69.82
N ASP H 25 -59.65 53.52 70.67
CA ASP H 25 -61.02 53.13 70.95
C ASP H 25 -61.82 54.26 71.57
N GLN H 26 -61.16 55.11 72.37
CA GLN H 26 -61.84 56.28 72.91
C GLN H 26 -62.06 57.35 71.85
N ARG H 27 -61.12 57.50 70.90
CA ARG H 27 -61.37 58.39 69.78
C ARG H 27 -62.59 57.96 68.99
N LEU H 28 -62.80 56.64 68.85
CA LEU H 28 -63.86 56.13 67.99
C LEU H 28 -65.22 56.75 68.24
N PRO H 29 -65.74 56.84 69.48
CA PRO H 29 -66.97 57.61 69.70
C PRO H 29 -66.76 59.12 69.63
N GLU H 30 -65.52 59.61 69.74
CA GLU H 30 -65.24 61.02 69.48
C GLU H 30 -65.23 61.34 67.99
N CYS H 31 -65.04 60.34 67.12
CA CYS H 31 -65.05 60.58 65.68
C CYS H 31 -66.46 60.73 65.13
N ALA H 32 -67.44 60.02 65.69
CA ALA H 32 -68.83 60.16 65.25
C ALA H 32 -69.43 61.51 65.62
N LYS H 33 -68.75 62.31 66.45
CA LYS H 33 -69.14 63.67 66.74
C LYS H 33 -68.15 64.72 66.21
N LEU H 34 -66.90 64.34 65.99
CA LEU H 34 -65.89 65.21 65.39
C LEU H 34 -65.95 65.23 63.87
N ALA H 35 -66.74 64.35 63.25
CA ALA H 35 -67.01 64.42 61.81
C ALA H 35 -68.17 65.33 61.46
N LYS H 36 -69.08 65.58 62.42
CA LYS H 36 -70.16 66.54 62.24
C LYS H 36 -69.70 67.98 62.40
N GLU H 37 -68.59 68.21 63.11
CA GLU H 37 -68.04 69.52 63.36
C GLU H 37 -66.92 69.88 62.39
N GLY H 38 -66.65 69.02 61.40
CA GLY H 38 -65.51 69.22 60.52
C GLY H 38 -64.19 69.14 61.23
N ARG H 39 -64.09 68.33 62.29
CA ARG H 39 -62.89 68.24 63.10
C ARG H 39 -62.28 66.83 63.10
N LEU H 40 -62.76 65.94 62.23
CA LEU H 40 -62.20 64.59 62.18
C LEU H 40 -60.73 64.60 61.83
N GLN H 41 -60.33 65.51 60.93
CA GLN H 41 -58.96 65.56 60.42
C GLN H 41 -57.95 65.84 61.52
N GLU H 42 -58.43 66.09 62.74
CA GLU H 42 -57.57 66.40 63.87
C GLU H 42 -57.34 65.21 64.80
N VAL H 43 -58.20 64.19 64.76
CA VAL H 43 -57.89 62.93 65.44
C VAL H 43 -57.09 61.98 64.57
N ILE H 44 -56.95 62.30 63.27
CA ILE H 44 -56.09 61.52 62.39
C ILE H 44 -54.64 61.98 62.53
N GLU H 45 -54.43 63.29 62.64
CA GLU H 45 -53.09 63.82 62.90
C GLU H 45 -52.56 63.34 64.25
N THR H 46 -53.45 63.09 65.21
CA THR H 46 -53.06 62.35 66.39
C THR H 46 -52.48 61.00 65.98
N LEU H 47 -53.28 60.18 65.28
CA LEU H 47 -52.83 58.88 64.81
C LEU H 47 -51.54 58.99 64.02
N LEU H 48 -51.52 59.88 63.03
CA LEU H 48 -50.32 60.05 62.21
C LEU H 48 -49.07 60.22 63.07
N SER H 49 -49.20 60.93 64.20
CA SER H 49 -48.03 61.12 65.06
C SER H 49 -47.77 59.88 65.91
N LEU H 50 -48.83 59.23 66.40
CA LEU H 50 -48.68 57.97 67.15
C LEU H 50 -47.85 56.97 66.38
N GLU H 51 -47.90 57.02 65.05
CA GLU H 51 -47.13 56.11 64.22
C GLU H 51 -45.68 56.04 64.65
N LYS H 52 -45.15 57.12 65.21
CA LYS H 52 -43.72 57.27 65.52
C LYS H 52 -43.06 55.95 65.91
N GLN H 53 -43.59 55.25 66.91
CA GLN H 53 -43.03 53.96 67.31
C GLN H 53 -43.39 52.93 66.25
N THR H 54 -42.38 52.29 65.65
CA THR H 54 -42.58 51.56 64.41
C THR H 54 -42.20 50.09 64.48
N ARG H 55 -41.04 49.75 65.04
CA ARG H 55 -40.55 48.38 64.91
C ARG H 55 -41.55 47.38 65.47
N THR H 56 -41.94 47.53 66.74
CA THR H 56 -42.94 46.66 67.35
C THR H 56 -44.35 46.98 66.88
N ALA H 57 -44.59 48.21 66.41
CA ALA H 57 -45.93 48.60 66.01
C ALA H 57 -46.40 47.77 64.81
N SER H 58 -45.50 47.47 63.88
CA SER H 58 -45.85 46.59 62.77
C SER H 58 -46.45 45.29 63.27
N ASP H 59 -45.68 44.55 64.08
CA ASP H 59 -46.12 43.29 64.65
C ASP H 59 -47.59 43.35 65.08
N MET H 60 -47.93 44.38 65.85
CA MET H 60 -49.15 44.37 66.65
C MET H 60 -49.91 45.67 66.47
N VAL H 61 -49.24 46.79 66.71
CA VAL H 61 -49.93 48.06 66.94
C VAL H 61 -50.16 48.77 65.61
N SER H 62 -49.09 49.29 64.99
CA SER H 62 -49.24 50.06 63.75
C SER H 62 -50.18 49.37 62.78
N THR H 63 -50.08 48.05 62.68
CA THR H 63 -51.05 47.26 61.93
C THR H 63 -52.46 47.77 62.24
N SER H 64 -52.92 47.52 63.47
CA SER H 64 -54.26 47.95 63.88
C SER H 64 -54.44 49.45 63.67
N ARG H 65 -53.48 50.26 64.13
CA ARG H 65 -53.66 51.70 64.17
C ARG H 65 -53.92 52.27 62.78
N ILE H 66 -53.16 51.82 61.79
CA ILE H 66 -53.46 52.15 60.40
C ILE H 66 -54.85 51.63 60.04
N LEU H 67 -55.06 50.32 60.23
CA LEU H 67 -56.31 49.70 59.80
C LEU H 67 -57.52 50.51 60.21
N VAL H 68 -57.57 50.97 61.47
CA VAL H 68 -58.70 51.74 61.95
C VAL H 68 -58.55 53.23 61.66
N ALA H 69 -57.33 53.70 61.39
CA ALA H 69 -57.18 55.03 60.77
C ALA H 69 -57.80 55.05 59.39
N VAL H 70 -58.12 53.88 58.83
CA VAL H 70 -58.93 53.77 57.62
C VAL H 70 -60.39 53.59 58.03
N VAL H 71 -60.69 52.54 58.80
CA VAL H 71 -62.06 52.20 59.18
C VAL H 71 -62.75 53.39 59.83
N LYS H 72 -61.97 54.32 60.39
CA LYS H 72 -62.55 55.53 60.96
C LYS H 72 -63.08 56.49 59.90
N MET H 73 -62.75 56.27 58.64
CA MET H 73 -63.30 57.05 57.54
C MET H 73 -64.07 56.18 56.56
N CYS H 74 -64.31 54.91 56.90
CA CYS H 74 -65.20 54.02 56.17
C CYS H 74 -66.67 54.38 56.37
N TYR H 75 -66.97 55.45 57.11
CA TYR H 75 -68.31 55.66 57.63
C TYR H 75 -69.15 56.60 56.78
N GLU H 76 -68.57 57.64 56.20
CA GLU H 76 -69.34 58.55 55.37
C GLU H 76 -68.57 58.90 54.12
N ALA H 77 -69.29 59.45 53.13
CA ALA H 77 -68.68 59.78 51.85
C ALA H 77 -67.76 60.99 51.96
N LYS H 78 -68.16 61.99 52.75
CA LYS H 78 -67.27 63.11 53.03
C LYS H 78 -66.09 62.68 53.91
N GLU H 79 -66.18 61.52 54.56
CA GLU H 79 -65.05 61.00 55.32
C GLU H 79 -64.00 60.40 54.40
N TRP H 80 -64.40 59.57 53.42
CA TRP H 80 -63.42 58.93 52.55
C TRP H 80 -63.07 59.74 51.30
N ASP H 81 -63.69 60.91 51.10
CA ASP H 81 -63.12 61.89 50.20
C ASP H 81 -61.92 62.61 50.81
N LEU H 82 -61.53 62.20 52.03
CA LEU H 82 -60.25 62.53 52.61
C LEU H 82 -59.45 61.30 53.02
N LEU H 83 -60.06 60.11 52.98
CA LEU H 83 -59.36 58.88 53.32
C LEU H 83 -58.29 58.56 52.28
N ASN H 84 -58.68 58.44 51.02
CA ASN H 84 -57.74 58.17 49.93
C ASN H 84 -56.42 58.91 50.13
N GLU H 85 -56.49 60.20 50.49
CA GLU H 85 -55.29 61.00 50.72
C GLU H 85 -54.43 60.40 51.83
N ASN H 86 -55.07 60.02 52.94
CA ASN H 86 -54.31 59.49 54.07
C ASN H 86 -53.67 58.15 53.74
N ILE H 87 -54.35 57.30 52.98
CA ILE H 87 -53.71 56.05 52.54
C ILE H 87 -52.47 56.38 51.71
N MET H 88 -52.64 57.28 50.73
CA MET H 88 -51.49 57.72 49.93
C MET H 88 -50.34 58.15 50.84
N LEU H 89 -50.66 58.90 51.89
CA LEU H 89 -49.63 59.37 52.82
C LEU H 89 -48.96 58.19 53.53
N LEU H 90 -49.75 57.34 54.19
CA LEU H 90 -49.17 56.28 55.00
C LEU H 90 -48.26 55.37 54.18
N SER H 91 -48.71 54.96 53.00
CA SER H 91 -47.85 54.12 52.17
C SER H 91 -46.62 54.91 51.70
N LYS H 92 -46.80 56.20 51.41
CA LYS H 92 -45.68 57.01 50.95
C LYS H 92 -44.65 57.24 52.06
N ARG H 93 -45.07 57.92 53.13
CA ARG H 93 -44.21 58.41 54.23
C ARG H 93 -42.85 57.74 54.36
N ARG H 94 -42.71 56.83 55.33
CA ARG H 94 -41.45 56.15 55.61
C ARG H 94 -41.47 54.71 55.13
N SER H 95 -42.62 54.23 54.67
CA SER H 95 -42.87 52.89 54.14
C SER H 95 -43.15 51.90 55.27
N GLN H 96 -43.22 52.35 56.52
CA GLN H 96 -43.45 51.45 57.65
C GLN H 96 -42.66 50.17 57.46
N LEU H 97 -43.29 49.02 57.72
CA LEU H 97 -42.73 47.73 57.40
C LEU H 97 -43.76 46.97 56.55
N LYS H 98 -43.28 45.93 55.86
CA LYS H 98 -44.08 45.11 54.97
C LYS H 98 -45.47 44.81 55.54
N GLN H 99 -45.51 43.88 56.49
CA GLN H 99 -46.65 43.54 57.34
C GLN H 99 -47.79 44.57 57.33
N ALA H 100 -47.55 45.72 57.97
CA ALA H 100 -48.62 46.64 58.28
C ALA H 100 -49.34 47.10 57.02
N VAL H 101 -48.58 47.42 55.97
CA VAL H 101 -49.19 47.90 54.74
C VAL H 101 -49.93 46.76 54.06
N ALA H 102 -49.40 45.54 54.13
CA ALA H 102 -50.14 44.40 53.59
C ALA H 102 -51.55 44.37 54.16
N LYS H 103 -51.67 44.44 55.49
CA LYS H 103 -52.99 44.49 56.10
C LYS H 103 -53.78 45.70 55.61
N MET H 104 -53.15 46.87 55.55
CA MET H 104 -53.89 48.09 55.21
C MET H 104 -54.59 47.95 53.86
N VAL H 105 -53.81 47.76 52.79
CA VAL H 105 -54.45 47.76 51.47
C VAL H 105 -55.32 46.52 51.30
N GLN H 106 -54.98 45.42 51.97
CA GLN H 106 -55.84 44.24 51.92
C GLN H 106 -57.25 44.55 52.42
N GLN H 107 -57.36 45.25 53.55
CA GLN H 107 -58.67 45.69 54.05
C GLN H 107 -59.32 46.69 53.08
N CYS H 108 -58.53 47.67 52.60
CA CYS H 108 -59.05 48.59 51.60
C CYS H 108 -59.78 47.85 50.49
N CYS H 109 -59.25 46.68 50.11
CA CYS H 109 -59.87 45.89 49.04
C CYS H 109 -61.30 45.51 49.40
N THR H 110 -61.48 44.82 50.54
CA THR H 110 -62.83 44.45 50.95
C THR H 110 -63.76 45.66 50.95
N TYR H 111 -63.26 46.81 51.39
CA TYR H 111 -64.15 47.96 51.52
C TYR H 111 -64.60 48.46 50.14
N VAL H 112 -63.68 48.68 49.20
CA VAL H 112 -64.06 49.29 47.93
C VAL H 112 -64.90 48.34 47.07
N GLU H 113 -65.18 47.14 47.59
CA GLU H 113 -65.96 46.14 46.86
C GLU H 113 -67.44 46.20 47.18
N GLU H 114 -67.91 47.18 47.95
CA GLU H 114 -69.26 47.11 48.48
C GLU H 114 -69.92 48.49 48.57
N ILE H 115 -69.80 49.31 47.52
CA ILE H 115 -70.41 50.63 47.55
C ILE H 115 -71.17 50.87 46.25
N THR H 116 -71.04 52.07 45.64
CA THR H 116 -71.87 52.44 44.49
C THR H 116 -71.03 52.75 43.26
N ASP H 117 -71.26 53.87 42.60
CA ASP H 117 -70.66 54.17 41.29
C ASP H 117 -69.68 55.32 41.44
N LEU H 118 -69.70 56.34 40.55
CA LEU H 118 -68.57 57.24 40.24
C LEU H 118 -67.60 57.43 41.42
N PRO H 119 -68.08 57.89 42.61
CA PRO H 119 -67.12 58.18 43.69
C PRO H 119 -66.43 56.94 44.25
N ILE H 120 -66.58 55.81 43.55
CA ILE H 120 -65.90 54.58 43.91
C ILE H 120 -64.92 54.12 42.84
N LYS H 121 -65.04 54.59 41.59
CA LYS H 121 -63.99 54.38 40.61
C LYS H 121 -62.84 55.36 40.80
N LEU H 122 -63.07 56.44 41.54
CA LEU H 122 -62.00 57.40 41.87
C LEU H 122 -61.18 56.91 43.06
N ARG H 123 -61.82 56.26 44.02
CA ARG H 123 -61.12 55.69 45.18
C ARG H 123 -60.59 54.30 44.91
N LEU H 124 -60.88 53.75 43.73
CA LEU H 124 -60.22 52.55 43.27
C LEU H 124 -58.87 52.88 42.63
N ILE H 125 -58.88 53.71 41.60
CA ILE H 125 -57.62 54.05 40.93
C ILE H 125 -56.63 54.62 41.94
N ASP H 126 -57.13 55.39 42.91
CA ASP H 126 -56.24 55.87 43.96
C ASP H 126 -55.49 54.71 44.60
N THR H 127 -56.22 53.70 45.09
CA THR H 127 -55.57 52.53 45.68
C THR H 127 -54.82 51.71 44.63
N LEU H 128 -55.15 51.87 43.34
CA LEU H 128 -54.38 51.24 42.27
C LEU H 128 -53.04 51.95 42.05
N ARG H 129 -52.94 53.19 42.52
CA ARG H 129 -51.75 54.03 42.38
C ARG H 129 -50.81 53.89 43.57
N MET H 130 -51.36 53.60 44.76
CA MET H 130 -50.53 53.29 45.93
C MET H 130 -49.89 51.92 45.80
N VAL H 131 -50.29 51.14 44.79
CA VAL H 131 -49.75 49.80 44.58
C VAL H 131 -49.65 49.55 43.08
N THR H 132 -48.64 50.16 42.45
CA THR H 132 -48.21 49.81 41.10
C THR H 132 -46.95 48.96 41.13
N GLU H 133 -46.59 48.46 42.30
CA GLU H 133 -45.26 47.93 42.55
C GLU H 133 -45.17 47.60 44.04
N GLY H 134 -44.31 46.67 44.38
CA GLY H 134 -44.20 46.23 45.75
C GLY H 134 -44.49 44.75 45.86
N LYS H 135 -43.61 43.90 45.27
CA LYS H 135 -43.81 42.45 45.25
C LYS H 135 -44.19 41.89 46.63
N ILE H 136 -44.06 42.70 47.69
CA ILE H 136 -44.60 42.35 49.01
C ILE H 136 -46.07 42.06 48.81
N TYR H 137 -46.68 41.39 49.77
CA TYR H 137 -48.01 40.81 49.62
C TYR H 137 -48.93 41.69 48.79
N VAL H 138 -48.74 43.01 48.87
CA VAL H 138 -49.67 43.93 48.21
C VAL H 138 -49.65 43.72 46.70
N GLU H 139 -48.52 43.29 46.13
CA GLU H 139 -48.45 43.09 44.69
C GLU H 139 -49.35 41.94 44.23
N ILE H 140 -49.72 41.03 45.13
CA ILE H 140 -50.45 39.84 44.72
C ILE H 140 -51.96 40.04 44.82
N GLU H 141 -52.42 40.96 45.66
CA GLU H 141 -53.81 41.34 45.72
C GLU H 141 -54.16 42.44 44.73
N ARG H 142 -53.18 43.22 44.30
CA ARG H 142 -53.39 44.24 43.28
C ARG H 142 -54.25 43.63 42.19
N ALA H 143 -53.93 42.38 41.81
CA ALA H 143 -54.69 41.65 40.83
C ALA H 143 -56.19 41.84 41.03
N ARG H 144 -56.72 41.29 42.14
CA ARG H 144 -58.17 41.27 42.31
C ARG H 144 -58.78 42.67 42.42
N LEU H 145 -57.95 43.71 42.57
CA LEU H 145 -58.48 45.06 42.48
C LEU H 145 -58.76 45.42 41.03
N THR H 146 -57.76 45.28 40.16
CA THR H 146 -57.93 45.63 38.74
C THR H 146 -58.98 44.77 38.07
N LYS H 147 -59.11 43.50 38.48
CA LYS H 147 -60.14 42.66 37.87
C LYS H 147 -61.54 43.11 38.24
N THR H 148 -61.68 43.93 39.30
CA THR H 148 -62.95 44.60 39.55
C THR H 148 -63.08 45.90 38.77
N LEU H 149 -61.94 46.52 38.42
CA LEU H 149 -61.94 47.68 37.56
C LEU H 149 -62.22 47.33 36.10
N ALA H 150 -62.06 46.06 35.72
CA ALA H 150 -62.41 45.61 34.39
C ALA H 150 -63.83 45.07 34.30
N THR H 151 -64.41 44.66 35.43
CA THR H 151 -65.77 44.16 35.45
C THR H 151 -66.80 45.29 35.45
N ILE H 152 -66.44 46.47 35.97
CA ILE H 152 -67.37 47.59 36.06
C ILE H 152 -67.13 48.62 34.95
N LYS H 153 -66.25 48.31 34.01
CA LYS H 153 -66.20 49.02 32.73
C LYS H 153 -66.79 48.20 31.61
N GLU H 154 -66.88 46.88 31.76
CA GLU H 154 -67.40 46.01 30.71
C GLU H 154 -68.92 46.08 30.58
N GLN H 155 -69.62 46.50 31.63
CA GLN H 155 -71.07 46.71 31.54
C GLN H 155 -71.42 48.07 30.96
N ASN H 156 -70.44 48.95 30.76
CA ASN H 156 -70.56 50.14 29.93
C ASN H 156 -70.04 49.80 28.53
N GLY H 157 -69.93 50.81 27.67
CA GLY H 157 -69.41 50.60 26.34
C GLY H 157 -67.90 50.53 26.24
N ASP H 158 -67.19 50.58 27.37
CA ASP H 158 -65.72 50.63 27.41
C ASP H 158 -65.08 49.25 27.21
N VAL H 159 -65.75 48.30 26.58
CA VAL H 159 -65.12 47.01 26.24
C VAL H 159 -63.95 47.19 25.29
N LYS H 160 -63.72 48.40 24.77
CA LYS H 160 -62.51 48.71 24.03
C LYS H 160 -61.36 48.99 24.99
N GLU H 161 -61.62 49.80 26.01
CA GLU H 161 -60.60 50.15 27.01
C GLU H 161 -60.38 49.00 27.99
N ALA H 162 -61.48 48.39 28.46
CA ALA H 162 -61.37 47.30 29.44
C ALA H 162 -60.51 46.15 28.94
N ALA H 163 -60.28 46.04 27.63
CA ALA H 163 -59.44 44.97 27.09
C ALA H 163 -57.95 45.25 27.29
N SER H 164 -57.54 46.53 27.26
CA SER H 164 -56.16 46.88 27.58
C SER H 164 -55.95 46.87 29.09
N ILE H 165 -56.80 47.58 29.82
CA ILE H 165 -56.78 47.64 31.27
C ILE H 165 -56.46 46.27 31.83
N LEU H 166 -57.30 45.27 31.52
CA LEU H 166 -57.12 43.95 32.11
C LEU H 166 -55.95 43.20 31.53
N GLN H 167 -55.44 43.59 30.36
CA GLN H 167 -54.42 42.81 29.67
C GLN H 167 -53.00 43.13 30.11
N GLU H 168 -52.71 44.39 30.44
CA GLU H 168 -51.36 44.74 30.86
C GLU H 168 -51.01 44.11 32.21
N LEU H 169 -52.00 43.62 32.95
CA LEU H 169 -51.77 43.26 34.34
C LEU H 169 -50.98 41.96 34.46
N GLN H 170 -51.59 40.83 34.06
CA GLN H 170 -51.01 39.52 34.34
C GLN H 170 -49.52 39.45 34.05
N VAL H 171 -49.02 40.31 33.16
CA VAL H 171 -47.59 40.39 32.94
C VAL H 171 -46.84 40.71 34.23
N GLU H 172 -47.51 41.31 35.22
CA GLU H 172 -46.86 41.77 36.45
C GLU H 172 -46.89 40.73 37.57
N THR H 173 -48.06 40.17 37.88
CA THR H 173 -48.22 39.30 39.05
C THR H 173 -47.96 37.85 38.67
N TYR H 174 -46.83 37.29 39.15
CA TYR H 174 -46.51 35.88 39.00
C TYR H 174 -45.85 35.38 40.28
N GLY H 175 -45.93 34.06 40.48
CA GLY H 175 -45.15 33.37 41.50
C GLY H 175 -45.52 33.65 42.95
N SER H 176 -46.68 34.25 43.20
CA SER H 176 -47.08 34.59 44.56
C SER H 176 -48.52 34.23 44.88
N MET H 177 -49.31 33.78 43.91
CA MET H 177 -50.67 33.34 44.13
C MET H 177 -50.71 31.82 44.20
N GLU H 178 -51.90 31.29 44.47
CA GLU H 178 -52.17 29.90 44.21
C GLU H 178 -52.23 29.66 42.70
N LYS H 179 -52.10 28.40 42.31
CA LYS H 179 -52.13 28.03 40.90
C LYS H 179 -53.48 28.37 40.27
N LYS H 180 -54.56 27.99 40.95
CA LYS H 180 -55.91 28.12 40.40
C LYS H 180 -56.22 29.57 40.03
N GLU H 181 -56.14 30.49 41.01
CA GLU H 181 -56.48 31.88 40.75
C GLU H 181 -55.69 32.44 39.57
N ARG H 182 -54.44 32.01 39.42
CA ARG H 182 -53.64 32.41 38.28
C ARG H 182 -54.34 32.04 36.97
N VAL H 183 -54.61 30.75 36.77
CA VAL H 183 -55.17 30.34 35.48
C VAL H 183 -56.51 31.02 35.25
N GLU H 184 -57.37 31.05 36.28
CA GLU H 184 -58.64 31.76 36.17
C GLU H 184 -58.44 33.16 35.60
N PHE H 185 -57.53 33.93 36.21
CA PHE H 185 -57.28 35.27 35.72
C PHE H 185 -56.94 35.28 34.23
N ILE H 186 -55.95 34.48 33.83
CA ILE H 186 -55.55 34.48 32.41
C ILE H 186 -56.77 34.28 31.52
N LEU H 187 -57.58 33.26 31.85
CA LEU H 187 -58.77 33.01 31.06
C LEU H 187 -59.63 34.25 30.93
N GLU H 188 -59.80 34.99 32.03
CA GLU H 188 -60.59 36.21 31.93
C GLU H 188 -60.04 37.14 30.87
N GLN H 189 -58.71 37.33 30.85
CA GLN H 189 -58.13 38.10 29.74
C GLN H 189 -58.58 37.53 28.39
N MET H 190 -58.25 36.26 28.18
CA MET H 190 -58.56 35.59 26.92
C MET H 190 -59.96 35.94 26.43
N ARG H 191 -60.95 35.77 27.31
CA ARG H 191 -62.34 36.03 26.90
C ARG H 191 -62.55 37.50 26.59
N LEU H 192 -62.11 38.38 27.49
CA LEU H 192 -62.25 39.81 27.30
C LEU H 192 -61.84 40.20 25.88
N CYS H 193 -60.58 39.98 25.54
CA CYS H 193 -60.16 40.44 24.21
C CYS H 193 -60.61 39.50 23.10
N LEU H 194 -61.25 38.37 23.41
CA LEU H 194 -61.91 37.60 22.35
C LEU H 194 -63.25 38.21 21.94
N ALA H 195 -63.88 39.01 22.81
CA ALA H 195 -65.10 39.70 22.39
C ALA H 195 -64.81 40.94 21.54
N VAL H 196 -63.66 41.61 21.75
CA VAL H 196 -63.27 42.75 20.93
C VAL H 196 -62.65 42.33 19.61
N LYS H 197 -62.44 41.02 19.40
CA LYS H 197 -61.99 40.47 18.13
C LYS H 197 -60.51 40.74 17.91
N ASP H 198 -59.69 40.56 18.95
CA ASP H 198 -58.25 40.79 18.86
C ASP H 198 -57.52 39.44 18.75
N TYR H 199 -57.82 38.73 17.67
CA TYR H 199 -57.37 37.35 17.53
C TYR H 199 -55.85 37.23 17.64
N ILE H 200 -55.13 38.25 17.17
CA ILE H 200 -53.66 38.18 17.15
C ILE H 200 -53.12 38.05 18.58
N ARG H 201 -53.69 38.81 19.52
CA ARG H 201 -53.18 38.80 20.88
C ARG H 201 -53.67 37.61 21.69
N THR H 202 -54.71 36.91 21.22
CA THR H 202 -55.20 35.72 21.89
C THR H 202 -54.42 34.47 21.50
N GLN H 203 -54.06 34.33 20.21
CA GLN H 203 -53.15 33.24 19.84
C GLN H 203 -51.80 33.36 20.51
N ILE H 204 -51.54 34.47 21.20
CA ILE H 204 -50.38 34.62 22.07
C ILE H 204 -50.73 34.31 23.51
N ILE H 205 -51.81 34.91 24.03
CA ILE H 205 -52.13 34.72 25.44
C ILE H 205 -52.32 33.24 25.77
N SER H 206 -52.91 32.48 24.85
CA SER H 206 -53.16 31.07 25.13
C SER H 206 -51.91 30.36 25.66
N LYS H 207 -50.75 30.64 25.06
CA LYS H 207 -49.52 29.91 25.37
C LYS H 207 -49.11 30.03 26.83
N LYS H 208 -49.69 30.98 27.58
CA LYS H 208 -49.32 31.13 28.98
C LYS H 208 -49.91 30.04 29.87
N ILE H 209 -50.90 29.30 29.39
CA ILE H 209 -51.60 28.32 30.22
C ILE H 209 -50.90 26.98 30.08
N ASN H 210 -50.49 26.40 31.22
CA ASN H 210 -49.86 25.09 31.21
C ASN H 210 -50.79 24.07 30.58
N THR H 211 -50.22 23.13 29.85
CA THR H 211 -50.94 21.89 29.57
C THR H 211 -51.05 21.06 30.85
N LYS H 212 -50.03 21.14 31.70
CA LYS H 212 -49.99 20.33 32.92
C LYS H 212 -51.06 20.73 33.92
N PHE H 213 -51.64 21.92 33.79
CA PHE H 213 -52.58 22.36 34.80
C PHE H 213 -53.89 21.57 34.75
N PHE H 214 -54.31 21.13 33.55
CA PHE H 214 -55.55 20.39 33.43
C PHE H 214 -55.39 18.91 33.76
N GLN H 215 -54.15 18.44 33.90
CA GLN H 215 -53.88 17.13 34.48
C GLN H 215 -53.95 17.14 36.00
N GLU H 216 -54.05 18.32 36.62
CA GLU H 216 -54.20 18.43 38.06
C GLU H 216 -55.64 18.14 38.46
N GLU H 217 -55.90 18.17 39.76
CA GLU H 217 -57.16 17.69 40.30
C GLU H 217 -58.21 18.79 40.40
N ASN H 218 -59.46 18.40 40.17
CA ASN H 218 -60.63 19.26 40.36
C ASN H 218 -60.47 20.61 39.68
N THR H 219 -59.97 20.59 38.45
CA THR H 219 -59.86 21.78 37.61
C THR H 219 -61.04 21.91 36.65
N GLU H 220 -62.13 21.20 36.92
CA GLU H 220 -63.21 20.96 35.96
C GLU H 220 -63.69 22.21 35.23
N LYS H 221 -64.45 23.03 35.96
CA LYS H 221 -65.10 24.21 35.40
C LYS H 221 -64.13 25.13 34.69
N LEU H 222 -62.82 24.95 34.88
CA LEU H 222 -61.83 25.72 34.13
C LEU H 222 -61.41 25.01 32.85
N LYS H 223 -61.05 23.72 32.92
CA LYS H 223 -60.70 22.99 31.71
C LYS H 223 -61.76 23.20 30.64
N LEU H 224 -63.04 23.14 31.03
CA LEU H 224 -64.09 23.30 30.03
C LEU H 224 -64.16 24.73 29.49
N LYS H 225 -64.05 25.72 30.38
CA LYS H 225 -64.02 27.12 29.95
C LYS H 225 -62.92 27.36 28.93
N TYR H 226 -61.68 26.99 29.29
CA TYR H 226 -60.53 27.17 28.42
C TYR H 226 -60.77 26.55 27.05
N TYR H 227 -61.10 25.25 27.02
CA TYR H 227 -61.29 24.65 25.71
C TYR H 227 -62.40 25.32 24.92
N ASN H 228 -63.39 25.89 25.61
CA ASN H 228 -64.47 26.54 24.88
C ASN H 228 -64.06 27.90 24.31
N LEU H 229 -63.08 28.59 24.90
CA LEU H 229 -62.54 29.76 24.22
C LEU H 229 -61.56 29.35 23.11
N MET H 230 -60.90 28.22 23.29
CA MET H 230 -60.01 27.71 22.26
C MET H 230 -60.76 27.45 20.96
N ILE H 231 -61.71 26.52 20.98
CA ILE H 231 -62.41 26.19 19.73
C ILE H 231 -63.10 27.40 19.15
N GLN H 232 -63.47 28.38 19.99
CA GLN H 232 -63.99 29.63 19.47
C GLN H 232 -62.93 30.35 18.65
N LEU H 233 -61.68 30.37 19.13
CA LEU H 233 -60.61 31.01 18.37
C LEU H 233 -60.30 30.23 17.09
N ASP H 234 -60.16 28.90 17.20
CA ASP H 234 -59.74 28.10 16.06
C ASP H 234 -60.83 27.95 15.01
N GLN H 235 -62.11 28.11 15.37
CA GLN H 235 -63.19 28.06 14.39
C GLN H 235 -63.13 29.19 13.39
N HIS H 236 -62.46 30.30 13.74
CA HIS H 236 -62.39 31.45 12.87
C HIS H 236 -61.29 31.32 11.83
N GLU H 237 -60.14 30.75 12.22
CA GLU H 237 -59.06 30.52 11.24
C GLU H 237 -59.41 29.39 10.30
N GLY H 238 -59.96 28.30 10.82
CA GLY H 238 -60.27 27.10 10.04
C GLY H 238 -59.48 25.88 10.45
N SER H 239 -58.47 26.03 11.31
CA SER H 239 -57.60 24.93 11.70
C SER H 239 -58.40 23.80 12.35
N TYR H 240 -58.88 22.86 11.53
CA TYR H 240 -59.88 21.92 11.99
C TYR H 240 -59.29 20.83 12.89
N LEU H 241 -58.21 20.18 12.44
CA LEU H 241 -57.57 19.13 13.23
C LEU H 241 -57.45 19.57 14.69
N SER H 242 -57.05 20.83 14.87
CA SER H 242 -56.96 21.39 16.22
C SER H 242 -58.30 21.26 16.94
N ILE H 243 -59.39 21.58 16.26
CA ILE H 243 -60.70 21.56 16.90
C ILE H 243 -61.04 20.16 17.34
N CYS H 244 -60.69 19.17 16.52
CA CYS H 244 -60.80 17.78 16.98
C CYS H 244 -60.09 17.63 18.32
N LYS H 245 -58.78 17.85 18.34
CA LYS H 245 -58.04 17.55 19.57
C LYS H 245 -58.66 18.25 20.77
N HIS H 246 -58.98 19.54 20.66
CA HIS H 246 -59.63 20.26 21.74
C HIS H 246 -60.87 19.50 22.23
N TYR H 247 -61.89 19.41 21.36
CA TYR H 247 -63.13 18.76 21.79
C TYR H 247 -62.83 17.39 22.39
N ARG H 248 -62.02 16.59 21.70
CA ARG H 248 -61.70 15.24 22.13
C ARG H 248 -61.07 15.22 23.52
N ALA H 249 -60.47 16.33 23.96
CA ALA H 249 -60.05 16.43 25.34
C ALA H 249 -61.16 16.90 26.27
N ILE H 250 -62.19 17.58 25.75
CA ILE H 250 -63.39 17.75 26.56
C ILE H 250 -64.01 16.39 26.86
N TYR H 251 -63.98 15.49 25.89
CA TYR H 251 -64.63 14.18 25.98
C TYR H 251 -63.92 13.23 26.94
N ASP H 252 -62.69 13.53 27.35
CA ASP H 252 -61.92 12.65 28.22
C ASP H 252 -62.05 12.98 29.70
N THR H 253 -62.66 14.11 30.03
CA THR H 253 -62.87 14.47 31.42
C THR H 253 -63.80 13.45 32.09
N PRO H 254 -63.69 13.27 33.41
CA PRO H 254 -64.66 12.40 34.10
C PRO H 254 -66.09 12.92 34.10
N CYS H 255 -66.29 14.25 33.99
CA CYS H 255 -67.61 14.84 34.12
C CYS H 255 -68.37 14.96 32.80
N ILE H 256 -67.69 14.72 31.68
CA ILE H 256 -68.37 14.67 30.39
C ILE H 256 -68.76 13.23 30.02
N GLN H 257 -68.07 12.23 30.55
CA GLN H 257 -68.42 10.82 30.35
C GLN H 257 -69.42 10.30 31.38
N ALA H 258 -69.70 11.07 32.44
CA ALA H 258 -70.57 10.62 33.52
C ALA H 258 -72.00 11.14 33.40
N GLU H 259 -72.22 12.23 32.67
CA GLU H 259 -73.56 12.72 32.38
C GLU H 259 -73.96 12.30 30.96
N SER H 260 -75.20 11.86 30.80
CA SER H 260 -75.66 11.34 29.51
C SER H 260 -75.90 12.47 28.52
N GLU H 261 -76.43 13.59 28.99
CA GLU H 261 -76.64 14.76 28.14
C GLU H 261 -75.33 15.25 27.50
N LYS H 262 -74.18 14.93 28.09
CA LYS H 262 -72.91 15.53 27.67
C LYS H 262 -72.22 14.72 26.57
N TRP H 263 -71.68 13.54 26.93
CA TRP H 263 -70.80 12.82 26.02
C TRP H 263 -71.44 12.61 24.66
N GLN H 264 -72.77 12.62 24.59
CA GLN H 264 -73.44 12.61 23.29
C GLN H 264 -73.01 13.82 22.46
N GLN H 265 -73.19 15.03 23.01
CA GLN H 265 -72.90 16.25 22.27
C GLN H 265 -71.41 16.55 22.15
N ALA H 266 -70.57 16.01 23.02
CA ALA H 266 -69.13 16.16 22.83
C ALA H 266 -68.62 15.23 21.74
N LEU H 267 -68.80 13.93 21.95
CA LEU H 267 -68.37 12.95 20.97
C LEU H 267 -68.86 13.33 19.57
N LYS H 268 -70.15 13.67 19.46
CA LYS H 268 -70.71 14.16 18.21
C LYS H 268 -69.76 15.12 17.51
N SER H 269 -69.48 16.25 18.17
CA SER H 269 -68.59 17.26 17.62
C SER H 269 -67.32 16.60 17.08
N VAL H 270 -66.66 15.78 17.91
CA VAL H 270 -65.40 15.18 17.45
C VAL H 270 -65.61 14.51 16.10
N VAL H 271 -66.54 13.56 16.04
CA VAL H 271 -66.65 12.72 14.85
C VAL H 271 -67.05 13.53 13.63
N LEU H 272 -67.70 14.68 13.82
CA LEU H 272 -67.99 15.55 12.68
C LEU H 272 -66.73 16.25 12.17
N TYR H 273 -66.12 17.06 13.04
CA TYR H 273 -64.96 17.82 12.58
C TYR H 273 -63.93 16.89 11.95
N VAL H 274 -63.67 15.74 12.57
CA VAL H 274 -62.58 14.89 12.12
C VAL H 274 -62.67 14.60 10.63
N ILE H 275 -63.88 14.53 10.07
CA ILE H 275 -64.01 14.37 8.63
C ILE H 275 -63.96 15.73 7.93
N LEU H 276 -64.39 16.80 8.60
CA LEU H 276 -64.20 18.10 7.94
C LEU H 276 -62.75 18.39 7.57
N ALA H 277 -61.78 17.64 8.08
CA ALA H 277 -60.38 17.99 7.94
C ALA H 277 -59.81 17.53 6.60
N PRO H 278 -58.76 18.20 6.11
CA PRO H 278 -58.02 17.67 4.95
C PRO H 278 -57.37 16.33 5.25
N PHE H 279 -56.73 15.72 4.26
CA PHE H 279 -56.16 14.39 4.41
C PHE H 279 -54.67 14.47 4.69
N ASP H 280 -54.26 13.82 5.78
CA ASP H 280 -52.87 13.76 6.19
C ASP H 280 -52.65 12.43 6.89
N ASN H 281 -51.55 12.32 7.63
CA ASN H 281 -51.35 11.19 8.52
C ASN H 281 -51.85 11.47 9.92
N GLU H 282 -51.77 12.73 10.37
CA GLU H 282 -52.35 13.10 11.66
C GLU H 282 -53.86 12.83 11.65
N GLN H 283 -54.55 13.42 10.67
CA GLN H 283 -55.98 13.15 10.49
C GLN H 283 -56.25 11.64 10.49
N SER H 284 -55.40 10.87 9.80
CA SER H 284 -55.59 9.42 9.75
C SER H 284 -55.41 8.77 11.11
N ASP H 285 -54.54 9.32 11.96
CA ASP H 285 -54.46 8.85 13.33
C ASP H 285 -55.77 9.10 14.07
N LEU H 286 -56.33 10.31 13.88
CA LEU H 286 -57.53 10.66 14.62
C LEU H 286 -58.75 9.86 14.18
N VAL H 287 -58.85 9.49 12.89
CA VAL H 287 -60.00 8.73 12.45
C VAL H 287 -59.95 7.27 12.88
N HIS H 288 -58.81 6.79 13.37
CA HIS H 288 -58.70 5.43 13.85
C HIS H 288 -58.63 5.33 15.36
N ARG H 289 -58.06 6.33 16.04
CA ARG H 289 -58.24 6.40 17.49
C ARG H 289 -59.72 6.60 17.84
N ILE H 290 -60.50 7.19 16.94
CA ILE H 290 -61.89 7.54 17.20
C ILE H 290 -62.88 6.49 16.71
N SER H 291 -62.50 5.65 15.74
CA SER H 291 -63.36 4.53 15.35
C SER H 291 -63.47 3.52 16.49
N GLY H 292 -62.37 3.24 17.18
CA GLY H 292 -62.29 2.24 18.23
C GLY H 292 -62.98 2.62 19.53
N ASP H 293 -63.65 3.77 19.58
CA ASP H 293 -64.40 4.14 20.78
C ASP H 293 -65.68 3.33 20.87
N LYS H 294 -65.98 2.83 22.07
CA LYS H 294 -67.20 2.06 22.28
C LYS H 294 -68.42 2.95 22.47
N LYS H 295 -68.22 4.14 23.04
CA LYS H 295 -69.31 5.10 23.17
C LYS H 295 -69.92 5.40 21.80
N LEU H 296 -69.07 5.60 20.79
CA LEU H 296 -69.52 5.92 19.44
C LEU H 296 -70.51 4.88 18.91
N GLU H 297 -70.48 3.65 19.44
CA GLU H 297 -71.31 2.58 18.92
C GLU H 297 -72.74 2.64 19.43
N GLU H 298 -73.05 3.55 20.35
CA GLU H 298 -74.44 3.81 20.73
C GLU H 298 -75.08 4.92 19.91
N ILE H 299 -74.28 5.65 19.14
CA ILE H 299 -74.77 6.72 18.27
C ILE H 299 -74.67 6.20 16.84
N PRO H 300 -75.61 5.37 16.36
CA PRO H 300 -75.46 4.76 15.03
C PRO H 300 -75.64 5.76 13.89
N LYS H 301 -76.11 6.97 14.18
CA LYS H 301 -76.33 7.96 13.14
C LYS H 301 -75.01 8.47 12.57
N TYR H 302 -73.95 8.47 13.37
CA TYR H 302 -72.65 9.00 12.97
C TYR H 302 -71.60 7.94 12.71
N LYS H 303 -71.52 6.90 13.56
CA LYS H 303 -70.57 5.81 13.31
C LYS H 303 -70.63 5.35 11.87
N ASP H 304 -71.84 5.32 11.29
CA ASP H 304 -71.97 4.93 9.89
C ASP H 304 -71.41 6.01 8.96
N LEU H 305 -71.65 7.28 9.32
CA LEU H 305 -71.10 8.39 8.54
C LEU H 305 -69.57 8.37 8.52
N LEU H 306 -68.94 7.89 9.60
CA LEU H 306 -67.49 7.72 9.64
C LEU H 306 -67.04 6.47 8.91
N LYS H 307 -67.86 5.41 8.98
CA LYS H 307 -67.59 4.18 8.25
C LYS H 307 -67.65 4.37 6.75
N LEU H 308 -68.29 5.45 6.27
CA LEU H 308 -68.18 5.78 4.86
C LEU H 308 -66.83 6.38 4.52
N PHE H 309 -66.33 7.30 5.36
CA PHE H 309 -65.10 8.01 5.06
C PHE H 309 -63.85 7.17 5.26
N THR H 310 -63.89 6.14 6.09
CA THR H 310 -62.68 5.34 6.28
C THR H 310 -62.41 4.40 5.10
N THR H 311 -63.34 3.48 4.82
CA THR H 311 -63.15 2.54 3.71
C THR H 311 -62.91 3.30 2.41
N MET H 312 -62.41 2.59 1.42
CA MET H 312 -62.08 3.21 0.14
C MET H 312 -63.17 2.87 -0.87
N GLU H 313 -64.25 3.66 -0.84
CA GLU H 313 -65.32 3.56 -1.82
C GLU H 313 -65.94 4.93 -2.02
N LEU H 314 -66.17 5.31 -3.26
CA LEU H 314 -66.68 6.64 -3.55
C LEU H 314 -68.11 6.80 -3.03
N MET H 315 -68.45 8.02 -2.63
CA MET H 315 -69.76 8.34 -2.05
C MET H 315 -70.51 9.31 -2.94
N ARG H 316 -71.79 9.03 -3.17
CA ARG H 316 -72.63 9.97 -3.89
C ARG H 316 -72.97 11.15 -2.98
N TRP H 317 -72.85 12.36 -3.53
CA TRP H 317 -73.26 13.54 -2.77
C TRP H 317 -74.77 13.57 -2.58
N SER H 318 -75.52 12.96 -3.50
CA SER H 318 -76.97 12.94 -3.41
C SER H 318 -77.44 11.95 -2.35
N THR H 319 -76.91 10.72 -2.37
CA THR H 319 -77.25 9.75 -1.35
C THR H 319 -76.79 10.20 0.03
N LEU H 320 -75.73 11.02 0.08
CA LEU H 320 -75.30 11.58 1.36
C LEU H 320 -76.28 12.64 1.84
N VAL H 321 -76.67 13.57 0.96
CA VAL H 321 -77.63 14.61 1.34
C VAL H 321 -78.91 13.98 1.89
N GLU H 322 -79.49 13.04 1.14
CA GLU H 322 -80.77 12.47 1.53
C GLU H 322 -80.78 11.90 2.94
N ASP H 323 -80.15 10.73 3.12
CA ASP H 323 -80.30 9.94 4.34
C ASP H 323 -79.45 10.45 5.50
N TYR H 324 -79.02 11.70 5.47
CA TYR H 324 -78.26 12.29 6.57
C TYR H 324 -78.62 13.73 6.87
N GLY H 325 -79.20 14.49 5.93
CA GLY H 325 -79.54 15.88 6.18
C GLY H 325 -80.48 16.10 7.35
N MET H 326 -81.24 15.07 7.73
CA MET H 326 -82.12 15.17 8.89
C MET H 326 -81.41 14.82 10.19
N GLU H 327 -80.24 14.19 10.13
CA GLU H 327 -79.41 14.01 11.31
C GLU H 327 -78.57 15.23 11.60
N LEU H 328 -78.27 16.04 10.58
CA LEU H 328 -77.59 17.32 10.76
C LEU H 328 -78.57 18.47 10.93
N ARG H 329 -79.78 18.19 11.45
CA ARG H 329 -80.78 19.21 11.76
C ARG H 329 -81.55 18.97 13.05
N LYS H 330 -81.37 17.83 13.73
CA LYS H 330 -82.00 17.56 15.02
C LYS H 330 -80.93 17.15 16.03
N GLY H 331 -80.91 17.83 17.19
CA GLY H 331 -79.87 17.59 18.18
C GLY H 331 -78.51 18.13 17.82
N SER H 332 -78.42 18.94 16.76
CA SER H 332 -77.13 19.48 16.31
C SER H 332 -76.57 20.45 17.34
N LEU H 333 -75.37 20.93 17.06
CA LEU H 333 -74.67 21.85 17.95
C LEU H 333 -74.54 23.19 17.23
N GLU H 334 -75.55 24.03 17.38
CA GLU H 334 -75.58 25.34 16.77
C GLU H 334 -75.24 26.47 17.75
N SER H 335 -75.02 26.15 19.03
CA SER H 335 -74.60 27.13 20.03
C SER H 335 -73.60 26.50 21.00
N PRO H 336 -73.85 25.29 21.51
CA PRO H 336 -72.80 24.58 22.26
C PRO H 336 -71.51 24.33 21.46
N ALA H 337 -71.52 24.50 20.13
CA ALA H 337 -70.31 24.39 19.34
C ALA H 337 -70.22 25.45 18.26
N THR H 338 -71.12 26.45 18.26
CA THR H 338 -71.09 27.55 17.30
C THR H 338 -71.43 27.08 15.89
N ASP H 339 -72.71 26.78 15.64
CA ASP H 339 -73.22 26.45 14.30
C ASP H 339 -72.36 25.34 13.66
N VAL H 340 -72.52 24.11 14.16
CA VAL H 340 -71.83 23.00 13.51
C VAL H 340 -72.22 22.94 12.05
N PHE H 341 -73.50 23.16 11.75
CA PHE H 341 -73.99 23.16 10.38
C PHE H 341 -75.26 23.98 10.23
N GLY H 342 -75.67 24.68 11.30
CA GLY H 342 -76.93 25.40 11.30
C GLY H 342 -76.77 26.89 10.99
N SER H 343 -77.90 27.51 10.68
CA SER H 343 -77.95 28.94 10.33
C SER H 343 -77.37 29.17 8.94
N THR H 344 -76.88 30.39 8.69
CA THR H 344 -76.15 30.69 7.46
C THR H 344 -75.03 31.70 7.71
N GLU H 345 -74.78 32.07 8.96
CA GLU H 345 -73.71 33.01 9.29
C GLU H 345 -72.39 32.41 8.86
N GLU H 346 -71.99 31.34 9.55
CA GLU H 346 -70.93 30.45 9.12
C GLU H 346 -71.46 29.09 8.67
N GLY H 347 -72.70 28.76 9.03
CA GLY H 347 -73.27 27.46 8.75
C GLY H 347 -73.46 27.14 7.28
N GLU H 348 -73.14 28.09 6.40
CA GLU H 348 -73.17 27.85 4.96
C GLU H 348 -71.80 27.47 4.41
N LYS H 349 -70.78 28.25 4.78
CA LYS H 349 -69.40 27.88 4.45
C LYS H 349 -69.13 26.44 4.90
N ARG H 350 -69.81 25.99 5.95
CA ARG H 350 -69.58 24.64 6.46
C ARG H 350 -70.07 23.58 5.48
N TRP H 351 -71.32 23.69 5.02
CA TRP H 351 -71.79 22.75 3.99
C TRP H 351 -70.86 22.79 2.79
N LYS H 352 -70.57 23.98 2.26
CA LYS H 352 -69.71 24.02 1.07
C LYS H 352 -68.41 23.25 1.32
N ASP H 353 -67.80 23.44 2.48
CA ASP H 353 -66.54 22.77 2.78
C ASP H 353 -66.74 21.25 2.86
N LEU H 354 -67.78 20.82 3.59
CA LEU H 354 -68.06 19.38 3.69
C LEU H 354 -68.19 18.78 2.30
N LYS H 355 -68.91 19.44 1.41
CA LYS H 355 -69.03 18.97 0.04
C LYS H 355 -67.66 18.79 -0.58
N ASN H 356 -66.79 19.79 -0.44
CA ASN H 356 -65.42 19.62 -0.90
C ASN H 356 -64.83 18.31 -0.39
N ARG H 357 -64.73 18.16 0.94
CA ARG H 357 -64.05 16.99 1.49
C ARG H 357 -64.63 15.69 0.94
N VAL H 358 -65.96 15.59 0.84
CA VAL H 358 -66.59 14.41 0.23
C VAL H 358 -66.00 14.14 -1.14
N VAL H 359 -66.02 15.15 -2.00
CA VAL H 359 -65.67 14.94 -3.40
C VAL H 359 -64.17 14.64 -3.54
N GLU H 360 -63.33 15.41 -2.87
CA GLU H 360 -61.90 15.14 -2.94
C GLU H 360 -61.57 13.77 -2.34
N HIS H 361 -62.37 13.29 -1.40
CA HIS H 361 -62.30 11.88 -1.03
C HIS H 361 -62.46 11.01 -2.27
N ASN H 362 -63.47 11.32 -3.09
CA ASN H 362 -63.64 10.53 -4.31
C ASN H 362 -62.40 10.55 -5.18
N ILE H 363 -61.86 11.73 -5.49
CA ILE H 363 -60.65 11.77 -6.32
C ILE H 363 -59.55 10.92 -5.70
N ARG H 364 -59.26 11.16 -4.41
CA ARG H 364 -58.24 10.37 -3.72
C ARG H 364 -58.43 8.87 -3.94
N ILE H 365 -59.67 8.43 -4.17
CA ILE H 365 -59.87 7.01 -4.48
C ILE H 365 -59.64 6.73 -5.96
N MET H 366 -60.01 7.67 -6.85
CA MET H 366 -59.64 7.53 -8.25
C MET H 366 -58.18 7.16 -8.38
N ALA H 367 -57.32 7.82 -7.59
CA ALA H 367 -55.88 7.66 -7.76
C ALA H 367 -55.37 6.25 -7.49
N LYS H 368 -56.18 5.37 -6.92
CA LYS H 368 -55.75 4.01 -6.61
C LYS H 368 -56.45 2.95 -7.46
N TYR H 369 -57.38 3.36 -8.32
CA TYR H 369 -58.24 2.43 -9.02
C TYR H 369 -58.36 2.75 -10.50
N TYR H 370 -57.70 3.81 -10.98
CA TYR H 370 -57.80 4.24 -12.37
C TYR H 370 -56.46 4.76 -12.87
N THR H 371 -56.08 4.37 -14.08
CA THR H 371 -55.04 5.09 -14.83
C THR H 371 -55.72 6.18 -15.63
N ARG H 372 -56.39 5.80 -16.71
CA ARG H 372 -57.20 6.75 -17.47
C ARG H 372 -58.56 6.93 -16.81
N ILE H 373 -59.26 7.99 -17.22
CA ILE H 373 -60.71 8.02 -17.09
C ILE H 373 -61.27 9.16 -17.92
N THR H 374 -62.46 8.94 -18.48
CA THR H 374 -63.13 9.96 -19.27
C THR H 374 -63.56 11.12 -18.38
N MET H 375 -63.60 12.32 -18.97
CA MET H 375 -64.05 13.49 -18.23
C MET H 375 -65.53 13.38 -17.89
N LYS H 376 -66.34 13.01 -18.88
CA LYS H 376 -67.78 12.88 -18.67
C LYS H 376 -68.07 11.94 -17.51
N ARG H 377 -67.52 10.73 -17.53
CA ARG H 377 -67.78 9.77 -16.46
C ARG H 377 -67.35 10.34 -15.10
N MET H 378 -66.23 11.06 -15.08
CA MET H 378 -65.77 11.69 -13.85
C MET H 378 -66.84 12.60 -13.27
N ALA H 379 -67.46 13.44 -14.13
CA ALA H 379 -68.45 14.40 -13.61
C ALA H 379 -69.61 13.71 -12.89
N GLN H 380 -70.02 12.51 -13.34
CA GLN H 380 -71.08 11.78 -12.67
C GLN H 380 -70.60 11.04 -11.45
N LEU H 381 -69.30 10.73 -11.37
CA LEU H 381 -68.74 10.24 -10.12
C LEU H 381 -68.32 11.36 -9.18
N LEU H 382 -68.60 12.61 -9.54
CA LEU H 382 -68.45 13.75 -8.64
C LEU H 382 -69.75 14.53 -8.44
N ASP H 383 -70.78 14.29 -9.26
CA ASP H 383 -72.02 15.04 -9.20
C ASP H 383 -71.73 16.54 -9.27
N LEU H 384 -70.86 16.90 -10.20
CA LEU H 384 -70.56 18.29 -10.53
C LEU H 384 -70.76 18.49 -12.02
N SER H 385 -70.78 19.74 -12.44
CA SER H 385 -70.87 20.06 -13.85
C SER H 385 -69.58 19.64 -14.57
N VAL H 386 -69.73 19.22 -15.82
CA VAL H 386 -68.57 18.77 -16.60
C VAL H 386 -67.54 19.88 -16.76
N ASP H 387 -67.97 21.14 -16.66
CA ASP H 387 -67.08 22.29 -16.81
C ASP H 387 -66.50 22.74 -15.48
N GLU H 388 -67.31 22.73 -14.44
CA GLU H 388 -66.85 23.06 -13.10
C GLU H 388 -65.91 22.01 -12.52
N SER H 389 -65.77 20.86 -13.16
CA SER H 389 -64.98 19.75 -12.63
C SER H 389 -63.53 19.77 -13.10
N GLU H 390 -63.16 20.69 -13.99
CA GLU H 390 -61.76 21.03 -14.15
C GLU H 390 -61.39 22.17 -13.20
N ALA H 391 -62.32 23.11 -13.00
CA ALA H 391 -62.10 24.20 -12.06
C ALA H 391 -61.98 23.69 -10.63
N PHE H 392 -62.59 22.54 -10.31
CA PHE H 392 -62.46 21.93 -8.99
C PHE H 392 -61.27 21.01 -8.87
N LEU H 393 -60.73 20.53 -10.00
CA LEU H 393 -59.54 19.69 -9.95
C LEU H 393 -58.27 20.50 -9.68
N SER H 394 -58.21 21.74 -10.18
CA SER H 394 -57.06 22.60 -9.90
C SER H 394 -56.88 22.82 -8.41
N ASN H 395 -57.97 22.82 -7.64
CA ASN H 395 -57.84 22.96 -6.19
C ASN H 395 -56.87 21.94 -5.61
N LEU H 396 -56.71 20.79 -6.28
CA LEU H 396 -55.86 19.72 -5.79
C LEU H 396 -54.54 19.60 -6.54
N VAL H 397 -54.57 19.68 -7.88
CA VAL H 397 -53.39 19.36 -8.68
C VAL H 397 -52.21 20.21 -8.22
N VAL H 398 -52.14 21.43 -8.71
CA VAL H 398 -51.13 22.35 -8.24
C VAL H 398 -51.61 22.92 -6.92
N ASN H 399 -50.76 22.85 -5.91
CA ASN H 399 -51.11 22.47 -4.56
C ASN H 399 -50.28 21.22 -4.33
N LYS H 400 -50.75 20.25 -3.53
CA LYS H 400 -49.90 19.11 -3.23
C LYS H 400 -50.65 17.78 -3.21
N THR H 401 -51.92 17.74 -3.58
CA THR H 401 -52.75 16.55 -3.44
C THR H 401 -52.99 15.91 -4.81
N ILE H 402 -52.20 14.90 -5.13
CA ILE H 402 -52.38 14.13 -6.36
C ILE H 402 -52.22 15.04 -7.57
N PHE H 403 -51.02 15.05 -8.15
CA PHE H 403 -50.75 15.84 -9.35
C PHE H 403 -51.14 15.09 -10.63
N ALA H 404 -52.37 14.58 -10.66
CA ALA H 404 -52.87 13.91 -11.85
C ALA H 404 -52.79 14.83 -13.06
N LYS H 405 -52.50 14.26 -14.22
CA LYS H 405 -52.35 15.04 -15.45
C LYS H 405 -53.55 14.84 -16.37
N VAL H 406 -54.22 15.93 -16.74
CA VAL H 406 -55.41 15.87 -17.57
C VAL H 406 -55.09 16.39 -18.96
N ASP H 407 -55.87 15.92 -19.94
CA ASP H 407 -55.87 16.45 -21.29
C ASP H 407 -57.32 16.81 -21.60
N ARG H 408 -57.56 18.13 -21.79
CA ARG H 408 -58.90 18.65 -22.02
C ARG H 408 -59.44 18.22 -23.39
N LEU H 409 -58.68 18.50 -24.45
CA LEU H 409 -59.11 18.09 -25.78
C LEU H 409 -59.34 16.58 -25.87
N ALA H 410 -58.54 15.80 -25.15
CA ALA H 410 -58.75 14.36 -25.09
C ALA H 410 -60.06 14.03 -24.38
N GLY H 411 -60.29 14.66 -23.23
CA GLY H 411 -61.28 14.21 -22.29
C GLY H 411 -60.75 13.19 -21.31
N ILE H 412 -59.44 13.15 -21.07
CA ILE H 412 -58.84 12.03 -20.35
C ILE H 412 -58.04 12.57 -19.17
N ILE H 413 -58.26 12.01 -18.00
CA ILE H 413 -57.36 12.22 -16.87
C ILE H 413 -56.47 10.99 -16.73
N ASN H 414 -55.20 11.22 -16.40
CA ASN H 414 -54.19 10.19 -16.18
C ASN H 414 -53.64 10.32 -14.78
N PHE H 415 -53.97 9.34 -13.92
CA PHE H 415 -53.39 9.23 -12.58
C PHE H 415 -52.21 8.28 -12.56
N GLN H 416 -51.49 8.13 -13.67
CA GLN H 416 -50.28 7.33 -13.71
C GLN H 416 -49.13 8.21 -14.15
N ARG H 417 -48.12 8.36 -13.29
CA ARG H 417 -47.01 9.24 -13.65
C ARG H 417 -46.23 8.62 -14.80
N PRO H 418 -45.44 9.43 -15.51
CA PRO H 418 -44.65 8.88 -16.62
C PRO H 418 -43.72 7.77 -16.15
N LYS H 419 -43.66 6.70 -16.94
CA LYS H 419 -42.86 5.52 -16.59
C LYS H 419 -41.46 5.69 -17.15
N ASP H 420 -40.47 5.79 -16.27
CA ASP H 420 -39.10 5.81 -16.73
C ASP H 420 -38.46 4.46 -16.44
N PRO H 421 -37.17 4.29 -16.73
CA PRO H 421 -36.54 2.99 -16.44
C PRO H 421 -36.40 2.69 -14.96
N ASN H 422 -35.98 3.67 -14.15
CA ASN H 422 -35.75 3.40 -12.74
C ASN H 422 -37.00 2.81 -12.08
N ASN H 423 -38.17 3.38 -12.37
CA ASN H 423 -39.43 2.76 -11.96
C ASN H 423 -39.50 1.30 -12.39
N LEU H 424 -39.65 1.10 -13.69
CA LEU H 424 -39.99 -0.21 -14.25
C LEU H 424 -39.08 -1.30 -13.70
N LEU H 425 -37.77 -1.06 -13.73
CA LEU H 425 -36.84 -2.08 -13.25
C LEU H 425 -36.80 -2.20 -11.74
N ASN H 426 -36.98 -1.11 -10.98
CA ASN H 426 -37.10 -1.29 -9.54
C ASN H 426 -38.42 -1.93 -9.12
N ASP H 427 -39.32 -2.20 -10.06
CA ASP H 427 -40.46 -3.07 -9.78
C ASP H 427 -40.18 -4.50 -10.16
N TRP H 428 -39.53 -4.69 -11.31
CA TRP H 428 -38.99 -6.00 -11.64
C TRP H 428 -38.15 -6.55 -10.49
N SER H 429 -37.31 -5.71 -9.87
CA SER H 429 -36.41 -6.15 -8.82
C SER H 429 -37.17 -6.48 -7.54
N GLN H 430 -38.17 -5.67 -7.21
CA GLN H 430 -39.01 -6.01 -6.07
C GLN H 430 -39.63 -7.38 -6.26
N LYS H 431 -40.15 -7.65 -7.46
CA LYS H 431 -40.81 -8.92 -7.69
C LYS H 431 -39.82 -10.09 -7.62
N LEU H 432 -38.65 -9.98 -8.23
CA LEU H 432 -37.70 -11.10 -8.10
C LEU H 432 -37.27 -11.28 -6.65
N ASN H 433 -37.19 -10.20 -5.89
CA ASN H 433 -36.92 -10.31 -4.46
C ASN H 433 -37.98 -11.16 -3.76
N SER H 434 -39.24 -10.69 -3.79
CA SER H 434 -40.31 -11.37 -3.06
C SER H 434 -40.52 -12.78 -3.59
N LEU H 435 -40.43 -12.97 -4.91
CA LEU H 435 -40.42 -14.31 -5.47
C LEU H 435 -39.42 -15.19 -4.75
N MET H 436 -38.17 -14.75 -4.69
CA MET H 436 -37.14 -15.51 -4.01
C MET H 436 -37.60 -15.91 -2.60
N SER H 437 -37.85 -14.89 -1.76
CA SER H 437 -38.24 -15.17 -0.38
C SER H 437 -39.37 -16.20 -0.32
N LEU H 438 -40.34 -16.07 -1.22
CA LEU H 438 -41.51 -16.93 -1.17
C LEU H 438 -41.15 -18.39 -1.46
N VAL H 439 -40.22 -18.62 -2.41
CA VAL H 439 -39.73 -19.98 -2.56
C VAL H 439 -39.14 -20.48 -1.24
N ASN H 440 -38.42 -19.61 -0.51
CA ASN H 440 -37.82 -20.07 0.74
C ASN H 440 -38.89 -20.58 1.72
N LYS H 441 -39.87 -19.71 2.03
CA LYS H 441 -40.89 -20.13 2.99
C LYS H 441 -41.66 -21.35 2.51
N THR H 442 -41.79 -21.52 1.19
CA THR H 442 -42.42 -22.72 0.66
C THR H 442 -41.64 -23.97 1.03
N THR H 443 -40.34 -23.98 0.75
CA THR H 443 -39.57 -25.20 1.04
C THR H 443 -39.59 -25.51 2.53
N HIS H 444 -39.54 -24.48 3.39
CA HIS H 444 -39.62 -24.80 4.81
C HIS H 444 -40.98 -25.38 5.18
N LEU H 445 -42.05 -24.88 4.58
CA LEU H 445 -43.37 -25.44 4.85
C LEU H 445 -43.45 -26.90 4.43
N ILE H 446 -43.01 -27.21 3.20
CA ILE H 446 -42.98 -28.60 2.75
C ILE H 446 -42.16 -29.45 3.70
N ALA H 447 -41.02 -28.94 4.14
CA ALA H 447 -40.23 -29.65 5.13
C ALA H 447 -41.11 -30.05 6.32
N LYS H 448 -41.63 -29.06 7.04
CA LYS H 448 -42.50 -29.31 8.19
C LYS H 448 -43.53 -30.40 7.91
N GLU H 449 -44.19 -30.33 6.75
CA GLU H 449 -45.25 -31.29 6.45
C GLU H 449 -44.70 -32.70 6.27
N GLU H 450 -43.52 -32.82 5.65
CA GLU H 450 -42.88 -34.13 5.48
C GLU H 450 -42.89 -34.92 6.79
N MET H 451 -42.83 -34.22 7.92
CA MET H 451 -42.70 -34.89 9.20
C MET H 451 -44.05 -35.42 9.70
N ILE H 452 -45.17 -34.79 9.34
CA ILE H 452 -46.47 -35.27 9.78
C ILE H 452 -46.93 -36.43 8.92
N HIS H 453 -46.69 -36.38 7.60
CA HIS H 453 -47.30 -37.44 6.80
C HIS H 453 -46.46 -38.71 6.78
N ASN H 454 -45.13 -38.60 6.77
CA ASN H 454 -44.30 -39.79 6.93
C ASN H 454 -44.08 -40.15 8.39
N LEU H 455 -44.78 -39.49 9.31
CA LEU H 455 -44.81 -39.86 10.72
C LEU H 455 -43.40 -40.05 11.29
N GLN H 456 -42.71 -38.95 11.54
CA GLN H 456 -41.38 -39.01 12.13
C GLN H 456 -41.52 -38.86 13.65
N MET I 1 -53.64 95.74 23.60
CA MET I 1 -54.62 95.93 24.71
C MET I 1 -53.97 96.63 25.91
N ALA I 2 -53.23 95.87 26.71
CA ALA I 2 -52.60 96.41 27.91
C ALA I 2 -51.29 97.12 27.57
N ALA I 3 -51.03 98.21 28.30
CA ALA I 3 -49.78 98.95 28.11
C ALA I 3 -48.59 98.00 28.21
N ALA I 4 -48.51 97.22 29.29
CA ALA I 4 -47.45 96.24 29.44
C ALA I 4 -47.79 94.98 28.66
N ALA I 5 -46.75 94.24 28.30
CA ALA I 5 -46.90 92.93 27.66
C ALA I 5 -46.54 91.78 28.59
N VAL I 6 -46.12 92.07 29.83
CA VAL I 6 -46.09 91.04 30.87
C VAL I 6 -47.46 90.92 31.53
N VAL I 7 -48.28 91.97 31.46
CA VAL I 7 -49.70 91.86 31.78
C VAL I 7 -50.46 91.15 30.66
N GLU I 8 -49.89 91.13 29.45
CA GLU I 8 -50.40 90.31 28.36
C GLU I 8 -49.83 88.89 28.44
N PHE I 9 -48.63 88.73 28.98
CA PHE I 9 -47.95 87.44 28.98
C PHE I 9 -48.66 86.42 29.87
N GLN I 10 -48.97 86.81 31.12
CA GLN I 10 -49.72 85.93 32.02
C GLN I 10 -51.19 85.83 31.63
N ARG I 11 -51.72 86.83 30.93
CA ARG I 11 -53.09 86.80 30.45
C ARG I 11 -53.24 85.96 29.18
N ALA I 12 -52.14 85.68 28.48
CA ALA I 12 -52.15 84.83 27.30
C ALA I 12 -51.91 83.36 27.63
N GLN I 13 -51.60 83.03 28.89
CA GLN I 13 -51.62 81.65 29.36
C GLN I 13 -52.89 81.32 30.15
N SER I 14 -53.64 82.34 30.56
CA SER I 14 -54.99 82.13 31.07
C SER I 14 -56.01 82.02 29.94
N LEU I 15 -55.65 82.44 28.73
CA LEU I 15 -56.48 82.30 27.55
C LEU I 15 -55.96 81.25 26.57
N LEU I 16 -54.78 80.67 26.83
CA LEU I 16 -54.33 79.49 26.10
C LEU I 16 -54.67 78.20 26.85
N SER I 17 -54.92 78.28 28.15
CA SER I 17 -55.43 77.12 28.89
C SER I 17 -56.88 76.83 28.50
N THR I 18 -57.72 77.87 28.44
CA THR I 18 -59.12 77.73 28.06
C THR I 18 -59.22 77.22 26.62
N ASP I 19 -59.10 78.11 25.64
CA ASP I 19 -59.10 77.76 24.23
C ASP I 19 -58.00 78.55 23.54
N ARG I 20 -57.26 77.87 22.67
CA ARG I 20 -56.15 78.50 21.96
C ARG I 20 -56.60 79.61 21.01
N GLU I 21 -57.90 79.73 20.74
CA GLU I 21 -58.39 80.72 19.79
C GLU I 21 -58.57 82.10 20.42
N ALA I 22 -58.75 82.17 21.74
CA ALA I 22 -58.81 83.47 22.43
C ALA I 22 -57.43 84.04 22.70
N SER I 23 -56.36 83.27 22.51
CA SER I 23 -54.99 83.76 22.58
C SER I 23 -54.50 84.27 21.23
N ILE I 24 -55.29 84.10 20.16
CA ILE I 24 -54.99 84.70 18.87
C ILE I 24 -55.68 86.06 18.72
N ASP I 25 -56.66 86.36 19.57
CA ASP I 25 -57.38 87.63 19.52
C ASP I 25 -56.81 88.70 20.43
N ILE I 26 -55.92 88.32 21.37
CA ILE I 26 -55.25 89.27 22.24
C ILE I 26 -53.89 89.62 21.64
N LEU I 27 -53.29 88.64 20.96
CA LEU I 27 -52.04 88.86 20.25
C LEU I 27 -52.19 89.92 19.17
N HIS I 28 -53.29 89.87 18.41
CA HIS I 28 -53.51 90.78 17.30
C HIS I 28 -53.94 92.18 17.74
N SER I 29 -54.30 92.37 19.00
CA SER I 29 -54.72 93.68 19.49
C SER I 29 -53.56 94.50 20.03
N ILE I 30 -52.55 93.86 20.64
CA ILE I 30 -51.41 94.59 21.21
C ILE I 30 -50.23 94.66 20.25
N VAL I 31 -50.16 93.79 19.25
CA VAL I 31 -49.03 93.79 18.33
C VAL I 31 -49.16 94.93 17.31
N LYS I 32 -50.27 94.93 16.56
CA LYS I 32 -50.49 95.96 15.55
C LYS I 32 -50.17 97.35 16.09
N ARG I 33 -50.80 97.73 17.19
CA ARG I 33 -50.49 99.02 17.81
C ARG I 33 -50.71 98.93 19.31
N ASP I 34 -49.74 99.41 20.07
CA ASP I 34 -49.88 99.68 21.49
C ASP I 34 -48.68 100.51 21.93
N ILE I 35 -48.83 101.19 23.07
CA ILE I 35 -47.83 102.12 23.56
C ILE I 35 -47.21 101.53 24.83
N GLN I 36 -45.90 101.29 24.79
CA GLN I 36 -45.11 100.94 25.95
C GLN I 36 -44.09 102.03 26.28
N GLU I 37 -43.37 102.49 25.27
CA GLU I 37 -42.53 103.68 25.35
C GLU I 37 -42.40 104.22 23.93
N ASN I 38 -42.52 105.55 23.79
CA ASN I 38 -42.47 106.18 22.48
C ASN I 38 -41.22 105.78 21.71
N ASP I 39 -41.11 106.20 20.45
CA ASP I 39 -40.05 105.75 19.55
C ASP I 39 -40.12 104.23 19.38
N GLU I 40 -41.35 103.72 19.33
CA GLU I 40 -41.63 102.33 19.02
C GLU I 40 -41.84 102.17 17.52
N GLU I 41 -41.57 100.97 17.01
CA GLU I 41 -41.86 100.65 15.61
C GLU I 41 -43.36 100.74 15.40
N ALA I 42 -44.11 99.78 15.96
CA ALA I 42 -45.55 99.90 16.10
C ALA I 42 -46.03 99.49 17.49
N VAL I 43 -45.14 99.00 18.35
CA VAL I 43 -45.48 98.66 19.73
C VAL I 43 -44.20 98.34 20.50
N GLN I 44 -43.25 97.70 19.83
CA GLN I 44 -42.12 97.06 20.51
C GLN I 44 -41.14 98.10 21.04
N VAL I 45 -41.01 98.17 22.37
CA VAL I 45 -39.85 98.74 23.04
C VAL I 45 -39.63 97.91 24.30
N LYS I 46 -39.95 96.61 24.19
CA LYS I 46 -39.80 95.68 25.29
C LYS I 46 -39.73 94.28 24.72
N GLU I 47 -39.03 93.40 25.44
CA GLU I 47 -38.79 92.03 25.00
C GLU I 47 -39.96 91.09 25.30
N GLN I 48 -41.13 91.63 25.64
CA GLN I 48 -42.33 90.82 25.78
C GLN I 48 -43.26 90.96 24.58
N SER I 49 -43.22 92.10 23.88
CA SER I 49 -43.84 92.19 22.56
C SER I 49 -43.04 91.43 21.51
N ILE I 50 -41.79 91.10 21.82
CA ILE I 50 -40.98 90.25 20.96
C ILE I 50 -41.15 88.78 21.33
N LEU I 51 -41.27 88.49 22.64
CA LEU I 51 -41.39 87.11 23.08
C LEU I 51 -42.66 86.44 22.57
N GLU I 52 -43.74 87.20 22.41
CA GLU I 52 -45.02 86.61 22.05
C GLU I 52 -45.31 86.65 20.55
N LEU I 53 -44.73 87.59 19.81
CA LEU I 53 -44.93 87.60 18.37
C LEU I 53 -44.58 86.24 17.77
N GLY I 54 -43.30 85.87 17.85
CA GLY I 54 -42.82 84.66 17.21
C GLY I 54 -43.34 83.38 17.82
N SER I 55 -43.54 83.37 19.14
CA SER I 55 -44.02 82.16 19.81
C SER I 55 -45.50 81.92 19.55
N LEU I 56 -46.34 82.95 19.71
CA LEU I 56 -47.78 82.77 19.56
C LEU I 56 -48.16 82.63 18.10
N LEU I 57 -47.81 83.63 17.27
CA LEU I 57 -48.31 83.60 15.90
C LEU I 57 -47.95 82.29 15.21
N ALA I 58 -46.79 81.72 15.54
CA ALA I 58 -46.33 80.45 14.94
C ALA I 58 -46.52 79.31 15.94
N LYS I 59 -47.80 79.04 16.24
CA LYS I 59 -48.16 77.83 16.99
C LYS I 59 -48.42 76.70 16.00
N THR I 60 -49.67 76.52 15.60
CA THR I 60 -50.01 75.61 14.51
C THR I 60 -50.86 76.30 13.45
N GLY I 61 -51.14 77.59 13.60
CA GLY I 61 -51.68 78.41 12.53
C GLY I 61 -52.98 77.94 11.90
N GLN I 62 -53.43 78.69 10.90
CA GLN I 62 -54.70 78.47 10.21
C GLN I 62 -54.64 79.18 8.87
N ALA I 63 -55.62 80.05 8.57
CA ALA I 63 -55.57 80.92 7.41
C ALA I 63 -55.36 82.39 7.77
N ALA I 64 -55.66 82.79 9.00
CA ALA I 64 -55.39 84.15 9.48
C ALA I 64 -53.99 84.31 10.04
N GLU I 65 -53.42 83.25 10.61
CA GLU I 65 -52.01 83.23 11.00
C GLU I 65 -51.09 82.79 9.85
N LEU I 66 -51.66 82.21 8.79
CA LEU I 66 -50.90 81.99 7.56
C LEU I 66 -50.75 83.30 6.79
N GLY I 67 -51.87 84.02 6.60
CA GLY I 67 -51.78 85.34 5.99
C GLY I 67 -51.05 86.34 6.86
N GLY I 68 -51.28 86.30 8.17
CA GLY I 68 -50.73 87.30 9.08
C GLY I 68 -49.23 87.24 9.32
N LEU I 69 -48.50 86.52 8.47
CA LEU I 69 -47.04 86.48 8.55
C LEU I 69 -46.38 87.56 7.69
N LEU I 70 -47.08 88.09 6.70
CA LEU I 70 -46.46 88.97 5.71
C LEU I 70 -46.27 90.38 6.27
N LYS I 71 -47.34 90.97 6.83
CA LYS I 71 -47.26 92.33 7.34
C LYS I 71 -46.63 92.39 8.73
N TYR I 72 -46.55 91.26 9.42
CA TYR I 72 -45.98 91.19 10.76
C TYR I 72 -44.48 90.97 10.76
N VAL I 73 -43.83 91.05 9.59
CA VAL I 73 -42.39 90.86 9.46
C VAL I 73 -41.70 92.09 8.89
N ARG I 74 -42.44 93.13 8.53
CA ARG I 74 -41.87 94.25 7.78
C ARG I 74 -41.20 95.29 8.68
N PRO I 75 -41.86 95.75 9.77
CA PRO I 75 -41.35 96.91 10.50
C PRO I 75 -40.27 96.58 11.53
N PHE I 76 -40.47 95.54 12.33
CA PHE I 76 -39.56 95.27 13.44
C PHE I 76 -38.25 94.66 12.95
N LEU I 77 -38.32 93.72 12.02
CA LEU I 77 -37.11 93.10 11.50
C LEU I 77 -36.19 94.12 10.85
N ASN I 78 -36.76 95.20 10.31
CA ASN I 78 -35.97 96.24 9.66
C ASN I 78 -35.38 97.24 10.65
N SER I 79 -35.83 97.23 11.91
CA SER I 79 -35.55 98.32 12.85
C SER I 79 -34.61 97.94 13.98
N ILE I 80 -34.66 96.71 14.51
CA ILE I 80 -33.83 96.34 15.66
C ILE I 80 -32.53 95.65 15.25
N SER I 81 -32.43 95.09 14.04
CA SER I 81 -31.25 94.38 13.53
C SER I 81 -30.36 93.78 14.61
N LYS I 82 -30.90 92.82 15.35
CA LYS I 82 -30.11 92.05 16.30
C LYS I 82 -30.09 90.60 15.87
N ALA I 83 -29.81 89.70 16.81
CA ALA I 83 -30.14 88.30 16.60
C ALA I 83 -31.64 88.09 16.60
N LYS I 84 -32.36 88.82 17.46
CA LYS I 84 -33.82 88.79 17.46
C LYS I 84 -34.34 88.88 16.02
N ALA I 85 -33.79 89.80 15.26
CA ALA I 85 -34.14 89.96 13.84
C ALA I 85 -33.43 88.96 12.94
N ALA I 86 -33.29 87.72 13.41
CA ALA I 86 -32.78 86.63 12.61
C ALA I 86 -33.59 85.40 12.96
N ARG I 87 -33.70 85.15 14.27
CA ARG I 87 -34.50 84.05 14.74
C ARG I 87 -35.99 84.33 14.66
N LEU I 88 -36.39 85.60 14.59
CA LEU I 88 -37.80 85.87 14.33
C LEU I 88 -38.16 85.49 12.90
N VAL I 89 -37.45 86.07 11.93
CA VAL I 89 -37.64 85.80 10.51
C VAL I 89 -37.51 84.32 10.25
N ARG I 90 -36.78 83.61 11.09
CA ARG I 90 -36.70 82.16 10.92
C ARG I 90 -37.86 81.43 11.58
N SER I 91 -38.13 81.72 12.85
CA SER I 91 -39.14 80.99 13.60
C SER I 91 -40.51 81.10 12.95
N LEU I 92 -40.85 82.28 12.44
CA LEU I 92 -42.14 82.39 11.74
C LEU I 92 -42.15 81.53 10.49
N LEU I 93 -41.03 81.48 9.77
CA LEU I 93 -40.91 80.72 8.53
C LEU I 93 -41.50 79.31 8.65
N ASP I 94 -41.42 78.72 9.84
CA ASP I 94 -41.86 77.34 10.03
C ASP I 94 -43.37 77.18 9.99
N LEU I 95 -44.14 78.28 9.94
CA LEU I 95 -45.59 78.17 10.00
C LEU I 95 -46.23 77.92 8.63
N PHE I 96 -45.55 78.25 7.53
CA PHE I 96 -45.99 77.80 6.22
C PHE I 96 -45.26 76.55 5.76
N LEU I 97 -44.15 76.18 6.42
CA LEU I 97 -43.50 74.91 6.14
C LEU I 97 -44.24 73.73 6.76
N ASP I 98 -45.07 73.98 7.77
CA ASP I 98 -45.93 72.96 8.35
C ASP I 98 -47.15 72.66 7.49
N MET I 99 -47.42 73.47 6.47
CA MET I 99 -48.65 73.37 5.68
C MET I 99 -48.30 73.33 4.18
N GLU I 100 -49.15 73.92 3.35
CA GLU I 100 -48.83 74.13 1.93
C GLU I 100 -48.02 75.41 1.79
N ALA I 101 -46.81 75.28 1.27
CA ALA I 101 -45.86 76.40 1.19
C ALA I 101 -45.78 77.02 -0.20
N ALA I 102 -46.50 76.50 -1.18
CA ALA I 102 -46.64 77.15 -2.48
C ALA I 102 -47.95 77.90 -2.61
N THR I 103 -48.82 77.84 -1.61
CA THR I 103 -50.08 78.58 -1.57
C THR I 103 -50.01 79.64 -0.48
N GLY I 104 -50.64 80.78 -0.75
CA GLY I 104 -50.24 82.02 -0.12
C GLY I 104 -48.98 82.59 -0.72
N GLN I 105 -48.47 81.97 -1.78
CA GLN I 105 -47.17 82.29 -2.38
C GLN I 105 -46.13 82.60 -1.31
N GLU I 106 -45.87 81.61 -0.47
CA GLU I 106 -44.77 81.71 0.49
C GLU I 106 -43.42 81.51 -0.18
N VAL I 107 -43.41 80.89 -1.37
CA VAL I 107 -42.22 80.88 -2.21
C VAL I 107 -41.78 82.30 -2.57
N GLU I 108 -42.66 83.29 -2.40
CA GLU I 108 -42.33 84.71 -2.61
C GLU I 108 -41.76 85.34 -1.33
N LEU I 109 -42.45 85.16 -0.20
CA LEU I 109 -41.97 85.66 1.08
C LEU I 109 -40.55 85.20 1.35
N CYS I 110 -40.27 83.93 1.06
CA CYS I 110 -38.91 83.43 1.23
C CYS I 110 -37.91 84.29 0.45
N LEU I 111 -38.22 84.58 -0.82
CA LEU I 111 -37.34 85.44 -1.60
C LEU I 111 -37.12 86.77 -0.92
N GLU I 112 -38.20 87.37 -0.39
CA GLU I 112 -38.02 88.61 0.37
C GLU I 112 -36.95 88.45 1.43
N CYS I 113 -37.08 87.44 2.29
CA CYS I 113 -36.08 87.25 3.34
C CYS I 113 -34.68 87.12 2.75
N ILE I 114 -34.56 86.45 1.60
CA ILE I 114 -33.24 86.27 0.99
C ILE I 114 -32.67 87.61 0.55
N GLU I 115 -33.48 88.47 -0.05
CA GLU I 115 -32.99 89.79 -0.44
C GLU I 115 -32.65 90.63 0.78
N TRP I 116 -33.45 90.54 1.84
CA TRP I 116 -33.16 91.29 3.06
C TRP I 116 -31.76 90.97 3.57
N ALA I 117 -31.36 89.70 3.52
CA ALA I 117 -30.09 89.28 4.07
C ALA I 117 -28.93 90.18 3.68
N LYS I 118 -29.08 90.97 2.61
CA LYS I 118 -28.00 91.85 2.19
C LYS I 118 -27.60 92.79 3.32
N SER I 119 -26.29 92.85 3.58
CA SER I 119 -25.69 93.75 4.55
C SER I 119 -25.87 93.23 5.98
N GLU I 120 -27.10 93.26 6.49
CA GLU I 120 -27.32 92.96 7.90
C GLU I 120 -26.94 91.52 8.24
N LYS I 121 -27.64 90.57 7.65
CA LYS I 121 -27.39 89.16 8.00
C LYS I 121 -26.03 88.72 7.50
N ARG I 122 -25.45 87.79 8.24
CA ARG I 122 -24.11 87.31 7.98
C ARG I 122 -24.06 86.29 6.83
N THR I 123 -25.06 86.32 5.94
CA THR I 123 -25.09 85.46 4.76
C THR I 123 -25.12 83.97 5.12
N PHE I 124 -24.78 83.59 6.36
CA PHE I 124 -25.08 82.24 6.80
C PHE I 124 -26.59 82.02 6.83
N LEU I 125 -27.31 82.97 7.41
CA LEU I 125 -28.77 82.89 7.41
C LEU I 125 -29.31 82.88 5.98
N ARG I 126 -28.66 83.62 5.09
CA ARG I 126 -29.00 83.67 3.67
C ARG I 126 -28.82 82.30 3.02
N GLN I 127 -27.57 81.88 2.93
CA GLN I 127 -27.23 80.58 2.36
C GLN I 127 -28.15 79.50 2.90
N ALA I 128 -28.32 79.46 4.21
CA ALA I 128 -29.20 78.49 4.85
C ALA I 128 -30.61 78.55 4.26
N LEU I 129 -31.33 79.66 4.46
CA LEU I 129 -32.72 79.70 4.03
C LEU I 129 -32.89 79.30 2.57
N GLU I 130 -31.88 79.55 1.75
CA GLU I 130 -32.01 79.12 0.36
C GLU I 130 -31.84 77.62 0.18
N ALA I 131 -31.65 76.85 1.25
CA ALA I 131 -31.73 75.40 1.15
C ALA I 131 -33.16 74.90 1.28
N ARG I 132 -34.04 75.68 1.93
CA ARG I 132 -35.47 75.44 1.82
C ARG I 132 -35.99 75.96 0.48
N LEU I 133 -35.45 77.10 0.02
CA LEU I 133 -35.92 77.66 -1.23
C LEU I 133 -35.93 76.62 -2.35
N VAL I 134 -34.88 75.81 -2.45
CA VAL I 134 -34.78 74.79 -3.49
C VAL I 134 -35.69 73.61 -3.16
N SER I 135 -36.39 73.68 -2.02
CA SER I 135 -37.43 72.71 -1.73
C SER I 135 -38.82 73.22 -2.07
N LEU I 136 -39.00 74.54 -2.16
CA LEU I 136 -40.26 75.08 -2.67
C LEU I 136 -40.27 75.24 -4.18
N TYR I 137 -39.11 75.40 -4.81
CA TYR I 137 -39.03 75.25 -6.26
C TYR I 137 -39.17 73.80 -6.71
N PHE I 138 -39.07 72.85 -5.78
CA PHE I 138 -39.22 71.43 -6.11
C PHE I 138 -40.63 70.89 -5.85
N ASP I 139 -41.47 71.62 -5.11
CA ASP I 139 -42.87 71.23 -4.93
C ASP I 139 -43.81 71.95 -5.90
N THR I 140 -43.44 73.12 -6.41
CA THR I 140 -44.08 73.67 -7.60
C THR I 140 -43.57 72.99 -8.87
N LYS I 141 -42.62 72.06 -8.73
CA LYS I 141 -42.10 71.22 -9.81
C LYS I 141 -41.33 72.00 -10.87
N ARG I 142 -41.01 73.27 -10.61
CA ARG I 142 -40.25 74.08 -11.55
C ARG I 142 -38.78 73.68 -11.45
N TYR I 143 -38.39 72.73 -12.28
CA TYR I 143 -37.08 72.10 -12.18
C TYR I 143 -35.96 72.96 -12.74
N GLN I 144 -36.26 73.88 -13.66
CA GLN I 144 -35.24 74.75 -14.22
C GLN I 144 -35.03 76.01 -13.39
N GLU I 145 -35.85 76.26 -12.38
CA GLU I 145 -35.48 77.21 -11.34
C GLU I 145 -34.62 76.53 -10.28
N ALA I 146 -34.95 75.27 -9.97
CA ALA I 146 -34.24 74.51 -8.95
C ALA I 146 -32.80 74.24 -9.37
N LEU I 147 -32.57 73.83 -10.61
CA LEU I 147 -31.21 73.54 -11.04
C LEU I 147 -30.37 74.81 -11.19
N HIS I 148 -31.00 75.95 -11.52
CA HIS I 148 -30.24 77.18 -11.64
C HIS I 148 -29.83 77.71 -10.27
N LEU I 149 -30.75 77.71 -9.29
CA LEU I 149 -30.38 78.21 -7.97
C LEU I 149 -29.47 77.23 -7.23
N GLY I 150 -29.63 75.92 -7.50
CA GLY I 150 -28.78 74.92 -6.87
C GLY I 150 -27.36 74.88 -7.37
N SER I 151 -26.97 75.76 -8.29
CA SER I 151 -25.58 75.87 -8.74
C SER I 151 -24.96 77.23 -8.42
N GLN I 152 -25.71 78.15 -7.79
CA GLN I 152 -25.09 79.20 -6.99
C GLN I 152 -24.65 78.68 -5.62
N LEU I 153 -25.19 77.53 -5.20
CA LEU I 153 -24.82 76.88 -3.95
C LEU I 153 -23.99 75.62 -4.19
N LEU I 154 -23.38 75.50 -5.37
CA LEU I 154 -22.19 74.69 -5.54
C LEU I 154 -20.93 75.54 -5.61
N ARG I 155 -21.07 76.82 -5.99
CA ARG I 155 -19.96 77.76 -6.01
C ARG I 155 -19.62 78.28 -4.62
N GLU I 156 -20.55 78.18 -3.67
CA GLU I 156 -20.23 78.43 -2.27
C GLU I 156 -20.49 77.17 -1.47
N LEU I 157 -20.77 77.32 -0.17
CA LEU I 157 -20.98 76.20 0.74
C LEU I 157 -19.86 75.16 0.64
N LYS I 158 -18.74 75.54 0.02
CA LYS I 158 -17.50 74.79 0.13
C LYS I 158 -16.80 75.10 1.43
N LYS I 159 -17.22 76.18 2.09
CA LYS I 159 -16.37 76.91 3.01
C LYS I 159 -17.17 77.84 3.91
N MET I 160 -18.35 78.28 3.43
CA MET I 160 -19.24 79.18 4.17
C MET I 160 -20.18 78.42 5.08
N ASP I 161 -19.91 77.14 5.34
CA ASP I 161 -20.80 76.22 6.04
C ASP I 161 -20.19 74.83 5.95
N ASP I 162 -19.33 74.62 4.93
CA ASP I 162 -18.47 73.45 4.82
C ASP I 162 -19.26 72.25 4.36
N LYS I 163 -18.75 71.05 4.64
CA LYS I 163 -19.35 69.80 4.20
C LYS I 163 -20.53 69.40 5.07
N ALA I 164 -21.02 70.35 5.88
CA ALA I 164 -22.24 70.13 6.65
C ALA I 164 -23.48 70.29 5.76
N LEU I 165 -23.62 71.46 5.14
CA LEU I 165 -24.81 71.78 4.35
C LEU I 165 -24.68 71.35 2.89
N LEU I 166 -23.52 70.90 2.46
CA LEU I 166 -23.32 70.53 1.05
C LEU I 166 -23.71 69.08 0.76
N VAL I 167 -24.20 68.34 1.75
CA VAL I 167 -24.84 67.06 1.45
C VAL I 167 -26.26 67.28 0.98
N GLU I 168 -26.96 68.24 1.58
CA GLU I 168 -28.35 68.48 1.21
C GLU I 168 -28.40 69.01 -0.22
N VAL I 169 -28.01 70.27 -0.44
CA VAL I 169 -28.32 70.92 -1.72
C VAL I 169 -27.97 70.03 -2.91
N GLN I 170 -26.98 69.15 -2.78
CA GLN I 170 -26.69 68.17 -3.83
C GLN I 170 -27.70 67.04 -3.84
N LEU I 171 -27.94 66.42 -2.68
CA LEU I 171 -28.95 65.38 -2.57
C LEU I 171 -30.28 65.86 -3.14
N LEU I 172 -30.62 67.11 -2.87
CA LEU I 172 -31.72 67.80 -3.53
C LEU I 172 -31.56 67.80 -5.05
N GLU I 173 -30.41 68.28 -5.53
CA GLU I 173 -30.16 68.33 -6.97
C GLU I 173 -30.49 66.99 -7.62
N SER I 174 -30.11 65.89 -6.97
CA SER I 174 -30.37 64.56 -7.52
C SER I 174 -31.86 64.37 -7.82
N LYS I 175 -32.70 64.50 -6.79
CA LYS I 175 -34.14 64.49 -6.98
C LYS I 175 -34.52 65.31 -8.20
N THR I 176 -34.08 66.57 -8.23
CA THR I 176 -34.49 67.47 -9.30
C THR I 176 -34.23 66.85 -10.67
N TYR I 177 -33.00 66.41 -10.92
CA TYR I 177 -32.74 65.73 -12.19
C TYR I 177 -33.64 64.52 -12.37
N HIS I 178 -34.05 63.88 -11.27
CA HIS I 178 -34.77 62.61 -11.37
C HIS I 178 -36.25 62.80 -11.67
N ALA I 179 -36.80 64.00 -11.53
CA ALA I 179 -38.14 64.27 -12.06
C ALA I 179 -38.11 65.00 -13.40
N LEU I 180 -37.03 65.71 -13.72
CA LEU I 180 -36.75 66.14 -15.09
C LEU I 180 -36.45 64.96 -16.01
N SER I 181 -36.45 63.74 -15.46
CA SER I 181 -36.38 62.49 -16.22
C SER I 181 -35.02 62.26 -16.86
N ASN I 182 -33.95 62.71 -16.18
CA ASN I 182 -32.59 62.33 -16.53
C ASN I 182 -32.16 61.18 -15.65
N LEU I 183 -30.93 60.71 -15.88
CA LEU I 183 -30.38 59.58 -15.13
C LEU I 183 -28.86 59.66 -15.10
N PRO I 184 -28.18 59.89 -16.24
CA PRO I 184 -26.75 60.20 -16.17
C PRO I 184 -26.46 61.53 -15.48
N LYS I 185 -27.45 62.42 -15.38
CA LYS I 185 -27.29 63.63 -14.60
C LYS I 185 -27.43 63.35 -13.11
N ALA I 186 -28.48 62.61 -12.72
CA ALA I 186 -28.74 62.33 -11.31
C ALA I 186 -27.71 61.36 -10.75
N ARG I 187 -27.42 60.29 -11.48
CA ARG I 187 -26.38 59.32 -11.12
C ARG I 187 -25.11 60.03 -10.68
N ALA I 188 -24.88 61.25 -11.19
CA ALA I 188 -23.70 62.03 -10.83
C ALA I 188 -23.89 62.76 -9.51
N ALA I 189 -24.88 63.65 -9.45
CA ALA I 189 -25.16 64.38 -8.21
C ALA I 189 -25.22 63.43 -7.02
N LEU I 190 -25.75 62.22 -7.23
CA LEU I 190 -25.92 61.28 -6.12
C LEU I 190 -24.58 60.88 -5.52
N THR I 191 -23.67 60.38 -6.35
CA THR I 191 -22.34 60.02 -5.86
C THR I 191 -21.66 61.24 -5.26
N SER I 192 -21.81 62.41 -5.90
CA SER I 192 -21.21 63.64 -5.36
C SER I 192 -21.71 63.93 -3.95
N ALA I 193 -22.92 63.48 -3.62
CA ALA I 193 -23.42 63.61 -2.25
C ALA I 193 -22.83 62.53 -1.35
N ARG I 194 -23.09 61.25 -1.68
CA ARG I 194 -22.68 60.18 -0.77
C ARG I 194 -21.18 59.98 -0.71
N THR I 195 -20.39 60.81 -1.38
CA THR I 195 -18.95 60.88 -1.14
C THR I 195 -18.69 61.91 -0.05
N THR I 196 -18.98 63.19 -0.35
CA THR I 196 -18.90 64.23 0.65
C THR I 196 -19.58 63.82 1.95
N ALA I 197 -20.48 62.84 1.89
CA ALA I 197 -21.16 62.36 3.09
C ALA I 197 -20.16 61.75 4.08
N ASN I 198 -19.30 60.84 3.62
CA ASN I 198 -18.31 60.25 4.50
C ASN I 198 -17.43 61.35 5.09
N ALA I 199 -17.99 62.13 6.00
CA ALA I 199 -17.32 63.28 6.57
C ALA I 199 -17.74 63.44 8.02
N ILE I 200 -16.95 64.22 8.76
CA ILE I 200 -17.14 64.29 10.21
C ILE I 200 -18.59 64.62 10.55
N TYR I 201 -19.20 65.50 9.77
CA TYR I 201 -20.62 65.77 9.94
C TYR I 201 -21.43 64.58 9.46
N CYS I 202 -22.49 64.24 10.20
CA CYS I 202 -23.34 63.10 9.84
C CYS I 202 -24.51 62.95 10.80
N PRO I 203 -25.58 63.72 10.64
CA PRO I 203 -26.78 63.51 11.47
C PRO I 203 -27.54 62.29 11.01
N PRO I 204 -28.36 61.69 11.86
CA PRO I 204 -29.17 60.53 11.41
C PRO I 204 -30.23 60.92 10.40
N LYS I 205 -30.74 62.15 10.48
CA LYS I 205 -31.65 62.72 9.50
C LYS I 205 -31.10 62.58 8.08
N LEU I 206 -30.04 63.35 7.79
CA LEU I 206 -29.40 63.30 6.48
C LEU I 206 -28.99 61.88 6.12
N GLN I 207 -28.36 61.18 7.07
CA GLN I 207 -27.90 59.82 6.82
C GLN I 207 -29.05 58.91 6.40
N ALA I 208 -30.30 59.26 6.74
CA ALA I 208 -31.42 58.46 6.26
C ALA I 208 -31.91 58.92 4.89
N THR I 209 -32.12 60.23 4.72
CA THR I 209 -32.57 60.74 3.42
C THR I 209 -31.67 60.23 2.30
N LEU I 210 -30.35 60.40 2.50
CA LEU I 210 -29.35 59.90 1.57
C LEU I 210 -29.66 58.44 1.18
N ASP I 211 -29.75 57.57 2.18
CA ASP I 211 -30.00 56.15 1.91
C ASP I 211 -31.19 55.98 0.98
N MET I 212 -32.30 56.66 1.28
CA MET I 212 -33.50 56.47 0.47
C MET I 212 -33.25 56.86 -0.99
N GLN I 213 -32.64 58.03 -1.21
CA GLN I 213 -32.35 58.43 -2.59
C GLN I 213 -31.49 57.38 -3.29
N SER I 214 -30.53 56.79 -2.57
CA SER I 214 -29.68 55.76 -3.16
C SER I 214 -30.52 54.58 -3.64
N GLY I 215 -31.46 54.13 -2.81
CA GLY I 215 -32.32 53.04 -3.23
C GLY I 215 -33.13 53.37 -4.47
N ILE I 216 -33.66 54.60 -4.55
CA ILE I 216 -34.37 54.99 -5.76
C ILE I 216 -33.48 54.81 -6.97
N ILE I 217 -32.29 55.42 -6.95
CA ILE I 217 -31.47 55.41 -8.17
C ILE I 217 -30.93 54.03 -8.51
N HIS I 218 -30.83 53.11 -7.54
CA HIS I 218 -30.49 51.74 -7.93
C HIS I 218 -31.70 50.98 -8.45
N ALA I 219 -32.90 51.33 -8.00
CA ALA I 219 -34.11 50.68 -8.48
C ALA I 219 -34.64 51.29 -9.78
N ALA I 220 -33.99 52.33 -10.32
CA ALA I 220 -34.33 52.85 -11.63
C ALA I 220 -33.73 52.03 -12.77
N GLU I 221 -32.98 50.97 -12.44
CA GLU I 221 -32.60 49.96 -13.41
C GLU I 221 -33.04 48.60 -12.86
N GLU I 222 -33.33 47.68 -13.77
CA GLU I 222 -34.10 46.49 -13.39
C GLU I 222 -33.26 45.38 -12.75
N LYS I 223 -31.93 45.45 -12.80
CA LYS I 223 -31.10 44.32 -12.40
C LYS I 223 -30.64 44.35 -10.94
N ASP I 224 -30.97 45.40 -10.19
CA ASP I 224 -30.26 45.69 -8.95
C ASP I 224 -31.09 45.51 -7.69
N TRP I 225 -32.33 44.99 -7.79
CA TRP I 225 -33.23 45.05 -6.65
C TRP I 225 -32.74 44.25 -5.45
N LYS I 226 -31.86 43.26 -5.66
CA LYS I 226 -31.27 42.58 -4.53
C LYS I 226 -30.44 43.52 -3.65
N THR I 227 -30.00 44.64 -4.21
CA THR I 227 -29.29 45.69 -3.48
C THR I 227 -30.25 46.67 -2.81
N ALA I 228 -31.16 47.24 -3.59
CA ALA I 228 -32.09 48.25 -3.09
C ALA I 228 -32.65 47.91 -1.71
N TYR I 229 -33.05 46.65 -1.53
CA TYR I 229 -33.58 46.17 -0.26
C TYR I 229 -32.58 46.42 0.87
N SER I 230 -31.33 46.74 0.52
CA SER I 230 -30.37 47.18 1.52
C SER I 230 -30.64 48.62 1.93
N TYR I 231 -30.43 49.55 1.00
CA TYR I 231 -30.56 50.97 1.32
C TYR I 231 -31.92 51.26 1.93
N PHE I 232 -33.01 50.83 1.28
CA PHE I 232 -34.32 51.15 1.83
C PHE I 232 -34.46 50.61 3.24
N TYR I 233 -33.82 49.49 3.55
CA TYR I 233 -33.84 48.99 4.93
C TYR I 233 -33.10 49.95 5.85
N GLU I 234 -31.90 50.37 5.45
CA GLU I 234 -31.15 51.35 6.23
C GLU I 234 -31.99 52.59 6.47
N ALA I 235 -32.59 53.14 5.41
CA ALA I 235 -33.43 54.33 5.53
C ALA I 235 -34.59 54.09 6.47
N PHE I 236 -35.14 52.87 6.47
CA PHE I 236 -36.28 52.56 7.32
C PHE I 236 -35.88 52.62 8.78
N GLU I 237 -34.93 51.77 9.20
CA GLU I 237 -34.39 51.88 10.55
C GLU I 237 -34.13 53.35 10.89
N GLY I 238 -33.37 54.02 10.04
CA GLY I 238 -32.99 55.41 10.21
C GLY I 238 -34.15 56.31 10.56
N TYR I 239 -34.93 56.70 9.55
CA TYR I 239 -36.11 57.52 9.76
C TYR I 239 -36.90 57.08 10.97
N ASP I 240 -37.01 55.76 11.17
CA ASP I 240 -37.81 55.24 12.28
C ASP I 240 -37.32 55.77 13.61
N SER I 241 -35.99 55.89 13.79
CA SER I 241 -35.48 56.30 15.09
C SER I 241 -35.92 57.72 15.50
N ILE I 242 -36.06 58.64 14.54
CA ILE I 242 -36.28 60.05 14.85
C ILE I 242 -37.73 60.48 14.63
N ASP I 243 -38.67 59.53 14.62
CA ASP I 243 -40.10 59.82 14.53
C ASP I 243 -40.44 60.88 13.49
N SER I 244 -40.39 60.51 12.22
CA SER I 244 -40.71 61.41 11.13
C SER I 244 -41.88 60.85 10.32
N PRO I 245 -42.57 61.68 9.54
CA PRO I 245 -43.60 61.14 8.62
C PRO I 245 -42.99 60.48 7.40
N LYS I 246 -41.72 60.71 7.12
CA LYS I 246 -41.03 60.02 6.03
C LYS I 246 -41.19 58.52 6.13
N ALA I 247 -41.06 57.98 7.36
CA ALA I 247 -40.89 56.54 7.57
C ALA I 247 -41.84 55.69 6.72
N ILE I 248 -43.12 56.06 6.71
CA ILE I 248 -44.10 55.25 5.96
C ILE I 248 -43.60 55.06 4.53
N THR I 249 -43.41 56.18 3.82
CA THR I 249 -43.00 56.16 2.41
C THR I 249 -41.76 55.30 2.19
N SER I 250 -40.93 55.10 3.21
CA SER I 250 -39.78 54.22 3.05
C SER I 250 -40.20 52.76 3.06
N LEU I 251 -40.87 52.33 4.15
CA LEU I 251 -41.27 50.92 4.22
C LEU I 251 -42.04 50.53 2.97
N LYS I 252 -42.86 51.45 2.46
CA LYS I 252 -43.56 51.23 1.20
C LYS I 252 -42.63 50.63 0.15
N TYR I 253 -41.57 51.36 -0.21
CA TYR I 253 -40.65 50.85 -1.21
C TYR I 253 -40.13 49.47 -0.83
N MET I 254 -39.78 49.27 0.44
CA MET I 254 -39.09 48.05 0.83
C MET I 254 -39.89 46.82 0.44
N LEU I 255 -41.10 46.69 0.98
CA LEU I 255 -41.96 45.57 0.61
C LEU I 255 -42.01 45.40 -0.90
N LEU I 256 -42.15 46.51 -1.63
CA LEU I 256 -42.22 46.42 -3.08
C LEU I 256 -41.06 45.61 -3.64
N CYS I 257 -39.84 45.99 -3.25
CA CYS I 257 -38.65 45.37 -3.83
C CYS I 257 -38.47 43.91 -3.40
N LYS I 258 -39.42 43.32 -2.67
CA LYS I 258 -39.41 41.88 -2.52
C LYS I 258 -40.11 41.22 -3.70
N ILE I 259 -41.27 41.74 -4.09
CA ILE I 259 -42.05 41.12 -5.15
C ILE I 259 -41.35 41.24 -6.49
N MET I 260 -40.44 42.21 -6.65
CA MET I 260 -39.65 42.29 -7.87
C MET I 260 -38.66 41.13 -7.96
N LEU I 261 -38.20 40.63 -6.82
CA LEU I 261 -37.35 39.46 -6.75
C LEU I 261 -38.14 38.17 -6.69
N ASN I 262 -39.47 38.25 -6.77
CA ASN I 262 -40.34 37.08 -6.70
C ASN I 262 -40.10 36.28 -5.41
N THR I 263 -39.97 37.00 -4.29
CA THR I 263 -39.87 36.40 -2.97
C THR I 263 -40.88 37.04 -2.03
N PRO I 264 -42.18 36.98 -2.39
CA PRO I 264 -43.17 37.82 -1.71
C PRO I 264 -43.53 37.33 -0.32
N GLU I 265 -43.16 36.11 0.05
CA GLU I 265 -43.47 35.63 1.39
C GLU I 265 -42.81 36.52 2.45
N ASP I 266 -41.66 37.11 2.12
CA ASP I 266 -41.03 38.07 3.03
C ASP I 266 -42.02 39.13 3.50
N VAL I 267 -42.92 39.54 2.62
CA VAL I 267 -43.86 40.61 2.96
C VAL I 267 -44.80 40.16 4.07
N GLN I 268 -45.18 38.88 4.09
CA GLN I 268 -46.02 38.36 5.16
C GLN I 268 -45.28 38.30 6.49
N ALA I 269 -43.94 38.42 6.45
CA ALA I 269 -43.09 38.38 7.62
C ALA I 269 -42.58 39.76 8.01
N LEU I 270 -42.04 40.52 7.05
CA LEU I 270 -41.46 41.83 7.38
C LEU I 270 -42.49 42.75 8.02
N VAL I 271 -43.74 42.69 7.56
CA VAL I 271 -44.82 43.38 8.26
C VAL I 271 -45.23 42.51 9.43
N SER I 272 -44.63 42.76 10.59
CA SER I 272 -44.99 42.07 11.83
C SER I 272 -46.17 42.82 12.48
N GLY I 273 -46.40 42.58 13.76
CA GLY I 273 -47.35 43.38 14.53
C GLY I 273 -46.63 44.42 15.36
N LYS I 274 -45.31 44.25 15.48
CA LYS I 274 -44.46 45.22 16.18
C LYS I 274 -43.77 46.12 15.17
N LEU I 275 -42.91 45.54 14.35
CA LEU I 275 -41.95 46.32 13.56
C LEU I 275 -42.64 47.20 12.53
N ALA I 276 -43.71 46.71 11.90
CA ALA I 276 -44.43 47.49 10.91
C ALA I 276 -45.61 48.25 11.50
N LEU I 277 -46.26 47.69 12.53
CA LEU I 277 -47.45 48.31 13.10
C LEU I 277 -47.22 49.78 13.43
N ARG I 278 -46.05 50.10 14.00
CA ARG I 278 -45.71 51.48 14.36
C ARG I 278 -46.13 52.46 13.27
N TYR I 279 -45.94 52.08 12.00
CA TYR I 279 -46.36 52.85 10.85
C TYR I 279 -47.17 51.92 9.93
N ALA I 280 -48.47 51.78 10.21
CA ALA I 280 -49.37 50.92 9.43
C ALA I 280 -50.63 51.69 9.07
N GLY I 281 -50.76 52.09 7.81
CA GLY I 281 -51.89 52.84 7.32
C GLY I 281 -52.48 52.19 6.08
N ARG I 282 -53.05 53.04 5.21
CA ARG I 282 -53.54 52.56 3.92
C ARG I 282 -52.37 52.17 3.00
N GLN I 283 -51.27 52.90 3.09
CA GLN I 283 -50.14 52.66 2.19
C GLN I 283 -49.57 51.27 2.39
N THR I 284 -49.50 50.80 3.64
CA THR I 284 -49.04 49.43 3.91
C THR I 284 -49.98 48.41 3.29
N GLU I 285 -51.28 48.58 3.52
CA GLU I 285 -52.30 47.64 3.08
C GLU I 285 -52.54 47.69 1.59
N ALA I 286 -51.87 48.58 0.87
CA ALA I 286 -51.75 48.42 -0.58
C ALA I 286 -50.79 47.28 -0.93
N LEU I 287 -49.56 47.35 -0.41
CA LEU I 287 -48.55 46.37 -0.75
C LEU I 287 -48.85 45.01 -0.15
N LYS I 288 -49.39 44.98 1.06
CA LYS I 288 -49.75 43.68 1.63
C LYS I 288 -50.62 42.89 0.67
N CYS I 289 -51.53 43.57 -0.03
CA CYS I 289 -52.41 42.87 -0.95
C CYS I 289 -51.70 42.58 -2.27
N VAL I 290 -51.02 43.56 -2.87
CA VAL I 290 -50.29 43.30 -4.11
C VAL I 290 -49.38 42.09 -3.93
N ALA I 291 -48.66 42.06 -2.82
CA ALA I 291 -47.90 40.89 -2.41
C ALA I 291 -48.79 39.66 -2.40
N GLN I 292 -49.88 39.70 -1.63
CA GLN I 292 -50.78 38.55 -1.62
C GLN I 292 -51.22 38.14 -3.02
N ALA I 293 -51.14 39.05 -3.98
CA ALA I 293 -51.51 38.74 -5.36
C ALA I 293 -50.45 37.88 -6.01
N SER I 294 -49.20 38.35 -6.02
CA SER I 294 -48.17 37.49 -6.61
C SER I 294 -47.89 36.25 -5.77
N LYS I 295 -48.38 36.20 -4.53
CA LYS I 295 -48.22 35.03 -3.67
C LYS I 295 -49.21 33.94 -4.04
N ASN I 296 -50.49 34.31 -4.21
CA ASN I 296 -51.46 33.40 -4.78
C ASN I 296 -51.18 33.09 -6.25
N ARG I 297 -50.25 33.80 -6.87
CA ARG I 297 -49.99 33.71 -8.31
C ARG I 297 -51.25 34.04 -9.10
N SER I 298 -51.91 35.12 -8.69
CA SER I 298 -53.25 35.47 -9.16
C SER I 298 -53.18 36.77 -9.96
N LEU I 299 -53.61 36.73 -11.22
CA LEU I 299 -53.54 37.90 -12.07
C LEU I 299 -54.73 38.83 -11.84
N ALA I 300 -55.94 38.29 -11.69
CA ALA I 300 -57.12 39.12 -11.47
C ALA I 300 -57.03 39.84 -10.12
N ASP I 301 -56.48 39.16 -9.11
CA ASP I 301 -56.28 39.77 -7.80
C ASP I 301 -55.50 41.08 -7.92
N PHE I 302 -54.50 41.12 -8.80
CA PHE I 302 -53.69 42.32 -8.98
C PHE I 302 -54.56 43.51 -9.38
N GLU I 303 -55.47 43.29 -10.34
CA GLU I 303 -56.28 44.40 -10.83
C GLU I 303 -57.33 44.82 -9.81
N LYS I 304 -57.91 43.85 -9.09
CA LYS I 304 -58.93 44.19 -8.10
C LYS I 304 -58.35 44.91 -6.89
N ALA I 305 -57.08 44.68 -6.56
CA ALA I 305 -56.42 45.46 -5.52
C ALA I 305 -55.83 46.76 -6.02
N LEU I 306 -55.50 46.85 -7.31
CA LEU I 306 -55.02 48.11 -7.86
C LEU I 306 -56.15 49.12 -8.00
N THR I 307 -57.38 48.66 -8.28
CA THR I 307 -58.49 49.62 -8.36
C THR I 307 -58.84 50.18 -6.98
N ASP I 308 -58.90 49.32 -5.96
CA ASP I 308 -59.26 49.78 -4.62
C ASP I 308 -58.33 50.90 -4.15
N TYR I 309 -57.03 50.70 -4.33
CA TYR I 309 -56.03 51.67 -3.86
C TYR I 309 -55.47 52.47 -5.03
N ARG I 310 -56.35 53.13 -5.78
CA ARG I 310 -55.93 53.96 -6.90
C ARG I 310 -55.37 55.31 -6.47
N ALA I 311 -55.31 55.58 -5.15
CA ALA I 311 -54.71 56.80 -4.64
C ALA I 311 -53.28 56.59 -4.15
N GLU I 312 -52.95 55.40 -3.64
CA GLU I 312 -51.59 55.13 -3.16
C GLU I 312 -50.67 54.72 -4.29
N LEU I 313 -51.12 53.82 -5.16
CA LEU I 313 -50.28 53.29 -6.23
C LEU I 313 -50.35 54.14 -7.49
N ARG I 314 -50.17 55.45 -7.29
CA ARG I 314 -50.00 56.41 -8.36
C ARG I 314 -49.22 57.62 -7.85
N ASP I 315 -49.64 58.16 -6.71
CA ASP I 315 -49.08 59.39 -6.17
C ASP I 315 -47.56 59.39 -6.24
N ASP I 316 -46.90 58.54 -5.44
CA ASP I 316 -45.45 58.40 -5.53
C ASP I 316 -45.10 58.07 -6.98
N PRO I 317 -44.57 59.04 -7.75
CA PRO I 317 -44.39 58.79 -9.20
C PRO I 317 -43.49 57.61 -9.49
N ILE I 318 -42.75 57.10 -8.51
CA ILE I 318 -41.65 56.19 -8.80
C ILE I 318 -42.11 54.72 -8.88
N ILE I 319 -43.12 54.33 -8.10
CA ILE I 319 -43.67 52.98 -8.25
C ILE I 319 -44.55 52.87 -9.48
N SER I 320 -44.91 54.00 -10.09
CA SER I 320 -45.71 53.98 -11.31
C SER I 320 -44.92 53.53 -12.53
N THR I 321 -43.58 53.64 -12.49
CA THR I 321 -42.76 52.99 -13.51
C THR I 321 -42.74 51.48 -13.31
N HIS I 322 -42.61 51.04 -12.06
CA HIS I 322 -42.41 49.62 -11.78
C HIS I 322 -43.66 48.80 -11.99
N LEU I 323 -44.85 49.34 -11.73
CA LEU I 323 -46.07 48.58 -12.01
C LEU I 323 -46.05 48.01 -13.43
N ALA I 324 -45.52 48.80 -14.37
CA ALA I 324 -45.43 48.36 -15.77
C ALA I 324 -44.56 47.12 -15.92
N LYS I 325 -43.43 47.07 -15.20
CA LYS I 325 -42.57 45.88 -15.21
C LYS I 325 -43.05 44.78 -14.29
N LEU I 326 -44.01 45.07 -13.41
CA LEU I 326 -44.56 44.12 -12.45
C LEU I 326 -45.68 43.30 -13.06
N TYR I 327 -46.39 43.87 -14.04
CA TYR I 327 -47.38 43.12 -14.79
C TYR I 327 -46.78 41.94 -15.54
N ASP I 328 -45.46 41.91 -15.74
CA ASP I 328 -44.79 40.82 -16.43
C ASP I 328 -44.33 39.75 -15.45
N ASN I 329 -43.58 40.15 -14.42
CA ASN I 329 -43.29 39.27 -13.30
C ASN I 329 -44.53 38.47 -12.94
N LEU I 330 -45.68 39.16 -12.88
CA LEU I 330 -46.94 38.50 -12.57
C LEU I 330 -47.48 37.67 -13.75
N LEU I 331 -47.85 38.35 -14.84
CA LEU I 331 -48.49 37.68 -15.97
C LEU I 331 -47.85 36.34 -16.31
N GLU I 332 -46.51 36.30 -16.33
CA GLU I 332 -45.81 35.05 -16.61
C GLU I 332 -46.21 33.96 -15.60
N GLN I 333 -45.95 34.22 -14.32
CA GLN I 333 -46.27 33.26 -13.27
C GLN I 333 -47.74 32.86 -13.25
N ASN I 334 -48.62 33.64 -13.89
CA ASN I 334 -50.04 33.27 -13.90
C ASN I 334 -50.39 32.34 -15.07
N LEU I 335 -49.94 32.67 -16.28
CA LEU I 335 -50.06 31.72 -17.39
C LEU I 335 -49.64 30.33 -16.94
N ILE I 336 -48.50 30.26 -16.24
CA ILE I 336 -48.06 28.95 -15.73
C ILE I 336 -49.17 28.30 -14.89
N ARG I 337 -49.65 29.02 -13.86
CA ARG I 337 -50.59 28.43 -12.91
C ARG I 337 -51.85 27.93 -13.60
N VAL I 338 -52.23 28.49 -14.74
CA VAL I 338 -53.33 27.90 -15.50
C VAL I 338 -52.88 26.60 -16.14
N ILE I 339 -51.82 26.66 -16.95
CA ILE I 339 -51.50 25.52 -17.82
C ILE I 339 -50.92 24.32 -17.08
N GLU I 340 -50.68 24.45 -15.79
CA GLU I 340 -49.92 23.40 -15.11
C GLU I 340 -50.55 22.01 -15.14
N PRO I 341 -51.86 21.83 -15.07
CA PRO I 341 -52.43 20.48 -15.01
C PRO I 341 -52.78 19.83 -16.34
N PHE I 342 -52.47 20.46 -17.46
CA PHE I 342 -53.01 20.05 -18.75
C PHE I 342 -51.96 19.35 -19.61
N SER I 343 -52.40 18.96 -20.79
CA SER I 343 -51.54 18.65 -21.93
C SER I 343 -52.41 18.78 -23.17
N ARG I 344 -51.89 19.44 -24.20
CA ARG I 344 -52.62 19.64 -25.45
C ARG I 344 -53.92 20.42 -25.21
N VAL I 345 -53.94 21.27 -24.19
CA VAL I 345 -55.13 22.07 -23.92
C VAL I 345 -55.40 23.01 -25.09
N GLN I 346 -56.67 23.38 -25.27
CA GLN I 346 -57.06 24.31 -26.32
C GLN I 346 -56.81 25.75 -25.86
N ILE I 347 -56.32 26.58 -26.78
CA ILE I 347 -55.83 27.90 -26.39
C ILE I 347 -56.98 28.81 -25.94
N GLU I 348 -58.17 28.65 -26.52
CA GLU I 348 -59.31 29.49 -26.14
C GLU I 348 -59.57 29.44 -24.64
N HIS I 349 -59.66 28.23 -24.07
CA HIS I 349 -59.89 28.07 -22.65
C HIS I 349 -58.84 28.82 -21.83
N ILE I 350 -57.59 28.89 -22.31
CA ILE I 350 -56.59 29.70 -21.64
C ILE I 350 -56.99 31.16 -21.68
N SER I 351 -57.27 31.68 -22.88
CA SER I 351 -57.70 33.07 -23.01
C SER I 351 -58.83 33.41 -22.05
N SER I 352 -59.59 32.42 -21.59
CA SER I 352 -60.64 32.71 -20.61
C SER I 352 -60.05 33.03 -19.23
N LEU I 353 -59.10 32.22 -18.75
CA LEU I 353 -58.59 32.36 -17.39
C LEU I 353 -57.51 33.43 -17.26
N ILE I 354 -57.00 33.93 -18.37
CA ILE I 354 -56.18 35.14 -18.36
C ILE I 354 -57.03 36.38 -18.57
N LYS I 355 -58.21 36.25 -19.16
CA LYS I 355 -59.03 37.38 -19.56
C LYS I 355 -58.21 38.38 -20.36
N LEU I 356 -57.45 37.86 -21.31
CA LEU I 356 -56.85 38.65 -22.38
C LEU I 356 -57.27 38.04 -23.70
N SER I 357 -56.78 38.61 -24.78
CA SER I 357 -57.25 38.23 -26.11
C SER I 357 -56.62 36.91 -26.55
N LYS I 358 -57.25 36.29 -27.54
CA LYS I 358 -56.70 35.08 -28.13
C LYS I 358 -55.40 35.36 -28.88
N ALA I 359 -55.12 36.61 -29.24
CA ALA I 359 -53.87 37.00 -29.87
C ALA I 359 -52.84 37.54 -28.87
N ASP I 360 -53.29 38.01 -27.70
CA ASP I 360 -52.37 38.49 -26.67
C ASP I 360 -51.72 37.35 -25.90
N VAL I 361 -52.33 36.17 -25.87
CA VAL I 361 -51.75 35.02 -25.19
C VAL I 361 -50.91 34.18 -26.15
N GLU I 362 -51.35 34.08 -27.42
CA GLU I 362 -50.62 33.36 -28.45
C GLU I 362 -49.27 33.99 -28.76
N ARG I 363 -49.02 35.22 -28.32
CA ARG I 363 -47.71 35.85 -28.47
C ARG I 363 -46.82 35.72 -27.25
N LYS I 364 -47.41 35.66 -26.04
CA LYS I 364 -46.64 35.52 -24.80
C LYS I 364 -46.14 34.08 -24.62
N LEU I 365 -47.01 33.10 -24.88
CA LEU I 365 -46.60 31.71 -24.74
C LEU I 365 -45.41 31.39 -25.64
N SER I 366 -45.38 31.96 -26.84
CA SER I 366 -44.24 31.72 -27.74
C SER I 366 -42.94 32.21 -27.12
N GLN I 367 -42.96 33.42 -26.53
CA GLN I 367 -41.81 33.91 -25.79
C GLN I 367 -41.34 32.86 -24.79
N MET I 368 -42.22 32.46 -23.88
CA MET I 368 -41.77 31.51 -22.88
C MET I 368 -41.42 30.13 -23.45
N ILE I 369 -41.72 29.86 -24.73
CA ILE I 369 -41.30 28.62 -25.35
C ILE I 369 -39.88 28.71 -25.89
N LEU I 370 -39.47 29.88 -26.40
CA LEU I 370 -38.04 30.06 -26.65
C LEU I 370 -37.28 30.12 -25.34
N ASP I 371 -37.72 30.98 -24.43
CA ASP I 371 -37.04 31.28 -23.18
C ASP I 371 -37.00 30.09 -22.22
N LYS I 372 -37.52 28.94 -22.63
CA LYS I 372 -37.42 27.74 -21.83
C LYS I 372 -37.94 28.03 -20.44
N LYS I 373 -39.26 28.05 -20.30
CA LYS I 373 -39.89 28.17 -19.01
C LYS I 373 -41.00 27.15 -18.78
N PHE I 374 -41.28 26.26 -19.75
CA PHE I 374 -42.22 25.17 -19.48
C PHE I 374 -42.30 24.13 -20.58
N HIS I 375 -41.32 24.07 -21.49
CA HIS I 375 -41.24 22.99 -22.46
C HIS I 375 -42.57 22.62 -23.09
N GLY I 376 -43.11 23.48 -23.95
CA GLY I 376 -44.32 23.13 -24.66
C GLY I 376 -44.16 23.24 -26.16
N ILE I 377 -45.26 23.12 -26.88
CA ILE I 377 -45.24 23.48 -28.29
C ILE I 377 -46.63 24.01 -28.67
N LEU I 378 -46.66 25.27 -29.06
CA LEU I 378 -47.89 25.90 -29.51
C LEU I 378 -48.24 25.38 -30.90
N ASP I 379 -49.54 25.26 -31.18
CA ASP I 379 -50.02 24.77 -32.47
C ASP I 379 -51.02 25.75 -33.04
N GLN I 380 -50.75 26.24 -34.25
CA GLN I 380 -51.66 27.10 -34.98
C GLN I 380 -52.41 26.28 -36.02
N GLY I 381 -53.63 26.71 -36.32
CA GLY I 381 -54.54 25.97 -37.16
C GLY I 381 -55.54 25.15 -36.38
N GLU I 382 -55.19 24.75 -35.16
CA GLU I 382 -56.12 24.15 -34.21
C GLU I 382 -56.10 24.81 -32.84
N GLY I 383 -55.07 25.59 -32.52
CA GLY I 383 -55.02 26.33 -31.27
C GLY I 383 -54.70 25.52 -30.04
N VAL I 384 -54.19 24.30 -30.20
CA VAL I 384 -53.88 23.44 -29.07
C VAL I 384 -52.48 23.75 -28.58
N LEU I 385 -52.35 24.07 -27.29
CA LEU I 385 -51.04 24.33 -26.67
C LEU I 385 -50.52 23.03 -26.07
N ILE I 386 -49.81 22.25 -26.88
CA ILE I 386 -49.31 20.95 -26.43
C ILE I 386 -48.17 21.17 -25.46
N ILE I 387 -48.21 20.48 -24.31
CA ILE I 387 -47.16 20.56 -23.32
C ILE I 387 -46.55 19.19 -23.06
N PHE I 388 -45.70 18.74 -23.96
CA PHE I 388 -44.98 17.49 -23.73
C PHE I 388 -44.10 17.64 -22.49
N ASP I 389 -43.93 16.55 -21.76
CA ASP I 389 -43.08 16.51 -20.58
C ASP I 389 -41.68 16.05 -20.98
N GLU I 390 -40.64 16.79 -20.55
CA GLU I 390 -39.28 16.46 -20.95
C GLU I 390 -38.45 16.02 -19.75
N PRO I 391 -37.70 14.92 -19.87
CA PRO I 391 -36.86 14.48 -18.76
C PRO I 391 -35.50 15.14 -18.81
N PRO I 392 -34.73 15.08 -17.72
CA PRO I 392 -33.46 15.83 -17.67
C PRO I 392 -32.31 15.08 -18.33
N VAL I 393 -31.44 15.85 -18.99
CA VAL I 393 -30.29 15.26 -19.69
C VAL I 393 -29.34 14.70 -18.65
N ASP I 394 -29.18 13.38 -18.63
CA ASP I 394 -28.42 12.73 -17.57
C ASP I 394 -26.96 13.15 -17.61
N LYS I 395 -26.38 13.35 -16.42
CA LYS I 395 -25.00 13.82 -16.35
C LYS I 395 -24.00 12.72 -16.68
N THR I 396 -24.36 11.44 -16.48
CA THR I 396 -23.42 10.36 -16.71
C THR I 396 -22.83 10.41 -18.11
N TYR I 397 -23.51 11.03 -19.07
CA TYR I 397 -22.86 11.30 -20.34
C TYR I 397 -22.09 12.61 -20.33
N GLU I 398 -22.73 13.73 -19.96
CA GLU I 398 -22.02 15.01 -20.06
C GLU I 398 -20.62 14.90 -19.45
N ALA I 399 -20.54 14.34 -18.26
CA ALA I 399 -19.24 14.13 -17.63
C ALA I 399 -18.32 13.37 -18.57
N ALA I 400 -18.72 12.15 -18.98
CA ALA I 400 -17.86 11.32 -19.80
C ALA I 400 -17.42 12.03 -21.09
N LEU I 401 -18.27 12.89 -21.65
CA LEU I 401 -17.80 13.79 -22.70
C LEU I 401 -16.63 14.61 -22.21
N GLU I 402 -16.71 15.08 -20.97
CA GLU I 402 -15.63 15.92 -20.48
C GLU I 402 -14.36 15.13 -20.18
N THR I 403 -14.47 13.88 -19.71
CA THR I 403 -13.25 13.11 -19.41
C THR I 403 -12.62 12.55 -20.67
N ILE I 404 -13.41 12.11 -21.65
CA ILE I 404 -12.81 11.79 -22.94
C ILE I 404 -12.08 13.01 -23.48
N GLN I 405 -12.79 14.15 -23.53
CA GLN I 405 -12.16 15.43 -23.86
C GLN I 405 -10.80 15.61 -23.19
N ASN I 406 -10.78 15.57 -21.86
CA ASN I 406 -9.55 15.75 -21.09
C ASN I 406 -8.48 14.71 -21.49
N MET I 407 -8.89 13.45 -21.56
CA MET I 407 -7.94 12.37 -21.81
C MET I 407 -7.17 12.63 -23.09
N SER I 408 -7.81 13.22 -24.09
CA SER I 408 -7.04 13.64 -25.27
C SER I 408 -5.82 14.46 -24.85
N LYS I 409 -6.05 15.64 -24.24
CA LYS I 409 -4.95 16.47 -23.76
C LYS I 409 -3.85 15.62 -23.16
N VAL I 410 -4.23 14.73 -22.24
CA VAL I 410 -3.22 13.82 -21.69
C VAL I 410 -2.45 13.16 -22.81
N VAL I 411 -3.16 12.48 -23.71
CA VAL I 411 -2.52 11.72 -24.78
C VAL I 411 -1.52 12.58 -25.54
N ASP I 412 -1.90 13.81 -25.88
CA ASP I 412 -1.00 14.70 -26.59
C ASP I 412 0.30 14.89 -25.82
N SER I 413 0.19 15.42 -24.59
CA SER I 413 1.39 15.63 -23.80
C SER I 413 2.20 14.35 -23.69
N LEU I 414 1.51 13.21 -23.55
CA LEU I 414 2.13 11.90 -23.53
C LEU I 414 2.86 11.61 -24.85
N TYR I 415 2.39 12.17 -25.95
CA TYR I 415 3.09 12.06 -27.22
C TYR I 415 4.43 12.77 -27.14
N ASN I 416 4.45 13.97 -26.54
CA ASN I 416 5.73 14.67 -26.44
C ASN I 416 6.70 13.97 -25.49
N LYS I 417 6.19 13.35 -24.42
CA LYS I 417 7.07 12.49 -23.63
C LYS I 417 7.55 11.31 -24.44
N ALA I 418 6.76 10.83 -25.40
CA ALA I 418 7.18 9.73 -26.24
C ALA I 418 8.35 10.12 -27.16
N LYS I 419 8.31 11.35 -27.69
CA LYS I 419 9.32 11.76 -28.67
C LYS I 419 10.71 11.93 -28.07
N LYS I 420 10.85 11.97 -26.75
CA LYS I 420 12.14 12.29 -26.15
C LYS I 420 13.01 11.06 -25.94
N LEU I 421 12.46 10.04 -25.29
CA LEU I 421 13.21 8.79 -25.10
C LEU I 421 13.55 8.14 -26.42
N THR I 422 12.67 8.29 -27.41
CA THR I 422 12.84 7.68 -28.71
C THR I 422 11.88 8.38 -29.66
N MET J 1 -9.70 62.79 -20.39
CA MET J 1 -10.60 63.96 -20.56
C MET J 1 -11.67 63.71 -21.62
N PRO J 2 -11.29 63.18 -22.79
CA PRO J 2 -12.31 62.79 -23.78
C PRO J 2 -12.91 61.43 -23.45
N LEU J 3 -14.07 61.43 -22.78
CA LEU J 3 -14.63 60.21 -22.18
C LEU J 3 -13.69 59.64 -21.13
N GLU J 4 -13.03 60.55 -20.39
CA GLU J 4 -12.07 60.19 -19.35
C GLU J 4 -10.88 59.43 -19.93
N ASN J 5 -11.02 58.12 -20.11
CA ASN J 5 -9.94 57.27 -20.64
C ASN J 5 -10.21 57.00 -22.11
N LEU J 6 -9.31 57.46 -22.98
CA LEU J 6 -9.44 57.24 -24.42
C LEU J 6 -8.06 57.26 -25.06
N GLU J 7 -7.64 56.12 -25.60
CA GLU J 7 -6.41 56.01 -26.39
C GLU J 7 -5.16 56.06 -25.53
N GLU J 8 -5.24 55.63 -24.28
CA GLU J 8 -4.09 55.63 -23.38
C GLU J 8 -3.98 54.27 -22.70
N GLU J 9 -3.13 54.19 -21.66
CA GLU J 9 -3.11 53.04 -20.75
C GLU J 9 -3.01 51.73 -21.53
N GLY J 10 -2.26 51.75 -22.64
CA GLY J 10 -2.09 50.59 -23.47
C GLY J 10 -0.68 50.03 -23.38
N LEU J 11 -0.54 48.79 -23.87
CA LEU J 11 0.78 48.23 -24.06
C LEU J 11 1.42 48.87 -25.29
N PRO J 12 2.75 48.91 -25.36
CA PRO J 12 3.40 49.59 -26.48
C PRO J 12 3.01 48.94 -27.81
N LYS J 13 3.25 49.67 -28.89
CA LYS J 13 2.84 49.23 -30.23
C LYS J 13 3.99 48.59 -31.02
N ASN J 14 4.83 47.79 -30.37
CA ASN J 14 6.05 47.34 -31.05
C ASN J 14 5.75 46.21 -32.02
N PRO J 15 5.00 45.18 -31.64
CA PRO J 15 4.57 44.19 -32.65
C PRO J 15 3.58 44.75 -33.66
N ASP J 16 3.00 45.91 -33.36
CA ASP J 16 2.17 46.69 -34.29
C ASP J 16 1.10 45.82 -34.96
N LEU J 17 0.37 45.07 -34.14
CA LEU J 17 -0.66 44.17 -34.64
C LEU J 17 -1.69 44.88 -35.51
N ARG J 18 -2.67 44.09 -35.91
CA ARG J 18 -3.76 44.41 -36.84
C ARG J 18 -3.44 45.39 -37.95
N ILE J 19 -3.01 46.63 -37.69
CA ILE J 19 -2.65 47.46 -38.83
C ILE J 19 -1.65 46.71 -39.71
N ALA J 20 -0.65 46.08 -39.07
CA ALA J 20 0.37 45.31 -39.77
C ALA J 20 -0.03 43.86 -40.04
N GLN J 21 -1.17 43.41 -39.52
CA GLN J 21 -1.74 42.15 -39.97
C GLN J 21 -2.75 42.40 -41.09
N LEU J 22 -3.73 43.26 -40.81
CA LEU J 22 -4.77 43.58 -41.78
C LEU J 22 -4.16 44.07 -43.10
N ARG J 23 -3.15 44.93 -43.02
CA ARG J 23 -2.52 45.35 -44.26
C ARG J 23 -2.03 44.15 -45.06
N PHE J 24 -1.82 43.00 -44.41
CA PHE J 24 -1.29 41.82 -45.11
C PHE J 24 -2.39 40.95 -45.69
N LEU J 25 -3.49 40.73 -44.98
CA LEU J 25 -4.56 39.94 -45.60
C LEU J 25 -5.18 40.71 -46.76
N LEU J 26 -5.53 41.98 -46.55
CA LEU J 26 -6.03 42.84 -47.62
C LEU J 26 -4.95 43.21 -48.63
N SER J 27 -3.72 42.70 -48.48
CA SER J 27 -2.71 42.80 -49.51
C SER J 27 -2.75 41.62 -50.47
N LEU J 28 -3.81 40.82 -50.42
CA LEU J 28 -4.10 39.87 -51.49
C LEU J 28 -4.84 40.59 -52.61
N PRO J 29 -4.10 40.57 -54.40
CA PRO J 29 -4.78 41.29 -55.51
C PRO J 29 -5.89 40.47 -56.19
N GLU J 30 -7.03 40.41 -55.50
CA GLU J 30 -8.27 39.80 -55.99
C GLU J 30 -9.48 40.50 -55.37
N HIS J 31 -9.22 41.33 -54.35
CA HIS J 31 -10.22 42.18 -53.71
C HIS J 31 -9.71 43.59 -53.47
N ARG J 32 -8.40 43.82 -53.45
CA ARG J 32 -7.83 45.16 -53.39
C ARG J 32 -6.37 45.08 -53.84
N GLY J 33 -5.98 46.01 -54.70
CA GLY J 33 -4.59 46.32 -54.94
C GLY J 33 -4.36 47.78 -54.59
N ASP J 34 -4.20 48.61 -55.63
CA ASP J 34 -4.33 50.06 -55.50
C ASP J 34 -3.45 50.66 -54.40
N ALA J 35 -3.55 51.97 -54.20
CA ALA J 35 -2.70 52.67 -53.25
C ALA J 35 -3.26 52.68 -51.83
N ALA J 36 -4.51 52.24 -51.65
CA ALA J 36 -5.07 52.11 -50.31
C ALA J 36 -4.22 51.17 -49.45
N VAL J 37 -3.69 50.11 -50.06
CA VAL J 37 -2.77 49.19 -49.38
C VAL J 37 -1.39 49.83 -49.24
N ARG J 38 -0.80 50.19 -50.38
CA ARG J 38 0.54 50.76 -50.43
C ARG J 38 0.75 51.80 -49.34
N ASP J 39 -0.28 52.61 -49.04
CA ASP J 39 -0.13 53.62 -47.99
C ASP J 39 0.17 52.97 -46.64
N GLU J 40 -0.72 52.07 -46.21
CA GLU J 40 -0.48 51.28 -45.01
C GLU J 40 0.97 50.83 -44.98
N LEU J 41 1.43 50.22 -46.07
CA LEU J 41 2.79 49.71 -46.05
C LEU J 41 3.84 50.80 -45.91
N MET J 42 3.57 52.00 -46.45
CA MET J 42 4.55 53.07 -46.33
C MET J 42 4.75 53.47 -44.88
N ALA J 43 3.68 53.44 -44.08
CA ALA J 43 3.89 53.68 -42.65
C ALA J 43 4.91 52.70 -42.07
N ALA J 44 4.89 51.44 -42.52
CA ALA J 44 5.87 50.45 -42.11
C ALA J 44 7.20 50.62 -42.81
N VAL J 45 7.27 51.47 -43.83
CA VAL J 45 8.56 51.87 -44.39
C VAL J 45 9.20 52.91 -43.50
N ARG J 46 8.41 53.74 -42.83
CA ARG J 46 9.00 54.80 -42.00
C ARG J 46 9.66 54.23 -40.75
N ASP J 47 8.99 53.30 -40.06
CA ASP J 47 9.69 52.44 -39.11
C ASP J 47 10.56 51.45 -39.90
N ASN J 48 11.88 51.58 -39.75
CA ASN J 48 12.84 50.98 -40.67
C ASN J 48 12.38 49.62 -41.18
N ASN J 49 12.40 49.47 -42.50
CA ASN J 49 11.79 48.34 -43.17
C ASN J 49 12.81 47.47 -43.86
N MET J 50 13.86 47.08 -43.15
CA MET J 50 14.85 46.14 -43.68
C MET J 50 14.77 44.91 -42.79
N ALA J 51 14.04 43.91 -43.25
CA ALA J 51 14.01 42.63 -42.63
C ALA J 51 13.87 41.65 -43.79
N PRO J 52 14.66 40.56 -43.83
CA PRO J 52 14.42 39.54 -44.85
C PRO J 52 13.02 38.95 -44.80
N TYR J 53 12.23 39.37 -43.80
CA TYR J 53 10.79 39.14 -43.77
C TYR J 53 10.01 40.28 -44.43
N TYR J 54 10.70 41.33 -44.86
CA TYR J 54 10.15 42.32 -45.78
C TYR J 54 10.50 42.02 -47.23
N GLU J 55 11.74 41.63 -47.49
CA GLU J 55 12.07 41.03 -48.78
C GLU J 55 11.19 39.83 -49.08
N ALA J 56 10.72 39.13 -48.04
CA ALA J 56 9.82 38.00 -48.17
C ALA J 56 8.35 38.39 -48.04
N LEU J 57 8.05 39.69 -47.97
CA LEU J 57 6.72 40.22 -48.27
C LEU J 57 6.65 40.68 -49.71
N CYS J 58 7.66 41.43 -50.16
CA CYS J 58 7.77 41.82 -51.55
C CYS J 58 7.96 40.61 -52.47
N LYS J 59 8.32 39.46 -51.89
CA LYS J 59 8.57 38.23 -52.65
C LYS J 59 7.32 37.39 -52.80
N SER J 60 6.63 37.09 -51.69
CA SER J 60 5.45 36.24 -51.75
C SER J 60 4.27 36.97 -52.38
N LEU J 61 4.07 38.23 -52.02
CA LEU J 61 2.97 39.03 -52.54
C LEU J 61 3.26 39.60 -53.93
N ASP J 62 4.52 39.49 -54.39
CA ASP J 62 4.97 39.92 -55.72
C ASP J 62 4.87 41.42 -55.91
N TRP J 63 4.68 42.18 -54.84
CA TRP J 63 4.99 43.61 -54.85
C TRP J 63 6.39 43.78 -55.45
N GLN J 64 6.73 45.00 -55.87
CA GLN J 64 7.99 45.25 -56.58
C GLN J 64 9.10 45.62 -55.62
N ILE J 65 10.28 45.02 -55.81
CA ILE J 65 11.40 45.19 -54.89
C ILE J 65 12.25 46.35 -55.41
N ASP J 66 12.05 47.54 -54.84
CA ASP J 66 12.83 48.72 -55.19
C ASP J 66 14.07 48.75 -54.30
N VAL J 67 15.24 48.52 -54.91
CA VAL J 67 16.49 48.51 -54.15
C VAL J 67 16.85 49.89 -53.62
N ASP J 68 16.36 50.97 -54.26
CA ASP J 68 16.71 52.31 -53.82
C ASP J 68 16.09 52.66 -52.47
N LEU J 69 14.94 52.06 -52.15
CA LEU J 69 14.29 52.32 -50.87
C LEU J 69 14.89 51.47 -49.76
N LEU J 70 15.19 50.20 -50.05
CA LEU J 70 15.55 49.25 -49.00
C LEU J 70 16.93 49.49 -48.41
N ASN J 71 17.81 50.20 -49.11
CA ASN J 71 19.15 50.43 -48.59
C ASN J 71 19.21 51.63 -47.64
N LYS J 72 18.22 52.53 -47.71
CA LYS J 72 18.12 53.59 -46.72
C LYS J 72 17.61 53.05 -45.39
N MET J 73 16.64 52.12 -45.44
CA MET J 73 16.16 51.46 -44.23
C MET J 73 17.16 50.43 -43.72
N LYS J 74 17.98 49.87 -44.62
CA LYS J 74 19.09 49.04 -44.17
C LYS J 74 20.14 49.89 -43.47
N LYS J 75 20.38 51.10 -43.98
CA LYS J 75 21.34 51.99 -43.33
C LYS J 75 20.85 52.39 -41.94
N ALA J 76 19.60 52.85 -41.83
CA ALA J 76 19.04 53.16 -40.52
C ALA J 76 19.07 51.93 -39.62
N ASN J 77 18.58 50.81 -40.14
CA ASN J 77 18.61 49.54 -39.45
C ASN J 77 19.97 49.27 -38.82
N GLU J 78 21.04 49.35 -39.62
CA GLU J 78 22.37 49.08 -39.13
C GLU J 78 22.82 50.12 -38.12
N ASP J 79 22.44 51.38 -38.33
CA ASP J 79 22.89 52.43 -37.45
C ASP J 79 22.35 52.24 -36.03
N GLU J 80 21.09 51.82 -35.89
CA GLU J 80 20.55 51.62 -34.56
C GLU J 80 20.85 50.22 -34.02
N LEU J 81 21.17 49.24 -34.87
CA LEU J 81 21.66 47.97 -34.37
C LEU J 81 23.10 48.05 -33.86
N LYS J 82 23.88 49.03 -34.33
CA LYS J 82 25.20 49.27 -33.76
C LYS J 82 25.14 50.22 -32.57
N ARG J 83 24.27 51.24 -32.65
CA ARG J 83 24.05 52.13 -31.51
C ARG J 83 23.55 51.36 -30.30
N LEU J 84 22.66 50.38 -30.50
CA LEU J 84 22.10 49.65 -29.38
C LEU J 84 23.12 48.69 -28.77
N ASP J 85 23.85 47.95 -29.60
CA ASP J 85 24.85 47.06 -29.04
C ASP J 85 25.99 47.83 -28.39
N GLU J 86 26.24 49.08 -28.80
CA GLU J 86 27.22 49.88 -28.07
C GLU J 86 26.65 50.39 -26.75
N GLU J 87 25.36 50.75 -26.72
CA GLU J 87 24.68 51.00 -25.45
C GLU J 87 24.87 49.83 -24.50
N LEU J 88 24.73 48.60 -25.01
CA LEU J 88 24.88 47.40 -24.19
C LEU J 88 26.33 47.22 -23.72
N GLU J 89 27.29 47.30 -24.66
CA GLU J 89 28.68 47.12 -24.29
C GLU J 89 29.10 48.14 -23.22
N ASP J 90 28.76 49.41 -23.41
CA ASP J 90 29.04 50.40 -22.38
C ASP J 90 28.21 50.17 -21.13
N ALA J 91 27.13 49.37 -21.21
CA ALA J 91 26.30 49.07 -20.06
C ALA J 91 26.78 47.85 -19.26
N GLU J 92 27.80 47.14 -19.74
CA GLU J 92 28.45 46.12 -18.92
C GLU J 92 29.70 46.64 -18.22
N LYS J 93 29.90 47.97 -18.19
CA LYS J 93 30.87 48.62 -17.33
C LYS J 93 30.22 49.55 -16.32
N ASN J 94 29.00 50.04 -16.57
CA ASN J 94 28.23 50.84 -15.63
C ASN J 94 27.59 49.92 -14.60
N LEU J 95 26.27 50.00 -14.45
CA LEU J 95 25.58 49.25 -13.42
C LEU J 95 25.53 47.76 -13.77
N GLY J 96 25.01 46.97 -12.84
CA GLY J 96 24.69 45.58 -13.06
C GLY J 96 23.26 45.41 -13.57
N GLU J 97 22.77 44.18 -13.46
CA GLU J 97 21.43 43.80 -13.91
C GLU J 97 20.53 45.00 -14.19
N SER J 98 20.45 45.91 -13.22
CA SER J 98 19.51 47.02 -13.25
C SER J 98 19.54 47.77 -14.58
N GLU J 99 20.73 47.97 -15.13
CA GLU J 99 20.91 48.77 -16.34
C GLU J 99 21.11 47.92 -17.59
N ILE J 100 21.70 46.73 -17.42
CA ILE J 100 21.88 45.80 -18.53
C ILE J 100 20.52 45.38 -19.08
N ARG J 101 19.57 45.09 -18.19
CA ARG J 101 18.27 44.61 -18.66
C ARG J 101 17.67 45.52 -19.72
N ASP J 102 17.75 46.82 -19.50
CA ASP J 102 17.01 47.73 -20.38
C ASP J 102 17.71 47.94 -21.70
N ALA J 103 19.03 47.78 -21.74
CA ALA J 103 19.71 47.69 -23.03
C ALA J 103 19.23 46.46 -23.79
N MET J 104 19.36 45.27 -23.19
CA MET J 104 18.93 44.04 -23.88
C MET J 104 17.47 44.12 -24.32
N MET J 105 16.63 44.79 -23.55
CA MET J 105 15.23 44.94 -23.91
C MET J 105 15.08 45.95 -25.05
N ALA J 106 15.86 47.02 -25.02
CA ALA J 106 15.85 47.99 -26.12
C ALA J 106 16.30 47.34 -27.42
N LYS J 107 17.12 46.29 -27.34
CA LYS J 107 17.53 45.55 -28.53
C LYS J 107 16.43 44.61 -28.99
N ALA J 108 16.00 43.70 -28.12
CA ALA J 108 14.92 42.78 -28.51
C ALA J 108 13.71 43.53 -29.05
N GLU J 109 13.35 44.64 -28.41
CA GLU J 109 12.19 45.41 -28.85
C GLU J 109 12.37 45.91 -30.28
N TYR J 110 13.60 46.18 -30.69
CA TYR J 110 13.84 46.83 -31.98
C TYR J 110 14.10 45.85 -33.11
N LEU J 111 14.44 44.60 -32.80
CA LEU J 111 14.53 43.57 -33.83
C LEU J 111 13.17 43.09 -34.28
N CYS J 112 12.10 43.56 -33.63
CA CYS J 112 10.75 43.17 -34.02
C CYS J 112 9.86 44.34 -34.43
N ARG J 113 10.14 45.56 -34.00
CA ARG J 113 9.48 46.69 -34.64
C ARG J 113 10.05 46.96 -36.02
N ILE J 114 11.14 46.29 -36.38
CA ILE J 114 11.61 46.24 -37.76
C ILE J 114 11.27 44.91 -38.41
N GLY J 115 10.65 43.98 -37.68
CA GLY J 115 10.09 42.78 -38.26
C GLY J 115 11.11 41.74 -38.69
N ASP J 116 12.02 41.40 -37.80
CA ASP J 116 12.92 40.28 -38.02
C ASP J 116 12.58 39.24 -36.96
N LYS J 117 11.78 38.26 -37.36
CA LYS J 117 11.13 37.38 -36.39
C LYS J 117 12.14 36.64 -35.51
N GLU J 118 13.21 36.13 -36.11
CA GLU J 118 14.04 35.13 -35.43
C GLU J 118 15.06 35.77 -34.48
N GLY J 119 15.89 36.67 -35.00
CA GLY J 119 16.76 37.43 -34.13
C GLY J 119 16.01 37.96 -32.92
N ALA J 120 14.85 38.56 -33.17
CA ALA J 120 14.01 39.04 -32.07
C ALA J 120 13.67 37.92 -31.10
N LEU J 121 13.23 36.77 -31.62
CA LEU J 121 12.84 35.69 -30.72
C LEU J 121 13.99 35.32 -29.79
N THR J 122 15.22 35.34 -30.28
CA THR J 122 16.32 34.98 -29.39
C THR J 122 16.69 36.10 -28.42
N ALA J 123 16.58 37.37 -28.80
CA ALA J 123 16.86 38.43 -27.82
C ALA J 123 15.84 38.42 -26.68
N PHE J 124 14.55 38.25 -27.02
CA PHE J 124 13.55 38.08 -25.97
C PHE J 124 13.85 36.88 -25.08
N ARG J 125 14.08 35.72 -25.70
CA ARG J 125 14.34 34.53 -24.89
C ARG J 125 15.61 34.65 -24.07
N LYS J 126 16.55 35.51 -24.46
CA LYS J 126 17.77 35.71 -23.69
C LYS J 126 17.56 36.70 -22.55
N THR J 127 16.63 37.64 -22.70
CA THR J 127 16.33 38.53 -21.59
C THR J 127 15.43 37.86 -20.54
N TYR J 128 14.60 36.88 -20.96
CA TYR J 128 13.74 36.22 -19.98
C TYR J 128 14.53 35.27 -19.09
N ASP J 129 15.50 34.55 -19.66
CA ASP J 129 16.37 33.71 -18.83
C ASP J 129 17.07 34.54 -17.77
N LYS J 130 17.19 35.85 -18.00
CA LYS J 130 17.76 36.80 -17.04
C LYS J 130 16.59 37.41 -16.27
N THR J 131 16.05 36.62 -15.34
CA THR J 131 14.87 37.03 -14.60
C THR J 131 15.27 38.02 -13.51
N VAL J 132 14.24 38.65 -12.94
CA VAL J 132 14.44 39.43 -11.72
C VAL J 132 13.10 39.89 -11.14
N ALA J 133 12.27 40.53 -11.95
CA ALA J 133 11.04 41.16 -11.49
C ALA J 133 9.83 40.48 -12.12
N LEU J 134 8.76 40.35 -11.35
CA LEU J 134 7.60 39.62 -11.84
C LEU J 134 6.89 40.39 -12.97
N GLY J 135 6.68 41.69 -12.77
CA GLY J 135 5.98 42.48 -13.76
C GLY J 135 6.66 42.48 -15.12
N HIS J 136 7.97 42.71 -15.13
CA HIS J 136 8.73 42.68 -16.39
C HIS J 136 8.57 41.33 -17.08
N ARG J 137 8.90 40.24 -16.38
CA ARG J 137 8.75 38.90 -16.92
C ARG J 137 7.41 38.80 -17.66
N LEU J 138 6.32 39.18 -16.98
CA LEU J 138 5.03 39.18 -17.67
C LEU J 138 5.09 40.00 -18.96
N ASP J 139 5.61 41.23 -18.89
CA ASP J 139 5.58 42.10 -20.06
C ASP J 139 6.21 41.42 -21.27
N ILE J 140 7.42 40.86 -21.10
CA ILE J 140 8.05 40.19 -22.24
C ILE J 140 7.46 38.83 -22.52
N VAL J 141 6.50 38.36 -21.74
CA VAL J 141 5.73 37.20 -22.19
C VAL J 141 4.55 37.66 -23.03
N PHE J 142 4.00 38.83 -22.75
CA PHE J 142 3.03 39.40 -23.66
C PHE J 142 3.65 39.79 -24.99
N TYR J 143 4.91 40.25 -25.00
CA TYR J 143 5.54 40.55 -26.29
C TYR J 143 5.51 39.33 -27.21
N LEU J 144 5.93 38.18 -26.69
CA LEU J 144 5.86 36.95 -27.49
C LEU J 144 4.43 36.60 -27.83
N LEU J 145 3.48 36.94 -26.96
CA LEU J 145 2.10 36.57 -27.29
C LEU J 145 1.46 37.48 -28.34
N ARG J 146 1.95 38.70 -28.51
CA ARG J 146 1.54 39.54 -29.64
C ARG J 146 2.26 39.11 -30.91
N ILE J 147 3.60 39.09 -30.87
CA ILE J 147 4.38 38.68 -32.03
C ILE J 147 3.92 37.32 -32.52
N GLY J 148 3.64 36.40 -31.60
CA GLY J 148 3.12 35.10 -31.95
C GLY J 148 1.75 35.15 -32.61
N LEU J 149 1.05 36.28 -32.48
CA LEU J 149 -0.23 36.49 -33.18
C LEU J 149 -0.04 37.13 -34.54
N PHE J 150 1.02 37.90 -34.72
CA PHE J 150 1.19 38.69 -35.93
C PHE J 150 1.91 37.92 -37.05
N TYR J 151 2.64 36.84 -36.73
CA TYR J 151 2.99 35.81 -37.70
C TYR J 151 2.07 34.60 -37.61
N MET J 152 1.18 34.55 -36.61
CA MET J 152 0.15 33.53 -36.45
C MET J 152 0.71 32.11 -36.46
N ASP J 153 1.43 31.81 -35.39
CA ASP J 153 1.96 30.48 -35.13
C ASP J 153 1.40 29.96 -33.82
N ASN J 154 1.01 28.68 -33.81
CA ASN J 154 0.22 28.13 -32.72
C ASN J 154 1.06 27.58 -31.56
N ASP J 155 2.06 26.74 -31.84
CA ASP J 155 2.96 26.31 -30.79
C ASP J 155 3.44 27.52 -29.98
N LEU J 156 3.95 28.51 -30.70
CA LEU J 156 4.49 29.72 -30.11
C LEU J 156 3.47 30.40 -29.20
N ILE J 157 2.18 30.27 -29.50
CA ILE J 157 1.17 30.87 -28.64
C ILE J 157 0.87 29.98 -27.44
N THR J 158 0.75 28.66 -27.65
CA THR J 158 0.33 27.79 -26.56
C THR J 158 1.30 27.85 -25.41
N ARG J 159 2.59 27.63 -25.67
CA ARG J 159 3.52 27.58 -24.54
C ARG J 159 3.51 28.89 -23.76
N ASN J 160 3.29 30.02 -24.43
CA ASN J 160 3.31 31.31 -23.75
C ASN J 160 2.01 31.60 -23.01
N THR J 161 0.87 31.09 -23.51
CA THR J 161 -0.38 31.21 -22.76
C THR J 161 -0.27 30.47 -21.43
N GLU J 162 0.22 29.23 -21.47
CA GLU J 162 0.28 28.47 -20.23
C GLU J 162 1.43 28.91 -19.34
N LYS J 163 2.52 29.42 -19.93
CA LYS J 163 3.55 30.05 -19.11
C LYS J 163 3.10 31.38 -18.54
N ALA J 164 2.07 32.00 -19.11
CA ALA J 164 1.57 33.26 -18.57
C ALA J 164 0.66 33.04 -17.38
N LYS J 165 -0.24 32.04 -17.46
CA LYS J 165 -1.13 31.81 -16.32
C LYS J 165 -0.35 31.58 -15.02
N SER J 166 0.79 30.90 -15.10
CA SER J 166 1.62 30.68 -13.92
C SER J 166 2.06 32.01 -13.29
N LEU J 167 2.74 32.84 -14.08
CA LEU J 167 3.20 34.14 -13.60
C LEU J 167 2.04 35.06 -13.24
N ILE J 168 0.84 34.77 -13.72
CA ILE J 168 -0.33 35.52 -13.29
C ILE J 168 -0.75 35.09 -11.90
N GLU J 169 -0.55 33.83 -11.54
CA GLU J 169 -0.93 33.42 -10.20
C GLU J 169 0.13 33.84 -9.18
N GLU J 170 1.41 33.76 -9.54
CA GLU J 170 2.45 34.13 -8.57
C GLU J 170 2.29 35.57 -8.08
N GLY J 171 1.78 36.47 -8.91
CA GLY J 171 1.56 37.85 -8.50
C GLY J 171 0.11 38.14 -8.22
N GLY J 172 -0.77 37.40 -8.86
CA GLY J 172 -2.20 37.66 -8.78
C GLY J 172 -2.57 39.04 -9.31
N ASP J 173 -1.61 39.75 -9.90
CA ASP J 173 -1.87 41.10 -10.35
C ASP J 173 -2.99 41.06 -11.38
N TRP J 174 -4.20 41.38 -10.92
CA TRP J 174 -5.41 41.07 -11.65
C TRP J 174 -5.44 41.72 -13.03
N ASP J 175 -5.12 43.03 -13.11
CA ASP J 175 -5.34 43.77 -14.35
C ASP J 175 -4.68 43.07 -15.53
N ARG J 176 -3.51 42.48 -15.32
CA ARG J 176 -2.94 41.62 -16.36
C ARG J 176 -3.87 40.45 -16.65
N ARG J 177 -4.29 39.74 -15.60
CA ARG J 177 -5.19 38.60 -15.82
C ARG J 177 -6.34 38.95 -16.74
N ASN J 178 -6.74 40.22 -16.81
CA ASN J 178 -7.69 40.62 -17.84
C ASN J 178 -7.10 40.45 -19.23
N ARG J 179 -6.04 41.20 -19.51
CA ARG J 179 -5.53 41.24 -20.87
C ARG J 179 -5.01 39.87 -21.33
N LEU J 180 -4.58 39.02 -20.41
CA LEU J 180 -4.36 37.63 -20.76
C LEU J 180 -5.65 37.02 -21.30
N LYS J 181 -6.80 37.45 -20.78
CA LYS J 181 -8.06 36.94 -21.30
C LYS J 181 -8.37 37.49 -22.67
N VAL J 182 -7.97 38.73 -22.99
CA VAL J 182 -8.25 39.21 -24.34
C VAL J 182 -7.33 38.55 -25.36
N TYR J 183 -6.04 38.43 -25.06
CA TYR J 183 -5.22 37.62 -25.95
C TYR J 183 -5.80 36.22 -26.07
N GLN J 184 -5.82 35.48 -24.97
CA GLN J 184 -6.27 34.10 -24.99
C GLN J 184 -7.62 33.95 -25.64
N GLY J 185 -8.42 35.00 -25.67
CA GLY J 185 -9.72 34.94 -26.32
C GLY J 185 -9.61 35.17 -27.81
N LEU J 186 -8.82 36.18 -28.19
CA LEU J 186 -8.48 36.39 -29.59
C LEU J 186 -7.99 35.09 -30.22
N TYR J 187 -7.01 34.46 -29.61
CA TYR J 187 -6.55 33.15 -30.08
C TYR J 187 -7.65 32.12 -30.02
N CYS J 188 -8.41 32.10 -28.92
CA CYS J 188 -9.52 31.15 -28.84
C CYS J 188 -10.47 31.30 -30.01
N VAL J 189 -10.50 32.48 -30.63
CA VAL J 189 -11.47 32.76 -31.68
C VAL J 189 -10.84 32.80 -33.06
N ALA J 190 -9.52 32.68 -33.17
CA ALA J 190 -8.91 32.48 -34.48
C ALA J 190 -9.32 31.10 -34.96
N ILE J 191 -8.70 30.08 -34.38
CA ILE J 191 -9.22 28.72 -34.49
C ILE J 191 -10.67 28.81 -34.04
N ARG J 192 -11.52 27.92 -34.54
CA ARG J 192 -12.89 27.87 -34.06
C ARG J 192 -12.91 27.54 -32.57
N ASP J 193 -13.99 27.92 -31.91
CA ASP J 193 -14.30 27.47 -30.56
C ASP J 193 -15.51 28.24 -30.04
N PHE J 194 -15.43 29.55 -30.12
CA PHE J 194 -16.58 30.40 -29.82
C PHE J 194 -17.06 30.16 -28.39
N LYS J 195 -17.50 28.94 -28.04
CA LYS J 195 -17.93 28.65 -26.67
C LYS J 195 -17.03 29.33 -25.64
N GLN J 196 -15.85 28.75 -25.42
CA GLN J 196 -14.90 29.36 -24.50
C GLN J 196 -14.63 30.80 -24.90
N ALA J 197 -14.55 31.07 -26.20
CA ALA J 197 -14.30 32.42 -26.68
C ALA J 197 -15.39 33.38 -26.22
N ALA J 198 -16.64 32.91 -26.19
CA ALA J 198 -17.73 33.77 -25.76
C ALA J 198 -17.71 33.98 -24.26
N GLU J 199 -17.30 32.98 -23.48
CA GLU J 199 -17.14 33.27 -22.06
C GLU J 199 -16.07 34.33 -21.87
N LEU J 200 -14.86 34.07 -22.35
CA LEU J 200 -13.78 35.03 -22.23
C LEU J 200 -14.23 36.41 -22.69
N PHE J 201 -14.40 36.61 -24.00
CA PHE J 201 -14.78 37.93 -24.48
C PHE J 201 -15.88 38.54 -23.66
N LEU J 202 -16.95 37.79 -23.41
CA LEU J 202 -18.14 38.42 -22.86
C LEU J 202 -17.96 38.83 -21.41
N ASP J 203 -17.07 38.19 -20.66
CA ASP J 203 -16.94 38.50 -19.25
C ASP J 203 -15.92 39.60 -18.95
N THR J 204 -15.33 40.21 -19.97
CA THR J 204 -14.36 41.29 -19.77
C THR J 204 -14.71 42.53 -20.56
N VAL J 205 -15.92 42.61 -21.12
CA VAL J 205 -16.33 43.83 -21.81
C VAL J 205 -16.18 45.03 -20.89
N SER J 206 -16.43 44.85 -19.60
CA SER J 206 -16.33 45.99 -18.70
C SER J 206 -14.89 46.41 -18.46
N THR J 207 -13.95 45.46 -18.51
CA THR J 207 -12.54 45.73 -18.27
C THR J 207 -11.69 45.62 -19.52
N PHE J 208 -12.20 46.11 -20.63
CA PHE J 208 -11.33 46.26 -21.79
C PHE J 208 -10.40 47.41 -21.52
N THR J 209 -9.12 47.10 -21.41
CA THR J 209 -8.09 48.13 -21.33
C THR J 209 -7.08 47.98 -22.43
N SER J 210 -7.23 46.96 -23.27
CA SER J 210 -6.26 46.68 -24.30
C SER J 210 -6.41 47.65 -25.46
N TYR J 211 -5.29 47.96 -26.09
CA TYR J 211 -5.29 48.57 -27.42
C TYR J 211 -4.32 47.70 -28.22
N GLU J 212 -3.72 48.27 -29.26
CA GLU J 212 -2.87 47.49 -30.15
C GLU J 212 -3.74 46.50 -30.92
N LEU J 213 -4.45 45.62 -30.21
CA LEU J 213 -5.25 44.60 -30.87
C LEU J 213 -6.48 45.22 -31.54
N MET J 214 -7.28 45.97 -30.77
CA MET J 214 -8.49 46.59 -31.30
C MET J 214 -8.51 48.05 -30.91
N ASP J 215 -9.56 48.73 -31.36
CA ASP J 215 -9.83 50.11 -30.96
C ASP J 215 -10.73 50.17 -29.74
N TYR J 216 -11.83 49.40 -29.76
CA TYR J 216 -12.75 49.21 -28.64
C TYR J 216 -14.15 49.06 -29.15
N LYS J 217 -14.54 49.93 -30.08
CA LYS J 217 -15.75 49.68 -30.85
C LYS J 217 -15.60 48.39 -31.62
N THR J 218 -14.39 48.13 -32.13
CA THR J 218 -14.06 46.86 -32.75
C THR J 218 -14.34 45.70 -31.79
N PHE J 219 -13.70 45.75 -30.62
CA PHE J 219 -13.82 44.66 -29.66
C PHE J 219 -15.29 44.34 -29.38
N VAL J 220 -16.09 45.38 -29.10
CA VAL J 220 -17.52 45.18 -28.87
C VAL J 220 -18.13 44.43 -30.05
N THR J 221 -17.79 44.86 -31.27
CA THR J 221 -18.33 44.18 -32.44
C THR J 221 -18.08 42.68 -32.37
N TYR J 222 -16.83 42.27 -32.13
CA TYR J 222 -16.56 40.84 -32.08
C TYR J 222 -17.37 40.15 -30.98
N THR J 223 -17.47 40.79 -29.81
CA THR J 223 -18.22 40.17 -28.70
C THR J 223 -19.62 39.82 -29.15
N VAL J 224 -20.39 40.81 -29.61
CA VAL J 224 -21.72 40.50 -30.13
C VAL J 224 -21.63 39.36 -31.12
N TYR J 225 -20.71 39.46 -32.08
CA TYR J 225 -20.64 38.51 -33.18
C TYR J 225 -20.54 37.08 -32.70
N VAL J 226 -19.82 36.83 -31.61
CA VAL J 226 -19.68 35.44 -31.14
C VAL J 226 -20.79 35.06 -30.17
N SER J 227 -21.20 35.99 -29.31
CA SER J 227 -22.22 35.68 -28.32
C SER J 227 -23.49 35.19 -28.98
N MET J 228 -23.84 35.75 -30.16
CA MET J 228 -25.00 35.19 -30.85
C MET J 228 -24.73 33.82 -31.44
N ILE J 229 -23.59 33.20 -31.17
CA ILE J 229 -23.27 31.88 -31.71
C ILE J 229 -23.22 30.84 -30.61
N ALA J 230 -22.48 31.12 -29.53
CA ALA J 230 -22.37 30.07 -28.51
C ALA J 230 -23.48 30.13 -27.48
N LEU J 231 -23.90 31.32 -27.06
CA LEU J 231 -24.92 31.41 -26.03
C LEU J 231 -26.30 31.10 -26.58
N GLU J 232 -27.13 30.52 -25.71
CA GLU J 232 -28.48 30.13 -26.08
C GLU J 232 -29.48 31.09 -25.46
N ARG J 233 -30.76 30.79 -25.69
CA ARG J 233 -31.84 31.67 -25.27
C ARG J 233 -31.79 31.88 -23.75
N PRO J 234 -32.31 33.03 -23.26
CA PRO J 234 -31.93 33.52 -21.93
C PRO J 234 -30.73 32.89 -21.23
N ASP J 235 -29.65 32.80 -22.00
CA ASP J 235 -28.32 33.12 -21.51
C ASP J 235 -27.91 34.49 -22.01
N LEU J 236 -28.30 34.77 -23.26
CA LEU J 236 -28.06 36.03 -23.94
C LEU J 236 -29.05 37.11 -23.54
N ARG J 237 -30.25 36.74 -23.07
CA ARG J 237 -31.18 37.76 -22.60
C ARG J 237 -30.57 38.58 -21.48
N GLU J 238 -29.77 37.94 -20.63
CA GLU J 238 -29.21 38.63 -19.48
C GLU J 238 -27.83 39.20 -19.77
N LYS J 239 -26.89 38.34 -20.18
CA LYS J 239 -25.51 38.76 -20.35
C LYS J 239 -25.39 39.93 -21.32
N VAL J 240 -26.07 39.87 -22.46
CA VAL J 240 -25.91 40.85 -23.53
C VAL J 240 -26.97 41.94 -23.43
N ILE J 241 -28.21 41.63 -23.85
CA ILE J 241 -29.17 42.69 -24.18
C ILE J 241 -29.52 43.59 -22.99
N LYS J 242 -29.29 43.14 -21.76
CA LYS J 242 -29.59 43.96 -20.59
C LYS J 242 -28.33 44.43 -19.88
N GLY J 243 -27.18 44.41 -20.54
CA GLY J 243 -25.91 44.72 -19.93
C GLY J 243 -25.56 46.20 -19.93
N ALA J 244 -24.27 46.47 -19.71
CA ALA J 244 -23.78 47.82 -19.48
C ALA J 244 -23.01 48.28 -20.71
N GLU J 245 -21.72 48.00 -20.82
CA GLU J 245 -20.95 48.43 -21.98
C GLU J 245 -21.69 48.13 -23.26
N ILE J 246 -22.30 46.94 -23.35
CA ILE J 246 -22.90 46.50 -24.60
C ILE J 246 -23.83 47.57 -25.16
N LEU J 247 -24.88 47.90 -24.41
CA LEU J 247 -25.88 48.84 -24.93
C LEU J 247 -25.25 50.19 -25.26
N GLU J 248 -24.35 50.69 -24.41
CA GLU J 248 -23.79 52.01 -24.62
C GLU J 248 -23.00 52.09 -25.92
N VAL J 249 -22.19 51.07 -26.21
CA VAL J 249 -21.36 51.13 -27.42
C VAL J 249 -22.16 50.75 -28.64
N LEU J 250 -22.96 49.68 -28.56
CA LEU J 250 -23.87 49.35 -29.64
C LEU J 250 -24.64 50.60 -30.09
N HIS J 251 -24.99 51.46 -29.14
CA HIS J 251 -25.83 52.63 -29.43
C HIS J 251 -25.29 53.51 -30.56
N SER J 252 -24.00 53.44 -30.86
CA SER J 252 -23.39 54.25 -31.91
C SER J 252 -22.92 53.39 -33.09
N LEU J 253 -23.67 52.32 -33.39
CA LEU J 253 -23.30 51.37 -34.44
C LEU J 253 -24.54 50.57 -34.84
N PRO J 254 -25.16 50.86 -35.99
CA PRO J 254 -26.22 49.95 -36.47
C PRO J 254 -25.69 48.57 -36.85
N ALA J 255 -24.39 48.47 -37.18
CA ALA J 255 -23.74 47.23 -37.62
C ALA J 255 -23.72 46.15 -36.54
N VAL J 256 -24.28 46.45 -35.37
CA VAL J 256 -24.39 45.45 -34.32
C VAL J 256 -25.75 45.56 -33.66
N ARG J 257 -26.21 46.77 -33.38
CA ARG J 257 -27.56 46.91 -32.81
C ARG J 257 -28.56 46.20 -33.72
N GLN J 258 -28.53 46.53 -35.02
CA GLN J 258 -29.53 45.96 -35.92
C GLN J 258 -29.26 44.49 -36.23
N TYR J 259 -28.04 44.03 -36.01
CA TYR J 259 -27.77 42.60 -36.19
C TYR J 259 -28.15 41.79 -34.96
N LEU J 260 -28.16 42.40 -33.78
CA LEU J 260 -28.46 41.70 -32.53
C LEU J 260 -29.96 41.74 -32.27
N PHE J 261 -30.50 42.93 -31.95
CA PHE J 261 -31.89 43.03 -31.56
C PHE J 261 -32.80 42.23 -32.48
N SER J 262 -32.47 42.16 -33.77
CA SER J 262 -33.38 41.53 -34.73
C SER J 262 -33.51 40.03 -34.48
N LEU J 263 -32.39 39.33 -34.24
CA LEU J 263 -32.49 37.90 -33.94
C LEU J 263 -33.37 37.67 -32.71
N TYR J 264 -33.45 38.65 -31.81
CA TYR J 264 -34.18 38.50 -30.56
C TYR J 264 -35.66 38.87 -30.69
N GLU J 265 -35.97 39.91 -31.48
CA GLU J 265 -37.33 40.31 -31.74
C GLU J 265 -38.04 39.40 -32.74
N CYS J 266 -37.34 38.40 -33.28
CA CYS J 266 -37.94 37.48 -34.24
C CYS J 266 -38.45 38.23 -35.46
N ARG J 267 -37.63 39.17 -35.95
CA ARG J 267 -37.90 39.88 -37.20
C ARG J 267 -36.97 39.29 -38.26
N TYR J 268 -37.38 38.13 -38.79
CA TYR J 268 -36.48 37.29 -39.58
C TYR J 268 -36.23 37.81 -40.99
N SER J 269 -36.88 38.89 -41.42
CA SER J 269 -36.48 39.53 -42.67
C SER J 269 -35.26 40.41 -42.47
N VAL J 270 -35.34 41.29 -41.46
CA VAL J 270 -34.21 42.16 -41.11
C VAL J 270 -32.98 41.31 -40.87
N PHE J 271 -33.15 40.13 -40.26
CA PHE J 271 -32.03 39.32 -39.82
C PHE J 271 -31.16 38.89 -41.00
N PHE J 272 -31.75 38.19 -41.98
CA PHE J 272 -31.00 37.85 -43.18
C PHE J 272 -30.44 39.09 -43.85
N GLN J 273 -31.33 40.08 -44.09
CA GLN J 273 -30.94 41.27 -44.85
C GLN J 273 -29.69 41.92 -44.26
N SER J 274 -29.47 41.75 -42.95
CA SER J 274 -28.24 42.21 -42.32
C SER J 274 -27.13 41.17 -42.43
N LEU J 275 -27.46 39.92 -42.13
CA LEU J 275 -26.44 38.89 -42.02
C LEU J 275 -25.56 38.87 -43.25
N ALA J 276 -26.13 39.08 -44.43
CA ALA J 276 -25.27 39.24 -45.61
C ALA J 276 -24.24 40.34 -45.38
N VAL J 277 -24.74 41.55 -45.08
CA VAL J 277 -23.90 42.73 -44.94
C VAL J 277 -22.81 42.51 -43.89
N VAL J 278 -23.07 41.65 -42.90
CA VAL J 278 -22.06 41.38 -41.88
C VAL J 278 -21.08 40.31 -42.35
N GLU J 279 -21.52 39.36 -43.16
CA GLU J 279 -20.55 38.46 -43.78
C GLU J 279 -19.52 39.25 -44.55
N GLN J 280 -19.96 40.01 -45.57
CA GLN J 280 -19.00 40.75 -46.36
C GLN J 280 -18.24 41.77 -45.52
N GLU J 281 -18.97 42.66 -44.84
CA GLU J 281 -18.35 43.83 -44.23
C GLU J 281 -17.10 43.46 -43.43
N MET J 282 -17.23 42.51 -42.51
CA MET J 282 -16.19 42.36 -41.50
C MET J 282 -15.62 40.95 -41.44
N LYS J 283 -16.41 39.94 -41.79
CA LYS J 283 -15.85 38.60 -41.81
C LYS J 283 -14.74 38.51 -42.85
N LYS J 284 -15.08 38.77 -44.11
CA LYS J 284 -14.12 38.55 -45.19
C LYS J 284 -12.97 39.55 -45.14
N ASP J 285 -13.22 40.78 -44.69
CA ASP J 285 -12.26 41.87 -44.84
C ASP J 285 -11.34 42.07 -43.63
N TRP J 286 -11.55 41.37 -42.52
CA TRP J 286 -10.68 41.52 -41.36
C TRP J 286 -10.25 40.14 -40.90
N LEU J 287 -9.14 40.09 -40.17
CA LEU J 287 -8.58 38.81 -39.72
C LEU J 287 -9.37 38.18 -38.61
N PHE J 288 -10.70 38.20 -38.71
CA PHE J 288 -11.47 37.46 -37.74
C PHE J 288 -11.03 36.02 -37.81
N ALA J 289 -11.58 35.28 -38.78
CA ALA J 289 -11.47 33.84 -38.77
C ALA J 289 -11.67 33.26 -40.17
N PRO J 290 -10.62 32.83 -40.84
CA PRO J 290 -10.80 32.39 -42.23
C PRO J 290 -11.60 31.11 -42.31
N HIS J 291 -12.75 31.09 -41.64
CA HIS J 291 -13.83 30.16 -41.91
C HIS J 291 -15.14 30.96 -41.99
N TYR J 292 -15.14 31.90 -42.94
CA TYR J 292 -16.24 32.82 -43.12
C TYR J 292 -17.51 32.12 -43.57
N ARG J 293 -17.39 30.93 -44.12
CA ARG J 293 -18.57 30.12 -44.43
C ARG J 293 -19.11 29.43 -43.19
N TYR J 294 -18.25 29.05 -42.25
CA TYR J 294 -18.70 28.30 -41.09
C TYR J 294 -19.59 29.15 -40.21
N TYR J 295 -19.30 30.45 -40.11
CA TYR J 295 -20.08 31.31 -39.23
C TYR J 295 -21.48 31.54 -39.78
N VAL J 296 -21.60 31.78 -41.08
CA VAL J 296 -22.92 31.93 -41.69
C VAL J 296 -23.67 30.62 -41.63
N ARG J 297 -23.09 29.57 -42.23
CA ARG J 297 -23.75 28.25 -42.23
C ARG J 297 -24.22 27.87 -40.84
N GLU J 298 -23.48 28.26 -39.80
CA GLU J 298 -23.97 28.04 -38.44
C GLU J 298 -25.15 28.95 -38.12
N MET J 299 -25.05 30.22 -38.50
CA MET J 299 -26.07 31.19 -38.13
C MET J 299 -27.44 30.81 -38.71
N ARG J 300 -27.47 30.38 -39.97
CA ARG J 300 -28.72 30.01 -40.61
C ARG J 300 -29.36 28.83 -39.87
N ILE J 301 -28.53 27.89 -39.39
CA ILE J 301 -29.04 26.80 -38.55
C ILE J 301 -29.76 27.37 -37.33
N HIS J 302 -29.02 28.12 -36.50
CA HIS J 302 -29.59 28.75 -35.31
C HIS J 302 -30.98 29.36 -35.59
N ALA J 303 -31.07 30.17 -36.64
CA ALA J 303 -32.31 30.90 -36.94
C ALA J 303 -33.46 29.95 -37.31
N TYR J 304 -33.26 29.13 -38.36
CA TYR J 304 -34.31 28.17 -38.70
C TYR J 304 -34.71 27.35 -37.50
N SER J 305 -33.80 27.17 -36.55
CA SER J 305 -34.16 26.46 -35.33
C SER J 305 -35.19 27.25 -34.53
N GLN J 306 -34.94 28.54 -34.32
CA GLN J 306 -35.94 29.35 -33.61
C GLN J 306 -37.32 29.23 -34.25
N LEU J 307 -37.43 29.59 -35.53
CA LEU J 307 -38.76 29.57 -36.15
C LEU J 307 -39.24 28.15 -36.50
N LEU J 308 -38.95 27.19 -35.62
CA LEU J 308 -39.34 25.80 -35.79
C LEU J 308 -39.34 25.05 -34.47
N GLU J 309 -38.96 25.73 -33.38
CA GLU J 309 -39.05 25.14 -32.05
C GLU J 309 -40.37 25.42 -31.38
N SER J 310 -41.19 26.32 -31.93
CA SER J 310 -42.41 26.76 -31.29
C SER J 310 -43.68 26.21 -31.92
N TYR J 311 -43.58 25.55 -33.08
CA TYR J 311 -44.75 25.23 -33.89
C TYR J 311 -44.75 23.75 -34.26
N ARG J 312 -45.71 23.02 -33.70
CA ARG J 312 -45.97 21.65 -34.09
C ARG J 312 -45.93 21.52 -35.61
N SER J 313 -46.55 22.48 -36.29
CA SER J 313 -46.70 22.40 -37.74
C SER J 313 -46.85 23.80 -38.30
N LEU J 314 -46.11 24.09 -39.37
CA LEU J 314 -46.24 25.34 -40.11
C LEU J 314 -45.71 25.09 -41.51
N THR J 315 -46.28 25.81 -42.48
CA THR J 315 -46.06 25.49 -43.89
C THR J 315 -45.01 26.42 -44.50
N LEU J 316 -44.35 25.90 -45.54
CA LEU J 316 -43.34 26.68 -46.25
C LEU J 316 -43.88 28.04 -46.68
N GLY J 317 -45.19 28.14 -46.92
CA GLY J 317 -45.78 29.40 -47.30
C GLY J 317 -45.65 30.45 -46.21
N TYR J 318 -45.54 30.03 -44.96
CA TYR J 318 -45.41 30.94 -43.83
C TYR J 318 -43.96 31.39 -43.60
N MET J 319 -42.99 30.52 -43.88
CA MET J 319 -41.59 30.89 -43.72
C MET J 319 -41.11 31.73 -44.90
N ALA J 320 -41.48 31.36 -46.12
CA ALA J 320 -41.04 32.11 -47.29
C ALA J 320 -41.32 33.60 -47.12
N GLU J 321 -42.52 33.95 -46.65
CA GLU J 321 -42.83 35.34 -46.38
C GLU J 321 -42.22 35.84 -45.08
N ALA J 322 -41.81 34.94 -44.19
CA ALA J 322 -41.27 35.33 -42.89
C ALA J 322 -39.75 35.55 -42.91
N PHE J 323 -39.03 34.93 -43.86
CA PHE J 323 -37.62 35.21 -44.07
C PHE J 323 -37.38 36.13 -45.26
N GLY J 324 -38.44 36.59 -45.93
CA GLY J 324 -38.32 37.44 -47.10
C GLY J 324 -37.96 36.73 -48.38
N VAL J 325 -37.73 35.42 -48.34
CA VAL J 325 -37.20 34.66 -49.47
C VAL J 325 -38.34 33.94 -50.19
N GLY J 326 -38.01 32.88 -50.93
CA GLY J 326 -39.00 32.09 -51.64
C GLY J 326 -38.79 30.61 -51.39
N VAL J 327 -39.76 29.81 -51.85
CA VAL J 327 -39.87 28.43 -51.41
C VAL J 327 -38.63 27.62 -51.80
N GLU J 328 -38.05 27.90 -52.97
CA GLU J 328 -36.88 27.13 -53.40
C GLU J 328 -35.71 27.30 -52.42
N PHE J 329 -35.32 28.56 -52.20
CA PHE J 329 -34.25 28.92 -51.27
C PHE J 329 -34.32 28.10 -49.97
N ILE J 330 -35.46 28.23 -49.28
CA ILE J 330 -35.67 27.52 -48.03
C ILE J 330 -35.60 26.02 -48.24
N ASP J 331 -36.22 25.52 -49.32
CA ASP J 331 -36.25 24.07 -49.52
C ASP J 331 -34.82 23.51 -49.52
N GLN J 332 -33.96 24.05 -50.37
CA GLN J 332 -32.57 23.60 -50.39
C GLN J 332 -31.97 23.67 -48.98
N GLU J 333 -31.95 24.87 -48.40
CA GLU J 333 -31.25 25.04 -47.12
C GLU J 333 -31.75 24.02 -46.11
N LEU J 334 -33.05 24.05 -45.79
CA LEU J 334 -33.60 23.20 -44.75
C LEU J 334 -33.33 21.72 -45.02
N SER J 335 -33.41 21.30 -46.29
CA SER J 335 -33.15 19.89 -46.58
C SER J 335 -31.70 19.53 -46.28
N ARG J 336 -30.75 20.42 -46.57
CA ARG J 336 -29.36 20.09 -46.30
C ARG J 336 -29.07 20.06 -44.80
N PHE J 337 -29.67 20.96 -44.02
CA PHE J 337 -29.41 20.94 -42.58
C PHE J 337 -30.15 19.82 -41.86
N ILE J 338 -31.28 19.36 -42.42
CA ILE J 338 -31.92 18.18 -41.86
C ILE J 338 -31.13 16.94 -42.19
N ALA J 339 -30.57 16.87 -43.40
CA ALA J 339 -29.70 15.75 -43.74
C ALA J 339 -28.49 15.70 -42.82
N ALA J 340 -28.05 16.86 -42.33
CA ALA J 340 -26.92 16.92 -41.41
C ALA J 340 -27.34 16.74 -39.95
N GLY J 341 -28.63 16.51 -39.69
CA GLY J 341 -29.11 16.33 -38.33
C GLY J 341 -28.78 17.53 -37.45
N ARG J 342 -29.04 18.74 -37.97
CA ARG J 342 -28.86 19.96 -37.21
C ARG J 342 -30.17 20.59 -36.75
N LEU J 343 -31.29 20.29 -37.40
CA LEU J 343 -32.54 20.99 -37.14
C LEU J 343 -33.50 20.20 -36.25
N HIS J 344 -33.75 18.92 -36.56
CA HIS J 344 -34.66 18.06 -35.81
C HIS J 344 -36.11 18.26 -36.22
N CYS J 345 -36.39 18.11 -37.52
CA CYS J 345 -37.76 18.14 -38.05
C CYS J 345 -37.76 17.30 -39.33
N LYS J 346 -38.78 17.48 -40.15
CA LYS J 346 -38.72 16.99 -41.53
C LYS J 346 -39.92 17.52 -42.28
N ILE J 347 -39.80 17.50 -43.61
CA ILE J 347 -40.75 18.15 -44.50
C ILE J 347 -41.37 17.10 -45.42
N ASP J 348 -42.54 17.44 -45.97
CA ASP J 348 -43.16 16.61 -47.00
C ASP J 348 -43.73 17.53 -48.07
N LYS J 349 -43.22 17.39 -49.30
CA LYS J 349 -43.52 18.34 -50.37
C LYS J 349 -44.75 17.96 -51.18
N VAL J 350 -45.70 17.27 -50.55
CA VAL J 350 -47.06 17.18 -51.09
C VAL J 350 -47.94 18.29 -50.53
N ASN J 351 -47.98 18.41 -49.20
CA ASN J 351 -48.72 19.47 -48.53
C ASN J 351 -47.86 20.70 -48.25
N GLU J 352 -46.53 20.54 -48.17
CA GLU J 352 -45.61 21.60 -47.75
C GLU J 352 -45.88 21.98 -46.30
N ILE J 353 -46.01 20.96 -45.45
CA ILE J 353 -46.06 21.09 -44.00
C ILE J 353 -44.66 20.75 -43.47
N VAL J 354 -44.26 21.44 -42.41
CA VAL J 354 -42.94 21.21 -41.81
C VAL J 354 -43.12 20.68 -40.39
N GLU J 355 -43.48 19.40 -40.29
CA GLU J 355 -43.63 18.77 -38.98
C GLU J 355 -42.29 18.67 -38.29
N THR J 356 -42.31 18.83 -36.98
CA THR J 356 -41.12 18.72 -36.16
C THR J 356 -41.12 17.37 -35.44
N ASN J 357 -40.34 17.27 -34.37
CA ASN J 357 -40.28 16.09 -33.52
C ASN J 357 -39.47 16.45 -32.28
N ARG J 358 -39.51 15.57 -31.28
CA ARG J 358 -38.88 15.83 -29.99
C ARG J 358 -38.07 14.63 -29.53
N PRO J 359 -37.04 14.26 -30.28
CA PRO J 359 -36.15 13.21 -29.81
C PRO J 359 -35.18 13.73 -28.74
N ASP J 360 -34.07 14.33 -29.20
CA ASP J 360 -33.13 15.01 -28.32
C ASP J 360 -32.80 14.18 -27.10
N SER J 361 -32.26 14.81 -26.05
CA SER J 361 -31.87 14.08 -24.86
C SER J 361 -30.69 13.18 -25.21
N LYS J 362 -30.72 11.93 -24.73
CA LYS J 362 -29.60 11.02 -24.96
C LYS J 362 -29.34 10.80 -26.44
N ASN J 363 -30.37 10.82 -27.28
CA ASN J 363 -30.19 10.50 -28.69
C ASN J 363 -29.09 11.35 -29.32
N TRP J 364 -28.90 12.58 -28.82
CA TRP J 364 -27.82 13.41 -29.34
C TRP J 364 -26.47 13.07 -28.71
N GLN J 365 -26.46 12.69 -27.43
CA GLN J 365 -25.27 12.12 -26.82
C GLN J 365 -24.92 10.85 -27.58
N TYR J 366 -24.11 9.97 -27.00
CA TYR J 366 -23.78 8.71 -27.65
C TYR J 366 -23.30 8.93 -29.08
N GLN J 367 -24.22 9.32 -29.96
CA GLN J 367 -23.83 9.96 -31.21
C GLN J 367 -22.55 10.75 -30.99
N GLU J 368 -22.65 11.76 -30.14
CA GLU J 368 -21.52 12.61 -29.83
C GLU J 368 -20.36 11.81 -29.25
N THR J 369 -20.66 10.99 -28.23
CA THR J 369 -19.63 10.18 -27.60
C THR J 369 -18.85 9.40 -28.65
N ILE J 370 -19.50 8.47 -29.35
CA ILE J 370 -18.80 7.67 -30.36
C ILE J 370 -17.93 8.56 -31.22
N LYS J 371 -18.47 9.70 -31.68
CA LYS J 371 -17.61 10.60 -32.45
C LYS J 371 -16.27 10.82 -31.74
N LYS J 372 -16.33 11.56 -30.63
CA LYS J 372 -15.11 11.91 -29.91
C LYS J 372 -14.27 10.68 -29.62
N GLY J 373 -14.93 9.60 -29.20
CA GLY J 373 -14.23 8.42 -28.72
C GLY J 373 -13.39 7.79 -29.80
N ASP J 374 -13.97 7.54 -30.98
CA ASP J 374 -13.18 6.96 -32.05
C ASP J 374 -12.01 7.84 -32.39
N LEU J 375 -12.20 9.17 -32.38
CA LEU J 375 -11.02 10.03 -32.51
C LEU J 375 -9.94 9.63 -31.49
N LEU J 376 -10.35 9.43 -30.24
CA LEU J 376 -9.39 9.13 -29.17
C LEU J 376 -8.73 7.77 -29.36
N LEU J 377 -9.53 6.71 -29.53
CA LEU J 377 -8.99 5.39 -29.83
C LEU J 377 -7.98 5.46 -30.95
N ASN J 378 -8.18 6.36 -31.91
CA ASN J 378 -7.23 6.44 -33.01
C ASN J 378 -5.91 7.05 -32.54
N ARG J 379 -5.95 8.19 -31.85
CA ARG J 379 -4.67 8.75 -31.40
C ARG J 379 -3.92 7.78 -30.48
N VAL J 380 -4.63 6.94 -29.72
CA VAL J 380 -3.96 5.99 -28.84
C VAL J 380 -3.45 4.79 -29.63
N GLN J 381 -4.20 4.37 -30.64
CA GLN J 381 -3.72 3.39 -31.59
C GLN J 381 -2.35 3.80 -32.12
N LYS J 382 -2.30 4.94 -32.83
CA LYS J 382 -1.05 5.45 -33.37
C LYS J 382 0.03 5.53 -32.30
N LEU J 383 -0.32 6.07 -31.14
CA LEU J 383 0.65 6.16 -30.05
C LEU J 383 1.24 4.79 -29.73
N SER J 384 0.39 3.78 -29.58
CA SER J 384 0.90 2.44 -29.28
C SER J 384 1.84 1.97 -30.38
N ARG J 385 1.66 2.45 -31.60
CA ARG J 385 2.66 2.13 -32.63
C ARG J 385 4.00 2.78 -32.30
N VAL J 386 4.01 4.05 -31.89
CA VAL J 386 5.30 4.70 -31.60
C VAL J 386 5.95 4.17 -30.32
N ILE J 387 5.16 3.60 -29.40
CA ILE J 387 5.71 3.10 -28.15
C ILE J 387 6.23 1.68 -28.32
N ASN J 388 5.40 0.79 -28.89
CA ASN J 388 5.87 -0.57 -29.13
C ASN J 388 7.11 -0.57 -30.01
N MET J 389 7.14 0.28 -31.03
CA MET J 389 8.37 0.55 -31.77
C MET J 389 9.37 1.25 -30.84
N MET K 1 -40.54 -14.77 14.82
CA MET K 1 -41.78 -14.47 15.57
C MET K 1 -42.52 -13.28 14.98
N PRO K 2 -43.82 -13.14 15.29
CA PRO K 2 -44.44 -11.82 15.14
C PRO K 2 -43.69 -10.77 15.92
N GLU K 3 -43.22 -11.13 17.11
CA GLU K 3 -42.32 -10.26 17.86
C GLU K 3 -41.05 -10.02 17.05
N LEU K 4 -40.62 -8.76 17.00
CA LEU K 4 -39.34 -8.41 16.40
C LEU K 4 -38.17 -8.73 17.34
N ALA K 5 -38.37 -9.64 18.29
CA ALA K 5 -37.35 -10.07 19.22
C ALA K 5 -36.63 -11.34 18.77
N VAL K 6 -36.61 -11.61 17.46
CA VAL K 6 -35.87 -12.74 16.92
C VAL K 6 -35.96 -12.73 15.40
N GLN K 7 -34.87 -13.13 14.73
CA GLN K 7 -34.74 -12.93 13.29
C GLN K 7 -33.41 -13.46 12.78
N LYS K 8 -32.32 -12.74 13.05
CA LYS K 8 -30.98 -13.15 12.63
C LYS K 8 -30.36 -13.95 13.76
N VAL K 9 -30.31 -15.26 13.57
CA VAL K 9 -29.55 -16.14 14.45
C VAL K 9 -28.16 -16.29 13.85
N VAL K 10 -27.14 -15.91 14.61
CA VAL K 10 -25.77 -15.84 14.12
C VAL K 10 -24.93 -16.75 15.00
N VAL K 11 -24.42 -17.82 14.43
CA VAL K 11 -23.64 -18.82 15.14
C VAL K 11 -22.18 -18.63 14.76
N HIS K 12 -21.28 -18.52 15.78
CA HIS K 12 -19.83 -18.36 15.59
C HIS K 12 -19.16 -19.72 15.29
N PRO K 13 -18.07 -19.72 14.53
CA PRO K 13 -17.52 -21.00 14.07
C PRO K 13 -17.23 -22.01 15.17
N LEU K 14 -16.75 -21.58 16.35
CA LEU K 14 -16.37 -22.57 17.34
C LEU K 14 -17.55 -23.41 17.80
N VAL K 15 -18.78 -22.89 17.70
CA VAL K 15 -19.95 -23.72 17.96
C VAL K 15 -20.04 -24.84 16.94
N LEU K 16 -20.09 -24.47 15.65
CA LEU K 16 -20.09 -25.47 14.59
C LEU K 16 -19.07 -26.54 14.87
N LEU K 17 -17.81 -26.16 15.09
CA LEU K 17 -16.83 -27.17 15.45
C LEU K 17 -17.22 -27.91 16.72
N SER K 18 -17.96 -27.26 17.61
CA SER K 18 -18.27 -27.90 18.88
C SER K 18 -19.31 -29.00 18.73
N VAL K 19 -20.37 -28.76 17.95
CA VAL K 19 -21.36 -29.80 17.70
C VAL K 19 -20.75 -30.89 16.82
N VAL K 20 -19.89 -30.52 15.86
CA VAL K 20 -19.22 -31.53 15.05
C VAL K 20 -18.21 -32.31 15.88
N ASP K 21 -17.76 -31.78 17.01
CA ASP K 21 -16.92 -32.58 17.90
C ASP K 21 -17.78 -33.45 18.81
N HIS K 22 -18.89 -32.90 19.28
CA HIS K 22 -19.84 -33.65 20.07
C HIS K 22 -20.37 -34.86 19.31
N PHE K 23 -20.60 -34.73 18.01
CA PHE K 23 -21.16 -35.83 17.24
C PHE K 23 -20.21 -37.02 17.13
N ASN K 24 -18.93 -36.82 17.43
CA ASN K 24 -17.96 -37.92 17.52
C ASN K 24 -17.59 -38.31 18.94
N ARG K 25 -17.92 -37.47 19.94
CA ARG K 25 -17.86 -37.93 21.33
C ARG K 25 -18.78 -39.14 21.53
N ILE K 26 -20.08 -38.94 21.37
CA ILE K 26 -21.01 -40.07 21.44
C ILE K 26 -20.60 -41.13 20.44
N GLY K 27 -20.18 -40.72 19.25
CA GLY K 27 -19.92 -41.61 18.14
C GLY K 27 -19.10 -42.85 18.46
N LYS K 28 -19.77 -43.89 18.96
CA LYS K 28 -19.16 -45.21 19.10
C LYS K 28 -20.00 -46.20 18.31
N VAL K 29 -20.97 -46.83 18.96
CA VAL K 29 -22.09 -47.47 18.28
C VAL K 29 -23.38 -46.70 18.50
N GLY K 30 -23.38 -45.70 19.37
CA GLY K 30 -24.48 -44.79 19.53
C GLY K 30 -24.60 -43.75 18.44
N ASN K 31 -23.74 -43.80 17.42
CA ASN K 31 -23.84 -42.89 16.29
C ASN K 31 -25.01 -43.30 15.41
N GLN K 32 -25.23 -42.53 14.34
CA GLN K 32 -26.48 -42.61 13.58
C GLN K 32 -27.65 -42.14 14.44
N LYS K 33 -27.43 -41.09 15.23
CA LYS K 33 -28.40 -40.69 16.22
C LYS K 33 -28.43 -39.18 16.41
N ARG K 34 -29.62 -38.66 16.60
CA ARG K 34 -29.78 -37.27 16.99
C ARG K 34 -29.10 -37.06 18.33
N VAL K 35 -28.18 -36.10 18.39
CA VAL K 35 -27.56 -35.69 19.65
C VAL K 35 -27.87 -34.21 19.87
N VAL K 36 -28.07 -33.84 21.13
CA VAL K 36 -28.66 -32.57 21.48
C VAL K 36 -27.79 -31.86 22.48
N GLY K 37 -27.60 -30.57 22.29
CA GLY K 37 -26.95 -29.77 23.30
C GLY K 37 -27.70 -28.47 23.47
N VAL K 38 -27.25 -27.71 24.44
CA VAL K 38 -27.86 -26.43 24.77
C VAL K 38 -26.97 -25.34 24.21
N LEU K 39 -27.58 -24.28 23.67
CA LEU K 39 -26.87 -23.14 23.10
C LEU K 39 -26.78 -22.00 24.11
N LEU K 40 -25.56 -21.59 24.43
CA LEU K 40 -25.33 -20.41 25.26
C LEU K 40 -24.97 -19.24 24.36
N GLY K 41 -25.52 -18.08 24.68
CA GLY K 41 -25.24 -16.92 23.87
C GLY K 41 -25.75 -15.66 24.50
N SER K 42 -25.67 -14.58 23.74
CA SER K 42 -26.16 -13.28 24.17
C SER K 42 -26.98 -12.69 23.03
N TRP K 43 -27.76 -11.67 23.35
CA TRP K 43 -28.55 -11.02 22.32
C TRP K 43 -29.33 -9.85 22.93
N GLN K 44 -29.68 -8.88 22.07
CA GLN K 44 -30.30 -7.64 22.52
C GLN K 44 -31.10 -6.90 21.44
N LYS K 45 -31.59 -7.62 20.43
CA LYS K 45 -32.39 -6.96 19.40
C LYS K 45 -33.11 -7.99 18.54
N LYS K 46 -32.89 -7.97 17.22
CA LYS K 46 -33.38 -9.01 16.35
C LYS K 46 -32.35 -10.10 16.12
N VAL K 47 -31.44 -10.32 17.07
CA VAL K 47 -30.38 -11.30 16.90
C VAL K 47 -30.45 -12.32 18.03
N LEU K 48 -29.84 -13.49 17.79
CA LEU K 48 -29.58 -14.47 18.86
C LEU K 48 -28.16 -14.96 18.68
N ASP K 49 -27.20 -14.18 19.17
CA ASP K 49 -25.80 -14.53 18.94
C ASP K 49 -25.43 -15.73 19.78
N VAL K 50 -25.19 -16.85 19.10
CA VAL K 50 -24.80 -18.10 19.74
C VAL K 50 -23.29 -18.13 19.86
N SER K 51 -22.78 -18.62 20.99
CA SER K 51 -21.34 -18.57 21.23
C SER K 51 -20.82 -19.88 21.80
N ASN K 52 -21.47 -20.42 22.82
CA ASN K 52 -21.03 -21.64 23.47
C ASN K 52 -22.17 -22.65 23.60
N SER K 53 -21.77 -23.90 23.68
CA SER K 53 -22.70 -25.01 23.71
C SER K 53 -21.98 -26.21 24.30
N PHE K 54 -22.73 -27.09 24.94
CA PHE K 54 -22.12 -28.28 25.53
C PHE K 54 -23.13 -29.40 25.51
N ALA K 55 -22.68 -30.57 25.07
CA ALA K 55 -23.55 -31.73 24.97
C ALA K 55 -24.26 -31.97 26.29
N VAL K 56 -25.49 -32.46 26.19
CA VAL K 56 -26.27 -32.88 27.35
C VAL K 56 -26.63 -34.35 27.13
N PRO K 57 -26.28 -35.26 28.03
CA PRO K 57 -26.68 -36.67 27.86
C PRO K 57 -28.11 -36.80 27.37
N PHE K 58 -28.31 -37.47 26.24
CA PHE K 58 -29.59 -37.48 25.55
C PHE K 58 -29.82 -38.82 24.86
N ASP K 59 -31.01 -39.38 25.04
CA ASP K 59 -31.34 -40.64 24.39
C ASP K 59 -32.75 -40.54 23.83
N GLU K 60 -33.07 -41.50 22.95
CA GLU K 60 -34.24 -41.40 22.10
C GLU K 60 -34.51 -42.75 21.44
N ASP K 61 -35.74 -43.25 21.56
CA ASP K 61 -36.05 -44.55 20.98
C ASP K 61 -36.05 -44.48 19.46
N ASP K 62 -35.73 -45.61 18.82
CA ASP K 62 -35.56 -45.65 17.37
C ASP K 62 -36.75 -46.32 16.69
N LYS K 63 -37.96 -45.87 17.05
CA LYS K 63 -39.20 -46.37 16.48
C LYS K 63 -40.39 -45.78 17.21
N ASP K 64 -40.16 -45.27 18.42
CA ASP K 64 -41.15 -44.53 19.18
C ASP K 64 -40.81 -43.05 19.18
N ASP K 65 -41.74 -42.25 19.68
CA ASP K 65 -41.57 -40.81 19.69
C ASP K 65 -41.93 -40.18 21.02
N SER K 66 -42.36 -40.95 22.02
CA SER K 66 -42.62 -40.45 23.35
C SER K 66 -41.61 -40.97 24.35
N VAL K 67 -40.51 -41.53 23.88
CA VAL K 67 -39.53 -42.19 24.73
C VAL K 67 -38.19 -41.50 24.55
N TRP K 68 -38.09 -40.28 25.07
CA TRP K 68 -36.91 -39.44 24.93
C TRP K 68 -36.44 -38.98 26.30
N PHE K 69 -35.14 -38.89 26.48
CA PHE K 69 -34.58 -38.60 27.80
C PHE K 69 -33.52 -37.54 27.67
N LEU K 70 -33.56 -36.56 28.58
CA LEU K 70 -32.71 -35.38 28.51
C LEU K 70 -32.40 -34.92 29.94
N ASP K 71 -31.17 -35.15 30.39
CA ASP K 71 -30.78 -34.92 31.79
C ASP K 71 -30.85 -33.47 32.23
N HIS K 72 -32.06 -32.89 32.31
CA HIS K 72 -32.14 -31.46 32.60
C HIS K 72 -31.42 -31.09 33.90
N ASP K 73 -31.26 -32.02 34.83
CA ASP K 73 -30.47 -31.73 36.02
C ASP K 73 -29.02 -31.42 35.64
N TYR K 74 -28.46 -32.22 34.75
CA TYR K 74 -27.14 -31.93 34.20
C TYR K 74 -27.08 -30.48 33.72
N LEU K 75 -28.14 -30.00 33.06
CA LEU K 75 -28.18 -28.61 32.63
C LEU K 75 -28.13 -27.66 33.82
N GLU K 76 -29.01 -27.85 34.78
CA GLU K 76 -28.99 -26.91 35.89
C GLU K 76 -27.73 -27.00 36.73
N ASN K 77 -26.82 -27.93 36.44
CA ASN K 77 -25.50 -27.87 37.05
C ASN K 77 -24.48 -27.17 36.16
N MET K 78 -24.43 -27.56 34.88
CA MET K 78 -23.42 -27.01 34.00
C MET K 78 -23.67 -25.53 33.72
N TYR K 79 -24.90 -25.18 33.33
CA TYR K 79 -25.28 -23.79 33.08
C TYR K 79 -24.64 -22.88 34.12
N GLY K 80 -24.69 -23.28 35.39
CA GLY K 80 -24.01 -22.53 36.42
C GLY K 80 -22.50 -22.69 36.36
N MET K 81 -22.01 -23.87 36.01
CA MET K 81 -20.57 -24.04 35.87
C MET K 81 -19.98 -23.02 34.89
N PHE K 82 -20.64 -22.82 33.74
CA PHE K 82 -20.13 -21.88 32.74
C PHE K 82 -20.46 -20.44 33.09
N LYS K 83 -21.57 -20.19 33.78
CA LYS K 83 -21.82 -18.84 34.26
C LYS K 83 -20.71 -18.40 35.20
N LYS K 84 -20.32 -19.29 36.12
CA LYS K 84 -19.22 -19.00 37.04
C LYS K 84 -17.93 -18.66 36.31
N VAL K 85 -17.85 -18.88 35.00
CA VAL K 85 -16.66 -18.57 34.23
C VAL K 85 -16.86 -17.37 33.32
N ASN K 86 -18.06 -17.16 32.79
CA ASN K 86 -18.35 -16.00 31.97
C ASN K 86 -19.74 -15.50 32.32
N ALA K 87 -19.84 -14.28 32.82
CA ALA K 87 -21.14 -13.66 32.95
C ALA K 87 -21.69 -13.38 31.55
N ARG K 88 -23.00 -13.14 31.49
CA ARG K 88 -23.65 -12.76 30.23
C ARG K 88 -23.75 -13.95 29.29
N GLU K 89 -24.07 -15.13 29.83
CA GLU K 89 -24.19 -16.35 29.05
C GLU K 89 -25.45 -17.09 29.48
N ARG K 90 -26.59 -16.55 29.08
CA ARG K 90 -27.87 -17.21 29.34
C ARG K 90 -28.03 -18.35 28.34
N ILE K 91 -29.18 -19.02 28.39
CA ILE K 91 -29.47 -20.15 27.50
C ILE K 91 -30.41 -19.63 26.39
N VAL K 92 -29.87 -19.38 25.19
CA VAL K 92 -30.64 -18.79 24.13
C VAL K 92 -31.24 -19.84 23.19
N GLY K 93 -31.15 -21.11 23.53
CA GLY K 93 -31.75 -22.14 22.69
C GLY K 93 -31.01 -23.44 22.88
N TRP K 94 -31.11 -24.29 21.87
CA TRP K 94 -30.54 -25.64 21.91
C TRP K 94 -30.50 -26.23 20.50
N TYR K 95 -29.45 -27.00 20.22
CA TYR K 95 -29.20 -27.52 18.88
C TYR K 95 -29.38 -29.04 18.84
N HIS K 96 -29.70 -29.50 17.64
CA HIS K 96 -30.17 -30.84 17.35
C HIS K 96 -29.54 -31.26 16.02
N THR K 97 -28.74 -32.30 16.04
CA THR K 97 -27.79 -32.56 14.96
C THR K 97 -28.42 -33.06 13.66
N GLY K 98 -29.64 -32.62 13.35
CA GLY K 98 -30.25 -33.00 12.09
C GLY K 98 -30.41 -34.50 11.97
N PRO K 99 -30.46 -35.03 10.74
CA PRO K 99 -30.32 -34.35 9.43
C PRO K 99 -31.50 -33.42 9.06
N LYS K 100 -32.65 -33.64 9.67
CA LYS K 100 -33.82 -32.78 9.47
C LYS K 100 -34.69 -32.89 10.72
N LEU K 101 -35.91 -32.37 10.64
CA LEU K 101 -36.78 -32.31 11.81
C LEU K 101 -37.39 -33.67 12.13
N HIS K 102 -37.67 -33.89 13.42
CA HIS K 102 -38.40 -35.06 13.90
C HIS K 102 -39.62 -34.61 14.68
N LYS K 103 -40.69 -35.41 14.61
CA LYS K 103 -41.90 -35.10 15.36
C LYS K 103 -41.57 -34.84 16.82
N ASN K 104 -40.61 -35.57 17.36
CA ASN K 104 -40.31 -35.46 18.78
C ASN K 104 -39.82 -34.07 19.17
N ASP K 105 -39.30 -33.30 18.21
CA ASP K 105 -38.58 -32.08 18.55
C ASP K 105 -39.41 -31.17 19.44
N ILE K 106 -40.66 -30.94 19.07
CA ILE K 106 -41.47 -29.99 19.83
C ILE K 106 -41.47 -30.36 21.31
N ALA K 107 -41.55 -31.66 21.61
CA ALA K 107 -41.48 -32.08 23.00
C ALA K 107 -40.25 -31.50 23.68
N ILE K 108 -39.07 -31.80 23.13
CA ILE K 108 -37.85 -31.23 23.67
C ILE K 108 -37.99 -29.73 23.85
N ASN K 109 -38.59 -29.04 22.87
CA ASN K 109 -38.58 -27.58 22.93
C ASN K 109 -39.23 -27.05 24.19
N GLU K 110 -40.02 -27.86 24.91
CA GLU K 110 -40.68 -27.39 26.11
C GLU K 110 -39.96 -27.79 27.38
N LEU K 111 -39.06 -28.77 27.32
CA LEU K 111 -38.18 -29.07 28.44
C LEU K 111 -36.91 -28.21 28.43
N MET K 112 -36.62 -27.55 27.30
CA MET K 112 -35.61 -26.51 27.29
C MET K 112 -36.22 -25.14 27.58
N LYS K 113 -37.51 -24.97 27.30
CA LYS K 113 -38.18 -23.69 27.50
C LYS K 113 -38.38 -23.36 28.96
N ARG K 114 -38.40 -24.38 29.84
CA ARG K 114 -38.50 -24.13 31.27
C ARG K 114 -37.38 -23.26 31.79
N TYR K 115 -36.38 -22.94 30.97
CA TYR K 115 -35.36 -21.95 31.31
C TYR K 115 -35.65 -20.61 30.66
N CYS K 116 -35.58 -20.55 29.34
CA CYS K 116 -35.61 -19.26 28.65
C CYS K 116 -36.71 -19.27 27.61
N PRO K 117 -37.71 -18.40 27.73
CA PRO K 117 -38.64 -18.22 26.61
C PRO K 117 -37.87 -17.71 25.41
N ASN K 118 -38.40 -18.00 24.22
CA ASN K 118 -37.83 -17.63 22.93
C ASN K 118 -36.82 -18.65 22.45
N SER K 119 -36.56 -19.72 23.20
CA SER K 119 -35.57 -20.70 22.81
C SER K 119 -35.75 -21.12 21.35
N VAL K 120 -34.64 -21.34 20.66
CA VAL K 120 -34.68 -21.67 19.24
C VAL K 120 -33.93 -22.96 19.01
N LEU K 121 -34.33 -23.68 17.97
CA LEU K 121 -33.53 -24.77 17.48
C LEU K 121 -32.57 -24.26 16.42
N VAL K 122 -31.43 -24.93 16.34
CA VAL K 122 -30.44 -24.64 15.31
C VAL K 122 -29.97 -25.97 14.74
N ILE K 123 -30.64 -26.44 13.69
CA ILE K 123 -30.24 -27.68 13.04
C ILE K 123 -28.91 -27.46 12.34
N ILE K 124 -27.89 -28.17 12.82
CA ILE K 124 -26.55 -28.21 12.26
C ILE K 124 -26.31 -29.61 11.71
N ASP K 125 -25.55 -29.69 10.63
CA ASP K 125 -25.32 -30.98 9.98
C ASP K 125 -24.02 -31.61 10.43
N VAL K 126 -24.00 -32.94 10.41
CA VAL K 126 -22.78 -33.68 10.64
C VAL K 126 -22.20 -34.21 9.33
N LYS K 127 -22.77 -33.80 8.20
CA LYS K 127 -22.26 -34.19 6.90
C LYS K 127 -22.25 -32.99 5.96
N PRO K 128 -21.09 -32.50 5.54
CA PRO K 128 -21.08 -31.48 4.50
C PRO K 128 -21.66 -32.04 3.21
N LYS K 129 -22.63 -31.32 2.66
CA LYS K 129 -23.25 -31.74 1.41
C LYS K 129 -24.04 -30.58 0.83
N ASP K 130 -24.87 -29.96 1.66
CA ASP K 130 -25.59 -28.76 1.25
C ASP K 130 -24.62 -27.75 0.65
N LEU K 131 -25.14 -26.91 -0.22
CA LEU K 131 -24.37 -25.80 -0.77
C LEU K 131 -24.71 -24.48 -0.09
N GLY K 132 -25.89 -24.38 0.52
CA GLY K 132 -26.16 -23.33 1.45
C GLY K 132 -25.61 -23.67 2.83
N LEU K 133 -25.87 -22.80 3.78
CA LEU K 133 -25.27 -22.98 5.09
C LEU K 133 -25.86 -24.20 5.78
N PRO K 134 -25.05 -24.92 6.58
CA PRO K 134 -25.57 -26.03 7.38
C PRO K 134 -26.12 -25.56 8.72
N THR K 135 -26.97 -24.55 8.70
CA THR K 135 -27.43 -23.93 9.94
C THR K 135 -28.82 -23.35 9.68
N GLU K 136 -29.86 -24.12 10.00
CA GLU K 136 -31.21 -23.61 9.88
C GLU K 136 -31.80 -23.37 11.27
N ALA K 137 -32.45 -22.22 11.45
CA ALA K 137 -32.97 -21.83 12.75
C ALA K 137 -34.50 -21.83 12.75
N TYR K 138 -35.08 -22.49 13.75
CA TYR K 138 -36.53 -22.56 13.91
C TYR K 138 -36.93 -22.00 15.27
N ILE K 139 -38.17 -21.53 15.33
CA ILE K 139 -38.78 -21.10 16.59
C ILE K 139 -40.06 -21.89 16.80
N SER K 140 -40.37 -22.11 18.07
CA SER K 140 -41.63 -22.73 18.49
C SER K 140 -42.65 -21.63 18.71
N VAL K 141 -43.50 -21.41 17.70
CA VAL K 141 -44.64 -20.51 17.83
C VAL K 141 -45.91 -21.36 17.85
N GLU K 142 -47.06 -20.70 17.87
CA GLU K 142 -48.34 -21.38 17.71
C GLU K 142 -49.27 -20.43 17.00
N GLU K 143 -50.30 -20.98 16.35
CA GLU K 143 -51.17 -20.15 15.52
C GLU K 143 -52.57 -20.73 15.49
N VAL K 144 -53.45 -20.03 14.79
CA VAL K 144 -54.78 -20.51 14.46
C VAL K 144 -54.84 -20.68 12.96
N HIS K 145 -55.78 -21.51 12.51
CA HIS K 145 -55.88 -21.88 11.09
C HIS K 145 -57.28 -21.58 10.57
N ASP K 146 -57.34 -21.26 9.28
CA ASP K 146 -58.62 -20.98 8.63
C ASP K 146 -59.48 -22.23 8.53
N ASP K 147 -58.88 -23.42 8.57
CA ASP K 147 -59.65 -24.65 8.47
C ASP K 147 -60.41 -24.97 9.75
N GLY K 148 -60.06 -24.31 10.86
CA GLY K 148 -60.73 -24.56 12.11
C GLY K 148 -60.16 -25.69 12.93
N THR K 149 -58.92 -26.06 12.71
CA THR K 149 -58.30 -27.11 13.51
C THR K 149 -57.69 -26.52 14.78
N PRO K 150 -57.62 -27.30 15.87
CA PRO K 150 -57.10 -26.75 17.13
C PRO K 150 -55.73 -26.11 16.95
N THR K 151 -55.47 -25.09 17.75
CA THR K 151 -54.15 -24.47 17.83
C THR K 151 -53.07 -25.53 17.85
N SER K 152 -51.86 -25.19 17.39
CA SER K 152 -50.77 -26.16 17.36
C SER K 152 -49.46 -25.46 17.70
N LYS K 153 -48.52 -26.27 18.21
CA LYS K 153 -47.11 -25.88 18.26
C LYS K 153 -46.46 -26.38 16.98
N THR K 154 -46.28 -25.50 16.02
CA THR K 154 -45.60 -25.83 14.78
C THR K 154 -44.12 -25.50 14.94
N PHE K 155 -43.42 -25.30 13.83
CA PHE K 155 -42.10 -24.67 13.85
C PHE K 155 -42.00 -23.69 12.69
N GLU K 156 -41.49 -22.50 12.95
CA GLU K 156 -41.42 -21.47 11.93
C GLU K 156 -39.96 -21.12 11.66
N HIS K 157 -39.64 -20.97 10.38
CA HIS K 157 -38.26 -20.74 9.96
C HIS K 157 -37.89 -19.27 10.10
N VAL K 158 -36.67 -19.01 10.57
CA VAL K 158 -36.13 -17.66 10.57
C VAL K 158 -34.77 -17.67 9.90
N THR K 159 -34.48 -16.58 9.17
CA THR K 159 -33.25 -16.52 8.40
C THR K 159 -32.03 -16.74 9.29
N SER K 160 -30.97 -17.26 8.69
CA SER K 160 -29.80 -17.66 9.46
C SER K 160 -28.54 -17.44 8.64
N GLU K 161 -27.42 -17.52 9.35
CA GLU K 161 -26.10 -17.31 8.78
C GLU K 161 -25.08 -17.47 9.90
N ILE K 162 -23.81 -17.37 9.58
CA ILE K 162 -22.77 -17.41 10.61
C ILE K 162 -21.95 -16.13 10.50
N GLY K 163 -21.45 -15.65 11.65
CA GLY K 163 -20.67 -14.44 11.74
C GLY K 163 -19.29 -14.72 12.31
N ALA K 164 -18.74 -13.79 13.08
CA ALA K 164 -17.46 -14.05 13.71
C ALA K 164 -17.03 -12.88 14.57
N GLU K 165 -15.97 -13.12 15.36
CA GLU K 165 -15.18 -12.13 16.08
C GLU K 165 -13.77 -12.07 15.50
N GLU K 166 -12.93 -11.19 16.08
CA GLU K 166 -11.53 -11.17 15.70
C GLU K 166 -10.87 -12.52 16.02
N ALA K 167 -11.03 -12.98 17.26
CA ALA K 167 -10.57 -14.32 17.62
C ALA K 167 -11.00 -15.34 16.57
N GLU K 168 -12.30 -15.59 16.50
CA GLU K 168 -12.85 -16.55 15.56
C GLU K 168 -12.26 -16.37 14.17
N GLU K 169 -12.43 -15.17 13.61
CA GLU K 169 -11.83 -14.83 12.33
C GLU K 169 -10.45 -15.45 12.21
N VAL K 170 -9.59 -15.13 13.16
CA VAL K 170 -8.18 -15.47 13.01
C VAL K 170 -7.98 -16.97 13.07
N GLY K 171 -8.66 -17.66 13.98
CA GLY K 171 -8.51 -19.10 14.02
C GLY K 171 -8.91 -19.75 12.71
N VAL K 172 -10.05 -19.34 12.16
CA VAL K 172 -10.52 -19.91 10.90
C VAL K 172 -9.53 -19.61 9.78
N GLU K 173 -9.19 -18.33 9.60
CA GLU K 173 -8.11 -17.89 8.73
C GLU K 173 -6.98 -18.92 8.77
N HIS K 174 -6.48 -19.20 9.98
CA HIS K 174 -5.35 -20.09 10.15
C HIS K 174 -5.65 -21.48 9.63
N LEU K 175 -6.88 -21.95 9.82
CA LEU K 175 -7.22 -23.31 9.45
C LEU K 175 -7.50 -23.48 7.96
N LEU K 176 -7.63 -22.41 7.18
CA LEU K 176 -7.91 -22.59 5.76
C LEU K 176 -6.77 -22.13 4.85
N ARG K 177 -5.53 -22.06 5.36
CA ARG K 177 -4.41 -21.80 4.46
C ARG K 177 -4.06 -23.00 3.58
N ASP K 178 -4.66 -24.16 3.84
CA ASP K 178 -4.56 -25.28 2.91
C ASP K 178 -5.50 -25.07 1.73
N ILE K 179 -6.79 -24.98 2.00
CA ILE K 179 -7.77 -24.62 0.97
C ILE K 179 -7.77 -23.12 0.81
N LYS K 180 -6.81 -22.59 0.04
CA LYS K 180 -6.79 -21.17 -0.22
C LYS K 180 -8.03 -20.75 -1.00
N ASP K 181 -8.64 -19.66 -0.57
CA ASP K 181 -9.77 -19.06 -1.25
C ASP K 181 -9.52 -17.59 -1.57
N THR K 182 -8.31 -17.10 -1.29
CA THR K 182 -7.96 -15.69 -1.46
C THR K 182 -7.26 -15.41 -2.78
N THR K 183 -6.67 -16.42 -3.40
CA THR K 183 -6.13 -16.28 -4.75
C THR K 183 -7.16 -15.69 -5.70
N VAL K 184 -8.44 -15.80 -5.37
CA VAL K 184 -9.52 -15.39 -6.25
C VAL K 184 -9.86 -13.93 -5.94
N GLY K 185 -9.76 -13.07 -6.95
CA GLY K 185 -10.05 -11.66 -6.78
C GLY K 185 -11.54 -11.34 -6.84
N THR K 186 -11.83 -10.04 -6.73
CA THR K 186 -13.19 -9.55 -6.59
C THR K 186 -14.11 -10.00 -7.72
N LEU K 187 -13.88 -9.44 -8.90
CA LEU K 187 -14.74 -9.67 -10.06
C LEU K 187 -15.16 -11.14 -10.15
N SER K 188 -14.17 -12.03 -10.20
CA SER K 188 -14.49 -13.45 -10.28
C SER K 188 -15.24 -13.91 -9.03
N GLN K 189 -14.90 -13.38 -7.86
CA GLN K 189 -15.61 -13.78 -6.65
C GLN K 189 -17.11 -13.61 -6.82
N ARG K 190 -17.53 -12.48 -7.40
CA ARG K 190 -18.95 -12.24 -7.51
C ARG K 190 -19.57 -13.00 -8.68
N ILE K 191 -18.84 -13.23 -9.77
CA ILE K 191 -19.38 -14.18 -10.74
C ILE K 191 -19.65 -15.51 -10.07
N THR K 192 -18.73 -15.96 -9.22
CA THR K 192 -18.96 -17.19 -8.46
C THR K 192 -20.26 -17.09 -7.68
N ASN K 193 -20.49 -15.96 -7.00
CA ASN K 193 -21.75 -15.84 -6.27
C ASN K 193 -22.94 -16.05 -7.20
N GLN K 194 -22.86 -15.57 -8.45
CA GLN K 194 -24.03 -15.64 -9.32
C GLN K 194 -24.20 -16.97 -10.03
N VAL K 195 -23.16 -17.79 -10.12
CA VAL K 195 -23.37 -19.16 -10.60
C VAL K 195 -23.79 -20.05 -9.43
N HIS K 196 -23.06 -19.94 -8.32
CA HIS K 196 -23.41 -20.66 -7.11
C HIS K 196 -24.82 -20.33 -6.62
N GLY K 197 -25.37 -19.18 -6.99
CA GLY K 197 -26.74 -18.88 -6.61
C GLY K 197 -27.74 -19.72 -7.39
N LEU K 198 -27.56 -19.79 -8.70
CA LEU K 198 -28.36 -20.71 -9.49
C LEU K 198 -28.23 -22.13 -8.95
N LYS K 199 -27.03 -22.51 -8.49
CA LYS K 199 -26.90 -23.84 -7.90
C LYS K 199 -27.81 -24.02 -6.69
N GLY K 200 -28.33 -22.93 -6.12
CA GLY K 200 -29.29 -23.05 -5.05
C GLY K 200 -30.71 -23.11 -5.59
N LEU K 201 -31.12 -22.06 -6.30
CA LEU K 201 -32.46 -22.03 -6.89
C LEU K 201 -32.79 -23.37 -7.53
N ASN K 202 -31.81 -23.94 -8.24
CA ASN K 202 -32.03 -25.18 -8.97
C ASN K 202 -32.51 -26.29 -8.06
N SER K 203 -31.83 -26.49 -6.92
CA SER K 203 -32.18 -27.60 -6.07
C SER K 203 -33.39 -27.29 -5.18
N LYS K 204 -33.58 -26.03 -4.78
CA LYS K 204 -34.80 -25.69 -4.06
C LYS K 204 -36.03 -26.01 -4.93
N LEU K 205 -36.12 -25.36 -6.10
CA LEU K 205 -37.20 -25.70 -7.02
C LEU K 205 -37.30 -27.20 -7.20
N LEU K 206 -36.17 -27.87 -7.41
CA LEU K 206 -36.18 -29.33 -7.56
C LEU K 206 -36.94 -29.99 -6.42
N ASP K 207 -36.73 -29.51 -5.19
CA ASP K 207 -37.41 -30.12 -4.05
C ASP K 207 -38.92 -29.90 -4.12
N ILE K 208 -39.35 -28.69 -4.49
CA ILE K 208 -40.78 -28.48 -4.65
C ILE K 208 -41.35 -29.41 -5.72
N ARG K 209 -40.60 -29.61 -6.81
CA ARG K 209 -41.10 -30.47 -7.89
C ARG K 209 -41.27 -31.90 -7.39
N SER K 210 -40.33 -32.39 -6.59
CA SER K 210 -40.50 -33.72 -6.02
C SER K 210 -41.69 -33.79 -5.07
N TYR K 211 -41.99 -32.69 -4.37
CA TYR K 211 -43.14 -32.71 -3.47
C TYR K 211 -44.46 -32.75 -4.25
N LEU K 212 -44.66 -31.79 -5.17
CA LEU K 212 -45.87 -31.81 -5.99
C LEU K 212 -46.06 -33.17 -6.65
N GLU K 213 -45.00 -33.67 -7.29
CA GLU K 213 -45.08 -35.01 -7.83
C GLU K 213 -45.39 -36.05 -6.75
N LYS K 214 -45.10 -35.74 -5.49
CA LYS K 214 -45.35 -36.72 -4.43
C LYS K 214 -46.81 -36.77 -4.04
N VAL K 215 -47.53 -35.64 -4.06
CA VAL K 215 -48.95 -35.73 -3.70
C VAL K 215 -49.79 -36.13 -4.90
N ALA K 216 -49.44 -35.67 -6.10
CA ALA K 216 -50.26 -36.01 -7.26
C ALA K 216 -50.43 -37.52 -7.40
N THR K 217 -49.36 -38.28 -7.17
CA THR K 217 -49.36 -39.72 -7.40
C THR K 217 -48.36 -40.34 -6.43
N GLY K 218 -48.66 -41.57 -6.00
CA GLY K 218 -47.98 -42.11 -4.84
C GLY K 218 -48.48 -41.35 -3.63
N LYS K 219 -49.79 -41.42 -3.44
CA LYS K 219 -50.54 -40.37 -2.74
C LYS K 219 -49.92 -40.01 -1.40
N LEU K 220 -50.01 -38.71 -1.08
CA LEU K 220 -49.63 -38.12 0.20
C LEU K 220 -50.59 -36.98 0.47
N PRO K 221 -51.51 -37.10 1.44
CA PRO K 221 -52.64 -36.17 1.53
C PRO K 221 -52.28 -34.72 1.30
N ILE K 222 -53.11 -34.03 0.52
CA ILE K 222 -52.85 -32.65 0.15
C ILE K 222 -52.91 -31.76 1.37
N ASN K 223 -52.01 -30.78 1.45
CA ASN K 223 -52.04 -29.71 2.45
C ASN K 223 -52.28 -28.42 1.69
N HIS K 224 -53.55 -28.02 1.59
CA HIS K 224 -53.96 -26.87 0.80
C HIS K 224 -53.03 -25.66 0.93
N GLN K 225 -52.39 -25.49 2.09
CA GLN K 225 -51.59 -24.29 2.32
C GLN K 225 -50.42 -24.21 1.35
N ILE K 226 -49.63 -25.29 1.29
CA ILE K 226 -48.50 -25.35 0.35
C ILE K 226 -48.95 -24.92 -1.04
N ILE K 227 -50.01 -25.53 -1.54
CA ILE K 227 -50.45 -25.27 -2.91
C ILE K 227 -50.87 -23.82 -3.05
N TYR K 228 -51.58 -23.28 -2.05
CA TYR K 228 -51.88 -21.86 -1.99
C TYR K 228 -50.63 -21.08 -2.36
N GLN K 229 -49.68 -21.01 -1.43
CA GLN K 229 -48.47 -20.23 -1.65
C GLN K 229 -47.91 -20.46 -3.05
N LEU K 230 -47.88 -21.73 -3.44
CA LEU K 230 -47.36 -22.11 -4.75
C LEU K 230 -48.10 -21.41 -5.87
N GLN K 231 -49.30 -20.88 -5.63
CA GLN K 231 -49.94 -20.06 -6.67
C GLN K 231 -49.37 -18.64 -6.70
N ASP K 232 -49.24 -17.99 -5.55
CA ASP K 232 -48.59 -16.68 -5.52
C ASP K 232 -47.29 -16.72 -6.29
N VAL K 233 -46.56 -17.84 -6.19
CA VAL K 233 -45.29 -17.93 -6.92
C VAL K 233 -45.50 -17.65 -8.41
N PHE K 234 -46.44 -18.36 -9.04
CA PHE K 234 -46.61 -18.24 -10.49
C PHE K 234 -47.37 -16.98 -10.89
N ASN K 235 -48.02 -16.29 -9.96
CA ASN K 235 -48.48 -14.95 -10.32
C ASN K 235 -47.35 -13.93 -10.25
N LEU K 236 -46.37 -14.13 -9.37
CA LEU K 236 -45.31 -13.14 -9.23
C LEU K 236 -44.26 -13.21 -10.31
N LEU K 237 -44.20 -14.27 -11.11
CA LEU K 237 -43.19 -14.36 -12.14
C LEU K 237 -43.24 -13.15 -13.05
N PRO K 238 -42.10 -12.60 -13.47
CA PRO K 238 -42.11 -11.37 -14.27
C PRO K 238 -42.48 -11.65 -15.72
N ASP K 239 -43.66 -11.21 -16.13
CA ASP K 239 -44.20 -11.59 -17.43
C ASP K 239 -45.07 -10.51 -18.06
N VAL K 240 -46.20 -10.21 -17.40
CA VAL K 240 -47.32 -9.56 -18.07
C VAL K 240 -46.94 -8.22 -18.68
N SER K 241 -45.97 -7.52 -18.12
CA SER K 241 -45.52 -6.24 -18.66
C SER K 241 -44.29 -6.46 -19.54
N LEU K 242 -44.50 -7.14 -20.67
CA LEU K 242 -43.37 -7.68 -21.44
C LEU K 242 -42.75 -6.62 -22.35
N GLN K 243 -43.53 -6.03 -23.26
CA GLN K 243 -42.97 -5.12 -24.25
C GLN K 243 -42.27 -3.92 -23.58
N GLU K 244 -42.98 -3.22 -22.70
CA GLU K 244 -42.42 -2.02 -22.09
C GLU K 244 -41.12 -2.34 -21.37
N PHE K 245 -41.19 -3.29 -20.43
CA PHE K 245 -39.98 -3.79 -19.77
C PHE K 245 -38.86 -3.98 -20.77
N VAL K 246 -39.12 -4.64 -21.89
CA VAL K 246 -38.04 -4.82 -22.87
C VAL K 246 -37.44 -3.46 -23.22
N LYS K 247 -38.28 -2.53 -23.67
CA LYS K 247 -37.73 -1.26 -24.15
C LYS K 247 -36.94 -0.53 -23.06
N ALA K 248 -37.29 -0.73 -21.79
CA ALA K 248 -36.53 -0.07 -20.72
C ALA K 248 -35.22 -0.78 -20.42
N PHE K 249 -35.29 -2.08 -20.12
CA PHE K 249 -34.10 -2.86 -19.81
C PHE K 249 -33.00 -2.61 -20.83
N TYR K 250 -33.36 -2.58 -22.11
CA TYR K 250 -32.33 -2.30 -23.11
C TYR K 250 -31.66 -0.97 -22.83
N LEU K 251 -32.45 0.05 -22.46
CA LEU K 251 -31.88 1.38 -22.26
C LEU K 251 -30.90 1.39 -21.08
N LYS K 252 -31.32 0.85 -19.94
CA LYS K 252 -30.43 0.83 -18.78
C LYS K 252 -29.13 0.09 -19.11
N THR K 253 -29.20 -1.00 -19.87
CA THR K 253 -27.95 -1.61 -20.34
C THR K 253 -27.11 -0.62 -21.10
N ASN K 254 -27.69 -0.01 -22.13
CA ASN K 254 -26.98 1.01 -22.91
C ASN K 254 -26.14 1.90 -22.00
N ASP K 255 -26.78 2.51 -21.00
CA ASP K 255 -26.01 3.29 -20.03
C ASP K 255 -24.84 2.47 -19.50
N GLN K 256 -25.13 1.26 -19.01
CA GLN K 256 -24.09 0.46 -18.39
C GLN K 256 -22.86 0.37 -19.28
N MET K 257 -23.06 0.12 -20.56
CA MET K 257 -21.89 0.07 -21.46
C MET K 257 -21.21 1.42 -21.50
N VAL K 258 -21.95 2.50 -21.73
CA VAL K 258 -21.31 3.81 -21.83
C VAL K 258 -20.25 3.94 -20.73
N VAL K 259 -20.63 3.62 -19.49
CA VAL K 259 -19.65 3.79 -18.43
C VAL K 259 -18.56 2.71 -18.49
N VAL K 260 -18.85 1.48 -18.92
CA VAL K 260 -17.78 0.49 -19.07
C VAL K 260 -16.76 0.95 -20.08
N TYR K 261 -17.24 1.36 -21.26
CA TYR K 261 -16.40 1.96 -22.29
C TYR K 261 -15.43 2.94 -21.67
N LEU K 262 -15.96 3.97 -20.99
CA LEU K 262 -15.06 4.94 -20.39
C LEU K 262 -14.03 4.24 -19.49
N ALA K 263 -14.49 3.33 -18.65
CA ALA K 263 -13.59 2.69 -17.70
C ALA K 263 -12.44 2.01 -18.43
N SER K 264 -12.76 1.04 -19.30
CA SER K 264 -11.71 0.32 -20.02
C SER K 264 -10.78 1.27 -20.75
N LEU K 265 -11.32 2.37 -21.29
CA LEU K 265 -10.48 3.30 -22.04
C LEU K 265 -9.42 3.93 -21.13
N ILE K 266 -9.85 4.57 -20.05
CA ILE K 266 -8.87 5.14 -19.12
C ILE K 266 -7.87 4.07 -18.73
N ARG K 267 -8.36 2.89 -18.34
CA ARG K 267 -7.46 1.80 -17.99
C ARG K 267 -6.38 1.61 -19.06
N SER K 268 -6.80 1.57 -20.32
CA SER K 268 -5.84 1.40 -21.40
C SER K 268 -4.81 2.51 -21.41
N VAL K 269 -5.26 3.76 -21.45
CA VAL K 269 -4.31 4.88 -21.51
C VAL K 269 -3.30 4.75 -20.38
N VAL K 270 -3.77 4.51 -19.17
CA VAL K 270 -2.86 4.45 -18.03
C VAL K 270 -1.84 3.33 -18.22
N ALA K 271 -2.29 2.14 -18.59
CA ALA K 271 -1.34 1.05 -18.80
C ALA K 271 -0.31 1.43 -19.85
N LEU K 272 -0.74 2.05 -20.95
CA LEU K 272 0.18 2.42 -22.01
C LEU K 272 1.24 3.39 -21.50
N HIS K 273 0.82 4.41 -20.74
CA HIS K 273 1.80 5.31 -20.15
C HIS K 273 2.80 4.54 -19.29
N ASN K 274 2.31 3.54 -18.56
CA ASN K 274 3.23 2.62 -17.89
C ASN K 274 4.27 2.09 -18.86
N LEU K 275 3.83 1.66 -20.05
CA LEU K 275 4.78 1.11 -21.01
C LEU K 275 5.82 2.15 -21.41
N ILE K 276 5.39 3.38 -21.73
CA ILE K 276 6.39 4.42 -22.04
C ILE K 276 7.41 4.50 -20.93
N ASN K 277 6.95 4.43 -19.68
CA ASN K 277 7.90 4.51 -18.58
C ASN K 277 8.92 3.37 -18.66
N ASN K 278 8.47 2.15 -18.99
CA ASN K 278 9.42 1.05 -19.14
C ASN K 278 10.43 1.33 -20.23
N LYS K 279 9.98 1.77 -21.41
CA LYS K 279 10.92 1.99 -22.50
C LYS K 279 12.00 3.00 -22.10
N ILE K 280 11.60 4.12 -21.49
CA ILE K 280 12.60 5.13 -21.17
C ILE K 280 13.56 4.61 -20.10
N ALA K 281 13.05 3.90 -19.10
CA ALA K 281 13.96 3.29 -18.14
C ALA K 281 14.93 2.32 -18.82
N ASN K 282 14.49 1.69 -19.92
CA ASN K 282 15.37 0.75 -20.62
C ASN K 282 16.47 1.47 -21.38
N ARG K 283 16.14 2.57 -22.07
CA ARG K 283 17.20 3.34 -22.73
C ARG K 283 18.25 3.79 -21.73
N ASP K 284 17.80 4.39 -20.62
CA ASP K 284 18.78 4.88 -19.65
C ASP K 284 19.52 3.76 -18.94
N ALA K 285 18.94 2.56 -18.87
CA ALA K 285 19.71 1.40 -18.41
C ALA K 285 20.71 0.93 -19.46
N GLU K 286 20.44 1.20 -20.75
CA GLU K 286 21.38 0.83 -21.79
C GLU K 286 22.57 1.77 -21.84
N LYS K 287 22.41 3.03 -21.42
CA LYS K 287 23.59 3.88 -21.29
C LYS K 287 24.50 3.43 -20.15
N LYS K 288 23.92 2.83 -19.11
CA LYS K 288 24.74 2.31 -18.01
C LYS K 288 25.37 0.97 -18.38
N GLU K 289 24.64 0.12 -19.11
CA GLU K 289 25.18 -1.18 -19.48
C GLU K 289 26.46 -1.07 -20.31
N GLY K 290 26.69 0.07 -20.95
CA GLY K 290 27.95 0.30 -21.63
C GLY K 290 29.01 0.79 -20.65
N GLN K 291 29.46 2.03 -20.82
CA GLN K 291 30.42 2.66 -19.90
C GLN K 291 31.65 1.77 -19.83
N GLU K 292 32.11 1.40 -18.64
CA GLU K 292 33.32 0.61 -18.46
C GLU K 292 32.99 -0.87 -18.43
N MET L 1 -73.12 -38.76 54.53
CA MET L 1 -73.35 -39.84 55.53
C MET L 1 -73.67 -41.16 54.83
N LYS L 2 -73.51 -42.26 55.57
CA LYS L 2 -73.87 -43.57 55.05
C LYS L 2 -75.36 -43.87 55.17
N ASP L 3 -76.13 -42.96 55.76
CA ASP L 3 -77.58 -43.17 55.87
C ASP L 3 -78.27 -43.01 54.52
N VAL L 4 -77.73 -42.16 53.65
CA VAL L 4 -78.37 -41.82 52.38
C VAL L 4 -78.25 -42.97 51.37
N PRO L 5 -77.13 -43.69 51.28
CA PRO L 5 -77.09 -44.86 50.39
C PRO L 5 -77.76 -46.12 50.96
N GLY L 6 -78.08 -46.15 52.25
CA GLY L 6 -78.90 -47.22 52.81
C GLY L 6 -80.37 -46.90 52.68
N PHE L 7 -80.69 -45.61 52.57
CA PHE L 7 -82.06 -45.16 52.33
C PHE L 7 -82.40 -45.08 50.84
N LEU L 8 -81.40 -44.88 49.97
CA LEU L 8 -81.66 -44.76 48.54
C LEU L 8 -81.77 -46.13 47.86
N GLN L 9 -81.14 -47.16 48.42
CA GLN L 9 -81.44 -48.53 48.02
C GLN L 9 -82.76 -49.00 48.62
N GLN L 10 -83.22 -48.35 49.68
CA GLN L 10 -84.49 -48.70 50.33
C GLN L 10 -85.67 -48.10 49.58
N SER L 11 -85.81 -46.77 49.64
CA SER L 11 -86.96 -46.11 49.02
C SER L 11 -86.89 -46.21 47.49
N GLN L 12 -85.73 -45.93 46.92
CA GLN L 12 -85.55 -45.96 45.48
C GLN L 12 -84.93 -47.28 45.02
N ASN L 13 -85.49 -47.82 43.94
CA ASN L 13 -84.82 -48.85 43.15
C ASN L 13 -84.98 -48.52 41.67
N SER L 14 -85.02 -47.23 41.34
CA SER L 14 -85.31 -46.76 39.98
C SER L 14 -84.27 -47.27 39.01
N GLY L 15 -84.70 -48.09 38.05
CA GLY L 15 -83.80 -48.84 37.21
C GLY L 15 -83.47 -50.17 37.86
N PRO L 16 -83.60 -51.27 37.11
CA PRO L 16 -83.43 -52.59 37.74
C PRO L 16 -81.99 -52.88 38.14
N GLY L 17 -81.02 -52.43 37.34
CA GLY L 17 -79.62 -52.57 37.68
C GLY L 17 -79.06 -51.46 38.55
N GLN L 18 -79.93 -50.59 39.08
CA GLN L 18 -79.49 -49.46 39.92
C GLN L 18 -79.45 -49.86 41.39
N PRO L 19 -80.30 -50.79 41.86
CA PRO L 19 -80.01 -51.42 43.15
C PRO L 19 -78.58 -51.94 43.26
N ALA L 20 -78.01 -52.45 42.15
CA ALA L 20 -76.61 -52.82 42.14
C ALA L 20 -75.71 -51.58 42.14
N VAL L 21 -76.18 -50.47 41.57
CA VAL L 21 -75.44 -49.22 41.64
C VAL L 21 -75.51 -48.63 43.05
N TRP L 22 -76.64 -48.80 43.73
CA TRP L 22 -76.74 -48.35 45.12
C TRP L 22 -76.12 -49.35 46.09
N HIS L 23 -75.70 -50.53 45.62
CA HIS L 23 -74.80 -51.38 46.38
C HIS L 23 -73.33 -51.01 46.15
N ARG L 24 -72.98 -50.57 44.94
CA ARG L 24 -71.59 -50.20 44.67
C ARG L 24 -71.28 -48.76 45.09
N LEU L 25 -72.28 -47.88 45.20
CA LEU L 25 -72.05 -46.56 45.76
C LEU L 25 -71.72 -46.63 47.24
N GLU L 26 -72.30 -47.61 47.93
CA GLU L 26 -71.97 -47.82 49.33
C GLU L 26 -70.68 -48.63 49.48
N GLU L 27 -70.52 -49.69 48.68
CA GLU L 27 -69.27 -50.45 48.72
C GLU L 27 -68.07 -49.55 48.46
N LEU L 28 -68.21 -48.60 47.54
CA LEU L 28 -67.12 -47.70 47.22
C LEU L 28 -67.05 -46.49 48.15
N TYR L 29 -68.17 -46.08 48.77
CA TYR L 29 -68.09 -44.99 49.73
C TYR L 29 -67.49 -45.44 51.06
N THR L 30 -67.72 -46.69 51.46
CA THR L 30 -67.15 -47.19 52.71
C THR L 30 -65.68 -47.56 52.54
N LYS L 31 -65.34 -48.22 51.43
CA LYS L 31 -63.94 -48.45 51.10
C LYS L 31 -63.21 -47.16 50.75
N LYS L 32 -63.94 -46.07 50.48
CA LYS L 32 -63.36 -44.78 50.14
C LYS L 32 -62.46 -44.88 48.90
N LEU L 33 -63.04 -45.41 47.83
CA LEU L 33 -62.38 -45.46 46.53
C LEU L 33 -62.90 -44.30 45.67
N TRP L 34 -62.54 -43.09 46.13
CA TRP L 34 -63.13 -41.87 45.60
C TRP L 34 -63.00 -41.78 44.08
N HIS L 35 -61.92 -42.32 43.52
CA HIS L 35 -61.73 -42.28 42.06
C HIS L 35 -62.78 -43.12 41.34
N GLN L 36 -63.30 -44.16 42.00
CA GLN L 36 -64.35 -44.97 41.38
C GLN L 36 -65.71 -44.30 41.52
N LEU L 37 -65.93 -43.60 42.64
CA LEU L 37 -67.13 -42.80 42.81
C LEU L 37 -67.20 -41.69 41.77
N THR L 38 -66.09 -40.97 41.58
CA THR L 38 -66.10 -39.84 40.65
C THR L 38 -66.51 -40.26 39.25
N LEU L 39 -66.15 -41.48 38.83
CA LEU L 39 -66.56 -41.98 37.52
C LEU L 39 -67.97 -42.54 37.55
N GLN L 40 -68.39 -43.14 38.65
CA GLN L 40 -69.69 -43.81 38.67
C GLN L 40 -70.85 -42.85 38.93
N VAL L 41 -70.64 -41.79 39.72
CA VAL L 41 -71.72 -40.84 40.01
C VAL L 41 -71.94 -39.86 38.86
N LEU L 42 -70.92 -39.62 38.02
CA LEU L 42 -71.13 -38.81 36.82
C LEU L 42 -71.88 -39.57 35.73
N ASP L 43 -71.81 -40.91 35.75
CA ASP L 43 -72.62 -41.76 34.87
C ASP L 43 -73.98 -42.07 35.47
N PHE L 44 -74.07 -42.06 36.81
CA PHE L 44 -75.31 -42.36 37.51
C PHE L 44 -76.27 -41.18 37.48
N VAL L 45 -75.75 -39.95 37.63
CA VAL L 45 -76.56 -38.75 37.47
C VAL L 45 -77.07 -38.64 36.04
N GLN L 46 -76.30 -39.16 35.08
CA GLN L 46 -76.54 -38.93 33.67
C GLN L 46 -77.52 -39.92 33.04
N ASP L 47 -77.84 -41.02 33.72
CA ASP L 47 -78.77 -41.99 33.15
C ASP L 47 -80.15 -41.34 33.00
N PRO L 48 -80.86 -41.59 31.88
CA PRO L 48 -82.11 -40.88 31.62
C PRO L 48 -83.32 -41.54 32.26
N CYS L 49 -83.99 -40.80 33.15
CA CYS L 49 -85.19 -41.30 33.82
C CYS L 49 -84.92 -42.59 34.60
N PHE L 50 -83.72 -42.72 35.17
CA PHE L 50 -83.39 -43.81 36.09
C PHE L 50 -82.79 -43.25 37.38
N ALA L 51 -82.14 -42.09 37.27
CA ALA L 51 -81.69 -41.33 38.42
C ALA L 51 -81.94 -39.83 38.26
N GLN L 52 -82.23 -39.37 37.05
CA GLN L 52 -82.80 -38.06 36.81
C GLN L 52 -84.32 -38.19 36.75
N GLY L 53 -85.01 -37.26 37.38
CA GLY L 53 -86.47 -37.21 37.31
C GLY L 53 -86.92 -35.79 37.10
N ASP L 54 -87.32 -35.14 38.19
CA ASP L 54 -87.53 -33.71 38.22
C ASP L 54 -87.15 -33.06 39.54
N GLY L 55 -87.16 -33.80 40.65
CA GLY L 55 -86.67 -33.32 41.93
C GLY L 55 -85.65 -34.26 42.52
N LEU L 56 -85.02 -35.09 41.68
CA LEU L 56 -83.95 -35.98 42.13
C LEU L 56 -82.62 -35.26 42.25
N ILE L 57 -82.63 -33.93 42.18
CA ILE L 57 -81.48 -33.14 42.58
C ILE L 57 -81.07 -33.47 44.01
N LYS L 58 -81.96 -34.08 44.80
CA LYS L 58 -81.60 -34.48 46.15
C LYS L 58 -80.42 -35.45 46.12
N LEU L 59 -80.27 -36.23 45.05
CA LEU L 59 -79.11 -37.13 44.96
C LEU L 59 -77.80 -36.37 45.12
N TYR L 60 -77.79 -35.07 44.84
CA TYR L 60 -76.61 -34.25 45.06
C TYR L 60 -76.62 -33.61 46.44
N GLU L 61 -77.80 -33.23 46.95
CA GLU L 61 -77.88 -32.52 48.23
C GLU L 61 -77.55 -33.40 49.42
N ASN L 62 -77.61 -34.73 49.25
CA ASN L 62 -77.47 -35.66 50.35
C ASN L 62 -76.22 -36.52 50.29
N PHE L 63 -75.58 -36.66 49.13
CA PHE L 63 -74.43 -37.54 49.01
C PHE L 63 -73.26 -36.88 48.27
N ILE L 64 -73.56 -35.98 47.35
CA ILE L 64 -72.51 -35.32 46.56
C ILE L 64 -72.10 -33.98 47.16
N SER L 65 -72.77 -33.52 48.22
CA SER L 65 -72.37 -32.30 48.91
C SER L 65 -71.15 -32.50 49.81
N GLU L 66 -70.73 -33.74 50.02
CA GLU L 66 -69.43 -34.02 50.62
C GLU L 66 -68.37 -34.32 49.57
N PHE L 67 -68.78 -34.58 48.33
CA PHE L 67 -67.86 -34.61 47.20
C PHE L 67 -67.54 -33.18 46.79
N GLU L 68 -66.42 -32.66 47.25
CA GLU L 68 -65.95 -31.35 46.79
C GLU L 68 -64.50 -31.11 47.20
N HIS L 69 -63.84 -32.16 47.65
CA HIS L 69 -62.42 -32.15 47.96
C HIS L 69 -61.88 -33.58 47.83
N ARG L 70 -62.75 -34.49 47.35
CA ARG L 70 -62.40 -35.87 47.08
C ARG L 70 -62.46 -36.18 45.58
N VAL L 71 -62.63 -35.15 44.76
CA VAL L 71 -62.92 -35.31 43.33
C VAL L 71 -62.22 -34.19 42.56
N ASN L 72 -61.91 -34.46 41.30
CA ASN L 72 -61.33 -33.42 40.46
C ASN L 72 -62.42 -32.43 40.07
N PRO L 73 -62.20 -31.12 40.29
CA PRO L 73 -63.25 -30.15 39.96
C PRO L 73 -63.68 -30.20 38.51
N LEU L 74 -62.98 -30.99 37.68
CA LEU L 74 -63.41 -31.21 36.30
C LEU L 74 -64.72 -32.00 36.26
N SER L 75 -64.70 -33.24 36.74
CA SER L 75 -65.89 -34.09 36.70
C SER L 75 -67.02 -33.50 37.54
N LEU L 76 -66.67 -32.83 38.64
CA LEU L 76 -67.69 -32.29 39.54
C LEU L 76 -68.61 -31.31 38.82
N VAL L 77 -68.05 -30.45 37.97
CA VAL L 77 -68.85 -29.46 37.28
C VAL L 77 -69.68 -30.10 36.16
N GLU L 78 -69.32 -31.29 35.71
CA GLU L 78 -70.23 -32.03 34.83
C GLU L 78 -71.40 -32.58 35.62
N ILE L 79 -71.15 -33.07 36.84
CA ILE L 79 -72.26 -33.45 37.71
C ILE L 79 -73.18 -32.25 37.95
N ILE L 80 -72.61 -31.06 38.14
CA ILE L 80 -73.42 -29.87 38.44
C ILE L 80 -74.03 -29.24 37.19
N LEU L 81 -73.47 -29.50 36.00
CA LEU L 81 -74.14 -29.10 34.78
C LEU L 81 -75.29 -30.05 34.45
N HIS L 82 -75.20 -31.31 34.89
CA HIS L 82 -76.36 -32.20 34.85
C HIS L 82 -77.45 -31.70 35.79
N VAL L 83 -77.07 -31.34 37.02
CA VAL L 83 -78.07 -30.99 38.04
C VAL L 83 -79.05 -29.93 37.53
N VAL L 84 -78.55 -28.93 36.80
CA VAL L 84 -79.38 -27.80 36.39
C VAL L 84 -80.12 -28.13 35.09
N ARG L 85 -80.16 -29.42 34.74
CA ARG L 85 -81.13 -29.89 33.75
C ARG L 85 -82.48 -30.15 34.39
N GLN L 86 -82.48 -30.56 35.67
CA GLN L 86 -83.73 -30.84 36.38
C GLN L 86 -84.44 -29.55 36.82
N MET L 87 -83.67 -28.54 37.22
CA MET L 87 -84.28 -27.28 37.67
C MET L 87 -84.88 -26.52 36.50
N THR L 88 -86.10 -26.02 36.69
CA THR L 88 -86.70 -25.07 35.77
C THR L 88 -86.51 -23.63 36.24
N ASP L 89 -85.81 -23.42 37.36
CA ASP L 89 -85.61 -22.08 37.91
C ASP L 89 -84.40 -21.43 37.27
N PRO L 90 -84.54 -20.27 36.63
CA PRO L 90 -83.37 -19.57 36.08
C PRO L 90 -82.70 -18.62 37.06
N ASN L 91 -83.18 -18.56 38.31
CA ASN L 91 -82.60 -17.71 39.34
C ASN L 91 -82.02 -18.46 40.52
N VAL L 92 -82.54 -19.66 40.82
CA VAL L 92 -81.93 -20.51 41.84
C VAL L 92 -80.74 -21.26 41.27
N ALA L 93 -80.81 -21.63 39.99
CA ALA L 93 -79.69 -22.29 39.32
C ALA L 93 -78.59 -21.30 38.95
N LEU L 94 -78.95 -20.02 38.72
CA LEU L 94 -77.94 -19.00 38.46
C LEU L 94 -77.01 -18.85 39.67
N THR L 95 -77.59 -18.55 40.83
CA THR L 95 -76.78 -18.37 42.04
C THR L 95 -76.23 -19.70 42.55
N PHE L 96 -76.92 -20.81 42.27
CA PHE L 96 -76.33 -22.12 42.58
C PHE L 96 -75.03 -22.32 41.80
N LEU L 97 -75.04 -21.99 40.50
CA LEU L 97 -73.85 -22.18 39.68
C LEU L 97 -72.75 -21.20 40.05
N GLU L 98 -73.09 -19.94 40.35
CA GLU L 98 -72.07 -19.00 40.79
C GLU L 98 -71.43 -19.46 42.10
N LYS L 99 -72.28 -19.83 43.07
CA LYS L 99 -71.78 -20.39 44.33
C LYS L 99 -70.83 -21.55 44.08
N THR L 100 -71.16 -22.42 43.11
CA THR L 100 -70.23 -23.48 42.77
C THR L 100 -68.94 -22.92 42.17
N ARG L 101 -69.06 -21.90 41.32
CA ARG L 101 -67.92 -21.41 40.54
C ARG L 101 -66.83 -20.85 41.44
N GLU L 102 -67.20 -20.23 42.56
CA GLU L 102 -66.15 -19.73 43.45
C GLU L 102 -65.58 -20.82 44.37
N LYS L 103 -66.24 -21.97 44.50
CA LYS L 103 -65.70 -23.08 45.28
C LYS L 103 -64.89 -24.06 44.44
N VAL L 104 -65.10 -24.08 43.12
CA VAL L 104 -64.27 -24.88 42.24
C VAL L 104 -63.17 -24.06 41.57
N LYS L 105 -63.31 -22.74 41.47
CA LYS L 105 -62.22 -21.90 40.98
C LYS L 105 -61.10 -21.80 41.99
N SER L 106 -61.42 -21.87 43.29
CA SER L 106 -60.40 -22.08 44.30
C SER L 106 -59.85 -23.50 44.24
N SER L 107 -60.63 -24.45 43.73
CA SER L 107 -60.18 -25.82 43.53
C SER L 107 -59.28 -25.97 42.30
N ASP L 108 -59.06 -24.90 41.55
CA ASP L 108 -58.05 -24.86 40.50
C ASP L 108 -58.47 -25.68 39.28
N GLU L 109 -59.09 -25.00 38.32
CA GLU L 109 -59.62 -25.64 37.12
C GLU L 109 -59.63 -24.59 36.02
N ALA L 110 -59.91 -25.04 34.79
CA ALA L 110 -60.26 -24.12 33.72
C ALA L 110 -61.56 -23.36 34.00
N VAL L 111 -62.45 -23.92 34.83
CA VAL L 111 -63.75 -23.35 35.19
C VAL L 111 -64.48 -22.73 34.01
N ILE L 112 -64.13 -23.13 32.79
CA ILE L 112 -64.90 -22.68 31.63
C ILE L 112 -66.26 -23.37 31.64
N LEU L 113 -66.29 -24.63 32.10
CA LEU L 113 -67.54 -25.37 32.22
C LEU L 113 -68.55 -24.60 33.05
N CYS L 114 -68.09 -23.76 33.98
CA CYS L 114 -68.98 -23.01 34.85
C CYS L 114 -69.49 -21.75 34.14
N LYS L 115 -68.57 -20.97 33.57
CA LYS L 115 -68.94 -19.69 32.97
C LYS L 115 -69.74 -19.88 31.68
N THR L 116 -69.70 -21.07 31.08
CA THR L 116 -70.55 -21.32 29.91
C THR L 116 -71.95 -21.80 30.29
N ALA L 117 -72.10 -22.54 31.39
CA ALA L 117 -73.43 -22.79 31.93
C ALA L 117 -74.10 -21.48 32.32
N ILE L 118 -73.38 -20.65 33.09
CA ILE L 118 -73.90 -19.34 33.47
C ILE L 118 -74.26 -18.54 32.21
N GLY L 119 -73.35 -18.47 31.25
CA GLY L 119 -73.63 -17.75 30.02
C GLY L 119 -74.86 -18.28 29.30
N ALA L 120 -75.03 -19.61 29.29
CA ALA L 120 -76.14 -20.22 28.58
C ALA L 120 -77.48 -19.99 29.27
N LEU L 121 -77.48 -19.73 30.58
CA LEU L 121 -78.74 -19.35 31.22
C LEU L 121 -79.06 -17.88 31.02
N LYS L 122 -78.04 -17.01 31.10
CA LYS L 122 -78.30 -15.60 30.82
C LYS L 122 -78.62 -15.34 29.35
N LEU L 123 -78.34 -16.30 28.45
CA LEU L 123 -78.78 -16.16 27.06
C LEU L 123 -80.22 -16.62 26.84
N ASN L 124 -80.75 -17.50 27.69
CA ASN L 124 -82.15 -17.90 27.59
C ASN L 124 -83.07 -16.86 28.23
N ILE L 125 -82.65 -16.25 29.34
CA ILE L 125 -83.44 -15.15 29.89
C ILE L 125 -83.65 -14.08 28.83
N GLY L 126 -82.54 -13.56 28.29
CA GLY L 126 -82.61 -12.61 27.20
C GLY L 126 -81.56 -11.52 27.24
N ASP L 127 -80.87 -11.39 28.38
CA ASP L 127 -79.88 -10.32 28.55
C ASP L 127 -78.61 -10.69 27.79
N LEU L 128 -78.32 -9.94 26.73
CA LEU L 128 -77.19 -10.23 25.86
C LEU L 128 -75.91 -9.50 26.29
N GLN L 129 -76.01 -8.56 27.23
CA GLN L 129 -74.83 -7.79 27.64
C GLN L 129 -73.98 -8.54 28.65
N VAL L 130 -74.60 -9.00 29.73
CA VAL L 130 -73.89 -9.83 30.70
C VAL L 130 -73.31 -11.06 30.02
N THR L 131 -74.05 -11.62 29.05
CA THR L 131 -73.57 -12.81 28.34
C THR L 131 -72.39 -12.47 27.45
N LYS L 132 -72.49 -11.39 26.66
CA LYS L 132 -71.36 -10.96 25.85
C LYS L 132 -70.09 -10.86 26.70
N GLU L 133 -70.19 -10.25 27.88
CA GLU L 133 -69.00 -10.14 28.72
C GLU L 133 -68.54 -11.49 29.25
N THR L 134 -69.49 -12.37 29.58
CA THR L 134 -69.13 -13.73 29.97
C THR L 134 -68.27 -14.40 28.89
N ILE L 135 -68.65 -14.23 27.63
CA ILE L 135 -67.90 -14.80 26.52
C ILE L 135 -66.53 -14.15 26.39
N GLU L 136 -66.42 -12.86 26.71
CA GLU L 136 -65.09 -12.23 26.75
C GLU L 136 -64.18 -12.95 27.74
N ASP L 137 -64.63 -13.06 29.00
CA ASP L 137 -63.77 -13.62 30.03
C ASP L 137 -63.38 -15.06 29.69
N VAL L 138 -64.35 -15.89 29.30
CA VAL L 138 -64.00 -17.25 28.89
C VAL L 138 -63.02 -17.20 27.73
N GLU L 139 -63.21 -16.26 26.80
CA GLU L 139 -62.29 -16.14 25.68
C GLU L 139 -60.87 -15.92 26.15
N GLU L 140 -60.70 -15.19 27.26
CA GLU L 140 -59.35 -15.01 27.80
C GLU L 140 -58.84 -16.30 28.43
N MET L 141 -59.60 -16.86 29.37
CA MET L 141 -59.14 -18.09 30.02
C MET L 141 -59.05 -19.28 29.08
N LEU L 142 -59.42 -19.13 27.80
CA LEU L 142 -59.41 -20.26 26.87
C LEU L 142 -58.03 -20.45 26.26
N ASN L 143 -57.34 -19.36 25.94
CA ASN L 143 -56.01 -19.44 25.32
C ASN L 143 -54.92 -19.78 26.33
N ASN L 144 -55.15 -19.55 27.62
CA ASN L 144 -54.17 -19.87 28.65
C ASN L 144 -53.99 -21.38 28.83
N LEU L 145 -54.76 -22.19 28.14
CA LEU L 145 -54.54 -23.61 28.06
C LEU L 145 -53.73 -23.95 26.82
N PRO L 146 -53.34 -25.21 26.66
CA PRO L 146 -53.02 -25.72 25.33
C PRO L 146 -54.29 -26.07 24.57
N GLY L 147 -54.13 -26.24 23.25
CA GLY L 147 -55.26 -26.54 22.39
C GLY L 147 -55.79 -27.95 22.59
N VAL L 148 -56.79 -28.10 23.47
CA VAL L 148 -57.28 -29.41 23.87
C VAL L 148 -58.62 -29.69 23.21
N THR L 149 -59.46 -30.50 23.87
CA THR L 149 -60.86 -30.67 23.50
C THR L 149 -61.66 -30.23 24.73
N SER L 150 -62.49 -31.10 25.29
CA SER L 150 -63.01 -30.88 26.64
C SER L 150 -63.98 -29.70 26.71
N VAL L 151 -63.45 -28.48 26.76
CA VAL L 151 -64.22 -27.29 27.03
C VAL L 151 -64.51 -26.53 25.75
N HIS L 152 -63.58 -26.64 24.78
CA HIS L 152 -63.69 -25.85 23.56
C HIS L 152 -65.03 -26.08 22.85
N SER L 153 -65.48 -27.34 22.79
CA SER L 153 -66.74 -27.65 22.12
C SER L 153 -67.88 -26.85 22.75
N ARG L 154 -68.04 -26.98 24.07
CA ARG L 154 -69.12 -26.29 24.77
C ARG L 154 -69.03 -24.78 24.53
N PHE L 155 -67.90 -24.19 24.93
CA PHE L 155 -67.73 -22.74 24.85
C PHE L 155 -68.01 -22.24 23.43
N TYR L 156 -67.36 -22.85 22.45
CA TYR L 156 -67.59 -22.46 21.06
C TYR L 156 -69.07 -22.54 20.71
N ASP L 157 -69.76 -23.58 21.15
CA ASP L 157 -71.19 -23.68 20.83
C ASP L 157 -71.97 -22.53 21.44
N LEU L 158 -71.73 -22.25 22.73
CA LEU L 158 -72.32 -21.07 23.35
C LEU L 158 -72.14 -19.84 22.46
N SER L 159 -70.90 -19.59 22.04
CA SER L 159 -70.61 -18.41 21.23
C SER L 159 -71.39 -18.45 19.92
N SER L 160 -71.42 -19.61 19.25
CA SER L 160 -72.13 -19.71 17.98
C SER L 160 -73.61 -19.37 18.14
N LYS L 161 -74.20 -19.75 19.27
CA LYS L 161 -75.59 -19.38 19.51
C LYS L 161 -75.72 -17.89 19.79
N TYR L 162 -74.81 -17.31 20.57
CA TYR L 162 -74.87 -15.88 20.83
C TYR L 162 -74.79 -15.09 19.53
N TYR L 163 -73.83 -15.44 18.67
CA TYR L 163 -73.72 -14.78 17.37
C TYR L 163 -74.95 -15.04 16.52
N GLN L 164 -75.59 -16.21 16.66
CA GLN L 164 -76.80 -16.49 15.89
C GLN L 164 -77.94 -15.58 16.32
N THR L 165 -78.03 -15.24 17.60
CA THR L 165 -79.04 -14.29 18.07
C THR L 165 -78.87 -12.93 17.38
N ILE L 166 -77.64 -12.41 17.41
CA ILE L 166 -77.37 -11.06 16.93
C ILE L 166 -77.61 -10.89 15.43
N GLY L 167 -77.63 -11.99 14.68
CA GLY L 167 -77.53 -11.89 13.24
C GLY L 167 -76.13 -11.58 12.75
N ASN L 168 -75.14 -11.64 13.64
CA ASN L 168 -73.74 -11.37 13.31
C ASN L 168 -73.14 -12.60 12.63
N HIS L 169 -73.55 -12.81 11.38
CA HIS L 169 -73.29 -14.08 10.71
C HIS L 169 -71.79 -14.34 10.54
N ALA L 170 -71.02 -13.32 10.20
CA ALA L 170 -69.57 -13.49 10.01
C ALA L 170 -68.95 -14.20 11.21
N SER L 171 -69.11 -13.60 12.39
CA SER L 171 -68.63 -14.20 13.63
C SER L 171 -69.01 -15.68 13.70
N TYR L 172 -70.28 -15.97 13.44
CA TYR L 172 -70.77 -17.35 13.49
C TYR L 172 -69.95 -18.24 12.55
N TYR L 173 -69.78 -17.81 11.30
CA TYR L 173 -69.07 -18.65 10.35
C TYR L 173 -67.66 -18.96 10.84
N LYS L 174 -67.05 -18.05 11.59
CA LYS L 174 -65.75 -18.39 12.18
C LYS L 174 -65.90 -19.41 13.33
N ASP L 175 -66.42 -18.94 14.45
CA ASP L 175 -66.42 -19.75 15.66
C ASP L 175 -67.05 -21.12 15.40
N ALA L 176 -68.28 -21.13 14.88
CA ALA L 176 -68.98 -22.38 14.65
C ALA L 176 -68.11 -23.37 13.90
N LEU L 177 -67.55 -22.94 12.77
CA LEU L 177 -66.63 -23.78 12.02
C LEU L 177 -65.62 -24.42 12.97
N ARG L 178 -65.03 -23.61 13.85
CA ARG L 178 -64.07 -24.17 14.79
C ARG L 178 -64.69 -25.25 15.66
N PHE L 179 -65.94 -25.05 16.10
CA PHE L 179 -66.62 -26.10 16.86
C PHE L 179 -66.66 -27.39 16.05
N LEU L 180 -67.13 -27.32 14.82
CA LEU L 180 -67.32 -28.55 14.05
C LEU L 180 -66.00 -29.20 13.66
N GLY L 181 -64.88 -28.51 13.83
CA GLY L 181 -63.60 -29.10 13.50
C GLY L 181 -62.82 -29.73 14.64
N CYS L 182 -63.39 -29.85 15.84
CA CYS L 182 -62.64 -30.39 16.97
C CYS L 182 -63.31 -31.59 17.62
N VAL L 183 -64.38 -32.12 17.03
CA VAL L 183 -64.95 -33.40 17.44
C VAL L 183 -65.59 -34.04 16.22
N ASP L 184 -65.24 -35.30 15.96
CA ASP L 184 -65.54 -35.92 14.68
C ASP L 184 -67.05 -36.04 14.46
N ILE L 185 -67.42 -36.21 13.20
CA ILE L 185 -68.80 -36.49 12.83
C ILE L 185 -69.20 -37.92 13.17
N LYS L 186 -68.24 -38.76 13.57
CA LYS L 186 -68.54 -40.11 14.03
C LYS L 186 -68.93 -40.16 15.49
N ASP L 187 -68.82 -39.02 16.20
CA ASP L 187 -69.25 -38.93 17.59
C ASP L 187 -70.65 -38.35 17.75
N LEU L 188 -71.24 -37.82 16.67
CA LEU L 188 -72.56 -37.22 16.69
C LEU L 188 -73.58 -38.15 16.04
N PRO L 189 -74.86 -37.92 16.29
CA PRO L 189 -75.92 -38.53 15.48
C PRO L 189 -76.17 -37.70 14.22
N VAL L 190 -76.92 -38.30 13.29
CA VAL L 190 -77.19 -37.68 12.00
C VAL L 190 -78.31 -36.64 12.13
N SER L 191 -78.73 -36.37 13.36
CA SER L 191 -79.66 -35.27 13.63
C SER L 191 -78.95 -33.98 13.97
N GLU L 192 -77.69 -34.04 14.41
CA GLU L 192 -76.87 -32.84 14.51
C GLU L 192 -76.28 -32.46 13.17
N GLN L 193 -75.80 -33.44 12.41
CA GLN L 193 -75.13 -33.15 11.15
C GLN L 193 -76.04 -32.36 10.20
N GLN L 194 -77.20 -32.94 9.88
CA GLN L 194 -78.16 -32.24 9.01
C GLN L 194 -78.52 -30.86 9.54
N GLU L 195 -78.32 -30.59 10.81
CA GLU L 195 -78.64 -29.27 11.40
C GLU L 195 -77.45 -28.31 11.22
N ARG L 196 -76.36 -28.62 11.92
CA ARG L 196 -75.16 -27.78 11.93
C ARG L 196 -74.72 -27.45 10.50
N ALA L 197 -74.78 -28.43 9.60
CA ALA L 197 -74.40 -28.16 8.21
C ALA L 197 -75.34 -27.15 7.57
N PHE L 198 -76.64 -27.49 7.56
CA PHE L 198 -77.65 -26.63 6.94
C PHE L 198 -77.54 -25.20 7.41
N THR L 199 -77.00 -24.99 8.60
CA THR L 199 -76.83 -23.60 9.06
C THR L 199 -75.47 -23.02 8.71
N LEU L 200 -74.41 -23.82 8.78
CA LEU L 200 -73.08 -23.30 8.47
C LEU L 200 -73.06 -22.71 7.07
N GLY L 201 -73.59 -23.45 6.10
CA GLY L 201 -73.63 -22.91 4.74
C GLY L 201 -74.45 -21.64 4.64
N LEU L 202 -75.67 -21.69 5.17
CA LEU L 202 -76.58 -20.54 5.09
C LEU L 202 -75.91 -19.27 5.61
N ALA L 203 -75.44 -19.32 6.86
CA ALA L 203 -74.80 -18.14 7.44
C ALA L 203 -73.58 -17.73 6.63
N GLY L 204 -72.84 -18.70 6.09
CA GLY L 204 -71.72 -18.35 5.22
C GLY L 204 -72.15 -17.48 4.06
N LEU L 205 -73.21 -17.90 3.35
CA LEU L 205 -73.68 -17.11 2.20
C LEU L 205 -74.21 -15.76 2.65
N LEU L 206 -75.16 -15.73 3.59
CA LEU L 206 -75.68 -14.47 4.09
C LEU L 206 -74.56 -13.58 4.62
N GLY L 207 -73.48 -14.17 5.10
CA GLY L 207 -72.46 -13.42 5.80
C GLY L 207 -71.75 -12.44 4.90
N GLU L 208 -71.11 -11.47 5.56
CA GLU L 208 -70.23 -10.53 4.90
C GLU L 208 -68.83 -10.81 5.39
N GLY L 209 -67.92 -11.11 4.46
CA GLY L 209 -66.54 -11.37 4.80
C GLY L 209 -66.01 -12.58 4.08
N VAL L 210 -66.64 -13.73 4.30
CA VAL L 210 -66.17 -14.96 3.70
C VAL L 210 -66.22 -14.85 2.17
N PHE L 211 -65.24 -15.50 1.52
CA PHE L 211 -65.25 -15.60 0.06
C PHE L 211 -64.57 -16.87 -0.43
N ASN L 212 -64.23 -17.80 0.47
CA ASN L 212 -63.48 -19.00 0.11
C ASN L 212 -64.35 -20.24 0.20
N PHE L 213 -65.48 -20.21 -0.50
CA PHE L 213 -66.45 -21.30 -0.40
C PHE L 213 -65.85 -22.64 -0.82
N GLY L 214 -64.93 -22.64 -1.79
CA GLY L 214 -64.22 -23.86 -2.13
C GLY L 214 -63.57 -24.52 -0.93
N GLU L 215 -63.14 -23.71 0.04
CA GLU L 215 -62.56 -24.26 1.27
C GLU L 215 -63.61 -25.06 2.04
N LEU L 216 -64.80 -24.48 2.23
CA LEU L 216 -65.85 -25.17 2.97
C LEU L 216 -66.26 -26.47 2.27
N LEU L 217 -66.33 -26.45 0.94
CA LEU L 217 -66.86 -27.64 0.28
C LEU L 217 -65.99 -28.88 0.41
N MET L 218 -64.96 -28.91 1.26
CA MET L 218 -64.22 -30.13 1.55
C MET L 218 -64.31 -30.53 3.00
N HIS L 219 -64.64 -29.61 3.89
CA HIS L 219 -64.87 -29.93 5.29
C HIS L 219 -65.81 -31.13 5.40
N PRO L 220 -65.53 -32.09 6.26
CA PRO L 220 -66.30 -33.35 6.24
C PRO L 220 -67.75 -33.21 6.69
N VAL L 221 -68.20 -32.01 7.06
CA VAL L 221 -69.56 -31.84 7.55
C VAL L 221 -70.55 -31.55 6.42
N LEU L 222 -70.11 -30.91 5.34
CA LEU L 222 -70.97 -30.66 4.20
C LEU L 222 -71.00 -31.83 3.22
N GLU L 223 -70.06 -32.78 3.34
CA GLU L 223 -70.06 -33.99 2.53
C GLU L 223 -70.82 -35.12 3.20
N SER L 224 -71.35 -34.89 4.40
CA SER L 224 -72.16 -35.87 5.11
C SER L 224 -73.34 -36.27 4.23
N LEU L 225 -74.49 -35.61 4.40
CA LEU L 225 -75.65 -35.85 3.56
C LEU L 225 -75.63 -34.88 2.39
N ARG L 226 -75.99 -35.38 1.21
CA ARG L 226 -76.00 -34.56 -0.01
C ARG L 226 -77.21 -34.81 -0.91
N ASN L 227 -77.91 -35.92 -0.78
CA ASN L 227 -79.18 -36.16 -1.44
C ASN L 227 -80.32 -35.85 -0.46
N THR L 228 -81.37 -35.22 -0.98
CA THR L 228 -82.59 -34.88 -0.22
C THR L 228 -82.39 -33.66 0.68
N ASP L 229 -83.34 -32.71 0.61
CA ASP L 229 -83.35 -31.52 1.48
C ASP L 229 -82.13 -30.65 1.29
N ARG L 230 -80.95 -31.18 1.64
CA ARG L 230 -79.71 -30.47 1.39
C ARG L 230 -79.33 -30.47 -0.08
N GLN L 231 -79.97 -31.32 -0.90
CA GLN L 231 -79.60 -31.45 -2.31
C GLN L 231 -79.46 -30.11 -3.01
N TRP L 232 -80.21 -29.09 -2.58
CA TRP L 232 -80.12 -27.79 -3.22
C TRP L 232 -79.00 -26.93 -2.64
N LEU L 233 -78.85 -26.91 -1.31
CA LEU L 233 -77.85 -26.04 -0.70
C LEU L 233 -76.46 -26.31 -1.28
N ILE L 234 -76.07 -27.59 -1.33
CA ILE L 234 -74.78 -27.94 -1.90
C ILE L 234 -74.66 -27.39 -3.32
N ASP L 235 -75.70 -27.59 -4.13
CA ASP L 235 -75.66 -27.11 -5.50
C ASP L 235 -75.86 -25.61 -5.62
N THR L 236 -76.15 -24.91 -4.52
CA THR L 236 -76.04 -23.46 -4.49
C THR L 236 -74.65 -23.01 -4.11
N LEU L 237 -73.87 -23.86 -3.44
CA LEU L 237 -72.49 -23.53 -3.15
C LEU L 237 -71.61 -23.72 -4.37
N TYR L 238 -71.89 -24.75 -5.17
CA TYR L 238 -71.17 -24.94 -6.43
C TYR L 238 -71.42 -23.80 -7.41
N ALA L 239 -72.53 -23.08 -7.27
CA ALA L 239 -72.73 -21.85 -8.03
C ALA L 239 -71.98 -20.69 -7.40
N PHE L 240 -71.86 -20.68 -6.07
CA PHE L 240 -71.07 -19.67 -5.38
C PHE L 240 -69.57 -19.85 -5.57
N ASN L 241 -69.15 -20.99 -6.10
CA ASN L 241 -67.74 -21.32 -6.21
C ASN L 241 -67.17 -21.08 -7.61
N SER L 242 -67.98 -21.26 -8.65
CA SER L 242 -67.55 -21.02 -10.02
C SER L 242 -68.00 -19.67 -10.56
N GLY L 243 -68.71 -18.88 -9.75
CA GLY L 243 -69.12 -17.56 -10.19
C GLY L 243 -70.27 -17.54 -11.17
N ASN L 244 -71.10 -18.59 -11.20
CA ASN L 244 -72.25 -18.63 -12.09
C ASN L 244 -73.35 -17.73 -11.52
N VAL L 245 -73.58 -16.58 -12.14
CA VAL L 245 -74.77 -15.80 -11.80
C VAL L 245 -76.00 -16.46 -12.40
N GLU L 246 -75.89 -16.99 -13.62
CA GLU L 246 -77.03 -17.54 -14.33
C GLU L 246 -77.45 -18.90 -13.79
N ARG L 247 -76.51 -19.74 -13.36
CA ARG L 247 -76.92 -20.98 -12.73
C ARG L 247 -77.43 -20.76 -11.31
N PHE L 248 -77.03 -19.65 -10.67
CA PHE L 248 -77.65 -19.27 -9.40
C PHE L 248 -79.09 -18.81 -9.61
N GLN L 249 -79.40 -18.18 -10.74
CA GLN L 249 -80.76 -17.68 -10.97
C GLN L 249 -81.75 -18.77 -11.38
N THR L 250 -81.30 -19.96 -11.77
CA THR L 250 -82.19 -21.10 -11.97
C THR L 250 -82.40 -21.90 -10.69
N LEU L 251 -81.74 -21.52 -9.61
CA LEU L 251 -81.96 -22.13 -8.30
C LEU L 251 -82.59 -21.11 -7.36
N LYS L 252 -83.49 -20.31 -7.92
CA LYS L 252 -84.60 -19.72 -7.17
C LYS L 252 -85.79 -20.66 -7.31
N THR L 253 -86.69 -20.61 -6.33
CA THR L 253 -87.78 -21.59 -6.18
C THR L 253 -87.25 -22.96 -5.76
N ALA L 254 -85.99 -23.04 -5.37
CA ALA L 254 -85.42 -24.16 -4.63
C ALA L 254 -84.52 -23.61 -3.54
N TRP L 255 -84.92 -22.48 -2.96
CA TRP L 255 -83.97 -21.50 -2.45
C TRP L 255 -84.67 -20.26 -1.90
N GLY L 256 -85.88 -19.97 -2.40
CA GLY L 256 -86.68 -18.87 -1.91
C GLY L 256 -87.63 -19.27 -0.81
N GLN L 257 -87.95 -20.56 -0.69
CA GLN L 257 -88.72 -21.03 0.45
C GLN L 257 -88.05 -20.64 1.76
N GLN L 258 -86.72 -20.58 1.76
CA GLN L 258 -85.97 -20.06 2.90
C GLN L 258 -86.18 -18.54 2.98
N PRO L 259 -86.59 -18.00 4.14
CA PRO L 259 -86.83 -16.55 4.20
C PRO L 259 -85.55 -15.74 4.37
N ASP L 260 -84.52 -16.35 4.96
CA ASP L 260 -83.30 -15.61 5.28
C ASP L 260 -82.59 -15.16 4.01
N LEU L 261 -82.43 -16.08 3.05
CA LEU L 261 -81.81 -15.73 1.78
C LEU L 261 -82.70 -14.78 0.98
N ALA L 262 -83.95 -15.18 0.74
CA ALA L 262 -84.88 -14.42 -0.10
C ALA L 262 -85.34 -13.11 0.54
N ALA L 263 -84.87 -12.77 1.74
CA ALA L 263 -85.00 -11.42 2.27
C ALA L 263 -83.78 -10.57 2.01
N ASN L 264 -82.58 -11.16 2.11
CA ASN L 264 -81.34 -10.50 1.75
C ASN L 264 -80.95 -10.77 0.30
N GLU L 265 -81.92 -10.93 -0.59
CA GLU L 265 -81.62 -11.32 -1.96
C GLU L 265 -80.89 -10.25 -2.73
N ALA L 266 -80.90 -9.01 -2.26
CA ALA L 266 -80.13 -7.95 -2.91
C ALA L 266 -78.66 -7.95 -2.48
N GLN L 267 -78.34 -8.61 -1.37
CA GLN L 267 -76.94 -8.75 -0.95
C GLN L 267 -76.27 -9.94 -1.63
N LEU L 268 -77.00 -11.05 -1.79
CA LEU L 268 -76.45 -12.26 -2.37
C LEU L 268 -76.47 -12.27 -3.89
N LEU L 269 -76.93 -11.19 -4.52
CA LEU L 269 -76.65 -10.94 -5.93
C LEU L 269 -75.42 -10.04 -6.09
N ARG L 270 -75.00 -9.38 -5.01
CA ARG L 270 -73.71 -8.70 -4.99
C ARG L 270 -72.58 -9.69 -4.83
N LYS L 271 -72.73 -10.65 -3.91
CA LYS L 271 -71.65 -11.54 -3.53
C LYS L 271 -71.36 -12.61 -4.57
N ILE L 272 -72.30 -12.95 -5.43
CA ILE L 272 -72.02 -13.84 -6.54
C ILE L 272 -71.40 -13.06 -7.69
N GLN L 273 -72.02 -11.94 -8.06
CA GLN L 273 -71.44 -11.05 -9.04
C GLN L 273 -69.96 -10.86 -8.80
N LEU L 274 -69.56 -10.64 -7.54
CA LEU L 274 -68.17 -10.39 -7.24
C LEU L 274 -67.29 -11.59 -7.58
N LEU L 275 -67.67 -12.78 -7.10
CA LEU L 275 -66.88 -13.96 -7.34
C LEU L 275 -66.92 -14.41 -8.79
N CYS L 276 -67.78 -13.82 -9.62
CA CYS L 276 -67.69 -14.07 -11.06
C CYS L 276 -66.45 -13.39 -11.64
N LEU L 277 -66.29 -12.09 -11.40
CA LEU L 277 -65.04 -11.43 -11.76
C LEU L 277 -63.86 -12.19 -11.18
N MET L 278 -63.88 -12.39 -9.85
CA MET L 278 -62.75 -13.02 -9.17
C MET L 278 -62.40 -14.36 -9.82
N GLU L 279 -63.39 -15.19 -10.12
CA GLU L 279 -63.11 -16.48 -10.75
C GLU L 279 -62.68 -16.30 -12.19
N MET L 280 -63.59 -15.77 -13.01
CA MET L 280 -63.37 -15.40 -14.40
C MET L 280 -61.91 -15.09 -14.70
N THR L 281 -61.31 -14.22 -13.89
CA THR L 281 -59.97 -13.72 -14.23
C THR L 281 -58.87 -14.73 -13.92
N PHE L 282 -59.18 -15.84 -13.26
CA PHE L 282 -58.20 -16.91 -13.17
C PHE L 282 -57.96 -17.54 -14.52
N THR L 283 -59.04 -17.78 -15.28
CA THR L 283 -58.96 -18.60 -16.48
C THR L 283 -57.84 -18.13 -17.39
N ARG L 284 -57.78 -16.84 -17.69
CA ARG L 284 -56.72 -16.29 -18.52
C ARG L 284 -55.39 -16.39 -17.77
N PRO L 285 -54.34 -17.06 -18.34
CA PRO L 285 -53.17 -17.43 -17.52
C PRO L 285 -51.93 -16.54 -17.66
N ALA L 286 -51.89 -15.70 -18.69
CA ALA L 286 -50.60 -15.29 -19.25
C ALA L 286 -50.34 -13.78 -19.19
N ASN L 287 -49.68 -13.28 -20.23
CA ASN L 287 -49.72 -11.86 -20.53
C ASN L 287 -51.16 -11.40 -20.71
N HIS L 288 -51.93 -12.17 -21.47
CA HIS L 288 -53.36 -11.94 -21.61
C HIS L 288 -54.04 -12.03 -20.24
N ARG L 289 -54.15 -10.88 -19.55
CA ARG L 289 -54.85 -10.79 -18.28
C ARG L 289 -55.84 -9.63 -18.27
N GLN L 290 -56.07 -8.97 -19.40
CA GLN L 290 -57.06 -7.90 -19.48
C GLN L 290 -58.42 -8.48 -19.81
N LEU L 291 -59.44 -7.92 -19.18
CA LEU L 291 -60.82 -8.21 -19.49
C LEU L 291 -61.49 -6.93 -19.95
N THR L 292 -62.45 -7.06 -20.87
CA THR L 292 -63.18 -5.93 -21.41
C THR L 292 -64.53 -5.79 -20.70
N PHE L 293 -64.88 -4.55 -20.35
CA PHE L 293 -66.13 -4.27 -19.66
C PHE L 293 -67.28 -5.09 -20.25
N GLU L 294 -67.48 -4.97 -21.56
CA GLU L 294 -68.55 -5.71 -22.22
C GLU L 294 -68.31 -7.21 -22.22
N GLU L 295 -67.17 -7.66 -21.71
CA GLU L 295 -66.93 -9.08 -21.50
C GLU L 295 -67.26 -9.53 -20.07
N ILE L 296 -67.06 -8.65 -19.09
CA ILE L 296 -67.48 -8.94 -17.72
C ILE L 296 -69.00 -8.87 -17.60
N ALA L 297 -69.58 -7.77 -18.07
CA ALA L 297 -71.01 -7.52 -17.90
C ALA L 297 -71.85 -8.72 -18.33
N LYS L 298 -71.44 -9.41 -19.40
CA LYS L 298 -72.23 -10.51 -19.95
C LYS L 298 -72.29 -11.70 -19.00
N SER L 299 -71.22 -11.95 -18.23
CA SER L 299 -71.21 -13.02 -17.25
C SER L 299 -71.69 -12.56 -15.87
N ALA L 300 -71.67 -11.26 -15.60
CA ALA L 300 -72.13 -10.72 -14.32
C ALA L 300 -73.60 -10.30 -14.33
N LYS L 301 -74.24 -10.32 -15.50
CA LYS L 301 -75.65 -9.95 -15.63
C LYS L 301 -75.90 -8.55 -15.06
N ILE L 302 -75.18 -7.57 -15.61
CA ILE L 302 -75.44 -6.17 -15.31
C ILE L 302 -74.76 -5.33 -16.37
N THR L 303 -75.39 -4.20 -16.70
CA THR L 303 -74.88 -3.30 -17.73
C THR L 303 -73.56 -2.67 -17.26
N VAL L 304 -72.98 -1.83 -18.14
CA VAL L 304 -71.61 -1.37 -18.00
C VAL L 304 -71.45 -0.13 -17.12
N ASN L 305 -72.54 0.27 -16.45
CA ASN L 305 -72.47 1.38 -15.51
C ASN L 305 -72.44 0.92 -14.06
N GLU L 306 -72.79 -0.34 -13.79
CA GLU L 306 -72.54 -0.93 -12.49
C GLU L 306 -71.13 -1.50 -12.41
N VAL L 307 -70.69 -2.17 -13.48
CA VAL L 307 -69.44 -2.94 -13.47
C VAL L 307 -68.28 -2.13 -12.89
N GLU L 308 -68.25 -0.83 -13.17
CA GLU L 308 -67.19 0.02 -12.61
C GLU L 308 -67.14 -0.12 -11.09
N LEU L 309 -68.20 0.31 -10.40
CA LEU L 309 -68.28 0.13 -8.96
C LEU L 309 -67.98 -1.31 -8.56
N LEU L 310 -68.54 -2.27 -9.31
CA LEU L 310 -68.38 -3.68 -8.98
C LEU L 310 -66.92 -4.08 -8.86
N VAL L 311 -66.08 -3.62 -9.80
CA VAL L 311 -64.66 -3.89 -9.67
C VAL L 311 -64.11 -3.14 -8.47
N MET L 312 -64.65 -1.96 -8.16
CA MET L 312 -64.05 -1.21 -7.06
C MET L 312 -64.28 -1.87 -5.70
N LYS L 313 -65.39 -2.57 -5.51
CA LYS L 313 -65.54 -3.33 -4.27
C LYS L 313 -64.51 -4.44 -4.18
N ALA L 314 -64.20 -5.07 -5.31
CA ALA L 314 -63.19 -6.13 -5.34
C ALA L 314 -61.81 -5.57 -5.03
N LEU L 315 -61.45 -4.47 -5.69
CA LEU L 315 -60.18 -3.81 -5.41
C LEU L 315 -60.12 -3.31 -3.97
N SER L 316 -61.27 -3.15 -3.31
CA SER L 316 -61.25 -2.76 -1.89
C SER L 316 -61.02 -3.97 -0.98
N VAL L 317 -61.96 -4.92 -0.98
CA VAL L 317 -61.83 -6.08 -0.09
C VAL L 317 -60.49 -6.77 -0.28
N GLY L 318 -59.97 -6.76 -1.51
CA GLY L 318 -58.67 -7.34 -1.82
C GLY L 318 -58.68 -8.50 -2.78
N LEU L 319 -59.86 -9.01 -3.18
CA LEU L 319 -59.92 -10.14 -4.08
C LEU L 319 -59.20 -9.87 -5.40
N VAL L 320 -58.99 -8.60 -5.73
CA VAL L 320 -58.28 -8.20 -6.93
C VAL L 320 -57.33 -7.06 -6.57
N LYS L 321 -56.13 -7.10 -7.14
CA LYS L 321 -55.25 -5.95 -7.16
C LYS L 321 -54.98 -5.58 -8.61
N GLY L 322 -55.01 -4.28 -8.88
CA GLY L 322 -54.77 -3.79 -10.21
C GLY L 322 -55.40 -2.45 -10.48
N SER L 323 -55.94 -2.28 -11.69
CA SER L 323 -56.32 -0.97 -12.14
C SER L 323 -57.41 -1.09 -13.20
N ILE L 324 -58.28 -0.12 -13.22
CA ILE L 324 -59.25 0.03 -14.28
C ILE L 324 -58.67 0.98 -15.31
N ASP L 325 -58.67 0.58 -16.57
CA ASP L 325 -58.30 1.45 -17.68
C ASP L 325 -59.61 1.82 -18.37
N GLU L 326 -60.31 2.80 -17.80
CA GLU L 326 -61.71 3.02 -18.13
C GLU L 326 -61.88 3.40 -19.59
N VAL L 327 -61.01 4.27 -20.10
CA VAL L 327 -61.26 4.85 -21.42
C VAL L 327 -61.35 3.76 -22.48
N ASP L 328 -60.39 2.85 -22.50
CA ASP L 328 -60.37 1.76 -23.46
C ASP L 328 -61.16 0.54 -22.99
N LYS L 329 -61.87 0.65 -21.87
CA LYS L 329 -62.76 -0.39 -21.37
C LYS L 329 -61.97 -1.64 -20.97
N ARG L 330 -60.82 -1.45 -20.33
CA ARG L 330 -59.97 -2.57 -19.94
C ARG L 330 -59.89 -2.66 -18.42
N VAL L 331 -59.61 -3.86 -17.93
CA VAL L 331 -59.26 -4.07 -16.53
C VAL L 331 -57.93 -4.80 -16.48
N HIS L 332 -57.11 -4.49 -15.47
CA HIS L 332 -55.78 -5.08 -15.34
C HIS L 332 -55.78 -5.99 -14.11
N MET L 333 -55.80 -7.28 -14.37
CA MET L 333 -55.94 -8.29 -13.33
C MET L 333 -54.54 -8.74 -12.94
N THR L 334 -53.97 -8.06 -11.96
CA THR L 334 -52.56 -8.33 -11.70
C THR L 334 -52.36 -9.41 -10.65
N TRP L 335 -53.28 -9.53 -9.69
CA TRP L 335 -53.11 -10.48 -8.60
C TRP L 335 -54.48 -10.87 -8.06
N VAL L 336 -54.70 -12.17 -7.91
CA VAL L 336 -56.01 -12.72 -7.58
C VAL L 336 -55.80 -13.77 -6.50
N GLN L 337 -56.50 -13.61 -5.37
CA GLN L 337 -56.32 -14.47 -4.20
C GLN L 337 -56.31 -15.94 -4.57
N PRO L 338 -55.57 -16.77 -3.85
CA PRO L 338 -55.58 -18.20 -4.16
C PRO L 338 -56.88 -18.83 -3.74
N ARG L 339 -57.15 -20.00 -4.31
CA ARG L 339 -58.31 -20.78 -3.90
C ARG L 339 -58.05 -22.24 -4.25
N VAL L 340 -58.71 -23.13 -3.51
CA VAL L 340 -58.35 -24.53 -3.51
C VAL L 340 -58.40 -25.11 -4.92
N LEU L 341 -57.49 -26.04 -5.19
CA LEU L 341 -57.42 -26.82 -6.42
C LEU L 341 -57.62 -28.29 -6.11
N ASP L 342 -57.71 -29.09 -7.17
CA ASP L 342 -57.89 -30.53 -7.03
C ASP L 342 -56.72 -31.24 -7.68
N LEU L 343 -56.76 -32.57 -7.61
CA LEU L 343 -55.65 -33.40 -8.08
C LEU L 343 -55.40 -33.26 -9.58
N GLN L 344 -56.37 -32.77 -10.34
CA GLN L 344 -56.17 -32.66 -11.78
C GLN L 344 -55.48 -31.36 -12.18
N GLN L 345 -55.66 -30.28 -11.42
CA GLN L 345 -54.99 -29.03 -11.74
C GLN L 345 -53.52 -29.05 -11.28
N ILE L 346 -53.28 -29.68 -10.13
CA ILE L 346 -51.93 -29.84 -9.63
C ILE L 346 -51.05 -30.55 -10.67
N LYS L 347 -51.58 -31.63 -11.28
CA LYS L 347 -50.78 -32.39 -12.25
C LYS L 347 -50.32 -31.53 -13.41
N GLY L 348 -51.07 -30.47 -13.74
CA GLY L 348 -50.61 -29.51 -14.73
C GLY L 348 -49.57 -28.55 -14.18
N MET L 349 -49.73 -28.15 -12.92
CA MET L 349 -48.71 -27.30 -12.33
C MET L 349 -47.37 -28.01 -12.23
N LYS L 350 -47.38 -29.32 -11.96
CA LYS L 350 -46.12 -30.05 -11.87
C LYS L 350 -45.27 -29.84 -13.12
N ASP L 351 -45.88 -30.01 -14.30
CA ASP L 351 -45.14 -29.88 -15.54
C ASP L 351 -44.88 -28.42 -15.88
N ARG L 352 -45.73 -27.50 -15.41
CA ARG L 352 -45.43 -26.08 -15.58
C ARG L 352 -44.20 -25.67 -14.79
N LEU L 353 -44.00 -26.27 -13.62
CA LEU L 353 -42.84 -25.97 -12.77
C LEU L 353 -41.58 -26.68 -13.27
N GLU L 354 -41.69 -27.98 -13.55
CA GLU L 354 -40.65 -28.70 -14.26
C GLU L 354 -40.08 -27.87 -15.41
N PHE L 355 -40.98 -27.39 -16.28
CA PHE L 355 -40.56 -26.61 -17.44
C PHE L 355 -39.61 -25.48 -17.05
N TRP L 356 -39.88 -24.80 -15.94
CA TRP L 356 -39.03 -23.71 -15.44
C TRP L 356 -37.71 -24.25 -14.90
N CYS L 357 -37.76 -25.37 -14.20
CA CYS L 357 -36.55 -25.98 -13.68
C CYS L 357 -35.51 -26.13 -14.78
N THR L 358 -35.88 -26.77 -15.90
CA THR L 358 -34.83 -27.04 -16.90
C THR L 358 -34.28 -25.76 -17.52
N ASP L 359 -35.05 -24.66 -17.53
CA ASP L 359 -34.49 -23.36 -17.87
C ASP L 359 -33.33 -23.03 -16.94
N VAL L 360 -33.56 -23.13 -15.63
CA VAL L 360 -32.49 -22.84 -14.69
C VAL L 360 -31.30 -23.74 -14.96
N LYS L 361 -31.53 -25.06 -15.01
CA LYS L 361 -30.43 -25.98 -15.25
C LYS L 361 -29.58 -25.52 -16.43
N SER L 362 -30.22 -25.27 -17.58
CA SER L 362 -29.47 -24.93 -18.78
C SER L 362 -28.69 -23.62 -18.61
N MET L 363 -29.23 -22.66 -17.86
CA MET L 363 -28.54 -21.38 -17.73
C MET L 363 -27.32 -21.49 -16.82
N GLU L 364 -27.49 -22.14 -15.66
CA GLU L 364 -26.33 -22.52 -14.86
C GLU L 364 -25.29 -23.20 -15.73
N MET L 365 -25.73 -24.15 -16.56
CA MET L 365 -24.82 -24.81 -17.47
C MET L 365 -24.24 -23.86 -18.50
N LEU L 366 -24.83 -22.68 -18.68
CA LEU L 366 -24.27 -21.72 -19.61
C LEU L 366 -23.12 -20.95 -19.00
N VAL L 367 -23.21 -20.59 -17.72
CA VAL L 367 -22.11 -19.86 -17.08
C VAL L 367 -21.23 -20.76 -16.22
N GLU L 368 -21.36 -22.08 -16.35
CA GLU L 368 -20.29 -22.96 -15.88
C GLU L 368 -19.26 -23.18 -16.98
N HIS L 369 -19.74 -23.49 -18.18
CA HIS L 369 -18.97 -23.21 -19.38
C HIS L 369 -18.61 -21.74 -19.40
N GLN L 370 -17.45 -21.44 -19.99
CA GLN L 370 -16.97 -20.05 -20.17
C GLN L 370 -16.54 -19.40 -18.86
N ALA L 371 -17.51 -18.93 -18.08
CA ALA L 371 -17.25 -18.12 -16.90
C ALA L 371 -16.53 -18.91 -15.81
N HIS L 372 -17.23 -19.87 -15.22
CA HIS L 372 -16.64 -20.70 -14.17
C HIS L 372 -15.31 -21.28 -14.62
N ASP L 373 -15.29 -21.82 -15.85
CA ASP L 373 -14.09 -22.41 -16.44
C ASP L 373 -12.83 -21.64 -16.06
N ILE L 374 -12.75 -20.38 -16.46
CA ILE L 374 -11.55 -19.57 -16.28
C ILE L 374 -11.62 -18.84 -14.96
N LEU L 375 -12.59 -17.93 -14.83
CA LEU L 375 -12.65 -17.06 -13.66
C LEU L 375 -12.43 -17.86 -12.39
N THR L 376 -13.22 -18.90 -12.21
CA THR L 376 -13.07 -19.84 -11.09
C THR L 376 -14.31 -20.73 -11.01
#